data_3HHQ
#
_entry.id   3HHQ
#
_cell.length_a   95.461
_cell.length_b   95.466
_cell.length_c   97.594
_cell.angle_alpha   98.79
_cell.angle_beta   97.42
_cell.angle_gamma   107.13
#
_symmetry.space_group_name_H-M   'P 1'
#
loop_
_entity.id
_entity.type
_entity.pdbx_description
1 polymer "Deoxyuridine 5'-triphosphate nucleotidohydrolase"
2 non-polymer 'SULFATE ION'
3 non-polymer 'SODIUM ION'
4 non-polymer 'CHLORIDE ION'
5 non-polymer 1,2-ETHANEDIOL
6 non-polymer DI(HYDROXYETHYL)ETHER
7 non-polymer GLYCEROL
8 water water
#
_entity_poly.entity_id   1
_entity_poly.type   'polypeptide(L)'
_entity_poly.pdbx_seq_one_letter_code
;MGSSHHHHHHSSGLVPRGSHMTATSDKVLKIQLRSASATVPTKGSATAAGYDIYASQDITIPAMGQGMVSTDISFTVPVG
TYGRIAPRSGLAVKNGIQTGAGVVDRDYTGEVKVVLFNHSQRDFAIKKGDRVAQLILEKIVDDAQIVVVDSLEESARGAG
GFGSTGN
;
_entity_poly.pdbx_strand_id   A,B,C,D,E,F,G,H,I,J,K,L,M,N,O,P,Q,R,S,T,U,V,W,X
#
# COMPACT_ATOMS: atom_id res chain seq x y z
N ASP A 26 -10.14 36.76 -33.05
CA ASP A 26 -8.99 36.04 -33.69
C ASP A 26 -8.09 35.30 -32.68
N LYS A 27 -8.00 33.98 -32.86
CA LYS A 27 -7.32 33.03 -31.97
C LYS A 27 -5.91 32.84 -32.49
N VAL A 28 -4.95 32.56 -31.60
CA VAL A 28 -3.53 32.60 -31.99
C VAL A 28 -2.73 31.42 -31.44
N LEU A 29 -2.04 30.75 -32.35
CA LEU A 29 -1.05 29.76 -32.04
C LEU A 29 0.36 30.38 -32.17
N LYS A 30 1.03 30.51 -31.04
CA LYS A 30 2.35 31.14 -30.95
C LYS A 30 3.37 30.03 -31.01
N ILE A 31 4.34 30.18 -31.92
CA ILE A 31 5.41 29.20 -32.19
C ILE A 31 6.79 29.83 -31.87
N GLN A 32 7.67 29.04 -31.25
CA GLN A 32 9.05 29.45 -31.05
C GLN A 32 9.98 28.46 -31.76
N LEU A 33 10.78 28.98 -32.68
CA LEU A 33 11.74 28.19 -33.39
C LEU A 33 12.99 28.16 -32.54
N ARG A 34 13.33 27.00 -32.00
CA ARG A 34 14.39 26.92 -31.00
C ARG A 34 15.72 26.79 -31.71
N SER A 35 15.70 26.47 -32.99
CA SER A 35 16.92 26.41 -33.79
C SER A 35 16.61 26.57 -35.27
N ALA A 36 17.67 26.74 -36.07
CA ALA A 36 17.55 26.91 -37.52
C ALA A 36 17.12 25.62 -38.24
N SER A 37 17.21 24.47 -37.55
CA SER A 37 16.70 23.18 -38.06
C SER A 37 15.19 22.99 -37.98
N ALA A 38 14.51 23.89 -37.23
CA ALA A 38 13.09 23.79 -36.93
C ALA A 38 12.28 24.25 -38.13
N THR A 39 11.02 23.81 -38.22
CA THR A 39 10.09 24.25 -39.31
C THR A 39 8.82 24.75 -38.70
N VAL A 40 8.36 25.93 -39.14
CA VAL A 40 7.13 26.48 -38.63
C VAL A 40 6.08 25.47 -39.07
N PRO A 41 5.23 25.02 -38.15
CA PRO A 41 4.15 24.14 -38.63
C PRO A 41 3.24 24.75 -39.74
N THR A 42 2.65 23.89 -40.53
CA THR A 42 1.92 24.34 -41.72
C THR A 42 0.48 23.86 -41.68
N LYS A 43 -0.48 24.66 -42.13
CA LYS A 43 -1.84 24.20 -42.34
C LYS A 43 -2.36 24.96 -43.56
N SER A 45 -4.38 24.25 -46.13
CA SER A 45 -5.83 24.27 -46.17
C SER A 45 -6.51 24.75 -44.87
N ALA A 46 -7.50 25.62 -45.04
CA ALA A 46 -8.24 26.27 -44.00
C ALA A 46 -9.19 25.33 -43.25
N THR A 47 -9.61 24.24 -43.89
CA THR A 47 -10.58 23.31 -43.27
C THR A 47 -9.89 21.99 -42.85
N ALA A 48 -8.57 22.00 -42.81
CA ALA A 48 -7.85 20.85 -42.35
C ALA A 48 -7.92 21.01 -40.83
N ALA A 49 -7.81 19.89 -40.11
CA ALA A 49 -7.93 19.87 -38.66
C ALA A 49 -6.60 20.27 -37.99
N GLY A 50 -5.49 19.86 -38.62
CA GLY A 50 -4.16 19.96 -37.99
C GLY A 50 -3.12 20.77 -38.74
N TYR A 51 -2.00 21.02 -38.03
CA TYR A 51 -0.87 21.80 -38.47
C TYR A 51 0.20 20.77 -38.55
N ASP A 52 0.95 20.75 -39.66
CA ASP A 52 2.02 19.74 -39.78
C ASP A 52 3.19 20.00 -38.89
N ILE A 53 3.72 18.91 -38.33
CA ILE A 53 4.86 18.97 -37.45
CA ILE A 53 4.85 18.96 -37.44
C ILE A 53 6.01 18.21 -38.12
N TYR A 54 7.18 18.85 -38.12
CA TYR A 54 8.35 18.40 -38.88
C TYR A 54 9.49 17.99 -37.95
N ALA A 55 10.24 16.94 -38.35
CA ALA A 55 11.48 16.57 -37.61
C ALA A 55 12.57 17.61 -37.92
N SER A 56 13.31 17.97 -36.87
CA SER A 56 14.42 18.88 -36.92
C SER A 56 15.73 18.09 -36.85
N GLN A 57 15.63 16.76 -36.63
CA GLN A 57 16.84 15.90 -36.56
C GLN A 57 16.54 14.51 -37.17
N ASP A 58 17.53 13.86 -37.83
CA ASP A 58 17.36 12.47 -38.29
C ASP A 58 17.18 11.58 -37.11
N ILE A 59 16.43 10.49 -37.28
CA ILE A 59 16.20 9.52 -36.19
C ILE A 59 15.61 8.30 -36.84
N THR A 60 15.93 7.08 -36.34
CA THR A 60 15.21 5.90 -36.81
C THR A 60 14.28 5.38 -35.70
N ILE A 61 13.02 5.09 -36.05
CA ILE A 61 12.06 4.44 -35.15
C ILE A 61 12.12 2.92 -35.41
N PRO A 62 12.61 2.14 -34.42
CA PRO A 62 12.84 0.71 -34.73
C PRO A 62 11.55 -0.10 -34.89
N ALA A 63 11.63 -1.19 -35.66
CA ALA A 63 10.46 -2.10 -35.87
C ALA A 63 9.98 -2.57 -34.52
N MET A 64 8.67 -2.45 -34.27
CA MET A 64 8.00 -2.89 -33.03
C MET A 64 8.57 -2.19 -31.80
N GLY A 65 8.96 -0.95 -31.98
CA GLY A 65 9.65 -0.17 -30.94
C GLY A 65 9.17 1.25 -30.96
N GLN A 66 9.95 2.17 -30.43
CA GLN A 66 9.47 3.53 -30.38
C GLN A 66 10.69 4.44 -30.41
N GLY A 67 10.47 5.73 -30.57
CA GLY A 67 11.54 6.71 -30.59
C GLY A 67 10.95 8.09 -30.43
N MET A 68 11.78 9.03 -30.05
CA MET A 68 11.37 10.40 -29.85
C MET A 68 11.95 11.29 -30.91
N VAL A 69 11.09 11.95 -31.64
CA VAL A 69 11.50 12.86 -32.71
C VAL A 69 11.71 14.27 -32.17
N SER A 70 12.86 14.87 -32.47
CA SER A 70 13.13 16.24 -32.13
C SER A 70 12.45 17.15 -33.19
N THR A 71 11.82 18.25 -32.76
CA THR A 71 11.24 19.20 -33.65
C THR A 71 11.92 20.57 -33.55
N ASP A 72 12.67 20.79 -32.45
CA ASP A 72 13.14 22.14 -32.08
C ASP A 72 12.06 23.25 -32.17
N ILE A 73 10.80 22.92 -31.88
CA ILE A 73 9.85 24.03 -31.63
C ILE A 73 9.20 23.90 -30.27
N SER A 74 8.68 25.01 -29.78
CA SER A 74 7.89 25.07 -28.59
C SER A 74 6.65 25.84 -29.08
N PHE A 75 5.48 25.63 -28.48
CA PHE A 75 4.31 26.42 -28.80
C PHE A 75 3.39 26.64 -27.60
N THR A 76 2.49 27.62 -27.75
CA THR A 76 1.43 27.93 -26.79
C THR A 76 0.19 27.92 -27.65
N VAL A 77 -0.71 26.99 -27.33
CA VAL A 77 -1.98 26.86 -27.99
C VAL A 77 -2.96 27.93 -27.48
N PRO A 78 -4.02 28.26 -28.24
CA PRO A 78 -5.01 29.25 -27.82
C PRO A 78 -5.71 28.91 -26.51
N VAL A 79 -6.22 29.91 -25.78
CA VAL A 79 -7.05 29.63 -24.57
C VAL A 79 -8.20 28.67 -24.96
N GLY A 80 -8.59 27.80 -24.02
CA GLY A 80 -9.68 26.82 -24.28
C GLY A 80 -9.33 25.51 -25.00
N THR A 81 -8.04 25.28 -25.27
CA THR A 81 -7.54 24.18 -26.03
C THR A 81 -6.30 23.57 -25.35
N TYR A 82 -5.93 22.39 -25.81
CA TYR A 82 -4.59 21.84 -25.59
C TYR A 82 -4.14 21.47 -26.97
N GLY A 83 -2.84 21.29 -27.16
CA GLY A 83 -2.35 20.74 -28.41
C GLY A 83 -2.21 19.24 -28.47
N ARG A 84 -2.97 18.59 -29.36
CA ARG A 84 -2.84 17.14 -29.46
C ARG A 84 -1.90 16.81 -30.59
N ILE A 85 -0.78 16.18 -30.25
CA ILE A 85 0.04 15.56 -31.27
C ILE A 85 -0.58 14.24 -31.79
N ALA A 86 -1.00 14.28 -33.05
CA ALA A 86 -1.84 13.27 -33.65
C ALA A 86 -1.14 12.62 -34.82
N PRO A 87 -1.55 11.39 -35.19
CA PRO A 87 -0.85 10.75 -36.32
C PRO A 87 -1.14 11.30 -37.75
N ARG A 88 -0.13 11.25 -38.62
N ARG A 88 -0.12 11.20 -38.61
CA ARG A 88 -0.39 11.33 -40.06
CA ARG A 88 -0.26 11.26 -40.07
C ARG A 88 -0.97 10.00 -40.54
C ARG A 88 -0.97 9.98 -40.53
N SER A 89 -2.01 10.12 -41.34
CA SER A 89 -2.74 8.97 -41.82
C SER A 89 -1.88 8.06 -42.72
N GLY A 90 -1.15 8.68 -43.65
CA GLY A 90 -0.33 7.95 -44.65
C GLY A 90 0.77 7.18 -43.99
N LEU A 91 1.32 7.73 -42.91
CA LEU A 91 2.38 6.98 -42.18
C LEU A 91 1.87 5.80 -41.36
N ALA A 92 0.69 5.93 -40.75
CA ALA A 92 -0.02 4.85 -40.11
C ALA A 92 -0.15 3.64 -41.06
N VAL A 93 -0.71 3.92 -42.22
CA VAL A 93 -0.93 2.93 -43.28
C VAL A 93 0.38 2.30 -43.73
N LYS A 94 1.41 3.07 -44.00
CA LYS A 94 2.53 2.43 -44.71
C LYS A 94 3.73 2.08 -43.88
N ASN A 95 3.78 2.66 -42.68
CA ASN A 95 4.86 2.44 -41.76
C ASN A 95 4.48 1.93 -40.37
N GLY A 96 3.18 1.83 -40.07
CA GLY A 96 2.69 1.31 -38.82
C GLY A 96 2.88 2.32 -37.71
N ILE A 97 2.88 3.58 -38.08
CA ILE A 97 3.24 4.65 -37.14
C ILE A 97 2.03 5.18 -36.40
N GLN A 98 2.17 5.13 -35.08
CA GLN A 98 1.16 5.70 -34.22
C GLN A 98 1.88 6.72 -33.32
N THR A 99 1.21 7.82 -33.07
CA THR A 99 1.72 8.73 -32.13
C THR A 99 1.42 8.35 -30.65
N GLY A 100 2.36 8.63 -29.76
CA GLY A 100 2.20 8.30 -28.33
C GLY A 100 2.19 9.60 -27.56
N ALA A 101 1.90 9.56 -26.25
CA ALA A 101 1.81 10.81 -25.48
C ALA A 101 0.89 11.75 -26.22
N GLY A 102 1.32 13.00 -26.45
CA GLY A 102 0.65 13.90 -27.40
C GLY A 102 -0.25 14.95 -26.77
N VAL A 103 -0.31 14.94 -25.44
CA VAL A 103 -1.07 15.93 -24.71
C VAL A 103 -0.11 17.05 -24.32
N VAL A 104 -0.25 18.18 -24.98
CA VAL A 104 0.68 19.30 -24.74
C VAL A 104 -0.15 20.37 -24.13
N ASP A 105 0.12 20.67 -22.88
CA ASP A 105 -0.65 21.64 -22.17
C ASP A 105 -0.32 23.02 -22.69
N ARG A 106 -1.29 23.91 -22.51
CA ARG A 106 -1.18 25.29 -22.94
C ARG A 106 -0.04 26.02 -22.28
N ASP A 107 0.31 25.59 -21.07
CA ASP A 107 1.40 26.20 -20.32
C ASP A 107 2.79 25.60 -20.58
N TYR A 108 2.87 24.63 -21.48
CA TYR A 108 4.14 23.97 -21.74
C TYR A 108 5.08 24.80 -22.65
N THR A 109 6.30 25.06 -22.18
CA THR A 109 7.24 25.94 -22.93
C THR A 109 8.55 25.23 -23.28
N GLY A 110 8.64 23.93 -22.94
CA GLY A 110 9.74 23.04 -23.34
C GLY A 110 9.65 22.69 -24.84
N GLU A 111 10.69 22.05 -25.38
CA GLU A 111 10.65 21.50 -26.73
C GLU A 111 9.60 20.38 -26.86
N VAL A 112 8.73 20.52 -27.86
CA VAL A 112 7.76 19.50 -28.18
C VAL A 112 8.42 18.33 -28.98
N LYS A 113 8.70 17.24 -28.30
CA LYS A 113 9.21 16.09 -28.97
C LYS A 113 8.00 15.22 -29.28
N VAL A 114 8.09 14.50 -30.39
CA VAL A 114 7.02 13.61 -30.88
C VAL A 114 7.39 12.13 -30.54
N VAL A 115 6.57 11.50 -29.71
CA VAL A 115 6.64 10.03 -29.44
C VAL A 115 5.99 9.21 -30.55
N LEU A 116 6.77 8.37 -31.19
CA LEU A 116 6.24 7.53 -32.25
C LEU A 116 6.42 6.07 -31.88
N PHE A 117 5.34 5.31 -31.96
CA PHE A 117 5.38 3.85 -31.91
C PHE A 117 5.39 3.28 -33.31
N ASN A 118 6.36 2.39 -33.61
CA ASN A 118 6.38 1.69 -34.89
C ASN A 118 5.82 0.28 -34.61
N HIS A 119 4.65 0.01 -35.12
CA HIS A 119 4.00 -1.34 -35.05
C HIS A 119 4.27 -2.21 -36.28
N SER A 120 5.19 -1.77 -37.13
CA SER A 120 5.45 -2.58 -38.29
C SER A 120 6.71 -3.42 -38.03
N GLN A 121 7.05 -4.26 -39.00
CA GLN A 121 8.28 -5.07 -38.95
C GLN A 121 9.47 -4.40 -39.68
N ARG A 122 9.26 -3.20 -40.22
CA ARG A 122 10.34 -2.37 -40.81
C ARG A 122 10.74 -1.17 -39.96
N ASP A 123 12.06 -0.97 -39.72
CA ASP A 123 12.54 0.31 -39.15
C ASP A 123 12.07 1.49 -40.01
N PHE A 124 11.67 2.53 -39.35
CA PHE A 124 11.15 3.73 -40.05
C PHE A 124 12.14 4.89 -39.97
N ALA A 125 12.66 5.28 -41.13
CA ALA A 125 13.70 6.34 -41.20
C ALA A 125 13.14 7.75 -41.37
N ILE A 126 13.59 8.63 -40.47
CA ILE A 126 13.16 10.02 -40.43
C ILE A 126 14.39 10.88 -40.64
N LYS A 127 14.26 11.77 -41.60
CA LYS A 127 15.29 12.77 -41.87
C LYS A 127 14.78 14.17 -41.43
N LYS A 128 15.71 15.04 -41.08
CA LYS A 128 15.34 16.41 -40.70
C LYS A 128 14.55 17.01 -41.85
N GLY A 129 13.41 17.60 -41.53
CA GLY A 129 12.56 18.23 -42.49
C GLY A 129 11.36 17.38 -42.86
N ASP A 130 11.38 16.08 -42.53
CA ASP A 130 10.20 15.21 -42.75
C ASP A 130 9.10 15.57 -41.80
N ARG A 131 7.90 15.53 -42.35
CA ARG A 131 6.63 15.64 -41.65
C ARG A 131 6.31 14.32 -40.91
N VAL A 132 6.12 14.40 -39.59
CA VAL A 132 6.05 13.21 -38.79
C VAL A 132 4.76 13.04 -37.96
N ALA A 133 3.91 14.07 -37.96
CA ALA A 133 2.77 14.20 -37.06
C ALA A 133 1.95 15.43 -37.42
N GLN A 134 0.84 15.60 -36.75
CA GLN A 134 0.06 16.84 -36.90
C GLN A 134 -0.37 17.34 -35.55
N LEU A 135 -0.49 18.66 -35.42
CA LEU A 135 -0.89 19.27 -34.17
C LEU A 135 -2.32 19.67 -34.34
N ILE A 136 -3.21 19.23 -33.45
CA ILE A 136 -4.63 19.69 -33.48
C ILE A 136 -4.89 20.52 -32.24
N LEU A 137 -5.67 21.61 -32.39
CA LEU A 137 -5.99 22.49 -31.29
C LEU A 137 -7.36 22.06 -30.83
N GLU A 138 -7.36 21.10 -29.91
CA GLU A 138 -8.58 20.46 -29.43
C GLU A 138 -9.20 21.34 -28.43
N LYS A 139 -10.47 21.70 -28.63
CA LYS A 139 -11.25 22.40 -27.60
C LYS A 139 -11.68 21.51 -26.43
N ILE A 140 -11.58 22.03 -25.21
CA ILE A 140 -11.73 21.21 -24.00
C ILE A 140 -12.35 22.11 -22.94
N VAL A 141 -12.88 21.52 -21.89
CA VAL A 141 -13.17 22.29 -20.69
C VAL A 141 -11.94 22.10 -19.78
N ASP A 142 -11.19 23.18 -19.62
CA ASP A 142 -9.99 23.20 -18.77
C ASP A 142 -10.22 23.83 -17.37
N ASP A 143 -11.45 24.27 -17.08
CA ASP A 143 -11.76 24.98 -15.85
C ASP A 143 -12.96 24.36 -15.13
N ALA A 144 -13.14 23.06 -15.30
CA ALA A 144 -14.27 22.39 -14.66
C ALA A 144 -14.00 22.26 -13.18
N GLN A 145 -15.06 22.30 -12.40
CA GLN A 145 -14.91 22.07 -10.99
C GLN A 145 -15.37 20.66 -10.63
N ILE A 146 -14.48 19.93 -9.95
CA ILE A 146 -14.85 18.61 -9.38
C ILE A 146 -15.83 18.65 -8.16
N VAL A 147 -16.91 17.90 -8.33
CA VAL A 147 -17.89 17.68 -7.31
C VAL A 147 -17.79 16.17 -7.04
N VAL A 148 -17.99 15.77 -5.79
CA VAL A 148 -18.00 14.36 -5.40
C VAL A 148 -19.43 13.94 -5.02
N VAL A 149 -19.93 12.86 -5.63
CA VAL A 149 -21.31 12.43 -5.38
C VAL A 149 -21.41 10.95 -4.97
N ASP A 150 -22.50 10.62 -4.28
CA ASP A 150 -22.81 9.27 -3.87
C ASP A 150 -23.34 8.45 -5.03
N SER A 151 -23.73 9.16 -6.09
CA SER A 151 -24.66 8.64 -7.10
C SER A 151 -24.61 9.54 -8.35
N LEU A 152 -24.24 8.95 -9.48
CA LEU A 152 -24.18 9.70 -10.71
C LEU A 152 -25.54 9.87 -11.42
N ASP B 26 -26.29 23.89 -39.46
CA ASP B 26 -24.86 23.90 -39.90
C ASP B 26 -24.11 22.83 -39.11
N LYS B 27 -24.73 22.46 -37.97
CA LYS B 27 -24.38 21.29 -37.15
C LYS B 27 -25.17 20.13 -37.78
N VAL B 28 -24.74 19.78 -38.99
CA VAL B 28 -25.25 18.71 -39.80
C VAL B 28 -23.99 17.88 -40.10
N LEU B 29 -24.09 16.57 -39.90
CA LEU B 29 -23.15 15.58 -40.43
C LEU B 29 -23.64 15.00 -41.76
N LYS B 30 -22.92 15.30 -42.85
CA LYS B 30 -23.29 14.76 -44.18
C LYS B 30 -22.71 13.40 -44.49
N ILE B 31 -23.57 12.45 -44.87
CA ILE B 31 -23.11 11.07 -45.09
C ILE B 31 -23.37 10.64 -46.53
N GLN B 32 -22.33 10.10 -47.17
CA GLN B 32 -22.42 9.63 -48.55
C GLN B 32 -22.12 8.14 -48.53
N LEU B 33 -23.03 7.35 -49.07
CA LEU B 33 -22.96 5.89 -49.01
C LEU B 33 -22.45 5.45 -50.35
N ARG B 34 -21.33 4.74 -50.40
CA ARG B 34 -20.65 4.48 -51.68
C ARG B 34 -21.08 3.13 -52.31
N SER B 35 -21.85 2.34 -51.52
CA SER B 35 -22.26 0.91 -51.76
C SER B 35 -23.50 0.55 -50.94
N ALA B 36 -24.31 -0.40 -51.41
CA ALA B 36 -25.38 -0.91 -50.55
C ALA B 36 -24.78 -1.71 -49.37
N SER B 37 -23.48 -1.99 -49.45
CA SER B 37 -22.70 -2.64 -48.35
C SER B 37 -22.33 -1.74 -47.17
N ALA B 38 -22.34 -0.42 -47.37
CA ALA B 38 -22.17 0.57 -46.29
C ALA B 38 -23.43 0.65 -45.43
N THR B 39 -23.26 1.14 -44.20
CA THR B 39 -24.33 1.35 -43.23
C THR B 39 -24.18 2.82 -42.84
N VAL B 40 -25.26 3.61 -42.95
CA VAL B 40 -25.30 4.94 -42.32
C VAL B 40 -24.84 4.82 -40.83
N PRO B 41 -23.84 5.63 -40.37
CA PRO B 41 -23.54 5.62 -38.94
C PRO B 41 -24.71 5.94 -37.98
N THR B 42 -24.69 5.31 -36.81
CA THR B 42 -25.75 5.42 -35.82
C THR B 42 -25.20 5.86 -34.45
N LYS B 43 -25.99 6.57 -33.67
CA LYS B 43 -25.52 6.97 -32.36
C LYS B 43 -26.47 6.51 -31.24
N SER B 45 -28.17 6.22 -28.37
CA SER B 45 -28.03 7.17 -27.27
C SER B 45 -27.78 8.63 -27.74
N ALA B 46 -28.70 9.52 -27.38
CA ALA B 46 -28.58 10.93 -27.74
C ALA B 46 -27.36 11.57 -27.08
N THR B 47 -26.89 10.98 -25.98
CA THR B 47 -25.75 11.56 -25.24
C THR B 47 -24.34 10.87 -25.46
N ALA B 48 -24.34 9.66 -26.05
CA ALA B 48 -23.10 9.06 -26.57
C ALA B 48 -22.26 10.13 -27.28
N ALA B 49 -20.95 9.96 -27.23
CA ALA B 49 -19.98 10.85 -27.87
C ALA B 49 -19.88 10.58 -29.37
N GLY B 50 -20.22 9.36 -29.77
CA GLY B 50 -19.81 8.83 -31.06
C GLY B 50 -20.89 8.14 -31.87
N TYR B 51 -20.72 8.15 -33.20
CA TYR B 51 -21.51 7.40 -34.16
C TYR B 51 -20.81 6.13 -34.50
N ASP B 52 -21.54 5.01 -34.58
CA ASP B 52 -20.91 3.72 -34.88
C ASP B 52 -20.48 3.72 -36.32
N ILE B 53 -19.32 3.14 -36.54
CA ILE B 53 -18.78 2.94 -37.87
C ILE B 53 -18.73 1.45 -38.15
N TYR B 54 -19.25 1.06 -39.29
CA TYR B 54 -19.43 -0.37 -39.63
C TYR B 54 -18.53 -0.82 -40.78
N ALA B 55 -17.93 -2.02 -40.66
CA ALA B 55 -17.23 -2.63 -41.83
C ALA B 55 -18.21 -2.91 -42.98
N SER B 56 -17.78 -2.58 -44.20
CA SER B 56 -18.58 -2.84 -45.38
C SER B 56 -18.10 -4.07 -46.11
N GLN B 57 -17.10 -4.75 -45.54
CA GLN B 57 -16.47 -5.86 -46.19
C GLN B 57 -15.69 -6.61 -45.16
N ASP B 58 -15.62 -7.93 -45.31
CA ASP B 58 -14.82 -8.75 -44.39
C ASP B 58 -13.32 -8.48 -44.47
N ILE B 59 -12.64 -8.73 -43.35
CA ILE B 59 -11.22 -8.49 -43.16
C ILE B 59 -10.79 -9.08 -41.82
N THR B 60 -9.59 -9.65 -41.79
CA THR B 60 -8.99 -9.99 -40.53
C THR B 60 -7.80 -9.08 -40.19
N ILE B 61 -7.78 -8.54 -38.97
CA ILE B 61 -6.62 -7.85 -38.46
C ILE B 61 -5.68 -8.90 -37.83
N PRO B 62 -4.49 -9.13 -38.44
CA PRO B 62 -3.68 -10.11 -37.83
C PRO B 62 -3.21 -9.78 -36.41
N ALA B 63 -3.13 -10.79 -35.56
CA ALA B 63 -2.46 -10.71 -34.25
C ALA B 63 -1.12 -9.96 -34.34
N MET B 64 -0.92 -9.02 -33.41
CA MET B 64 0.30 -8.17 -33.35
C MET B 64 0.57 -7.42 -34.65
N GLY B 65 -0.49 -7.04 -35.39
CA GLY B 65 -0.37 -6.51 -36.72
C GLY B 65 -1.46 -5.48 -36.96
N GLN B 66 -1.83 -5.27 -38.20
CA GLN B 66 -2.78 -4.17 -38.53
C GLN B 66 -3.50 -4.45 -39.80
N GLY B 67 -4.61 -3.75 -40.05
CA GLY B 67 -5.29 -3.83 -41.31
C GLY B 67 -6.08 -2.54 -41.46
N MET B 68 -6.62 -2.32 -42.66
CA MET B 68 -7.46 -1.18 -43.02
C MET B 68 -8.87 -1.62 -43.43
N VAL B 69 -9.87 -1.18 -42.66
CA VAL B 69 -11.19 -1.71 -42.81
C VAL B 69 -11.91 -0.77 -43.78
N SER B 70 -12.49 -1.34 -44.83
CA SER B 70 -13.44 -0.59 -45.67
C SER B 70 -14.75 -0.34 -44.93
N THR B 71 -15.34 0.82 -45.24
CA THR B 71 -16.60 1.29 -44.71
C THR B 71 -17.58 1.63 -45.86
N ASP B 72 -17.05 1.95 -47.04
CA ASP B 72 -17.89 2.42 -48.21
C ASP B 72 -18.76 3.64 -47.85
N ILE B 73 -18.28 4.44 -46.88
CA ILE B 73 -18.88 5.74 -46.59
C ILE B 73 -17.85 6.88 -46.69
N SER B 74 -18.36 8.08 -47.00
CA SER B 74 -17.58 9.29 -46.94
C SER B 74 -18.44 10.20 -46.13
N PHE B 75 -17.88 11.25 -45.52
CA PHE B 75 -18.75 12.24 -44.82
C PHE B 75 -18.09 13.57 -44.71
N THR B 76 -18.91 14.59 -44.48
CA THR B 76 -18.43 15.93 -44.12
C THR B 76 -18.90 16.25 -42.70
N VAL B 77 -17.97 16.43 -41.78
CA VAL B 77 -18.29 16.80 -40.40
C VAL B 77 -18.74 18.26 -40.31
N PRO B 78 -19.50 18.64 -39.23
CA PRO B 78 -19.84 20.06 -38.98
C PRO B 78 -18.63 20.98 -38.97
N VAL B 79 -18.83 22.20 -39.44
CA VAL B 79 -17.91 23.34 -39.23
C VAL B 79 -17.48 23.43 -37.73
N GLY B 80 -16.22 23.69 -37.45
CA GLY B 80 -15.72 23.76 -36.09
C GLY B 80 -15.21 22.47 -35.46
N THR B 81 -15.34 21.37 -36.20
CA THR B 81 -14.90 20.05 -35.80
C THR B 81 -14.02 19.37 -36.84
N TYR B 82 -13.36 18.28 -36.45
CA TYR B 82 -12.98 17.24 -37.36
C TYR B 82 -13.60 15.91 -36.91
N GLY B 83 -13.48 14.90 -37.76
CA GLY B 83 -14.09 13.60 -37.51
C GLY B 83 -12.99 12.74 -36.96
N ARG B 84 -13.04 12.42 -35.66
CA ARG B 84 -12.05 11.52 -35.08
C ARG B 84 -12.54 10.03 -35.11
N ILE B 85 -11.75 9.14 -35.76
CA ILE B 85 -12.09 7.74 -35.79
C ILE B 85 -11.47 7.16 -34.56
N ALA B 86 -12.35 6.89 -33.60
CA ALA B 86 -11.94 6.54 -32.25
C ALA B 86 -12.26 5.08 -31.92
N PRO B 87 -11.53 4.49 -30.94
CA PRO B 87 -11.76 3.06 -30.68
C PRO B 87 -13.07 2.74 -29.99
N ARG B 88 -13.66 1.59 -30.35
CA ARG B 88 -14.76 1.02 -29.56
C ARG B 88 -14.16 0.43 -28.29
N SER B 89 -14.77 0.70 -27.12
CA SER B 89 -14.23 0.24 -25.82
C SER B 89 -14.16 -1.29 -25.69
N GLY B 90 -15.22 -1.93 -26.18
CA GLY B 90 -15.43 -3.38 -26.11
C GLY B 90 -14.32 -4.10 -26.83
N LEU B 91 -13.99 -3.61 -28.03
CA LEU B 91 -12.99 -4.27 -28.88
C LEU B 91 -11.60 -4.09 -28.34
N ALA B 92 -11.42 -3.02 -27.57
CA ALA B 92 -10.11 -2.74 -26.98
C ALA B 92 -9.79 -3.77 -25.91
N VAL B 93 -10.77 -3.98 -25.06
CA VAL B 93 -10.65 -4.87 -23.92
C VAL B 93 -10.66 -6.33 -24.37
N LYS B 94 -11.57 -6.68 -25.27
CA LYS B 94 -11.85 -8.06 -25.68
C LYS B 94 -10.80 -8.54 -26.66
N ASN B 95 -10.45 -7.69 -27.64
CA ASN B 95 -9.60 -8.09 -28.77
C ASN B 95 -8.28 -7.34 -28.98
N GLY B 96 -7.94 -6.45 -28.05
CA GLY B 96 -6.73 -5.61 -28.14
C GLY B 96 -6.68 -4.68 -29.34
N ILE B 97 -7.83 -4.17 -29.75
CA ILE B 97 -7.93 -3.36 -30.94
C ILE B 97 -7.84 -1.87 -30.56
N GLN B 98 -6.92 -1.20 -31.24
CA GLN B 98 -6.74 0.23 -31.24
C GLN B 98 -6.92 0.85 -32.64
N THR B 99 -7.65 1.98 -32.77
CA THR B 99 -7.61 2.73 -34.01
C THR B 99 -6.30 3.48 -34.28
N GLY B 100 -5.90 3.52 -35.56
CA GLY B 100 -4.73 4.23 -35.99
C GLY B 100 -5.22 5.37 -36.84
N ALA B 101 -4.30 6.18 -37.36
CA ALA B 101 -4.64 7.33 -38.22
C ALA B 101 -5.79 8.02 -37.49
N GLY B 102 -6.93 8.29 -38.16
CA GLY B 102 -8.16 8.63 -37.46
C GLY B 102 -8.54 10.11 -37.40
N VAL B 103 -7.71 10.99 -37.96
CA VAL B 103 -8.03 12.40 -38.05
C VAL B 103 -8.70 12.58 -39.42
N VAL B 104 -10.00 12.83 -39.45
CA VAL B 104 -10.68 13.04 -40.72
C VAL B 104 -11.00 14.53 -40.91
N ASP B 105 -10.30 15.20 -41.84
CA ASP B 105 -10.52 16.64 -42.04
C ASP B 105 -11.90 16.89 -42.62
N ARG B 106 -12.42 18.10 -42.38
CA ARG B 106 -13.74 18.48 -42.81
C ARG B 106 -13.81 18.54 -44.33
N ASP B 107 -12.67 18.75 -44.96
CA ASP B 107 -12.59 18.79 -46.46
C ASP B 107 -12.32 17.43 -47.18
N TYR B 108 -12.13 16.36 -46.40
CA TYR B 108 -11.91 15.01 -46.92
C TYR B 108 -13.19 14.43 -47.49
N THR B 109 -13.14 14.03 -48.77
CA THR B 109 -14.34 13.51 -49.47
C THR B 109 -14.16 12.07 -49.96
N GLY B 110 -13.01 11.45 -49.70
CA GLY B 110 -12.77 10.06 -50.07
C GLY B 110 -13.38 9.04 -49.12
N GLU B 111 -13.19 7.75 -49.39
CA GLU B 111 -13.71 6.75 -48.44
C GLU B 111 -12.95 6.85 -47.10
N VAL B 112 -13.70 6.87 -46.01
CA VAL B 112 -13.11 6.79 -44.69
C VAL B 112 -12.81 5.32 -44.39
N LYS B 113 -11.54 4.94 -44.48
CA LYS B 113 -11.11 3.61 -44.15
C LYS B 113 -10.57 3.59 -42.69
N VAL B 114 -10.82 2.49 -41.97
CA VAL B 114 -10.49 2.49 -40.57
C VAL B 114 -9.22 1.69 -40.44
N VAL B 115 -8.19 2.36 -39.98
CA VAL B 115 -6.94 1.66 -39.63
C VAL B 115 -7.08 1.06 -38.24
N LEU B 116 -6.75 -0.22 -38.10
CA LEU B 116 -6.86 -0.90 -36.82
C LEU B 116 -5.57 -1.56 -36.48
N PHE B 117 -5.06 -1.37 -35.27
CA PHE B 117 -3.91 -2.14 -34.80
C PHE B 117 -4.47 -3.24 -33.89
N ASN B 118 -3.98 -4.46 -34.08
CA ASN B 118 -4.35 -5.56 -33.22
C ASN B 118 -3.15 -5.84 -32.29
N HIS B 119 -3.27 -5.44 -31.00
CA HIS B 119 -2.17 -5.66 -30.03
C HIS B 119 -2.23 -7.01 -29.37
N SER B 120 -3.25 -7.81 -29.70
CA SER B 120 -3.44 -9.10 -29.03
C SER B 120 -2.71 -10.21 -29.73
N GLN B 121 -2.74 -11.37 -29.09
CA GLN B 121 -2.17 -12.61 -29.63
C GLN B 121 -3.19 -13.39 -30.53
N ARG B 122 -4.39 -12.85 -30.77
CA ARG B 122 -5.41 -13.55 -31.58
C ARG B 122 -5.75 -12.66 -32.78
N ASP B 123 -5.85 -13.23 -33.99
CA ASP B 123 -6.30 -12.46 -35.14
C ASP B 123 -7.72 -12.06 -34.87
N PHE B 124 -8.11 -10.89 -35.35
CA PHE B 124 -9.45 -10.38 -35.12
C PHE B 124 -10.24 -10.40 -36.41
N ALA B 125 -11.19 -11.30 -36.52
CA ALA B 125 -11.92 -11.48 -37.74
C ALA B 125 -13.11 -10.50 -37.80
N ILE B 126 -13.19 -9.69 -38.86
CA ILE B 126 -14.29 -8.72 -39.03
C ILE B 126 -15.21 -9.11 -40.22
N LYS B 127 -16.53 -8.99 -40.01
CA LYS B 127 -17.49 -9.37 -41.04
C LYS B 127 -18.20 -8.11 -41.45
N LYS B 128 -18.67 -8.07 -42.69
CA LYS B 128 -19.50 -6.97 -43.12
C LYS B 128 -20.66 -6.73 -42.11
N GLY B 129 -20.94 -5.46 -41.84
CA GLY B 129 -22.02 -5.12 -40.89
C GLY B 129 -21.53 -5.04 -39.44
N ASP B 130 -20.32 -5.54 -39.13
CA ASP B 130 -19.66 -5.37 -37.83
C ASP B 130 -19.25 -3.94 -37.52
N ARG B 131 -19.46 -3.57 -36.25
CA ARG B 131 -18.97 -2.29 -35.77
C ARG B 131 -17.54 -2.34 -35.45
N VAL B 132 -16.78 -1.40 -35.99
CA VAL B 132 -15.31 -1.47 -35.82
C VAL B 132 -14.71 -0.20 -35.25
N ALA B 133 -15.43 0.94 -35.28
CA ALA B 133 -14.95 2.14 -34.63
C ALA B 133 -16.11 3.02 -34.24
N GLN B 134 -15.80 4.20 -33.74
CA GLN B 134 -16.86 5.17 -33.53
C GLN B 134 -16.28 6.47 -34.04
N LEU B 135 -17.12 7.35 -34.57
CA LEU B 135 -16.78 8.65 -35.13
C LEU B 135 -17.13 9.69 -34.10
N ILE B 136 -16.15 10.44 -33.61
CA ILE B 136 -16.45 11.56 -32.67
C ILE B 136 -16.29 12.90 -33.39
N LEU B 137 -17.27 13.80 -33.28
CA LEU B 137 -17.21 15.10 -33.93
C LEU B 137 -16.50 16.06 -32.91
N GLU B 138 -15.16 15.97 -32.82
CA GLU B 138 -14.29 16.74 -31.90
C GLU B 138 -14.30 18.23 -32.25
N LYS B 139 -14.63 19.10 -31.28
CA LYS B 139 -14.55 20.55 -31.49
C LYS B 139 -13.09 20.98 -31.44
N ILE B 140 -12.72 21.81 -32.41
CA ILE B 140 -11.33 22.26 -32.53
C ILE B 140 -11.28 23.72 -32.89
N VAL B 141 -10.11 24.30 -32.70
CA VAL B 141 -9.84 25.61 -33.29
C VAL B 141 -9.14 25.30 -34.62
N ASP B 142 -9.79 25.59 -35.73
CA ASP B 142 -9.22 25.25 -37.04
C ASP B 142 -8.77 26.46 -37.85
N ASP B 143 -8.85 27.65 -37.24
CA ASP B 143 -8.46 28.88 -37.90
C ASP B 143 -7.56 29.77 -37.04
N ALA B 144 -6.77 29.21 -36.13
CA ALA B 144 -5.84 30.03 -35.37
C ALA B 144 -4.83 30.64 -36.30
N GLN B 145 -4.37 31.87 -36.03
CA GLN B 145 -3.32 32.40 -36.88
C GLN B 145 -1.97 31.93 -36.33
N ILE B 146 -1.13 31.42 -37.21
CA ILE B 146 0.22 30.99 -36.78
C ILE B 146 1.17 32.20 -36.68
N VAL B 147 1.65 32.46 -35.48
CA VAL B 147 2.51 33.63 -35.24
C VAL B 147 3.80 33.06 -34.67
N VAL B 148 4.94 33.55 -35.17
CA VAL B 148 6.26 33.10 -34.70
C VAL B 148 6.74 34.18 -33.75
N VAL B 149 7.18 33.76 -32.56
CA VAL B 149 7.58 34.69 -31.49
C VAL B 149 9.01 34.41 -31.01
N ASP B 150 9.62 35.39 -30.35
CA ASP B 150 10.98 35.23 -29.82
C ASP B 150 10.99 34.25 -28.65
N SER B 151 10.01 34.36 -27.77
CA SER B 151 10.00 33.64 -26.51
C SER B 151 8.54 33.44 -26.15
N LEU B 152 8.22 32.19 -25.77
CA LEU B 152 6.90 31.85 -25.28
C LEU B 152 6.77 32.42 -23.89
N GLU B 153 7.82 32.21 -23.12
CA GLU B 153 7.95 32.73 -21.78
C GLU B 153 7.72 34.26 -21.89
N GLU B 154 8.48 34.88 -22.80
CA GLU B 154 8.31 36.27 -23.23
C GLU B 154 9.28 37.14 -22.44
N ASP C 26 -23.54 23.51 -16.97
CA ASP C 26 -22.78 23.83 -18.22
C ASP C 26 -21.38 23.15 -18.22
N LYS C 27 -20.67 23.22 -17.08
CA LYS C 27 -19.44 22.44 -16.83
C LYS C 27 -19.17 22.11 -15.34
N VAL C 28 -19.83 21.04 -14.88
CA VAL C 28 -19.50 20.36 -13.61
C VAL C 28 -18.96 18.95 -13.91
N LEU C 29 -17.79 18.59 -13.33
CA LEU C 29 -17.27 17.16 -13.29
C LEU C 29 -17.58 16.36 -11.98
N LYS C 30 -18.60 15.49 -12.05
CA LYS C 30 -19.01 14.64 -10.93
C LYS C 30 -18.21 13.37 -10.82
N ILE C 31 -17.71 13.12 -9.63
CA ILE C 31 -17.02 11.87 -9.31
C ILE C 31 -17.84 11.01 -8.29
N GLN C 32 -17.99 9.71 -8.59
CA GLN C 32 -18.39 8.69 -7.60
C GLN C 32 -17.14 7.89 -7.20
N LEU C 33 -16.83 7.86 -5.92
CA LEU C 33 -15.71 7.04 -5.42
C LEU C 33 -16.32 5.75 -4.89
N ARG C 34 -15.98 4.66 -5.57
CA ARG C 34 -16.69 3.40 -5.43
C ARG C 34 -16.10 2.52 -4.34
N SER C 35 -14.84 2.78 -3.96
CA SER C 35 -14.27 2.13 -2.80
C SER C 35 -13.40 3.13 -2.10
N ALA C 36 -12.94 2.78 -0.89
CA ALA C 36 -11.92 3.57 -0.19
C ALA C 36 -10.59 3.57 -0.91
N SER C 37 -10.44 2.65 -1.86
CA SER C 37 -9.23 2.54 -2.68
C SER C 37 -9.07 3.58 -3.81
N ALA C 38 -10.18 4.24 -4.16
CA ALA C 38 -10.22 5.27 -5.19
C ALA C 38 -9.61 6.59 -4.71
N THR C 39 -9.05 7.36 -5.65
CA THR C 39 -8.52 8.72 -5.40
C THR C 39 -9.26 9.68 -6.35
N VAL C 40 -9.66 10.83 -5.83
CA VAL C 40 -10.24 11.87 -6.68
C VAL C 40 -9.19 12.32 -7.71
N PRO C 41 -9.55 12.39 -9.02
CA PRO C 41 -8.59 12.89 -10.05
C PRO C 41 -8.08 14.31 -9.73
N THR C 42 -6.79 14.59 -9.99
CA THR C 42 -6.22 15.92 -9.66
C THR C 42 -5.54 16.53 -10.88
N LYS C 43 -5.43 17.84 -10.93
CA LYS C 43 -4.67 18.49 -11.98
C LYS C 43 -3.20 18.59 -11.54
N GLY C 44 -2.26 18.45 -12.49
CA GLY C 44 -0.82 18.43 -12.18
C GLY C 44 -0.24 19.83 -12.13
N SER C 45 -0.88 20.72 -12.87
CA SER C 45 -0.61 22.14 -12.86
C SER C 45 -1.96 22.84 -12.87
N ALA C 46 -1.95 24.17 -12.78
CA ALA C 46 -3.17 24.94 -12.73
C ALA C 46 -3.83 24.96 -14.10
N THR C 47 -3.01 24.82 -15.14
CA THR C 47 -3.41 25.07 -16.51
C THR C 47 -3.27 23.79 -17.40
N ALA C 48 -3.07 22.65 -16.71
CA ALA C 48 -3.03 21.32 -17.33
C ALA C 48 -4.35 20.97 -18.00
N ALA C 49 -4.28 20.29 -19.16
CA ALA C 49 -5.47 19.83 -19.93
C ALA C 49 -6.31 18.78 -19.20
N GLY C 50 -5.63 17.87 -18.51
CA GLY C 50 -6.30 16.79 -17.85
C GLY C 50 -6.19 16.70 -16.33
N TYR C 51 -6.94 15.74 -15.83
CA TYR C 51 -6.96 15.35 -14.42
C TYR C 51 -6.24 13.99 -14.35
N ASP C 52 -5.27 13.90 -13.44
CA ASP C 52 -4.58 12.65 -13.23
C ASP C 52 -5.59 11.62 -12.79
N ILE C 53 -5.49 10.41 -13.36
CA ILE C 53 -6.28 9.25 -12.90
C ILE C 53 -5.38 8.23 -12.19
N TYR C 54 -5.82 7.76 -11.02
CA TYR C 54 -5.01 6.88 -10.13
C TYR C 54 -5.53 5.46 -10.07
N ALA C 55 -4.63 4.47 -10.13
CA ALA C 55 -4.90 3.06 -9.82
C ALA C 55 -5.50 2.88 -8.43
N SER C 56 -6.45 1.96 -8.29
CA SER C 56 -7.01 1.62 -6.97
C SER C 56 -6.64 0.18 -6.57
N GLN C 57 -5.95 -0.52 -7.47
CA GLN C 57 -5.39 -1.84 -7.22
C GLN C 57 -4.09 -1.98 -7.98
N ASP C 58 -3.15 -2.71 -7.37
CA ASP C 58 -1.89 -3.05 -8.03
C ASP C 58 -2.17 -3.92 -9.26
N ILE C 59 -1.33 -3.75 -10.28
CA ILE C 59 -1.46 -4.49 -11.54
C ILE C 59 -0.13 -4.43 -12.32
N THR C 60 0.16 -5.47 -13.08
CA THR C 60 1.28 -5.36 -14.01
C THR C 60 0.77 -5.35 -15.45
N ILE C 61 1.32 -4.45 -16.26
CA ILE C 61 1.02 -4.42 -17.68
C ILE C 61 2.16 -5.17 -18.39
N PRO C 62 1.87 -6.37 -18.94
CA PRO C 62 2.95 -7.19 -19.51
C PRO C 62 3.59 -6.54 -20.71
N ALA C 63 4.91 -6.77 -20.85
CA ALA C 63 5.64 -6.21 -21.98
C ALA C 63 4.92 -6.63 -23.25
N MET C 64 4.86 -5.77 -24.28
CA MET C 64 4.16 -6.10 -25.54
C MET C 64 2.76 -6.67 -25.32
N GLY C 65 2.06 -6.13 -24.32
CA GLY C 65 0.85 -6.70 -23.89
C GLY C 65 -0.09 -5.60 -23.55
N GLN C 66 -1.12 -5.96 -22.78
CA GLN C 66 -2.10 -5.04 -22.33
C GLN C 66 -2.64 -5.53 -21.00
N GLY C 67 -3.23 -4.60 -20.25
CA GLY C 67 -3.92 -4.88 -19.02
C GLY C 67 -5.02 -3.86 -18.78
N MET C 68 -5.86 -4.11 -17.79
CA MET C 68 -6.91 -3.16 -17.45
CA MET C 68 -6.95 -3.21 -17.43
C MET C 68 -6.73 -2.74 -15.99
N VAL C 69 -6.55 -1.41 -15.78
CA VAL C 69 -6.22 -0.88 -14.44
C VAL C 69 -7.50 -0.45 -13.75
N SER C 70 -7.76 -0.98 -12.55
N SER C 70 -7.75 -0.95 -12.54
CA SER C 70 -8.90 -0.55 -11.74
CA SER C 70 -8.94 -0.58 -11.77
C SER C 70 -8.67 0.84 -11.17
C SER C 70 -8.75 0.73 -11.00
N THR C 71 -9.74 1.62 -11.11
CA THR C 71 -9.67 2.97 -10.57
C THR C 71 -10.68 3.12 -9.42
N ASP C 72 -11.71 2.28 -9.42
CA ASP C 72 -12.86 2.38 -8.49
C ASP C 72 -13.56 3.74 -8.49
N ILE C 73 -13.56 4.39 -9.65
CA ILE C 73 -14.28 5.65 -9.82
C ILE C 73 -15.30 5.58 -10.96
N SER C 74 -16.31 6.43 -10.85
CA SER C 74 -17.25 6.74 -11.89
C SER C 74 -17.25 8.27 -12.08
N PHE C 75 -17.59 8.72 -13.28
CA PHE C 75 -17.83 10.12 -13.45
C PHE C 75 -18.84 10.40 -14.53
N THR C 76 -19.51 11.54 -14.35
CA THR C 76 -20.26 12.25 -15.37
C THR C 76 -19.49 13.51 -15.79
N VAL C 77 -19.08 13.52 -17.05
CA VAL C 77 -18.48 14.70 -17.68
C VAL C 77 -19.52 15.78 -17.94
N PRO C 78 -19.07 17.07 -18.05
CA PRO C 78 -20.00 18.20 -18.32
C PRO C 78 -20.79 18.07 -19.62
N VAL C 79 -21.95 18.71 -19.73
CA VAL C 79 -22.68 18.70 -21.00
C VAL C 79 -21.77 19.20 -22.16
N GLY C 80 -21.88 18.58 -23.35
CA GLY C 80 -21.12 19.04 -24.53
C GLY C 80 -19.73 18.42 -24.57
N THR C 81 -19.44 17.57 -23.58
CA THR C 81 -18.20 16.81 -23.58
C THR C 81 -18.42 15.27 -23.55
N TYR C 82 -17.29 14.59 -23.82
CA TYR C 82 -17.04 13.25 -23.35
C TYR C 82 -15.74 13.27 -22.60
N GLY C 83 -15.49 12.22 -21.83
CA GLY C 83 -14.24 12.08 -21.10
C GLY C 83 -13.25 11.25 -21.90
N ARG C 84 -12.16 11.86 -22.37
CA ARG C 84 -11.08 11.09 -23.00
C ARG C 84 -10.08 10.54 -21.97
N ILE C 85 -9.93 9.23 -21.89
CA ILE C 85 -8.78 8.68 -21.13
C ILE C 85 -7.54 8.70 -22.04
N ALA C 86 -6.62 9.60 -21.72
CA ALA C 86 -5.54 10.04 -22.61
C ALA C 86 -4.24 9.68 -21.86
N PRO C 87 -3.11 9.49 -22.57
CA PRO C 87 -1.89 9.01 -21.90
C PRO C 87 -1.09 10.02 -21.13
N ARG C 88 -0.40 9.60 -20.05
CA ARG C 88 0.59 10.47 -19.38
CA ARG C 88 0.57 10.48 -19.40
C ARG C 88 1.84 10.42 -20.23
N SER C 89 2.50 11.56 -20.42
CA SER C 89 3.63 11.64 -21.38
C SER C 89 4.87 10.85 -20.95
N GLY C 90 5.24 10.99 -19.68
CA GLY C 90 6.39 10.28 -19.10
C GLY C 90 6.29 8.76 -19.20
N LEU C 91 5.12 8.23 -18.91
CA LEU C 91 4.93 6.78 -19.01
C LEU C 91 5.06 6.33 -20.48
N ALA C 92 4.55 7.14 -21.40
CA ALA C 92 4.83 6.92 -22.82
C ALA C 92 6.34 6.85 -23.14
N VAL C 93 7.07 7.90 -22.73
CA VAL C 93 8.43 8.07 -23.15
C VAL C 93 9.31 7.00 -22.45
N LYS C 94 8.97 6.65 -21.20
CA LYS C 94 9.85 5.80 -20.37
C LYS C 94 9.46 4.33 -20.33
N ASN C 95 8.18 4.03 -20.49
CA ASN C 95 7.70 2.69 -20.18
C ASN C 95 6.99 2.07 -21.36
N GLY C 96 6.86 2.85 -22.44
CA GLY C 96 6.25 2.39 -23.65
C GLY C 96 4.76 2.30 -23.49
N ILE C 97 4.21 3.10 -22.58
CA ILE C 97 2.76 3.05 -22.23
C ILE C 97 1.85 3.87 -23.14
N GLN C 98 0.82 3.20 -23.66
CA GLN C 98 -0.26 3.89 -24.39
C GLN C 98 -1.64 3.54 -23.80
N THR C 99 -2.57 4.49 -23.71
CA THR C 99 -3.94 4.16 -23.31
C THR C 99 -4.77 3.59 -24.51
N GLY C 100 -5.61 2.60 -24.23
CA GLY C 100 -6.55 2.01 -25.18
C GLY C 100 -7.95 2.56 -24.85
N ALA C 101 -8.94 2.16 -25.63
CA ALA C 101 -10.34 2.48 -25.38
C ALA C 101 -10.35 4.01 -25.18
N GLY C 102 -10.86 4.52 -24.05
CA GLY C 102 -10.63 5.92 -23.71
C GLY C 102 -11.81 6.86 -23.97
N VAL C 103 -12.78 6.43 -24.75
CA VAL C 103 -13.97 7.23 -24.91
C VAL C 103 -15.00 6.91 -23.79
N VAL C 104 -15.07 7.77 -22.78
CA VAL C 104 -16.11 7.68 -21.74
C VAL C 104 -17.27 8.61 -22.15
N ASP C 105 -18.40 7.98 -22.46
CA ASP C 105 -19.65 8.67 -22.79
C ASP C 105 -20.16 9.38 -21.57
N ARG C 106 -20.88 10.48 -21.74
CA ARG C 106 -21.41 11.25 -20.63
C ARG C 106 -22.47 10.37 -19.93
N ASP C 107 -23.21 9.60 -20.72
CA ASP C 107 -24.23 8.67 -20.14
C ASP C 107 -23.62 7.52 -19.32
N TYR C 108 -22.32 7.26 -19.50
CA TYR C 108 -21.69 6.08 -18.84
C TYR C 108 -21.60 6.21 -17.32
N THR C 109 -22.08 5.20 -16.62
CA THR C 109 -22.08 5.27 -15.14
C THR C 109 -21.39 4.15 -14.33
N GLY C 110 -20.71 3.23 -15.01
CA GLY C 110 -19.98 2.15 -14.33
C GLY C 110 -18.59 2.58 -13.94
N GLU C 111 -17.82 1.66 -13.35
CA GLU C 111 -16.42 1.96 -13.05
C GLU C 111 -15.64 2.30 -14.33
N VAL C 112 -14.91 3.41 -14.28
CA VAL C 112 -14.03 3.76 -15.36
C VAL C 112 -12.67 3.03 -15.13
N LYS C 113 -12.42 1.98 -15.88
CA LYS C 113 -11.14 1.24 -15.79
C LYS C 113 -10.24 1.74 -16.90
N VAL C 114 -8.94 1.48 -16.82
CA VAL C 114 -8.03 2.05 -17.78
C VAL C 114 -7.35 0.97 -18.58
N VAL C 115 -7.60 1.00 -19.89
CA VAL C 115 -6.87 0.08 -20.79
C VAL C 115 -5.51 0.66 -21.03
N LEU C 116 -4.45 -0.14 -20.77
CA LEU C 116 -3.11 0.25 -21.13
C LEU C 116 -2.49 -0.79 -22.08
N PHE C 117 -1.90 -0.29 -23.14
CA PHE C 117 -1.00 -1.12 -23.99
C PHE C 117 0.43 -0.83 -23.59
N ASN C 118 1.26 -1.87 -23.51
CA ASN C 118 2.65 -1.72 -23.20
C ASN C 118 3.38 -2.12 -24.45
N HIS C 119 4.02 -1.14 -25.08
CA HIS C 119 4.74 -1.38 -26.30
C HIS C 119 6.21 -1.53 -26.08
N SER C 120 6.60 -1.65 -24.82
CA SER C 120 7.98 -2.00 -24.48
C SER C 120 8.29 -3.48 -24.20
N GLN C 121 9.58 -3.77 -24.06
CA GLN C 121 10.10 -5.10 -23.70
C GLN C 121 10.04 -5.46 -22.21
N ARG C 122 9.59 -4.49 -21.42
CA ARG C 122 9.66 -4.56 -19.97
CA ARG C 122 9.67 -4.53 -19.95
C ARG C 122 8.27 -4.47 -19.36
N ASP C 123 7.95 -5.39 -18.42
CA ASP C 123 6.63 -5.35 -17.78
C ASP C 123 6.55 -3.99 -17.06
N PHE C 124 5.34 -3.44 -16.98
CA PHE C 124 5.12 -2.17 -16.28
C PHE C 124 4.36 -2.43 -14.99
N ALA C 125 5.04 -2.28 -13.84
CA ALA C 125 4.38 -2.47 -12.52
C ALA C 125 3.59 -1.22 -12.08
N ILE C 126 2.33 -1.43 -11.72
CA ILE C 126 1.49 -0.34 -11.21
C ILE C 126 1.05 -0.68 -9.79
N LYS C 127 1.16 0.31 -8.92
CA LYS C 127 0.72 0.18 -7.55
C LYS C 127 -0.54 1.02 -7.36
N LYS C 128 -1.44 0.54 -6.50
CA LYS C 128 -2.52 1.36 -5.95
C LYS C 128 -1.92 2.75 -5.63
N GLY C 129 -2.58 3.82 -6.09
CA GLY C 129 -2.06 5.16 -5.81
C GLY C 129 -1.24 5.83 -6.90
N ASP C 130 -0.74 5.06 -7.86
CA ASP C 130 -0.05 5.63 -9.03
C ASP C 130 -1.00 6.23 -10.04
N ARG C 131 -0.52 7.34 -10.63
CA ARG C 131 -1.16 8.03 -11.73
C ARG C 131 -0.86 7.21 -12.95
N VAL C 132 -1.92 6.79 -13.62
CA VAL C 132 -1.76 5.86 -14.73
C VAL C 132 -2.17 6.45 -16.09
N ALA C 133 -2.92 7.54 -16.04
CA ALA C 133 -3.50 8.24 -17.19
C ALA C 133 -3.99 9.63 -16.79
N GLN C 134 -4.49 10.39 -17.77
CA GLN C 134 -5.17 11.63 -17.48
C GLN C 134 -6.52 11.65 -18.14
N LEU C 135 -7.48 12.25 -17.46
CA LEU C 135 -8.80 12.55 -18.04
C LEU C 135 -8.90 13.98 -18.63
N ILE C 136 -9.26 14.06 -19.92
CA ILE C 136 -9.50 15.32 -20.65
C ILE C 136 -10.97 15.42 -21.02
N LEU C 137 -11.57 16.54 -20.71
CA LEU C 137 -12.96 16.79 -21.10
C LEU C 137 -13.01 17.45 -22.46
N GLU C 138 -13.01 16.58 -23.48
CA GLU C 138 -12.95 16.94 -24.88
C GLU C 138 -14.29 17.49 -25.30
N LYS C 139 -14.34 18.70 -25.83
CA LYS C 139 -15.61 19.27 -26.32
C LYS C 139 -15.95 18.69 -27.69
N ILE C 140 -17.23 18.34 -27.89
CA ILE C 140 -17.68 17.65 -29.13
C ILE C 140 -19.01 18.26 -29.60
N VAL C 141 -19.36 17.99 -30.85
CA VAL C 141 -20.74 18.15 -31.29
C VAL C 141 -21.43 16.78 -31.09
N ASP C 142 -22.39 16.71 -30.19
CA ASP C 142 -23.02 15.41 -29.98
C ASP C 142 -24.51 15.46 -30.41
N ASP C 143 -24.88 16.53 -31.11
CA ASP C 143 -26.26 16.63 -31.58
C ASP C 143 -26.43 16.92 -33.08
N ALA C 144 -25.48 16.49 -33.88
CA ALA C 144 -25.55 16.65 -35.33
C ALA C 144 -26.78 15.95 -35.92
N GLN C 145 -27.42 16.58 -36.90
CA GLN C 145 -28.39 15.92 -37.73
C GLN C 145 -27.62 15.18 -38.85
N ILE C 146 -27.74 13.85 -38.88
CA ILE C 146 -27.31 13.08 -40.06
C ILE C 146 -28.15 13.52 -41.28
N VAL C 147 -27.45 13.86 -42.37
CA VAL C 147 -28.10 14.09 -43.66
C VAL C 147 -27.33 13.17 -44.66
N VAL C 148 -28.05 12.20 -45.22
CA VAL C 148 -27.51 11.30 -46.26
C VAL C 148 -27.68 12.00 -47.64
N VAL C 149 -26.60 12.05 -48.41
CA VAL C 149 -26.49 12.85 -49.62
C VAL C 149 -25.92 12.01 -50.76
N ASP C 150 -26.32 12.31 -51.99
CA ASP C 150 -25.74 11.71 -53.19
C ASP C 150 -24.22 11.94 -53.32
N SER C 151 -23.77 13.18 -53.11
CA SER C 151 -22.36 13.56 -53.29
C SER C 151 -21.92 14.56 -52.21
N LEU C 152 -20.61 14.71 -52.04
CA LEU C 152 -20.09 15.72 -51.09
C LEU C 152 -19.45 16.88 -51.85
N GLU C 153 -19.19 17.98 -51.15
CA GLU C 153 -18.47 19.09 -51.77
C GLU C 153 -16.94 18.88 -51.85
N LYS D 27 56.83 0.40 -4.62
CA LYS D 27 57.92 -0.49 -5.17
C LYS D 27 57.52 -1.46 -6.28
N VAL D 28 56.49 -2.28 -6.06
CA VAL D 28 56.21 -3.45 -6.93
C VAL D 28 54.76 -3.59 -7.35
N LEU D 29 54.54 -3.91 -8.62
CA LEU D 29 53.19 -4.22 -9.13
C LEU D 29 53.06 -5.74 -9.37
N LYS D 30 52.23 -6.43 -8.58
CA LYS D 30 52.06 -7.86 -8.68
C LYS D 30 51.02 -8.22 -9.70
N ILE D 31 51.42 -9.07 -10.66
CA ILE D 31 50.54 -9.39 -11.80
C ILE D 31 50.26 -10.90 -11.77
N GLN D 32 48.97 -11.24 -11.84
CA GLN D 32 48.56 -12.64 -12.01
C GLN D 32 47.94 -12.84 -13.39
N LEU D 33 48.48 -13.77 -14.17
CA LEU D 33 47.89 -14.01 -15.48
C LEU D 33 46.89 -15.18 -15.34
N ARG D 34 45.63 -15.00 -15.76
CA ARG D 34 44.65 -16.09 -15.51
C ARG D 34 44.23 -16.99 -16.71
N SER D 35 44.82 -16.72 -17.88
CA SER D 35 44.58 -17.51 -19.09
C SER D 35 45.77 -17.30 -20.02
N ALA D 36 45.89 -18.15 -21.04
CA ALA D 36 46.82 -17.94 -22.16
C ALA D 36 46.49 -16.71 -23.04
N SER D 37 45.28 -16.14 -22.87
CA SER D 37 44.84 -14.96 -23.61
C SER D 37 45.22 -13.63 -22.97
N ALA D 38 45.86 -13.71 -21.81
CA ALA D 38 46.15 -12.51 -21.05
C ALA D 38 47.49 -11.90 -21.42
N THR D 39 47.57 -10.58 -21.38
CA THR D 39 48.85 -9.91 -21.57
C THR D 39 49.25 -9.14 -20.32
N VAL D 40 50.49 -9.36 -19.87
CA VAL D 40 51.14 -8.49 -18.85
C VAL D 40 51.04 -6.99 -19.24
N PRO D 41 50.49 -6.13 -18.34
CA PRO D 41 50.52 -4.70 -18.63
C PRO D 41 51.94 -4.20 -18.90
N THR D 42 52.05 -3.33 -19.91
CA THR D 42 53.36 -2.92 -20.37
C THR D 42 53.42 -1.42 -20.25
N LYS D 43 54.62 -0.89 -20.07
CA LYS D 43 54.84 0.56 -19.93
C LYS D 43 56.13 1.05 -20.59
N SER D 45 57.82 3.59 -21.86
CA SER D 45 58.82 4.47 -21.25
C SER D 45 58.63 4.59 -19.74
N ALA D 46 59.72 4.87 -19.04
CA ALA D 46 59.79 5.04 -17.56
C ALA D 46 59.10 6.31 -17.03
N THR D 47 58.74 7.19 -17.96
CA THR D 47 58.19 8.50 -17.63
C THR D 47 56.65 8.41 -17.68
N ALA D 48 56.15 7.61 -18.62
CA ALA D 48 54.73 7.27 -18.81
C ALA D 48 53.97 7.10 -17.52
N ALA D 49 52.72 7.56 -17.51
CA ALA D 49 51.88 7.51 -16.32
C ALA D 49 51.31 6.10 -16.04
N GLY D 50 51.09 5.34 -17.10
CA GLY D 50 50.10 4.25 -17.12
C GLY D 50 50.64 2.99 -17.80
N TYR D 51 50.05 1.83 -17.43
CA TYR D 51 50.40 0.53 -18.03
C TYR D 51 49.25 0.15 -18.92
N ASP D 52 49.57 -0.33 -20.12
CA ASP D 52 48.60 -0.66 -21.17
C ASP D 52 47.84 -1.87 -20.69
N ILE D 53 46.53 -1.77 -20.76
CA ILE D 53 45.70 -2.92 -20.43
C ILE D 53 45.08 -3.50 -21.74
N TYR D 54 45.30 -4.79 -21.94
CA TYR D 54 44.89 -5.47 -23.13
C TYR D 54 43.66 -6.38 -22.91
N ALA D 55 42.74 -6.28 -23.86
CA ALA D 55 41.65 -7.27 -23.99
C ALA D 55 42.14 -8.71 -24.14
N SER D 56 41.48 -9.64 -23.42
CA SER D 56 41.77 -11.08 -23.57
C SER D 56 40.72 -11.83 -24.40
N GLN D 57 39.66 -11.13 -24.84
N GLN D 57 39.64 -11.14 -24.76
CA GLN D 57 38.53 -11.79 -25.47
CA GLN D 57 38.58 -11.72 -25.55
C GLN D 57 37.75 -10.74 -26.25
C GLN D 57 38.01 -10.63 -26.38
N ASP D 58 37.44 -11.01 -27.51
CA ASP D 58 36.72 -10.10 -28.36
C ASP D 58 35.40 -9.61 -27.71
N ILE D 59 35.08 -8.33 -27.92
N ILE D 59 35.11 -8.33 -27.91
CA ILE D 59 33.88 -7.71 -27.36
CA ILE D 59 33.91 -7.69 -27.35
C ILE D 59 33.60 -6.45 -28.16
C ILE D 59 33.61 -6.44 -28.16
N THR D 60 32.34 -6.01 -28.18
CA THR D 60 31.93 -4.87 -28.97
C THR D 60 31.17 -3.98 -28.03
N ILE D 61 31.60 -2.71 -27.95
CA ILE D 61 30.92 -1.74 -27.11
C ILE D 61 29.93 -0.96 -27.96
N PRO D 62 28.59 -1.13 -27.74
CA PRO D 62 27.65 -0.49 -28.65
C PRO D 62 27.77 1.05 -28.68
N ALA D 63 27.47 1.64 -29.84
CA ALA D 63 27.18 3.05 -30.02
C ALA D 63 26.25 3.51 -28.90
N MET D 64 26.50 4.69 -28.32
N MET D 64 26.54 4.68 -28.31
CA MET D 64 25.68 5.26 -27.24
CA MET D 64 25.74 5.29 -27.23
C MET D 64 25.38 4.26 -26.12
C MET D 64 25.45 4.35 -26.05
N GLY D 65 26.37 3.41 -25.80
CA GLY D 65 26.14 2.34 -24.84
C GLY D 65 27.40 2.02 -24.06
N GLN D 66 27.49 0.79 -23.61
CA GLN D 66 28.61 0.37 -22.75
C GLN D 66 28.79 -1.12 -22.85
N GLY D 67 29.96 -1.58 -22.42
CA GLY D 67 30.23 -2.98 -22.37
C GLY D 67 31.34 -3.19 -21.39
N MET D 68 31.70 -4.43 -21.20
CA MET D 68 32.82 -4.76 -20.32
C MET D 68 33.81 -5.65 -21.07
N VAL D 69 35.11 -5.41 -20.85
CA VAL D 69 36.20 -6.10 -21.51
C VAL D 69 36.88 -7.00 -20.50
N SER D 70 37.01 -8.28 -20.85
CA SER D 70 37.87 -9.16 -20.10
C SER D 70 39.33 -8.87 -20.36
N THR D 71 40.14 -9.16 -19.32
CA THR D 71 41.56 -8.99 -19.32
C THR D 71 42.23 -10.34 -18.99
N ASP D 72 41.55 -11.19 -18.21
CA ASP D 72 42.18 -12.37 -17.57
C ASP D 72 43.47 -12.12 -16.75
N ILE D 73 43.56 -10.94 -16.12
CA ILE D 73 44.58 -10.58 -15.17
C ILE D 73 43.93 -10.10 -13.86
N SER D 74 44.69 -10.31 -12.81
CA SER D 74 44.54 -9.68 -11.52
C SER D 74 45.85 -9.00 -11.17
N PHE D 75 45.75 -8.00 -10.31
CA PHE D 75 46.97 -7.44 -9.78
C PHE D 75 46.78 -6.93 -8.40
N THR D 76 47.91 -6.86 -7.69
CA THR D 76 48.07 -6.11 -6.46
C THR D 76 48.94 -4.88 -6.65
N VAL D 77 48.31 -3.72 -6.53
CA VAL D 77 49.01 -2.42 -6.59
C VAL D 77 49.89 -2.15 -5.36
N PRO D 78 50.92 -1.27 -5.52
CA PRO D 78 51.77 -0.95 -4.34
C PRO D 78 51.06 -0.34 -3.13
N VAL D 79 51.64 -0.54 -1.95
CA VAL D 79 51.23 0.14 -0.72
C VAL D 79 51.20 1.66 -1.02
N GLY D 80 50.08 2.26 -0.59
CA GLY D 80 49.77 3.68 -0.73
C GLY D 80 49.16 4.13 -2.06
N THR D 81 48.69 3.18 -2.85
CA THR D 81 48.08 3.48 -4.15
C THR D 81 46.74 2.71 -4.31
N TYR D 82 45.97 3.06 -5.33
CA TYR D 82 44.98 2.15 -5.87
C TYR D 82 45.26 2.11 -7.39
N GLY D 83 44.67 1.12 -8.08
CA GLY D 83 44.69 1.02 -9.53
C GLY D 83 43.59 1.81 -10.19
N ARG D 84 43.98 2.80 -11.00
CA ARG D 84 42.92 3.55 -11.68
C ARG D 84 42.91 3.08 -13.10
N ILE D 85 41.82 2.44 -13.50
CA ILE D 85 41.59 2.12 -14.95
C ILE D 85 41.17 3.36 -15.65
N ALA D 86 42.10 3.94 -16.44
CA ALA D 86 41.99 5.25 -17.08
C ALA D 86 41.98 5.14 -18.59
N PRO D 87 41.39 6.15 -19.26
CA PRO D 87 41.25 6.08 -20.69
C PRO D 87 42.56 6.20 -21.47
N ARG D 88 42.60 5.50 -22.59
N ARG D 88 42.59 5.47 -22.57
CA ARG D 88 43.55 5.74 -23.65
CA ARG D 88 43.47 5.73 -23.70
C ARG D 88 43.06 6.92 -24.45
C ARG D 88 43.00 7.01 -24.35
N SER D 89 43.95 7.88 -24.65
CA SER D 89 43.65 9.14 -25.31
C SER D 89 43.16 8.94 -26.75
N GLY D 90 43.81 8.01 -27.47
CA GLY D 90 43.50 7.71 -28.89
C GLY D 90 42.08 7.23 -29.09
N LEU D 91 41.65 6.30 -28.24
CA LEU D 91 40.31 5.74 -28.29
C LEU D 91 39.26 6.76 -27.91
N ALA D 92 39.65 7.72 -27.08
CA ALA D 92 38.75 8.80 -26.70
C ALA D 92 38.46 9.65 -27.92
N VAL D 93 39.54 10.09 -28.60
CA VAL D 93 39.44 11.05 -29.73
C VAL D 93 38.83 10.39 -30.97
N LYS D 94 39.29 9.17 -31.27
CA LYS D 94 38.93 8.38 -32.48
C LYS D 94 37.54 7.69 -32.37
N ASN D 95 37.17 7.28 -31.15
CA ASN D 95 36.09 6.31 -30.98
C ASN D 95 35.06 6.65 -29.91
N GLY D 96 35.22 7.82 -29.28
CA GLY D 96 34.30 8.34 -28.21
C GLY D 96 34.25 7.49 -26.93
N ILE D 97 35.37 6.83 -26.62
CA ILE D 97 35.44 5.84 -25.61
C ILE D 97 35.95 6.47 -24.34
N GLN D 98 35.25 6.11 -23.27
CA GLN D 98 35.54 6.51 -21.89
C GLN D 98 35.53 5.27 -21.01
N THR D 99 36.49 5.16 -20.10
CA THR D 99 36.41 4.17 -19.04
C THR D 99 35.41 4.58 -17.95
N GLY D 100 34.64 3.61 -17.48
CA GLY D 100 33.71 3.81 -16.35
C GLY D 100 34.29 3.08 -15.16
N ALA D 101 33.54 3.09 -14.05
CA ALA D 101 34.03 2.50 -12.82
C ALA D 101 35.53 2.90 -12.68
N GLY D 102 36.40 1.91 -12.49
CA GLY D 102 37.84 2.13 -12.66
C GLY D 102 38.67 2.22 -11.38
N VAL D 103 38.00 2.20 -10.23
CA VAL D 103 38.72 2.19 -8.95
C VAL D 103 39.03 0.75 -8.53
N VAL D 104 40.29 0.38 -8.64
CA VAL D 104 40.71 -0.97 -8.25
C VAL D 104 41.45 -0.95 -6.90
N ASP D 105 40.86 -1.56 -5.88
CA ASP D 105 41.37 -1.50 -4.55
C ASP D 105 42.57 -2.39 -4.47
N ARG D 106 43.48 -2.02 -3.60
CA ARG D 106 44.68 -2.78 -3.44
C ARG D 106 44.42 -4.24 -3.01
N ASP D 107 43.31 -4.48 -2.33
CA ASP D 107 42.98 -5.84 -1.89
C ASP D 107 42.05 -6.64 -2.81
N TYR D 108 41.80 -6.13 -4.01
CA TYR D 108 40.93 -6.83 -4.96
C TYR D 108 41.75 -7.93 -5.66
N THR D 109 41.28 -9.17 -5.61
CA THR D 109 41.97 -10.27 -6.26
C THR D 109 41.15 -10.99 -7.36
N GLY D 110 39.97 -10.49 -7.70
CA GLY D 110 39.28 -10.99 -8.88
C GLY D 110 39.86 -10.50 -10.22
N GLU D 111 39.29 -10.98 -11.32
CA GLU D 111 39.68 -10.44 -12.61
C GLU D 111 39.43 -8.92 -12.73
N VAL D 112 40.41 -8.19 -13.20
CA VAL D 112 40.14 -6.84 -13.58
C VAL D 112 39.38 -6.81 -14.91
N LYS D 113 38.17 -6.24 -14.89
CA LYS D 113 37.31 -6.04 -16.07
C LYS D 113 37.20 -4.50 -16.36
N VAL D 114 37.24 -4.12 -17.62
CA VAL D 114 37.29 -2.72 -17.95
C VAL D 114 35.90 -2.37 -18.44
N VAL D 115 35.26 -1.42 -17.75
CA VAL D 115 33.92 -0.88 -18.14
C VAL D 115 34.20 0.24 -19.14
N LEU D 116 33.60 0.16 -20.33
CA LEU D 116 33.80 1.19 -21.32
C LEU D 116 32.45 1.77 -21.72
N PHE D 117 32.41 3.10 -21.83
CA PHE D 117 31.23 3.82 -22.35
C PHE D 117 31.65 4.27 -23.76
N ASN D 118 30.70 4.23 -24.69
CA ASN D 118 30.96 4.62 -26.04
C ASN D 118 30.00 5.77 -26.30
N HIS D 119 30.56 6.98 -26.50
CA HIS D 119 29.68 8.16 -26.69
C HIS D 119 29.50 8.48 -28.15
N SER D 120 30.07 7.65 -29.02
CA SER D 120 29.93 7.88 -30.45
C SER D 120 28.71 7.17 -31.00
N GLN D 121 28.50 7.34 -32.32
CA GLN D 121 27.47 6.69 -33.11
C GLN D 121 27.87 5.37 -33.75
N ARG D 122 29.11 4.91 -33.53
CA ARG D 122 29.60 3.70 -34.15
C ARG D 122 29.82 2.64 -33.05
N ASP D 123 29.42 1.37 -33.25
CA ASP D 123 29.80 0.29 -32.32
C ASP D 123 31.29 0.24 -32.35
N PHE D 124 31.90 -0.08 -31.21
CA PHE D 124 33.35 -0.15 -31.08
C PHE D 124 33.78 -1.59 -30.83
N ALA D 125 34.49 -2.11 -31.82
CA ALA D 125 34.84 -3.53 -31.94
C ALA D 125 36.22 -3.71 -31.38
N ILE D 126 36.33 -4.58 -30.38
CA ILE D 126 37.60 -4.94 -29.74
C ILE D 126 37.96 -6.40 -30.02
N LYS D 127 39.24 -6.66 -30.36
CA LYS D 127 39.71 -8.02 -30.51
C LYS D 127 40.68 -8.34 -29.37
N LYS D 128 40.65 -9.58 -28.90
CA LYS D 128 41.69 -10.04 -27.99
C LYS D 128 43.02 -9.43 -28.51
N GLY D 129 43.78 -8.83 -27.59
CA GLY D 129 45.09 -8.30 -27.90
C GLY D 129 45.16 -6.79 -28.02
N ASP D 130 43.99 -6.12 -28.21
CA ASP D 130 43.94 -4.67 -28.39
C ASP D 130 44.11 -4.01 -27.02
N ARG D 131 44.75 -2.84 -26.99
CA ARG D 131 44.83 -2.08 -25.75
C ARG D 131 43.54 -1.31 -25.63
N VAL D 132 42.91 -1.38 -24.46
CA VAL D 132 41.53 -0.92 -24.22
C VAL D 132 41.50 0.13 -23.11
N ALA D 133 42.58 0.23 -22.29
CA ALA D 133 42.72 1.22 -21.22
C ALA D 133 44.21 1.31 -20.77
N GLN D 134 44.51 2.18 -19.81
CA GLN D 134 45.79 2.14 -19.10
C GLN D 134 45.51 2.08 -17.58
N LEU D 135 46.40 1.40 -16.87
CA LEU D 135 46.39 1.35 -15.43
C LEU D 135 47.37 2.42 -14.86
N ILE D 136 46.92 3.21 -13.92
CA ILE D 136 47.78 4.22 -13.30
C ILE D 136 47.83 3.91 -11.81
N LEU D 137 49.03 3.86 -11.25
CA LEU D 137 49.23 3.63 -9.84
C LEU D 137 49.08 4.98 -9.12
N GLU D 138 47.81 5.40 -8.90
CA GLU D 138 47.51 6.61 -8.17
C GLU D 138 47.96 6.59 -6.66
N LYS D 139 48.76 7.56 -6.25
CA LYS D 139 49.07 7.76 -4.81
C LYS D 139 47.90 8.34 -4.03
N ILE D 140 47.58 7.73 -2.88
CA ILE D 140 46.36 8.24 -2.16
C ILE D 140 46.75 8.20 -0.68
N VAL D 141 45.90 8.82 0.13
CA VAL D 141 46.01 8.65 1.57
C VAL D 141 44.97 7.59 1.87
N ASP D 142 45.40 6.39 2.24
CA ASP D 142 44.38 5.33 2.40
C ASP D 142 44.09 5.03 3.87
N ASP D 143 44.81 5.74 4.76
CA ASP D 143 44.70 5.43 6.17
C ASP D 143 44.30 6.65 6.97
N ALA D 144 43.48 7.55 6.43
CA ALA D 144 43.07 8.73 7.19
C ALA D 144 42.10 8.36 8.31
N GLN D 145 42.16 9.10 9.40
CA GLN D 145 41.19 9.02 10.47
C GLN D 145 39.93 9.75 10.03
N ILE D 146 38.78 9.13 10.09
CA ILE D 146 37.54 9.88 9.87
C ILE D 146 37.15 10.54 11.19
N VAL D 147 36.90 11.83 11.11
CA VAL D 147 36.67 12.62 12.29
C VAL D 147 35.46 13.52 11.98
N VAL D 148 34.44 13.42 12.82
CA VAL D 148 33.25 14.29 12.76
C VAL D 148 33.40 15.55 13.67
N VAL D 149 33.30 16.74 13.03
CA VAL D 149 33.56 18.07 13.65
C VAL D 149 32.33 19.00 13.56
N ASP D 150 32.26 20.00 14.43
CA ASP D 150 31.07 20.88 14.44
C ASP D 150 31.04 21.74 13.19
N SER D 151 32.17 22.31 12.84
CA SER D 151 32.29 23.13 11.64
C SER D 151 33.68 23.01 11.05
N LEU D 152 33.78 23.20 9.76
CA LEU D 152 35.05 22.99 9.08
C LEU D 152 35.99 24.19 9.19
N ASP E 26 62.52 22.45 -4.67
CA ASP E 26 61.07 22.13 -4.84
C ASP E 26 60.64 22.05 -6.36
N LYS E 27 59.46 21.47 -6.66
CA LYS E 27 59.06 21.09 -8.03
C LYS E 27 58.29 22.13 -8.87
N VAL E 28 58.47 22.00 -10.18
CA VAL E 28 58.17 23.07 -11.13
C VAL E 28 57.26 22.47 -12.19
N LEU E 29 56.19 23.18 -12.51
CA LEU E 29 55.40 22.94 -13.68
C LEU E 29 55.91 23.88 -14.78
N LYS E 30 56.45 23.34 -15.86
CA LYS E 30 56.93 24.15 -16.97
C LYS E 30 55.80 24.25 -17.95
N ILE E 31 55.41 25.48 -18.28
CA ILE E 31 54.37 25.78 -19.24
C ILE E 31 54.94 26.48 -20.48
N GLN E 32 54.62 25.96 -21.67
CA GLN E 32 54.99 26.58 -22.93
C GLN E 32 53.75 27.11 -23.66
N LEU E 33 53.76 28.40 -24.00
CA LEU E 33 52.67 29.01 -24.76
C LEU E 33 53.00 28.94 -26.25
N ARG E 34 52.21 28.15 -26.97
CA ARG E 34 52.53 27.83 -28.35
C ARG E 34 52.07 28.90 -29.35
N SER E 35 51.32 29.87 -28.84
CA SER E 35 50.74 30.96 -29.62
C SER E 35 50.28 32.09 -28.71
N ALA E 36 50.12 33.28 -29.30
CA ALA E 36 49.57 34.44 -28.59
C ALA E 36 48.14 34.20 -28.10
N SER E 37 47.53 33.10 -28.56
CA SER E 37 46.15 32.81 -28.15
C SER E 37 45.99 32.02 -26.83
N ALA E 38 47.04 31.31 -26.43
CA ALA E 38 47.11 30.55 -25.21
C ALA E 38 47.07 31.45 -23.99
N THR E 39 46.47 30.93 -22.90
CA THR E 39 46.59 31.53 -21.54
C THR E 39 47.33 30.57 -20.57
N VAL E 40 48.29 31.10 -19.79
CA VAL E 40 48.92 30.34 -18.71
C VAL E 40 47.82 29.87 -17.77
N PRO E 41 47.79 28.55 -17.48
CA PRO E 41 46.86 28.00 -16.54
C PRO E 41 46.96 28.62 -15.13
N THR E 42 45.81 28.87 -14.50
CA THR E 42 45.83 29.60 -13.21
C THR E 42 45.18 28.81 -12.04
N LYS E 43 45.73 28.92 -10.82
CA LYS E 43 45.04 28.39 -9.65
C LYS E 43 44.06 29.43 -9.18
N GLY E 44 42.81 29.03 -8.89
CA GLY E 44 41.75 29.95 -8.47
C GLY E 44 41.76 30.30 -6.99
N SER E 45 42.67 29.63 -6.27
CA SER E 45 42.75 29.50 -4.81
C SER E 45 44.06 28.76 -4.43
N ALA E 46 44.53 28.91 -3.18
CA ALA E 46 45.86 28.38 -2.79
C ALA E 46 45.96 26.86 -2.65
N THR E 47 44.96 26.24 -2.04
CA THR E 47 44.94 24.78 -1.84
C THR E 47 44.09 24.08 -2.92
N ALA E 48 43.75 24.83 -3.98
CA ALA E 48 42.99 24.28 -5.09
C ALA E 48 43.75 23.10 -5.73
N ALA E 49 43.04 22.02 -6.05
CA ALA E 49 43.68 20.87 -6.66
C ALA E 49 44.32 21.25 -8.00
N GLY E 50 43.64 22.12 -8.75
CA GLY E 50 43.92 22.23 -10.18
C GLY E 50 44.18 23.64 -10.65
N TYR E 51 44.81 23.72 -11.80
CA TYR E 51 45.06 24.95 -12.52
C TYR E 51 44.00 25.07 -13.64
N ASP E 52 43.33 26.22 -13.72
CA ASP E 52 42.32 26.46 -14.79
C ASP E 52 42.95 26.39 -16.17
N ILE E 53 42.34 25.65 -17.09
CA ILE E 53 42.81 25.52 -18.50
C ILE E 53 41.88 26.28 -19.45
N TYR E 54 42.48 27.11 -20.31
CA TYR E 54 41.77 28.08 -21.13
C TYR E 54 41.69 27.62 -22.59
N ALA E 55 40.54 27.80 -23.20
CA ALA E 55 40.39 27.69 -24.67
C ALA E 55 41.28 28.70 -25.43
N SER E 56 42.01 28.28 -26.47
CA SER E 56 42.70 29.26 -27.34
C SER E 56 41.91 29.68 -28.58
N GLN E 57 40.71 29.13 -28.72
CA GLN E 57 40.05 29.13 -30.00
C GLN E 57 38.60 28.79 -29.77
N ASP E 58 37.71 29.40 -30.55
CA ASP E 58 36.28 29.16 -30.48
C ASP E 58 35.96 27.75 -30.93
N ILE E 59 35.04 27.11 -30.20
CA ILE E 59 34.59 25.74 -30.53
C ILE E 59 33.20 25.51 -29.92
N THR E 60 32.35 24.76 -30.60
CA THR E 60 31.05 24.33 -30.09
C THR E 60 31.11 22.82 -29.88
N ILE E 61 30.69 22.33 -28.70
CA ILE E 61 30.65 20.89 -28.43
C ILE E 61 29.19 20.49 -28.59
N PRO E 62 28.89 19.62 -29.59
CA PRO E 62 27.46 19.47 -29.92
C PRO E 62 26.71 18.69 -28.84
N ALA E 63 25.38 18.89 -28.78
CA ALA E 63 24.59 18.16 -27.78
C ALA E 63 24.84 16.65 -27.88
N MET E 64 24.78 15.95 -26.74
CA MET E 64 24.99 14.48 -26.73
C MET E 64 26.18 14.04 -27.63
N GLY E 65 27.19 14.88 -27.72
CA GLY E 65 28.36 14.59 -28.57
C GLY E 65 29.66 14.88 -27.89
N GLN E 66 30.71 15.11 -28.70
CA GLN E 66 32.02 15.42 -28.18
C GLN E 66 32.74 16.37 -29.11
N GLY E 67 33.85 16.92 -28.64
CA GLY E 67 34.66 17.87 -29.40
C GLY E 67 36.02 18.00 -28.71
N MET E 68 36.98 18.58 -29.40
CA MET E 68 38.32 18.77 -28.90
C MET E 68 38.69 20.23 -28.87
N VAL E 69 39.07 20.74 -27.70
CA VAL E 69 39.31 22.17 -27.49
C VAL E 69 40.82 22.42 -27.64
N SER E 70 41.20 23.43 -28.41
CA SER E 70 42.61 23.76 -28.51
C SER E 70 42.95 24.64 -27.33
N THR E 71 44.16 24.50 -26.83
CA THR E 71 44.69 25.39 -25.77
C THR E 71 45.95 26.18 -26.20
N ASP E 72 46.61 25.70 -27.23
CA ASP E 72 47.95 26.17 -27.63
C ASP E 72 48.95 26.21 -26.48
N ILE E 73 48.85 25.26 -25.54
CA ILE E 73 49.86 25.12 -24.50
C ILE E 73 50.39 23.70 -24.50
N SER E 74 51.64 23.57 -24.04
CA SER E 74 52.20 22.32 -23.64
C SER E 74 52.78 22.50 -22.23
N PHE E 75 53.04 21.40 -21.54
CA PHE E 75 53.66 21.50 -20.26
C PHE E 75 54.38 20.24 -19.90
N THR E 76 55.36 20.37 -19.02
CA THR E 76 56.04 19.23 -18.37
C THR E 76 55.67 19.26 -16.90
N VAL E 77 54.96 18.23 -16.47
CA VAL E 77 54.59 18.10 -15.06
C VAL E 77 55.82 17.71 -14.19
N PRO E 78 55.76 17.97 -12.87
CA PRO E 78 56.84 17.58 -11.95
C PRO E 78 57.09 16.04 -11.88
N VAL E 79 58.31 15.64 -11.60
CA VAL E 79 58.68 14.22 -11.42
C VAL E 79 57.65 13.51 -10.51
N GLY E 80 57.12 12.37 -10.93
CA GLY E 80 56.36 11.54 -10.00
C GLY E 80 54.91 11.90 -10.02
N THR E 81 54.54 12.73 -10.99
CA THR E 81 53.15 13.13 -11.25
C THR E 81 52.83 12.78 -12.68
N TYR E 82 51.58 12.93 -13.06
CA TYR E 82 51.21 13.10 -14.46
C TYR E 82 50.18 14.25 -14.39
N GLY E 83 49.83 14.81 -15.54
CA GLY E 83 48.82 15.83 -15.57
C GLY E 83 47.45 15.27 -15.83
N ARG E 84 46.53 15.32 -14.89
CA ARG E 84 45.15 14.95 -15.27
C ARG E 84 44.40 16.15 -15.77
N ILE E 85 43.85 16.10 -16.98
CA ILE E 85 42.78 17.05 -17.40
C ILE E 85 41.42 16.64 -16.76
N ALA E 86 40.96 17.46 -15.82
CA ALA E 86 39.84 17.12 -15.00
C ALA E 86 38.71 18.12 -15.27
N PRO E 87 37.47 17.72 -15.03
CA PRO E 87 36.37 18.61 -15.31
C PRO E 87 36.27 19.77 -14.30
N ARG E 88 35.83 20.91 -14.80
CA ARG E 88 35.25 21.98 -13.96
C ARG E 88 33.86 21.59 -13.48
N SER E 89 33.55 21.88 -12.24
CA SER E 89 32.30 21.43 -11.64
C SER E 89 31.12 22.24 -12.15
N GLY E 90 31.36 23.50 -12.45
CA GLY E 90 30.26 24.40 -12.84
C GLY E 90 29.74 24.00 -14.19
N LEU E 91 30.66 23.68 -15.08
CA LEU E 91 30.38 23.20 -16.42
C LEU E 91 29.69 21.81 -16.44
N ALA E 92 30.16 20.89 -15.62
CA ALA E 92 29.49 19.60 -15.47
C ALA E 92 28.05 19.75 -14.98
N VAL E 93 27.84 20.69 -14.06
CA VAL E 93 26.55 20.90 -13.47
C VAL E 93 25.67 21.70 -14.40
N LYS E 94 26.17 22.80 -14.92
CA LYS E 94 25.28 23.70 -15.67
C LYS E 94 25.19 23.28 -17.12
N ASN E 95 26.18 22.52 -17.58
CA ASN E 95 26.34 22.30 -19.00
C ASN E 95 26.42 20.89 -19.48
N GLY E 96 26.67 19.94 -18.57
CA GLY E 96 26.55 18.55 -18.90
C GLY E 96 27.87 18.01 -19.45
N ILE E 97 28.94 18.71 -19.08
CA ILE E 97 30.25 18.60 -19.71
C ILE E 97 31.14 17.69 -18.86
N GLN E 98 31.79 16.76 -19.55
CA GLN E 98 32.73 15.84 -18.91
C GLN E 98 34.01 15.86 -19.73
N THR E 99 35.14 15.86 -19.05
CA THR E 99 36.39 15.67 -19.77
C THR E 99 36.54 14.21 -20.17
N GLY E 100 37.12 13.98 -21.36
CA GLY E 100 37.49 12.67 -21.83
C GLY E 100 39.00 12.61 -21.88
N ALA E 101 39.52 11.40 -22.17
CA ALA E 101 40.94 11.11 -22.22
C ALA E 101 41.56 11.66 -20.94
N GLY E 102 42.48 12.58 -21.07
CA GLY E 102 42.90 13.40 -19.94
C GLY E 102 44.13 13.01 -19.18
N VAL E 103 44.81 11.96 -19.59
CA VAL E 103 46.02 11.46 -18.92
C VAL E 103 47.22 11.95 -19.68
N VAL E 104 47.89 12.96 -19.12
CA VAL E 104 48.94 13.60 -19.87
C VAL E 104 50.27 13.17 -19.19
N ASP E 105 51.10 12.46 -19.94
CA ASP E 105 52.36 11.90 -19.43
C ASP E 105 53.38 13.03 -19.28
N ARG E 106 54.28 12.84 -18.32
CA ARG E 106 55.28 13.84 -18.01
C ARG E 106 56.17 14.14 -19.23
N ASP E 107 56.43 13.16 -20.08
CA ASP E 107 57.29 13.35 -21.29
C ASP E 107 56.53 13.91 -22.53
N TYR E 108 55.23 14.16 -22.41
CA TYR E 108 54.50 14.69 -23.56
C TYR E 108 54.84 16.21 -23.86
N THR E 109 55.15 16.49 -25.15
CA THR E 109 55.59 17.81 -25.57
C THR E 109 54.70 18.43 -26.63
N GLY E 110 53.66 17.70 -27.07
CA GLY E 110 52.74 18.27 -28.03
C GLY E 110 51.71 19.15 -27.37
N GLU E 111 50.87 19.79 -28.19
CA GLU E 111 49.77 20.58 -27.69
C GLU E 111 48.83 19.76 -26.82
N VAL E 112 48.49 20.27 -25.64
CA VAL E 112 47.48 19.61 -24.79
C VAL E 112 46.08 20.06 -25.27
N LYS E 113 45.37 19.20 -25.99
CA LYS E 113 44.01 19.59 -26.42
C LYS E 113 43.06 18.96 -25.45
N VAL E 114 41.86 19.49 -25.28
CA VAL E 114 40.97 18.96 -24.25
C VAL E 114 39.79 18.22 -24.93
N VAL E 115 39.58 16.96 -24.57
CA VAL E 115 38.41 16.19 -25.04
C VAL E 115 37.23 16.46 -24.11
N LEU E 116 36.14 16.91 -24.70
CA LEU E 116 34.89 17.20 -23.98
C LEU E 116 33.72 16.36 -24.49
N PHE E 117 33.09 15.62 -23.59
CA PHE E 117 31.81 14.99 -23.90
C PHE E 117 30.72 15.90 -23.39
N ASN E 118 29.72 16.19 -24.22
CA ASN E 118 28.58 16.97 -23.81
C ASN E 118 27.39 16.00 -23.59
N HIS E 119 26.90 15.88 -22.37
CA HIS E 119 25.83 14.88 -22.10
C HIS E 119 24.48 15.59 -21.98
N SER E 120 24.50 16.89 -22.22
CA SER E 120 23.24 17.72 -22.26
C SER E 120 22.58 17.69 -23.62
N GLN E 121 21.36 18.23 -23.67
CA GLN E 121 20.57 18.47 -24.88
C GLN E 121 20.93 19.75 -25.61
N ARG E 122 21.66 20.64 -24.97
CA ARG E 122 22.11 21.90 -25.55
C ARG E 122 23.56 21.82 -26.10
N ASP E 123 23.79 22.42 -27.27
CA ASP E 123 25.19 22.63 -27.75
C ASP E 123 25.97 23.47 -26.74
N PHE E 124 27.27 23.24 -26.57
CA PHE E 124 28.06 24.09 -25.65
C PHE E 124 29.05 24.99 -26.39
N ALA E 125 28.73 26.29 -26.48
CA ALA E 125 29.59 27.30 -27.12
C ALA E 125 30.82 27.65 -26.26
N ILE E 126 32.01 27.42 -26.80
CA ILE E 126 33.23 27.82 -26.11
C ILE E 126 33.85 28.87 -26.96
N LYS E 127 34.31 29.92 -26.29
CA LYS E 127 35.01 31.05 -26.94
C LYS E 127 36.45 31.06 -26.47
N LYS E 128 37.37 31.53 -27.30
CA LYS E 128 38.78 31.72 -26.88
C LYS E 128 38.76 32.51 -25.56
N GLY E 129 39.55 32.06 -24.59
CA GLY E 129 39.57 32.73 -23.30
C GLY E 129 38.70 32.09 -22.21
N ASP E 130 37.74 31.24 -22.58
CA ASP E 130 36.89 30.49 -21.59
C ASP E 130 37.66 29.34 -20.85
N ARG E 131 37.39 29.16 -19.57
CA ARG E 131 38.00 28.06 -18.81
C ARG E 131 37.18 26.80 -19.08
N VAL E 132 37.88 25.74 -19.47
CA VAL E 132 37.19 24.57 -20.05
C VAL E 132 37.47 23.28 -19.29
N ALA E 133 38.54 23.28 -18.48
CA ALA E 133 38.91 22.14 -17.63
C ALA E 133 39.91 22.61 -16.59
N GLN E 134 40.35 21.70 -15.74
CA GLN E 134 41.40 22.06 -14.82
C GLN E 134 42.51 21.00 -14.97
N LEU E 135 43.74 21.38 -14.71
CA LEU E 135 44.88 20.46 -14.73
C LEU E 135 45.31 20.10 -13.33
N ILE E 136 45.29 18.80 -12.99
CA ILE E 136 45.75 18.31 -11.65
C ILE E 136 47.06 17.54 -11.74
N LEU E 137 48.01 17.86 -10.85
CA LEU E 137 49.28 17.15 -10.83
C LEU E 137 49.16 15.96 -9.88
N GLU E 138 48.65 14.86 -10.42
CA GLU E 138 48.34 13.69 -9.65
C GLU E 138 49.63 12.98 -9.33
N LYS E 139 49.94 12.70 -8.05
CA LYS E 139 51.13 11.94 -7.73
C LYS E 139 50.80 10.50 -7.97
N ILE E 140 51.78 9.78 -8.50
CA ILE E 140 51.65 8.37 -8.91
C ILE E 140 52.93 7.65 -8.62
N VAL E 141 52.86 6.31 -8.59
CA VAL E 141 54.10 5.51 -8.73
C VAL E 141 54.40 5.21 -10.22
N ASP E 142 55.52 5.75 -10.72
CA ASP E 142 55.82 5.62 -12.14
C ASP E 142 57.01 4.70 -12.35
N ASP E 143 57.62 4.24 -11.28
CA ASP E 143 58.78 3.39 -11.44
C ASP E 143 58.58 2.02 -10.83
N ALA E 144 57.36 1.47 -10.89
CA ALA E 144 57.09 0.16 -10.25
C ALA E 144 57.68 -1.04 -11.00
N GLN E 145 58.39 -1.95 -10.36
CA GLN E 145 58.76 -3.16 -11.11
C GLN E 145 57.66 -4.23 -11.12
N ILE E 146 57.41 -4.77 -12.31
CA ILE E 146 56.33 -5.74 -12.46
C ILE E 146 56.82 -7.10 -12.08
N VAL E 147 56.10 -7.73 -11.16
CA VAL E 147 56.37 -9.13 -10.84
C VAL E 147 55.13 -9.95 -11.20
N VAL E 148 55.30 -10.94 -12.08
CA VAL E 148 54.26 -11.93 -12.40
C VAL E 148 54.25 -13.04 -11.34
N VAL E 149 53.09 -13.24 -10.68
CA VAL E 149 52.97 -14.25 -9.60
C VAL E 149 51.87 -15.25 -9.93
N ASP E 150 51.88 -16.39 -9.24
CA ASP E 150 50.86 -17.43 -9.42
C ASP E 150 49.54 -17.07 -8.71
N SER E 151 49.66 -16.31 -7.62
CA SER E 151 48.55 -16.04 -6.69
C SER E 151 48.81 -14.69 -6.06
N LEU E 152 47.75 -13.89 -5.85
CA LEU E 152 47.76 -12.65 -5.09
C LEU E 152 47.29 -12.86 -3.62
N GLU E 153 46.71 -14.02 -3.34
CA GLU E 153 46.15 -14.34 -2.02
C GLU E 153 47.18 -14.31 -0.85
N LYS F 27 46.67 13.26 7.99
CA LYS F 27 46.20 11.93 8.49
C LYS F 27 44.76 11.95 9.01
N VAL F 28 44.02 13.01 8.73
CA VAL F 28 42.61 13.06 9.14
C VAL F 28 41.72 13.65 8.06
N LEU F 29 40.55 13.03 7.90
CA LEU F 29 39.51 13.52 7.01
C LEU F 29 38.43 14.08 7.94
N LYS F 30 38.18 15.39 7.89
CA LYS F 30 37.19 16.00 8.76
C LYS F 30 35.87 16.03 8.09
N ILE F 31 34.84 15.55 8.78
CA ILE F 31 33.51 15.45 8.22
C ILE F 31 32.54 16.37 9.01
N GLN F 32 31.79 17.16 8.28
CA GLN F 32 30.69 17.89 8.93
C GLN F 32 29.35 17.37 8.40
N LEU F 33 28.51 16.91 9.34
CA LEU F 33 27.15 16.52 9.03
C LEU F 33 26.23 17.78 9.04
N ARG F 34 25.70 18.15 7.88
CA ARG F 34 24.91 19.38 7.77
C ARG F 34 23.42 19.15 8.14
N SER F 35 22.99 17.90 8.25
CA SER F 35 21.65 17.63 8.72
C SER F 35 21.61 16.20 9.19
N ALA F 36 20.45 15.83 9.74
CA ALA F 36 20.22 14.52 10.34
C ALA F 36 20.10 13.45 9.25
N SER F 37 19.81 13.88 8.01
CA SER F 37 19.75 12.96 6.84
C SER F 37 21.08 12.41 6.28
N ALA F 38 22.19 13.06 6.66
CA ALA F 38 23.54 12.78 6.22
C ALA F 38 24.07 11.50 6.86
N THR F 39 25.00 10.84 6.17
CA THR F 39 25.58 9.60 6.71
C THR F 39 27.09 9.83 6.78
N VAL F 40 27.75 9.45 7.88
CA VAL F 40 29.21 9.57 7.88
C VAL F 40 29.81 8.61 6.83
N PRO F 41 30.69 9.11 5.94
CA PRO F 41 31.34 8.22 4.98
C PRO F 41 32.07 7.07 5.67
N THR F 42 32.07 5.92 5.03
CA THR F 42 32.51 4.67 5.66
C THR F 42 33.63 4.11 4.83
N LYS F 43 34.63 3.50 5.46
CA LYS F 43 35.62 2.73 4.72
C LYS F 43 35.67 1.32 5.37
N GLY F 44 35.26 0.29 4.62
CA GLY F 44 35.38 -1.10 5.10
C GLY F 44 36.80 -1.53 5.44
N SER F 45 37.61 -1.79 4.43
CA SER F 45 38.97 -2.27 4.64
C SER F 45 39.93 -1.09 4.87
N ALA F 46 41.07 -1.37 5.50
CA ALA F 46 42.12 -0.37 5.68
C ALA F 46 42.87 -0.10 4.36
N THR F 47 42.55 -1.00 3.40
N THR F 47 42.74 -1.01 3.39
CA THR F 47 43.27 -1.28 2.15
CA THR F 47 43.45 -0.83 2.11
C THR F 47 42.34 -1.08 0.93
C THR F 47 42.55 -0.21 1.04
N ALA F 48 41.24 -0.39 1.19
CA ALA F 48 40.28 0.06 0.21
C ALA F 48 40.65 1.50 -0.10
N ALA F 49 40.55 1.86 -1.37
CA ALA F 49 40.84 3.21 -1.90
C ALA F 49 39.90 4.26 -1.35
N GLY F 50 38.61 3.97 -1.24
CA GLY F 50 37.66 5.06 -1.00
C GLY F 50 36.74 4.96 0.20
N TYR F 51 36.03 6.08 0.48
CA TYR F 51 35.03 6.19 1.53
C TYR F 51 33.71 6.32 0.85
N ASP F 52 32.75 5.50 1.28
CA ASP F 52 31.42 5.49 0.67
C ASP F 52 30.69 6.78 0.94
N ILE F 53 30.07 7.31 -0.11
N ILE F 53 30.05 7.32 -0.09
CA ILE F 53 29.29 8.54 -0.03
CA ILE F 53 29.34 8.59 0.01
C ILE F 53 27.81 8.16 -0.13
C ILE F 53 27.83 8.32 -0.22
N TYR F 54 26.98 8.78 0.70
CA TYR F 54 25.56 8.42 0.77
C TYR F 54 24.67 9.58 0.34
N ALA F 55 23.60 9.27 -0.39
CA ALA F 55 22.51 10.24 -0.61
C ALA F 55 21.83 10.59 0.73
N SER F 56 21.51 11.88 0.92
CA SER F 56 20.72 12.36 2.05
C SER F 56 19.28 12.63 1.66
N GLN F 57 18.97 12.67 0.35
CA GLN F 57 17.58 12.86 -0.16
C GLN F 57 17.35 11.96 -1.39
N ASP F 58 16.08 11.55 -1.54
CA ASP F 58 15.58 10.78 -2.69
C ASP F 58 15.79 11.57 -3.98
N ILE F 59 16.19 10.90 -5.05
CA ILE F 59 16.31 11.60 -6.33
C ILE F 59 16.32 10.57 -7.46
N THR F 60 15.83 10.96 -8.63
CA THR F 60 16.00 10.09 -9.80
C THR F 60 16.94 10.72 -10.82
N ILE F 61 17.92 9.92 -11.26
CA ILE F 61 18.78 10.34 -12.35
C ILE F 61 18.20 9.86 -13.67
N PRO F 62 17.81 10.82 -14.56
CA PRO F 62 17.08 10.44 -15.77
C PRO F 62 17.94 9.63 -16.70
N ALA F 63 17.32 8.67 -17.40
CA ALA F 63 18.03 7.82 -18.38
C ALA F 63 18.71 8.69 -19.42
N MET F 64 19.94 8.36 -19.79
CA MET F 64 20.66 9.16 -20.79
C MET F 64 20.84 10.64 -20.39
N GLY F 65 20.78 10.91 -19.09
CA GLY F 65 20.92 12.25 -18.61
C GLY F 65 21.67 12.36 -17.32
N GLN F 66 21.35 13.37 -16.52
CA GLN F 66 22.13 13.53 -15.29
C GLN F 66 21.28 14.06 -14.18
N GLY F 67 21.82 14.01 -12.95
CA GLY F 67 21.17 14.55 -11.79
C GLY F 67 22.20 14.82 -10.75
N MET F 68 21.80 15.64 -9.80
CA MET F 68 22.65 15.99 -8.71
C MET F 68 22.11 15.32 -7.44
N VAL F 69 22.98 14.64 -6.70
CA VAL F 69 22.61 13.94 -5.48
C VAL F 69 23.00 14.79 -4.28
N SER F 70 22.02 15.15 -3.43
CA SER F 70 22.35 15.78 -2.12
C SER F 70 23.01 14.74 -1.17
N THR F 71 24.04 15.17 -0.43
CA THR F 71 24.63 14.37 0.66
C THR F 71 24.44 15.02 2.06
N ASP F 72 24.24 16.34 2.14
CA ASP F 72 24.24 17.04 3.46
C ASP F 72 25.55 16.82 4.27
N ILE F 73 26.67 16.53 3.56
CA ILE F 73 28.00 16.59 4.20
C ILE F 73 28.90 17.68 3.58
N SER F 74 29.81 18.20 4.41
CA SER F 74 30.98 18.89 3.94
C SER F 74 32.19 18.09 4.49
N PHE F 75 33.33 18.20 3.81
CA PHE F 75 34.56 17.67 4.38
C PHE F 75 35.79 18.49 4.02
N THR F 76 36.86 18.27 4.80
CA THR F 76 38.18 18.86 4.57
C THR F 76 39.12 17.63 4.48
N VAL F 77 39.64 17.40 3.26
CA VAL F 77 40.55 16.33 3.00
C VAL F 77 41.93 16.60 3.65
N PRO F 78 42.76 15.55 3.86
CA PRO F 78 44.10 15.82 4.41
C PRO F 78 44.97 16.74 3.53
N VAL F 79 45.92 17.43 4.16
N VAL F 79 45.97 17.39 4.15
CA VAL F 79 46.99 18.16 3.47
CA VAL F 79 46.93 18.24 3.41
C VAL F 79 47.62 17.38 2.29
C VAL F 79 47.76 17.47 2.37
N GLY F 80 47.84 18.05 1.18
CA GLY F 80 48.54 17.43 0.04
C GLY F 80 47.59 16.51 -0.74
N THR F 81 46.27 16.67 -0.56
CA THR F 81 45.30 15.87 -1.30
C THR F 81 44.15 16.78 -1.76
N TYR F 82 43.38 16.30 -2.72
CA TYR F 82 42.04 16.74 -2.94
C TYR F 82 41.09 15.50 -2.79
N GLY F 83 39.81 15.80 -2.63
CA GLY F 83 38.81 14.76 -2.62
C GLY F 83 38.27 14.47 -4.01
N ARG F 84 38.48 13.28 -4.51
CA ARG F 84 37.88 12.93 -5.81
C ARG F 84 36.65 12.14 -5.57
N ILE F 85 35.51 12.63 -6.07
N ILE F 85 35.52 12.66 -6.07
CA ILE F 85 34.26 11.89 -5.95
CA ILE F 85 34.27 11.93 -6.12
C ILE F 85 34.18 10.96 -7.17
C ILE F 85 34.40 10.96 -7.28
N ALA F 86 34.50 9.67 -6.94
CA ALA F 86 34.72 8.65 -7.93
C ALA F 86 33.56 7.67 -7.96
N PRO F 87 33.34 6.98 -9.10
CA PRO F 87 32.20 6.10 -9.28
C PRO F 87 32.29 4.79 -8.47
N ARG F 88 31.15 4.37 -7.98
CA ARG F 88 31.03 2.98 -7.52
C ARG F 88 30.98 2.04 -8.70
N SER F 89 31.71 0.94 -8.59
CA SER F 89 31.84 0.05 -9.69
C SER F 89 30.59 -0.75 -10.02
N GLY F 90 29.79 -1.13 -9.01
CA GLY F 90 28.61 -1.93 -9.29
C GLY F 90 27.55 -1.07 -9.96
N LEU F 91 27.45 0.19 -9.53
CA LEU F 91 26.51 1.09 -10.18
C LEU F 91 26.89 1.44 -11.62
N ALA F 92 28.20 1.60 -11.91
CA ALA F 92 28.69 1.72 -13.30
C ALA F 92 28.16 0.58 -14.19
N VAL F 93 28.49 -0.64 -13.81
CA VAL F 93 28.04 -1.87 -14.51
C VAL F 93 26.50 -2.09 -14.57
N LYS F 94 25.85 -1.99 -13.42
CA LYS F 94 24.46 -2.38 -13.34
C LYS F 94 23.55 -1.29 -13.87
N ASN F 95 23.91 -0.01 -13.68
CA ASN F 95 22.96 1.09 -13.97
C ASN F 95 23.51 2.18 -14.91
N GLY F 96 24.70 1.98 -15.47
CA GLY F 96 25.31 2.92 -16.41
C GLY F 96 25.74 4.27 -15.80
N ILE F 97 25.96 4.25 -14.49
CA ILE F 97 26.21 5.44 -13.64
C ILE F 97 27.65 5.82 -13.69
N GLN F 98 27.89 7.10 -14.07
CA GLN F 98 29.24 7.71 -14.00
C GLN F 98 29.14 8.96 -13.11
N THR F 99 30.11 9.16 -12.21
CA THR F 99 30.30 10.46 -11.60
C THR F 99 30.90 11.50 -12.57
N GLY F 100 30.23 12.66 -12.59
CA GLY F 100 30.69 13.90 -13.21
C GLY F 100 31.33 14.85 -12.17
N ALA F 101 31.89 15.95 -12.66
CA ALA F 101 32.64 16.91 -11.81
C ALA F 101 33.62 16.16 -10.90
N GLY F 102 33.43 16.27 -9.58
CA GLY F 102 34.18 15.34 -8.69
C GLY F 102 35.51 15.78 -8.12
N VAL F 103 35.95 17.00 -8.43
CA VAL F 103 37.21 17.54 -7.87
C VAL F 103 36.83 18.47 -6.72
N VAL F 104 37.00 17.99 -5.51
CA VAL F 104 36.64 18.75 -4.30
C VAL F 104 37.92 19.27 -3.67
N ASP F 105 38.04 20.60 -3.63
CA ASP F 105 39.28 21.21 -3.15
C ASP F 105 39.35 21.09 -1.65
N ARG F 106 40.56 21.07 -1.11
N ARG F 106 40.57 21.05 -1.09
CA ARG F 106 40.77 20.99 0.34
CA ARG F 106 40.75 20.96 0.38
C ARG F 106 40.13 22.14 1.12
C ARG F 106 40.14 22.15 1.14
N ASP F 107 40.09 23.33 0.50
CA ASP F 107 39.45 24.51 1.10
C ASP F 107 37.92 24.58 0.93
N TYR F 108 37.28 23.57 0.32
CA TYR F 108 35.85 23.67 0.02
C TYR F 108 35.07 23.28 1.25
N THR F 109 34.12 24.12 1.63
CA THR F 109 33.32 23.93 2.87
C THR F 109 31.79 23.94 2.66
N GLY F 110 31.36 24.10 1.41
CA GLY F 110 29.95 23.98 1.02
C GLY F 110 29.52 22.52 1.04
N GLU F 111 28.23 22.27 0.83
CA GLU F 111 27.77 20.88 0.68
C GLU F 111 28.37 20.24 -0.57
N VAL F 112 28.86 19.01 -0.39
CA VAL F 112 29.34 18.20 -1.47
C VAL F 112 28.19 17.41 -2.07
N LYS F 113 27.70 17.89 -3.20
CA LYS F 113 26.71 17.14 -3.96
C LYS F 113 27.38 16.29 -5.02
N VAL F 114 26.72 15.21 -5.40
CA VAL F 114 27.30 14.26 -6.36
C VAL F 114 26.60 14.46 -7.70
N VAL F 115 27.37 14.86 -8.72
CA VAL F 115 26.94 14.81 -10.15
C VAL F 115 27.02 13.39 -10.69
N LEU F 116 25.88 12.89 -11.13
CA LEU F 116 25.79 11.59 -11.76
C LEU F 116 25.30 11.70 -13.20
N PHE F 117 26.08 11.11 -14.11
CA PHE F 117 25.61 10.86 -15.46
C PHE F 117 25.02 9.44 -15.61
N ASN F 118 23.81 9.34 -16.16
CA ASN F 118 23.14 8.06 -16.37
C ASN F 118 23.24 7.76 -17.88
N HIS F 119 24.14 6.83 -18.28
CA HIS F 119 24.30 6.41 -19.71
C HIS F 119 23.44 5.19 -20.09
N SER F 120 22.51 4.80 -19.20
CA SER F 120 21.59 3.71 -19.46
C SER F 120 20.28 4.24 -19.98
N GLN F 121 19.46 3.32 -20.51
CA GLN F 121 18.08 3.56 -20.94
C GLN F 121 17.04 3.62 -19.81
N ARG F 122 17.45 3.29 -18.59
CA ARG F 122 16.54 3.25 -17.45
C ARG F 122 16.77 4.41 -16.50
N ASP F 123 15.71 5.11 -16.07
CA ASP F 123 15.82 6.06 -14.95
C ASP F 123 16.50 5.35 -13.77
N PHE F 124 17.38 6.02 -13.01
CA PHE F 124 18.05 5.40 -11.85
C PHE F 124 17.56 6.09 -10.55
N ALA F 125 16.88 5.32 -9.71
CA ALA F 125 16.34 5.90 -8.48
C ALA F 125 17.24 5.65 -7.28
N ILE F 126 17.39 6.72 -6.48
CA ILE F 126 18.30 6.73 -5.33
C ILE F 126 17.35 7.08 -4.21
N LYS F 127 17.38 6.33 -3.13
CA LYS F 127 16.69 6.75 -1.90
C LYS F 127 17.71 7.33 -0.89
N LYS F 128 17.22 8.20 0.00
CA LYS F 128 18.03 8.65 1.16
C LYS F 128 18.72 7.40 1.75
N GLY F 129 20.03 7.50 1.99
CA GLY F 129 20.75 6.41 2.60
C GLY F 129 21.45 5.50 1.63
N ASP F 130 21.15 5.57 0.34
CA ASP F 130 21.85 4.72 -0.63
C ASP F 130 23.26 5.21 -0.84
N ARG F 131 24.22 4.28 -0.98
CA ARG F 131 25.55 4.57 -1.46
C ARG F 131 25.61 4.98 -2.95
N VAL F 132 26.19 6.15 -3.23
CA VAL F 132 26.13 6.72 -4.57
C VAL F 132 27.47 7.01 -5.25
N ALA F 133 28.55 7.02 -4.50
CA ALA F 133 29.83 7.37 -4.99
C ALA F 133 30.83 6.91 -3.93
N GLN F 134 32.11 6.99 -4.25
CA GLN F 134 33.13 6.86 -3.23
C GLN F 134 34.11 8.04 -3.30
N LEU F 135 34.63 8.47 -2.14
CA LEU F 135 35.53 9.61 -2.03
C LEU F 135 36.93 9.04 -1.91
N ILE F 136 37.84 9.47 -2.79
CA ILE F 136 39.27 9.04 -2.77
C ILE F 136 40.15 10.28 -2.44
N LEU F 137 41.09 10.06 -1.53
CA LEU F 137 41.96 11.10 -1.06
C LEU F 137 43.23 11.05 -1.90
N GLU F 138 43.13 11.69 -3.04
CA GLU F 138 44.17 11.62 -4.09
C GLU F 138 45.29 12.55 -3.71
N LYS F 139 46.51 12.03 -3.65
CA LYS F 139 47.68 12.84 -3.39
C LYS F 139 48.07 13.59 -4.67
N ILE F 140 48.47 14.84 -4.50
CA ILE F 140 48.74 15.74 -5.62
C ILE F 140 49.87 16.63 -5.17
N VAL F 141 50.50 17.29 -6.13
CA VAL F 141 51.45 18.37 -5.82
C VAL F 141 50.57 19.62 -5.89
N ASP F 142 50.30 20.23 -4.75
CA ASP F 142 49.33 21.33 -4.75
C ASP F 142 50.10 22.66 -4.57
N ASP F 143 51.42 22.57 -4.51
CA ASP F 143 52.22 23.75 -4.33
C ASP F 143 53.36 23.83 -5.37
N ALA F 144 53.09 23.50 -6.63
CA ALA F 144 54.13 23.57 -7.64
C ALA F 144 54.29 25.03 -8.02
N GLN F 145 55.42 25.38 -8.61
CA GLN F 145 55.69 26.74 -9.08
C GLN F 145 55.54 26.72 -10.61
N ILE F 146 54.70 27.57 -11.19
CA ILE F 146 54.63 27.62 -12.65
C ILE F 146 55.81 28.41 -13.20
N VAL F 147 56.57 27.82 -14.11
CA VAL F 147 57.61 28.59 -14.85
C VAL F 147 57.18 28.60 -16.32
N VAL F 148 57.17 29.77 -16.99
CA VAL F 148 56.85 29.85 -18.44
C VAL F 148 58.14 29.80 -19.27
N VAL F 149 58.24 28.83 -20.16
CA VAL F 149 59.47 28.56 -20.89
C VAL F 149 59.18 28.63 -22.39
N ASP F 150 60.21 28.90 -23.17
CA ASP F 150 60.07 28.99 -24.63
C ASP F 150 60.08 27.58 -25.15
N SER F 151 60.83 26.69 -24.51
CA SER F 151 60.92 25.29 -24.91
C SER F 151 60.93 24.40 -23.67
N LEU F 152 60.35 23.20 -23.78
CA LEU F 152 60.19 22.28 -22.63
C LEU F 152 61.38 21.34 -22.38
N LYS G 27 -3.16 -40.67 20.90
CA LYS G 27 -4.65 -40.73 21.10
C LYS G 27 -5.28 -40.30 19.77
N VAL G 28 -6.51 -39.80 19.75
CA VAL G 28 -7.21 -39.61 18.47
C VAL G 28 -7.28 -38.21 17.92
N LEU G 29 -7.02 -38.10 16.63
CA LEU G 29 -7.25 -36.88 15.88
C LEU G 29 -8.60 -36.89 15.20
N LYS G 30 -9.52 -36.04 15.64
CA LYS G 30 -10.84 -36.07 15.09
C LYS G 30 -10.89 -35.09 13.95
N ILE G 31 -11.41 -35.50 12.79
CA ILE G 31 -11.51 -34.61 11.66
C ILE G 31 -12.96 -34.43 11.25
N GLN G 32 -13.34 -33.18 11.00
CA GLN G 32 -14.66 -32.82 10.50
C GLN G 32 -14.48 -32.12 9.14
N LEU G 33 -15.01 -32.75 8.10
CA LEU G 33 -15.05 -32.20 6.73
C LEU G 33 -16.24 -31.24 6.54
N ARG G 34 -15.98 -30.02 6.10
CA ARG G 34 -17.05 -29.03 6.03
C ARG G 34 -17.64 -28.87 4.65
N SER G 35 -16.93 -29.38 3.66
CA SER G 35 -17.51 -29.49 2.34
C SER G 35 -16.85 -30.64 1.63
N ALA G 36 -17.33 -30.90 0.42
CA ALA G 36 -16.80 -31.98 -0.37
C ALA G 36 -15.49 -31.55 -1.00
N SER G 37 -15.17 -30.25 -0.95
CA SER G 37 -13.88 -29.74 -1.43
C SER G 37 -12.74 -30.09 -0.47
N ALA G 38 -13.07 -30.45 0.78
CA ALA G 38 -12.06 -30.76 1.82
C ALA G 38 -11.47 -32.14 1.63
N THR G 39 -10.22 -32.31 2.06
CA THR G 39 -9.59 -33.62 2.00
C THR G 39 -9.12 -33.99 3.39
N VAL G 40 -9.36 -35.23 3.82
CA VAL G 40 -8.80 -35.72 5.11
C VAL G 40 -7.27 -35.67 5.10
N PRO G 41 -6.61 -34.99 6.09
CA PRO G 41 -5.11 -35.02 6.12
C PRO G 41 -4.50 -36.43 6.05
N THR G 42 -3.33 -36.57 5.43
CA THR G 42 -2.70 -37.88 5.22
C THR G 42 -1.23 -37.84 5.61
N LYS G 43 -0.73 -38.95 6.14
CA LYS G 43 0.70 -39.21 6.33
C LYS G 43 1.19 -40.21 5.27
N GLY G 44 2.40 -39.99 4.77
CA GLY G 44 2.98 -40.84 3.77
C GLY G 44 4.00 -41.79 4.32
N SER G 45 4.24 -41.69 5.64
CA SER G 45 5.18 -42.57 6.34
C SER G 45 4.77 -42.68 7.80
N ALA G 46 4.97 -43.85 8.41
CA ALA G 46 4.49 -44.06 9.79
C ALA G 46 5.12 -43.12 10.83
N THR G 47 6.37 -42.75 10.60
CA THR G 47 7.15 -41.88 11.49
C THR G 47 7.28 -40.42 11.02
N ALA G 48 6.68 -40.05 9.90
CA ALA G 48 6.60 -38.62 9.51
C ALA G 48 6.03 -37.76 10.62
N ALA G 49 6.52 -36.52 10.71
CA ALA G 49 6.17 -35.63 11.78
C ALA G 49 4.74 -35.14 11.55
N GLY G 50 4.32 -35.11 10.30
CA GLY G 50 3.17 -34.31 9.94
C GLY G 50 2.18 -34.98 9.00
N TYR G 51 0.94 -34.47 8.99
CA TYR G 51 -0.12 -34.88 8.04
C TYR G 51 -0.25 -33.77 7.02
N ASP G 52 -0.32 -34.11 5.73
CA ASP G 52 -0.54 -33.07 4.70
C ASP G 52 -1.87 -32.35 4.83
N ILE G 53 -1.83 -31.04 4.69
CA ILE G 53 -3.02 -30.22 4.67
C ILE G 53 -3.21 -29.78 3.27
N TYR G 54 -4.44 -29.97 2.79
CA TYR G 54 -4.81 -29.77 1.40
C TYR G 54 -5.70 -28.54 1.31
N ALA G 55 -5.43 -27.66 0.35
CA ALA G 55 -6.31 -26.54 0.09
C ALA G 55 -7.66 -27.08 -0.42
N SER G 56 -8.74 -26.49 0.08
CA SER G 56 -10.07 -26.85 -0.39
C SER G 56 -10.57 -25.82 -1.40
N GLN G 57 -9.90 -24.66 -1.46
CA GLN G 57 -10.27 -23.60 -2.40
C GLN G 57 -9.05 -23.14 -3.26
N ASP G 58 -9.30 -22.64 -4.48
CA ASP G 58 -8.22 -22.06 -5.32
C ASP G 58 -7.96 -20.68 -4.73
N ILE G 59 -6.72 -20.24 -4.75
CA ILE G 59 -6.33 -18.94 -4.21
C ILE G 59 -4.92 -18.54 -4.67
N THR G 60 -4.63 -17.24 -4.74
CA THR G 60 -3.24 -16.77 -4.94
C THR G 60 -2.66 -16.03 -3.72
N ILE G 61 -1.43 -16.39 -3.31
CA ILE G 61 -0.67 -15.68 -2.28
C ILE G 61 0.25 -14.69 -2.97
N PRO G 62 0.00 -13.38 -2.86
CA PRO G 62 0.78 -12.42 -3.67
C PRO G 62 2.29 -12.40 -3.31
N ALA G 63 3.17 -12.15 -4.29
CA ALA G 63 4.61 -11.96 -4.04
C ALA G 63 4.79 -10.98 -2.91
N MET G 64 5.76 -11.24 -2.05
N MET G 64 5.70 -11.30 -2.00
CA MET G 64 6.05 -10.35 -0.89
CA MET G 64 6.06 -10.40 -0.89
C MET G 64 4.79 -9.94 -0.13
C MET G 64 4.95 -10.14 0.13
N GLY G 65 3.86 -10.87 0.02
CA GLY G 65 2.65 -10.61 0.78
C GLY G 65 2.24 -11.84 1.55
N GLN G 66 0.93 -11.86 1.81
CA GLN G 66 0.31 -12.89 2.60
C GLN G 66 -1.09 -13.22 2.10
N GLY G 67 -1.57 -14.40 2.48
CA GLY G 67 -2.91 -14.81 2.08
C GLY G 67 -3.35 -15.88 3.03
N MET G 68 -4.62 -16.20 2.93
CA MET G 68 -5.25 -17.15 3.82
C MET G 68 -5.91 -18.26 3.03
N VAL G 69 -5.53 -19.51 3.29
CA VAL G 69 -5.94 -20.67 2.49
C VAL G 69 -7.05 -21.53 3.21
N SER G 70 -8.25 -21.63 2.60
CA SER G 70 -9.29 -22.56 3.06
C SER G 70 -8.97 -24.09 2.96
N THR G 71 -9.37 -24.82 4.01
CA THR G 71 -9.18 -26.26 4.09
C THR G 71 -10.50 -26.98 4.18
N ASP G 72 -11.53 -26.27 4.66
CA ASP G 72 -12.88 -26.78 4.93
C ASP G 72 -12.84 -27.96 5.89
N ILE G 73 -11.88 -27.93 6.80
CA ILE G 73 -11.80 -28.90 7.83
C ILE G 73 -11.66 -28.19 9.16
N SER G 74 -12.19 -28.84 10.18
CA SER G 74 -11.95 -28.53 11.59
C SER G 74 -11.34 -29.80 12.12
N PHE G 75 -10.56 -29.68 13.17
CA PHE G 75 -10.10 -30.87 13.92
C PHE G 75 -9.95 -30.64 15.44
N THR G 76 -9.99 -31.74 16.19
CA THR G 76 -9.71 -31.74 17.61
C THR G 76 -8.49 -32.69 17.85
N VAL G 77 -7.42 -32.16 18.41
CA VAL G 77 -6.14 -32.86 18.46
C VAL G 77 -6.12 -33.69 19.74
N PRO G 78 -5.27 -34.75 19.79
CA PRO G 78 -5.24 -35.45 21.05
C PRO G 78 -4.82 -34.61 22.25
N VAL G 79 -5.23 -35.08 23.41
CA VAL G 79 -4.93 -34.45 24.69
C VAL G 79 -3.39 -34.49 24.82
N GLY G 80 -2.77 -33.41 25.28
CA GLY G 80 -1.31 -33.43 25.48
C GLY G 80 -0.60 -32.80 24.28
N THR G 81 -1.39 -32.29 23.33
CA THR G 81 -0.87 -31.82 22.06
C THR G 81 -1.57 -30.54 21.70
N TYR G 82 -0.95 -29.80 20.77
CA TYR G 82 -1.74 -28.84 20.02
C TYR G 82 -1.42 -29.24 18.59
N GLY G 83 -2.24 -28.77 17.67
CA GLY G 83 -1.97 -28.93 16.24
C GLY G 83 -1.14 -27.74 15.71
N ARG G 84 0.10 -28.00 15.32
CA ARG G 84 0.85 -26.97 14.66
C ARG G 84 0.76 -27.06 13.13
N ILE G 85 0.28 -25.99 12.46
CA ILE G 85 0.33 -25.85 10.99
C ILE G 85 1.70 -25.35 10.66
N ALA G 86 2.49 -26.26 10.07
CA ALA G 86 3.90 -26.08 9.82
C ALA G 86 4.08 -26.05 8.29
N PRO G 87 5.24 -25.52 7.84
CA PRO G 87 5.59 -25.42 6.42
C PRO G 87 5.96 -26.76 5.76
N ARG G 88 5.47 -26.95 4.55
CA ARG G 88 6.12 -27.95 3.65
C ARG G 88 7.44 -27.39 3.12
N SER G 89 8.49 -28.20 3.16
CA SER G 89 9.84 -27.75 2.85
C SER G 89 9.95 -27.36 1.39
N GLY G 90 9.43 -28.19 0.49
CA GLY G 90 9.48 -27.91 -0.96
C GLY G 90 8.97 -26.50 -1.29
N LEU G 91 7.78 -26.14 -0.75
CA LEU G 91 7.18 -24.84 -0.96
C LEU G 91 8.03 -23.66 -0.50
N ALA G 92 8.82 -23.86 0.55
CA ALA G 92 9.65 -22.79 1.04
C ALA G 92 10.79 -22.52 0.07
N VAL G 93 11.60 -23.56 -0.19
CA VAL G 93 12.69 -23.55 -1.23
C VAL G 93 12.20 -23.07 -2.62
N LYS G 94 11.19 -23.73 -3.19
CA LYS G 94 10.77 -23.42 -4.54
C LYS G 94 9.95 -22.14 -4.66
N ASN G 95 9.19 -21.79 -3.63
CA ASN G 95 8.17 -20.72 -3.79
C ASN G 95 8.29 -19.58 -2.77
N GLY G 96 9.18 -19.76 -1.80
CA GLY G 96 9.38 -18.84 -0.70
C GLY G 96 8.26 -18.75 0.32
N ILE G 97 7.52 -19.82 0.46
CA ILE G 97 6.36 -19.88 1.32
C ILE G 97 6.74 -20.18 2.76
N GLN G 98 6.08 -19.49 3.68
CA GLN G 98 6.29 -19.73 5.11
C GLN G 98 4.92 -19.79 5.72
N THR G 99 4.65 -20.64 6.72
CA THR G 99 3.31 -20.56 7.41
C THR G 99 3.37 -19.45 8.47
N GLY G 100 2.27 -18.68 8.59
CA GLY G 100 2.09 -17.88 9.80
C GLY G 100 1.13 -18.53 10.79
N ALA G 101 0.77 -17.79 11.84
CA ALA G 101 -0.12 -18.30 12.90
C ALA G 101 0.28 -19.74 13.17
N GLY G 102 -0.65 -20.68 13.11
CA GLY G 102 -0.18 -22.06 13.24
C GLY G 102 -0.42 -22.83 14.50
N VAL G 103 -0.80 -22.15 15.57
CA VAL G 103 -1.11 -22.79 16.85
C VAL G 103 -2.62 -23.10 16.92
N VAL G 104 -2.96 -24.35 16.57
CA VAL G 104 -4.35 -24.77 16.61
C VAL G 104 -4.56 -25.46 17.95
N ASP G 105 -5.43 -24.86 18.75
CA ASP G 105 -5.69 -25.27 20.15
C ASP G 105 -6.60 -26.46 20.15
N ARG G 106 -6.55 -27.30 21.20
CA ARG G 106 -7.43 -28.50 21.32
C ARG G 106 -8.91 -28.12 21.35
N ASP G 107 -9.22 -26.94 21.85
CA ASP G 107 -10.62 -26.48 21.92
C ASP G 107 -11.17 -25.77 20.68
N TYR G 108 -10.37 -25.74 19.62
CA TYR G 108 -10.72 -25.01 18.42
C TYR G 108 -11.57 -25.89 17.55
N THR G 109 -12.75 -25.40 17.18
CA THR G 109 -13.72 -26.15 16.41
C THR G 109 -14.07 -25.36 15.12
N GLY G 110 -13.44 -24.21 14.94
CA GLY G 110 -13.71 -23.40 13.75
C GLY G 110 -12.94 -24.01 12.57
N GLU G 111 -13.24 -23.51 11.39
CA GLU G 111 -12.44 -23.85 10.23
C GLU G 111 -10.92 -23.51 10.34
N VAL G 112 -10.08 -24.52 10.19
CA VAL G 112 -8.66 -24.27 10.19
C VAL G 112 -8.17 -23.71 8.82
N LYS G 113 -7.74 -22.44 8.81
CA LYS G 113 -7.22 -21.82 7.57
C LYS G 113 -5.72 -21.69 7.75
N VAL G 114 -4.97 -21.94 6.69
CA VAL G 114 -3.53 -21.75 6.69
C VAL G 114 -3.14 -20.30 6.29
N VAL G 115 -2.53 -19.55 7.22
CA VAL G 115 -1.85 -18.29 6.92
C VAL G 115 -0.56 -18.60 6.13
N LEU G 116 -0.44 -18.08 4.89
CA LEU G 116 0.87 -18.22 4.19
C LEU G 116 1.50 -16.84 4.01
N PHE G 117 2.80 -16.74 4.28
CA PHE G 117 3.59 -15.58 3.85
C PHE G 117 4.42 -15.96 2.63
N ASN G 118 4.41 -15.10 1.61
CA ASN G 118 5.14 -15.35 0.41
C ASN G 118 6.37 -14.45 0.35
N HIS G 119 7.54 -15.01 0.59
CA HIS G 119 8.77 -14.22 0.65
C HIS G 119 9.46 -13.96 -0.70
N SER G 120 8.88 -14.53 -1.76
CA SER G 120 9.44 -14.48 -3.11
C SER G 120 8.89 -13.32 -3.91
N GLN G 121 9.45 -13.17 -5.11
CA GLN G 121 9.01 -12.17 -6.07
C GLN G 121 7.92 -12.64 -7.00
N ARG G 122 7.47 -13.88 -6.80
CA ARG G 122 6.50 -14.53 -7.68
C ARG G 122 5.23 -14.78 -6.90
N ASP G 123 4.06 -14.37 -7.43
CA ASP G 123 2.77 -14.77 -6.86
C ASP G 123 2.74 -16.28 -6.78
N PHE G 124 2.16 -16.85 -5.72
CA PHE G 124 2.05 -18.28 -5.56
C PHE G 124 0.64 -18.82 -5.78
N ALA G 125 0.44 -19.57 -6.88
CA ALA G 125 -0.86 -20.07 -7.28
C ALA G 125 -1.25 -21.37 -6.59
N ILE G 126 -2.46 -21.42 -6.07
CA ILE G 126 -2.93 -22.59 -5.36
C ILE G 126 -4.21 -23.11 -5.99
N LYS G 127 -4.25 -24.41 -6.29
CA LYS G 127 -5.51 -25.04 -6.73
C LYS G 127 -6.07 -25.91 -5.64
N LYS G 128 -7.41 -26.01 -5.59
CA LYS G 128 -8.07 -26.99 -4.74
C LYS G 128 -7.31 -28.30 -4.84
N GLY G 129 -6.98 -28.86 -3.68
CA GLY G 129 -6.38 -30.18 -3.62
C GLY G 129 -4.88 -30.08 -3.54
N ASP G 130 -4.34 -28.87 -3.63
CA ASP G 130 -2.89 -28.71 -3.54
C ASP G 130 -2.48 -28.92 -2.07
N ARG G 131 -1.33 -29.54 -1.81
CA ARG G 131 -0.83 -29.62 -0.42
C ARG G 131 -0.15 -28.29 -0.08
N VAL G 132 -0.62 -27.59 0.96
CA VAL G 132 -0.17 -26.23 1.26
C VAL G 132 0.57 -26.03 2.60
N ALA G 133 0.54 -27.10 3.42
CA ALA G 133 1.12 -27.13 4.74
C ALA G 133 1.11 -28.55 5.29
N GLN G 134 1.58 -28.70 6.53
CA GLN G 134 1.42 -29.95 7.23
C GLN G 134 0.97 -29.72 8.65
N LEU G 135 0.25 -30.67 9.21
CA LEU G 135 -0.25 -30.57 10.55
C LEU G 135 0.57 -31.49 11.45
N ILE G 136 1.26 -30.93 12.46
CA ILE G 136 2.07 -31.73 13.39
C ILE G 136 1.37 -31.77 14.76
N LEU G 137 1.26 -32.96 15.36
CA LEU G 137 0.66 -33.07 16.69
C LEU G 137 1.74 -33.01 17.75
N GLU G 138 2.15 -31.76 17.98
CA GLU G 138 3.16 -31.36 18.92
C GLU G 138 2.71 -31.63 20.33
N LYS G 139 3.56 -32.33 21.04
CA LYS G 139 3.35 -32.64 22.41
C LYS G 139 3.84 -31.49 23.24
N ILE G 140 3.10 -31.18 24.30
CA ILE G 140 3.35 -30.02 25.16
C ILE G 140 2.92 -30.37 26.58
N VAL G 141 3.40 -29.57 27.56
CA VAL G 141 2.86 -29.62 28.94
C VAL G 141 1.65 -28.65 28.97
N ASP G 142 0.45 -29.24 29.01
CA ASP G 142 -0.76 -28.44 28.97
C ASP G 142 -1.36 -28.31 30.37
N ASP G 143 -0.68 -28.88 31.38
CA ASP G 143 -1.29 -28.81 32.71
C ASP G 143 -0.32 -28.37 33.76
N ALA G 144 0.59 -27.48 33.40
CA ALA G 144 1.60 -27.04 34.33
C ALA G 144 0.96 -26.16 35.39
N GLN G 145 1.66 -25.99 36.48
CA GLN G 145 1.23 -25.06 37.49
C GLN G 145 2.29 -23.94 37.46
N ILE G 146 1.85 -22.71 37.70
CA ILE G 146 2.80 -21.61 37.81
C ILE G 146 3.17 -21.37 39.25
N VAL G 147 4.45 -21.05 39.45
CA VAL G 147 4.96 -20.49 40.74
C VAL G 147 5.71 -19.19 40.37
N VAL G 148 5.26 -18.09 40.98
CA VAL G 148 5.83 -16.77 40.83
C VAL G 148 6.91 -16.61 41.90
N VAL G 149 8.15 -16.42 41.45
CA VAL G 149 9.31 -16.36 42.35
C VAL G 149 10.01 -14.99 42.23
N ASP G 150 10.85 -14.68 43.23
CA ASP G 150 11.63 -13.44 43.29
C ASP G 150 12.78 -13.43 42.31
N SER G 151 13.55 -14.51 42.29
N SER G 151 13.57 -14.49 42.28
CA SER G 151 14.60 -14.72 41.32
CA SER G 151 14.63 -14.68 41.30
C SER G 151 14.54 -16.16 40.87
C SER G 151 14.60 -16.14 40.89
N LEU G 152 14.92 -16.40 39.62
CA LEU G 152 14.95 -17.75 39.06
C LEU G 152 16.24 -18.45 39.52
N GLU G 153 17.26 -17.66 39.82
CA GLU G 153 18.49 -18.14 40.48
C GLU G 153 19.30 -19.10 39.62
N LYS H 27 16.91 -43.01 23.27
CA LYS H 27 16.76 -41.84 22.37
C LYS H 27 18.15 -41.38 21.90
N VAL H 28 18.50 -41.86 20.73
CA VAL H 28 19.78 -41.61 20.11
C VAL H 28 19.53 -40.72 18.89
N LEU H 29 20.29 -39.64 18.79
CA LEU H 29 20.42 -38.85 17.56
C LEU H 29 21.63 -39.34 16.69
N LYS H 30 21.34 -40.02 15.57
CA LYS H 30 22.39 -40.53 14.67
C LYS H 30 22.74 -39.44 13.67
N ILE H 31 24.01 -39.13 13.54
CA ILE H 31 24.42 -38.06 12.63
C ILE H 31 25.33 -38.67 11.57
N GLN H 32 25.12 -38.31 10.30
CA GLN H 32 26.04 -38.78 9.27
C GLN H 32 26.76 -37.57 8.73
N LEU H 33 28.09 -37.59 8.77
CA LEU H 33 28.86 -36.45 8.21
C LEU H 33 29.11 -36.76 6.74
N ARG H 34 28.54 -35.93 5.88
CA ARG H 34 28.60 -36.17 4.45
C ARG H 34 29.92 -35.72 3.85
N SER H 35 30.66 -34.88 4.55
CA SER H 35 31.99 -34.46 4.09
C SER H 35 32.83 -33.86 5.20
N ALA H 36 34.10 -33.65 4.85
CA ALA H 36 35.10 -32.99 5.64
C ALA H 36 34.67 -31.60 6.15
N SER H 37 33.85 -30.90 5.38
CA SER H 37 33.39 -29.56 5.71
C SER H 37 32.26 -29.48 6.71
N ALA H 38 31.64 -30.63 6.99
CA ALA H 38 30.54 -30.72 7.94
C ALA H 38 31.01 -30.57 9.39
N THR H 39 30.13 -30.05 10.25
CA THR H 39 30.34 -30.13 11.72
C THR H 39 29.22 -30.88 12.44
N VAL H 40 29.61 -31.83 13.30
CA VAL H 40 28.64 -32.52 14.17
C VAL H 40 27.92 -31.50 15.03
N PRO H 41 26.55 -31.45 14.98
CA PRO H 41 25.85 -30.55 15.91
C PRO H 41 26.26 -30.76 17.38
N THR H 42 26.31 -29.68 18.14
CA THR H 42 26.83 -29.60 19.49
C THR H 42 25.79 -28.79 20.28
N LYS H 43 25.52 -29.16 21.52
CA LYS H 43 24.80 -28.29 22.43
C LYS H 43 25.76 -27.22 22.93
N GLY H 44 25.24 -26.00 23.07
CA GLY H 44 26.04 -24.92 23.63
C GLY H 44 26.04 -24.82 25.13
N SER H 45 25.15 -25.52 25.81
CA SER H 45 25.25 -25.75 27.27
C SER H 45 24.51 -27.01 27.60
N ALA H 46 24.65 -27.48 28.84
CA ALA H 46 24.10 -28.77 29.24
C ALA H 46 22.60 -28.87 29.03
N THR H 47 21.89 -27.80 29.33
CA THR H 47 20.42 -27.82 29.32
C THR H 47 19.81 -27.01 28.20
N ALA H 48 20.58 -26.77 27.13
CA ALA H 48 20.03 -26.15 25.93
C ALA H 48 18.95 -27.04 25.35
N ALA H 49 17.89 -26.41 24.86
CA ALA H 49 16.87 -27.13 24.15
C ALA H 49 17.43 -27.80 22.90
N GLY H 50 18.39 -27.12 22.23
CA GLY H 50 18.73 -27.48 20.86
C GLY H 50 20.19 -27.70 20.59
N TYR H 51 20.48 -28.29 19.44
CA TYR H 51 21.86 -28.52 19.01
C TYR H 51 22.25 -27.52 17.95
N ASP H 52 23.45 -26.95 18.07
CA ASP H 52 23.83 -25.95 17.08
C ASP H 52 24.02 -26.58 15.70
N ILE H 53 23.54 -25.87 14.68
CA ILE H 53 23.72 -26.30 13.28
C ILE H 53 24.70 -25.37 12.60
N TYR H 54 25.76 -25.92 11.99
CA TYR H 54 26.86 -25.17 11.39
C TYR H 54 26.87 -25.19 9.87
N ALA H 55 27.15 -24.03 9.25
CA ALA H 55 27.32 -24.00 7.81
C ALA H 55 28.54 -24.86 7.38
N SER H 56 28.46 -25.53 6.22
CA SER H 56 29.65 -26.17 5.62
C SER H 56 30.20 -25.29 4.51
N GLN H 57 29.47 -24.23 4.17
CA GLN H 57 29.83 -23.45 2.98
C GLN H 57 29.38 -22.01 3.19
N ASP H 58 30.18 -21.10 2.68
CA ASP H 58 29.95 -19.67 2.77
C ASP H 58 28.72 -19.40 1.98
N ILE H 59 27.96 -18.43 2.41
CA ILE H 59 26.80 -18.08 1.64
C ILE H 59 26.40 -16.75 2.18
N THR H 60 25.61 -16.00 1.41
CA THR H 60 25.05 -14.78 1.88
C THR H 60 23.53 -14.87 1.71
N ILE H 61 22.81 -14.40 2.72
CA ILE H 61 21.40 -14.34 2.69
C ILE H 61 21.08 -12.87 2.36
N PRO H 62 20.57 -12.60 1.14
CA PRO H 62 20.39 -11.22 0.72
C PRO H 62 19.33 -10.48 1.59
N ALA H 63 19.54 -9.18 1.82
CA ALA H 63 18.61 -8.38 2.59
C ALA H 63 17.23 -8.57 1.99
N MET H 64 16.24 -8.73 2.87
CA MET H 64 14.84 -8.87 2.46
C MET H 64 14.60 -10.10 1.58
N GLY H 65 15.50 -11.05 1.60
CA GLY H 65 15.47 -12.13 0.62
C GLY H 65 15.55 -13.47 1.33
N GLN H 66 15.93 -14.53 0.59
CA GLN H 66 16.16 -15.83 1.23
C GLN H 66 17.41 -16.46 0.69
N GLY H 67 17.88 -17.49 1.38
CA GLY H 67 19.05 -18.27 0.97
C GLY H 67 18.90 -19.63 1.58
N MET H 68 19.70 -20.59 1.13
CA MET H 68 19.74 -21.91 1.71
C MET H 68 21.20 -22.26 2.05
N VAL H 69 21.42 -22.74 3.27
CA VAL H 69 22.78 -22.90 3.82
C VAL H 69 23.03 -24.39 3.77
N SER H 70 24.18 -24.81 3.21
CA SER H 70 24.54 -26.22 3.24
C SER H 70 25.13 -26.60 4.59
N THR H 71 24.89 -27.83 5.01
CA THR H 71 25.48 -28.37 6.25
C THR H 71 26.36 -29.57 6.04
N ASP H 72 26.17 -30.24 4.92
CA ASP H 72 26.77 -31.53 4.65
C ASP H 72 26.48 -32.55 5.77
N ILE H 73 25.31 -32.41 6.42
CA ILE H 73 24.90 -33.44 7.41
C ILE H 73 23.58 -34.07 7.04
N SER H 74 23.45 -35.34 7.42
CA SER H 74 22.16 -36.00 7.51
C SER H 74 22.02 -36.56 8.91
N PHE H 75 20.78 -36.74 9.36
CA PHE H 75 20.57 -37.34 10.68
C PHE H 75 19.24 -38.08 10.80
N THR H 76 19.21 -39.01 11.74
CA THR H 76 17.98 -39.67 12.21
C THR H 76 17.64 -39.30 13.67
N VAL H 77 16.55 -38.55 13.85
CA VAL H 77 16.07 -38.18 15.19
C VAL H 77 15.54 -39.37 15.98
N PRO H 78 15.50 -39.27 17.33
CA PRO H 78 14.93 -40.42 18.10
C PRO H 78 13.44 -40.69 17.74
N VAL H 79 13.02 -41.93 17.95
CA VAL H 79 11.63 -42.38 17.79
C VAL H 79 10.67 -41.45 18.59
N GLY H 80 9.51 -41.12 18.04
CA GLY H 80 8.58 -40.22 18.72
C GLY H 80 8.91 -38.72 18.61
N THR H 81 9.86 -38.38 17.74
CA THR H 81 10.19 -37.00 17.47
C THR H 81 10.26 -36.67 15.99
N TYR H 82 10.37 -35.38 15.70
CA TYR H 82 10.94 -34.91 14.43
C TYR H 82 12.01 -33.87 14.75
N GLY H 83 12.81 -33.55 13.77
CA GLY H 83 13.88 -32.55 14.03
C GLY H 83 13.41 -31.19 13.53
N ARG H 84 13.28 -30.22 14.43
CA ARG H 84 12.91 -28.89 13.97
C ARG H 84 14.14 -28.03 13.85
N ILE H 85 14.35 -27.53 12.63
CA ILE H 85 15.42 -26.54 12.38
C ILE H 85 14.84 -25.20 12.77
N ALA H 86 15.31 -24.73 13.94
CA ALA H 86 14.78 -23.49 14.57
C ALA H 86 15.83 -22.33 14.57
N PRO H 87 15.35 -21.09 14.75
CA PRO H 87 16.28 -19.94 14.70
C PRO H 87 17.15 -19.80 15.95
N ARG H 88 18.33 -19.24 15.75
N ARG H 88 18.35 -19.28 15.75
CA ARG H 88 19.22 -18.76 16.83
CA ARG H 88 19.20 -18.77 16.86
C ARG H 88 18.74 -17.37 17.18
C ARG H 88 18.70 -17.39 17.18
N SER H 89 18.50 -17.13 18.46
CA SER H 89 17.88 -15.91 18.88
C SER H 89 18.69 -14.65 18.52
N GLY H 90 19.99 -14.74 18.65
CA GLY H 90 20.90 -13.63 18.40
C GLY H 90 20.86 -13.21 16.93
N LEU H 91 20.80 -14.18 16.01
CA LEU H 91 20.65 -13.91 14.58
C LEU H 91 19.31 -13.26 14.32
N ALA H 92 18.29 -13.61 15.10
CA ALA H 92 16.92 -13.03 14.86
C ALA H 92 17.05 -11.59 15.26
N VAL H 93 17.49 -11.38 16.51
CA VAL H 93 17.63 -10.04 17.06
C VAL H 93 18.57 -9.11 16.30
N LYS H 94 19.76 -9.59 15.99
CA LYS H 94 20.75 -8.66 15.45
C LYS H 94 20.81 -8.55 13.94
N ASN H 95 20.26 -9.55 13.24
CA ASN H 95 20.39 -9.63 11.77
C ASN H 95 19.10 -9.83 11.00
N GLY H 96 17.97 -9.97 11.70
CA GLY H 96 16.65 -10.15 11.05
C GLY H 96 16.43 -11.54 10.49
N ILE H 97 17.18 -12.52 11.00
CA ILE H 97 17.11 -13.85 10.43
C ILE H 97 16.01 -14.77 11.04
N GLN H 98 15.27 -15.43 10.16
CA GLN H 98 14.26 -16.40 10.57
C GLN H 98 14.51 -17.67 9.80
N THR H 99 14.22 -18.85 10.35
CA THR H 99 14.32 -20.11 9.63
C THR H 99 13.03 -20.36 8.83
N GLY H 100 13.15 -20.91 7.63
CA GLY H 100 11.94 -21.41 6.91
C GLY H 100 11.93 -22.94 6.94
N ALA H 101 10.93 -23.56 6.29
CA ALA H 101 10.92 -25.03 6.23
C ALA H 101 11.19 -25.59 7.68
N GLY H 102 12.12 -26.48 7.90
CA GLY H 102 12.47 -26.78 9.31
C GLY H 102 11.91 -28.07 9.86
N VAL H 103 10.96 -28.69 9.17
CA VAL H 103 10.41 -30.02 9.59
C VAL H 103 11.24 -31.14 8.99
N VAL H 104 12.17 -31.66 9.77
CA VAL H 104 12.96 -32.78 9.31
C VAL H 104 12.35 -34.07 9.88
N ASP H 105 11.84 -34.92 8.98
CA ASP H 105 11.17 -36.17 9.36
C ASP H 105 12.19 -37.21 9.79
N ARG H 106 11.80 -38.10 10.69
CA ARG H 106 12.66 -39.20 11.14
C ARG H 106 13.20 -40.13 10.02
N ASP H 107 12.45 -40.24 8.92
CA ASP H 107 12.87 -41.12 7.86
C ASP H 107 13.62 -40.37 6.73
N TYR H 108 13.93 -39.11 6.92
CA TYR H 108 14.66 -38.34 5.92
C TYR H 108 16.15 -38.62 6.03
N THR H 109 16.76 -39.03 4.92
CA THR H 109 18.17 -39.32 4.81
C THR H 109 18.91 -38.45 3.78
N GLY H 110 18.28 -37.40 3.22
CA GLY H 110 19.03 -36.45 2.40
C GLY H 110 19.85 -35.44 3.26
N GLU H 111 20.55 -34.53 2.59
CA GLU H 111 21.30 -33.52 3.34
C GLU H 111 20.35 -32.53 3.93
N VAL H 112 20.51 -32.20 5.21
CA VAL H 112 19.67 -31.17 5.82
C VAL H 112 20.28 -29.84 5.39
N LYS H 113 19.49 -29.02 4.71
CA LYS H 113 19.84 -27.64 4.34
C LYS H 113 18.95 -26.69 5.18
N VAL H 114 19.52 -25.57 5.53
CA VAL H 114 18.83 -24.66 6.38
C VAL H 114 18.21 -23.56 5.48
N VAL H 115 16.91 -23.38 5.52
CA VAL H 115 16.30 -22.23 4.82
C VAL H 115 16.29 -20.99 5.72
N LEU H 116 16.85 -19.84 5.24
CA LEU H 116 16.86 -18.60 6.05
C LEU H 116 16.19 -17.52 5.27
N PHE H 117 15.23 -16.88 5.91
CA PHE H 117 14.71 -15.59 5.48
C PHE H 117 15.44 -14.44 6.19
N ASN H 118 15.78 -13.37 5.47
CA ASN H 118 16.43 -12.14 6.01
C ASN H 118 15.39 -11.00 5.88
N HIS H 119 14.85 -10.52 7.01
CA HIS H 119 13.84 -9.47 7.10
C HIS H 119 14.52 -8.11 7.24
N SER H 120 15.83 -8.10 7.35
CA SER H 120 16.54 -6.81 7.42
C SER H 120 16.95 -6.21 6.07
N GLN H 121 17.52 -5.00 6.14
CA GLN H 121 18.03 -4.29 4.99
C GLN H 121 19.49 -4.59 4.71
N ARG H 122 20.07 -5.52 5.46
CA ARG H 122 21.52 -5.82 5.40
C ARG H 122 21.70 -7.27 5.00
N ASP H 123 22.43 -7.51 3.89
CA ASP H 123 22.85 -8.86 3.57
C ASP H 123 23.43 -9.52 4.80
N PHE H 124 23.20 -10.82 4.96
CA PHE H 124 23.78 -11.53 6.09
C PHE H 124 24.84 -12.51 5.55
N ALA H 125 26.10 -12.26 5.90
CA ALA H 125 27.24 -13.05 5.44
C ALA H 125 27.47 -14.21 6.37
N ILE H 126 27.49 -15.42 5.78
CA ILE H 126 27.68 -16.65 6.53
C ILE H 126 28.98 -17.25 6.06
N LYS H 127 29.83 -17.61 7.02
CA LYS H 127 31.04 -18.38 6.72
C LYS H 127 30.89 -19.86 6.99
N LYS H 128 31.58 -20.69 6.22
CA LYS H 128 31.76 -22.09 6.62
C LYS H 128 32.12 -22.16 8.12
N GLY H 129 31.40 -22.95 8.90
CA GLY H 129 31.77 -23.06 10.33
C GLY H 129 30.94 -22.14 11.23
N ASP H 130 30.16 -21.24 10.66
CA ASP H 130 29.23 -20.46 11.47
C ASP H 130 28.04 -21.29 11.90
N ARG H 131 27.54 -20.93 13.09
CA ARG H 131 26.29 -21.47 13.60
C ARG H 131 25.14 -20.73 12.98
N VAL H 132 24.19 -21.46 12.39
CA VAL H 132 23.22 -20.74 11.55
C VAL H 132 21.79 -20.96 12.00
N ALA H 133 21.62 -21.93 12.87
CA ALA H 133 20.32 -22.43 13.30
C ALA H 133 20.49 -23.39 14.45
N GLN H 134 19.39 -23.81 15.04
CA GLN H 134 19.51 -24.92 16.04
C GLN H 134 18.50 -26.10 15.75
N LEU H 135 18.94 -27.29 16.09
CA LEU H 135 18.12 -28.49 15.95
C LEU H 135 17.46 -28.84 17.28
N ILE H 136 16.13 -28.79 17.32
CA ILE H 136 15.37 -29.20 18.48
C ILE H 136 14.64 -30.52 18.16
N LEU H 137 14.84 -31.53 19.01
CA LEU H 137 14.12 -32.84 18.91
C LEU H 137 12.75 -32.74 19.54
N GLU H 138 11.79 -32.20 18.76
CA GLU H 138 10.42 -31.97 19.20
C GLU H 138 9.66 -33.30 19.34
N LYS H 139 9.08 -33.54 20.53
CA LYS H 139 8.17 -34.67 20.78
C LYS H 139 6.80 -34.46 20.17
N ILE H 140 6.24 -35.52 19.59
CA ILE H 140 5.00 -35.39 18.77
C ILE H 140 4.29 -36.76 18.95
N VAL H 141 3.01 -36.78 18.66
CA VAL H 141 2.28 -38.03 18.48
C VAL H 141 2.37 -38.35 16.98
N ASP H 142 3.12 -39.38 16.66
CA ASP H 142 3.26 -39.77 15.25
C ASP H 142 2.38 -40.96 14.88
N ASP H 143 1.69 -41.53 15.86
CA ASP H 143 0.79 -42.65 15.62
C ASP H 143 -0.69 -42.37 16.02
N ALA H 144 -1.20 -41.17 15.80
CA ALA H 144 -2.58 -40.89 16.19
C ALA H 144 -3.51 -41.70 15.28
N GLN H 145 -4.73 -41.95 15.70
CA GLN H 145 -5.73 -42.43 14.77
C GLN H 145 -6.51 -41.26 14.23
N ILE H 146 -6.77 -41.24 12.92
CA ILE H 146 -7.67 -40.23 12.35
C ILE H 146 -9.07 -40.80 12.39
N VAL H 147 -9.97 -40.01 12.93
CA VAL H 147 -11.37 -40.40 13.04
C VAL H 147 -12.15 -39.25 12.44
N VAL H 148 -13.03 -39.59 11.51
CA VAL H 148 -13.82 -38.61 10.80
C VAL H 148 -15.19 -38.58 11.46
N VAL H 149 -15.61 -37.40 11.91
CA VAL H 149 -16.88 -37.24 12.65
C VAL H 149 -17.72 -36.15 11.98
N ASP H 150 -19.02 -36.20 12.14
CA ASP H 150 -19.90 -35.16 11.56
C ASP H 150 -19.77 -33.77 12.19
N SER H 151 -19.62 -33.73 13.52
CA SER H 151 -19.44 -32.49 14.31
C SER H 151 -18.46 -32.84 15.41
N LEU H 152 -17.72 -31.84 15.88
CA LEU H 152 -16.53 -32.05 16.71
C LEU H 152 -16.81 -32.32 18.18
N ASP I 26 10.85 -29.20 36.29
CA ASP I 26 9.70 -29.31 37.27
C ASP I 26 8.44 -29.69 36.52
N LYS I 27 7.30 -29.82 37.21
CA LYS I 27 5.98 -29.83 36.54
C LYS I 27 5.52 -28.37 36.64
N VAL I 28 6.48 -27.53 37.02
CA VAL I 28 6.26 -26.16 37.41
C VAL I 28 6.93 -25.21 36.42
N LEU I 29 6.14 -24.32 35.86
CA LEU I 29 6.65 -23.13 35.22
C LEU I 29 6.99 -22.04 36.28
N LYS I 30 8.25 -21.66 36.44
CA LYS I 30 8.53 -20.57 37.40
C LYS I 30 8.55 -19.23 36.68
N ILE I 31 7.73 -18.28 37.16
CA ILE I 31 7.63 -16.92 36.59
C ILE I 31 8.28 -15.86 37.51
N GLN I 32 9.19 -15.07 36.95
CA GLN I 32 9.74 -13.94 37.68
C GLN I 32 9.25 -12.66 37.07
N LEU I 33 8.57 -11.82 37.87
CA LEU I 33 8.15 -10.52 37.39
C LEU I 33 9.31 -9.52 37.65
N ARG I 34 9.82 -8.89 36.61
CA ARG I 34 11.00 -8.00 36.74
C ARG I 34 10.61 -6.55 36.97
N SER I 35 9.35 -6.22 36.80
CA SER I 35 8.89 -4.90 37.13
C SER I 35 7.38 -4.90 37.38
N ALA I 36 6.88 -3.81 37.96
CA ALA I 36 5.44 -3.69 38.18
C ALA I 36 4.69 -3.67 36.85
N SER I 37 5.41 -3.66 35.74
CA SER I 37 4.76 -3.56 34.42
C SER I 37 4.51 -4.91 33.76
N ALA I 38 5.18 -5.94 34.29
CA ALA I 38 5.06 -7.31 33.82
C ALA I 38 3.75 -7.96 34.22
N THR I 39 3.23 -8.84 33.38
CA THR I 39 1.96 -9.53 33.65
C THR I 39 2.25 -11.01 33.70
N VAL I 40 1.77 -11.71 34.73
CA VAL I 40 1.92 -13.17 34.76
C VAL I 40 1.15 -13.80 33.57
N PRO I 41 1.84 -14.65 32.77
CA PRO I 41 1.17 -15.28 31.65
C PRO I 41 0.08 -16.21 32.14
N THR I 42 -1.05 -16.18 31.44
CA THR I 42 -2.19 -17.03 31.76
C THR I 42 -2.84 -17.52 30.47
N LYS I 43 -3.47 -18.70 30.50
CA LYS I 43 -3.98 -19.26 29.28
C LYS I 43 -5.25 -18.51 28.93
N GLY I 44 -5.58 -18.45 27.63
CA GLY I 44 -6.77 -17.71 27.22
C GLY I 44 -7.99 -18.56 27.53
N ALA I 46 -8.06 -22.40 30.00
CA ALA I 46 -8.01 -23.83 30.44
C ALA I 46 -7.37 -24.77 29.43
N THR I 47 -8.05 -24.93 28.28
CA THR I 47 -7.57 -25.92 27.30
C THR I 47 -6.76 -25.34 26.09
N ALA I 48 -6.38 -24.06 26.20
CA ALA I 48 -5.49 -23.42 25.26
C ALA I 48 -4.08 -24.06 25.39
N ALA I 49 -3.32 -24.04 24.32
CA ALA I 49 -1.97 -24.61 24.26
C ALA I 49 -0.93 -23.67 24.90
N GLY I 50 -1.17 -22.38 24.71
CA GLY I 50 -0.25 -21.32 25.10
C GLY I 50 -0.75 -20.37 26.15
N TYR I 51 0.19 -19.90 26.96
CA TYR I 51 0.01 -18.74 27.86
C TYR I 51 0.08 -17.40 27.12
N ASP I 52 -0.85 -16.47 27.42
CA ASP I 52 -0.79 -15.14 26.82
C ASP I 52 0.44 -14.41 27.35
N ILE I 53 1.21 -13.81 26.43
CA ILE I 53 2.37 -12.95 26.75
CA ILE I 53 2.36 -12.97 26.77
C ILE I 53 2.02 -11.52 26.50
N TYR I 54 2.29 -10.67 27.48
CA TYR I 54 1.84 -9.27 27.49
C TYR I 54 3.00 -8.32 27.34
N ALA I 55 2.77 -7.28 26.56
CA ALA I 55 3.75 -6.19 26.45
C ALA I 55 3.85 -5.48 27.79
N SER I 56 5.06 -5.16 28.19
CA SER I 56 5.23 -4.33 29.40
C SER I 56 5.63 -2.86 29.09
N GLN I 57 5.93 -2.57 27.83
CA GLN I 57 6.30 -1.24 27.42
C GLN I 57 5.63 -1.07 26.07
N ASP I 58 5.11 0.13 25.77
CA ASP I 58 4.66 0.47 24.40
C ASP I 58 5.79 0.33 23.37
N ILE I 59 5.38 0.04 22.14
N ILE I 59 5.40 0.00 22.14
CA ILE I 59 6.27 -0.01 21.01
CA ILE I 59 6.30 -0.10 21.00
C ILE I 59 5.40 -0.05 19.75
C ILE I 59 5.47 -0.19 19.71
N THR I 60 5.98 0.38 18.62
CA THR I 60 5.36 0.22 17.31
C THR I 60 6.26 -0.72 16.51
N ILE I 61 5.71 -1.84 15.96
CA ILE I 61 6.52 -2.66 15.00
C ILE I 61 6.36 -2.10 13.60
N PRO I 62 7.47 -1.63 12.98
CA PRO I 62 7.34 -0.86 11.70
C PRO I 62 6.88 -1.83 10.61
N ALA I 63 6.06 -1.35 9.65
CA ALA I 63 5.63 -2.18 8.50
C ALA I 63 6.82 -2.66 7.69
N MET I 64 6.80 -3.95 7.35
CA MET I 64 7.87 -4.60 6.60
C MET I 64 9.12 -4.67 7.43
N GLY I 65 8.95 -4.70 8.73
CA GLY I 65 10.08 -4.56 9.62
C GLY I 65 10.00 -5.41 10.85
N GLN I 66 10.76 -5.00 11.87
CA GLN I 66 10.94 -5.82 13.04
C GLN I 66 11.00 -4.94 14.30
N GLY I 67 10.50 -5.46 15.39
CA GLY I 67 10.68 -4.78 16.65
C GLY I 67 10.86 -5.83 17.70
N MET I 68 11.25 -5.37 18.87
CA MET I 68 11.46 -6.18 20.00
C MET I 68 10.68 -5.78 21.23
N VAL I 69 9.63 -6.50 21.52
CA VAL I 69 8.71 -6.17 22.59
C VAL I 69 9.25 -6.49 23.97
N SER I 70 9.15 -5.51 24.88
N SER I 70 9.15 -5.51 24.87
CA SER I 70 9.53 -5.75 26.27
CA SER I 70 9.47 -5.71 26.28
C SER I 70 8.38 -6.42 27.00
C SER I 70 8.35 -6.48 26.95
N THR I 71 8.72 -7.41 27.83
CA THR I 71 7.73 -8.13 28.65
C THR I 71 7.99 -7.95 30.17
N ASP I 72 9.23 -7.64 30.54
CA ASP I 72 9.70 -7.68 31.94
C ASP I 72 9.35 -8.98 32.67
N ILE I 73 9.31 -10.09 31.94
CA ILE I 73 9.28 -11.41 32.57
C ILE I 73 10.56 -12.24 32.30
N SER I 74 10.92 -13.02 33.31
CA SER I 74 11.76 -14.19 33.13
C SER I 74 10.98 -15.44 33.59
N PHE I 75 11.38 -16.61 33.09
CA PHE I 75 10.78 -17.87 33.52
C PHE I 75 11.73 -19.06 33.30
N THR I 76 11.51 -20.09 34.12
CA THR I 76 12.18 -21.38 34.00
C THR I 76 11.10 -22.38 33.66
N VAL I 77 11.18 -22.97 32.47
CA VAL I 77 10.18 -23.93 31.96
C VAL I 77 10.40 -25.29 32.68
N PRO I 78 9.38 -26.17 32.68
CA PRO I 78 9.50 -27.51 33.25
C PRO I 78 10.61 -28.33 32.57
N VAL I 79 11.22 -29.25 33.32
CA VAL I 79 12.17 -30.19 32.76
C VAL I 79 11.53 -30.97 31.60
N GLY I 80 12.23 -31.04 30.47
CA GLY I 80 11.83 -31.87 29.35
C GLY I 80 10.99 -31.06 28.33
N THR I 81 11.13 -29.73 28.44
CA THR I 81 10.41 -28.73 27.68
C THR I 81 11.41 -27.60 27.40
N TYR I 82 11.09 -26.78 26.39
CA TYR I 82 11.60 -25.42 26.27
C TYR I 82 10.33 -24.59 26.08
N GLY I 83 10.48 -23.28 26.19
CA GLY I 83 9.35 -22.35 26.09
C GLY I 83 9.41 -21.76 24.72
N ARG I 84 8.42 -22.08 23.91
CA ARG I 84 8.38 -21.48 22.61
C ARG I 84 7.51 -20.23 22.64
N ILE I 85 8.08 -19.13 22.14
CA ILE I 85 7.29 -17.93 21.87
C ILE I 85 6.68 -18.05 20.45
N ALA I 86 5.35 -18.13 20.40
CA ALA I 86 4.69 -18.58 19.22
C ALA I 86 3.67 -17.47 18.89
N PRO I 87 3.19 -17.39 17.65
CA PRO I 87 2.25 -16.24 17.37
C PRO I 87 0.85 -16.40 17.86
N ARG I 88 0.19 -15.25 18.02
CA ARG I 88 -1.22 -15.18 18.19
C ARG I 88 -1.79 -15.24 16.81
N SER I 89 -2.75 -16.13 16.61
CA SER I 89 -3.31 -16.31 15.28
C SER I 89 -3.92 -15.03 14.74
N GLY I 90 -4.68 -14.32 15.56
CA GLY I 90 -5.44 -13.18 15.08
C GLY I 90 -4.64 -11.96 14.62
N LEU I 91 -3.48 -11.75 15.25
CA LEU I 91 -2.53 -10.71 14.88
C LEU I 91 -1.78 -11.04 13.60
N ALA I 92 -1.41 -12.32 13.43
CA ALA I 92 -0.97 -12.77 12.08
C ALA I 92 -1.95 -12.43 10.94
N VAL I 93 -3.20 -12.87 11.11
CA VAL I 93 -4.31 -12.70 10.14
C VAL I 93 -4.64 -11.24 9.90
N LYS I 94 -4.75 -10.44 10.97
CA LYS I 94 -5.25 -9.08 10.80
C LYS I 94 -4.11 -8.09 10.59
N ASN I 95 -2.91 -8.40 11.09
CA ASN I 95 -1.86 -7.39 11.16
C ASN I 95 -0.48 -7.81 10.56
N GLY I 96 -0.41 -9.02 10.01
CA GLY I 96 0.81 -9.53 9.33
C GLY I 96 1.93 -9.86 10.28
N ILE I 97 1.62 -9.97 11.57
CA ILE I 97 2.67 -10.25 12.63
C ILE I 97 3.03 -11.71 12.75
N GLN I 98 4.35 -11.99 12.84
CA GLN I 98 4.92 -13.28 12.99
C GLN I 98 5.97 -13.13 14.11
N THR I 99 6.03 -14.10 15.00
CA THR I 99 7.11 -14.12 15.96
C THR I 99 8.43 -14.55 15.32
N GLY I 100 9.53 -13.95 15.77
CA GLY I 100 10.89 -14.47 15.45
C GLY I 100 11.53 -15.08 16.72
N ALA I 101 12.76 -15.55 16.57
CA ALA I 101 13.51 -16.21 17.62
C ALA I 101 12.59 -17.25 18.26
N GLY I 102 12.42 -17.18 19.56
CA GLY I 102 11.27 -17.89 20.15
C GLY I 102 11.61 -19.13 20.91
N VAL I 103 12.87 -19.57 20.84
CA VAL I 103 13.30 -20.74 21.61
C VAL I 103 13.87 -20.29 22.93
N VAL I 104 13.05 -20.42 23.97
CA VAL I 104 13.51 -20.08 25.28
C VAL I 104 14.02 -21.31 26.04
N ASP I 105 15.32 -21.37 26.26
CA ASP I 105 15.96 -22.50 26.91
C ASP I 105 15.63 -22.52 28.37
N ARG I 106 15.70 -23.73 28.95
CA ARG I 106 15.36 -23.93 30.37
C ARG I 106 16.30 -23.14 31.29
N ASP I 107 17.51 -22.88 30.81
CA ASP I 107 18.51 -22.15 31.60
C ASP I 107 18.57 -20.67 31.30
N TYR I 108 17.69 -20.17 30.43
CA TYR I 108 17.67 -18.74 30.22
C TYR I 108 17.09 -17.99 31.44
N THR I 109 17.83 -17.03 31.98
CA THR I 109 17.31 -16.24 33.10
C THR I 109 17.19 -14.73 32.75
N GLY I 110 17.63 -14.29 31.56
CA GLY I 110 17.40 -12.91 31.11
C GLY I 110 15.91 -12.59 30.90
N GLU I 111 15.61 -11.35 30.56
CA GLU I 111 14.24 -10.95 30.23
C GLU I 111 13.92 -11.67 28.95
N VAL I 112 12.70 -12.20 28.85
CA VAL I 112 12.24 -12.80 27.63
C VAL I 112 11.58 -11.68 26.82
N LYS I 113 12.24 -11.18 25.77
CA LYS I 113 11.64 -10.15 24.92
C LYS I 113 11.13 -10.88 23.66
N VAL I 114 10.17 -10.28 22.96
CA VAL I 114 9.48 -10.92 21.81
C VAL I 114 9.93 -10.26 20.51
N VAL I 115 10.50 -11.05 19.61
CA VAL I 115 10.82 -10.56 18.27
C VAL I 115 9.56 -10.67 17.45
N LEU I 116 9.12 -9.57 16.90
CA LEU I 116 8.03 -9.56 15.95
C LEU I 116 8.49 -9.06 14.60
N PHE I 117 8.06 -9.78 13.55
CA PHE I 117 8.11 -9.32 12.17
C PHE I 117 6.73 -8.87 11.75
N ASN I 118 6.68 -7.70 11.08
CA ASN I 118 5.44 -7.15 10.54
C ASN I 118 5.56 -7.28 9.00
N HIS I 119 4.85 -8.26 8.42
CA HIS I 119 4.81 -8.45 6.98
C HIS I 119 3.76 -7.56 6.29
N SER I 120 3.06 -6.73 7.07
CA SER I 120 1.99 -5.83 6.50
C SER I 120 2.51 -4.49 5.98
N GLN I 121 1.66 -3.72 5.28
CA GLN I 121 2.05 -2.38 4.88
C GLN I 121 1.77 -1.35 5.96
N ARG I 122 1.37 -1.79 7.16
CA ARG I 122 0.87 -0.84 8.18
C ARG I 122 1.67 -1.02 9.47
N ASP I 123 2.08 0.08 10.08
CA ASP I 123 2.78 0.00 11.38
C ASP I 123 1.84 -0.61 12.40
N PHE I 124 2.39 -1.43 13.28
CA PHE I 124 1.63 -2.10 14.33
C PHE I 124 1.94 -1.50 15.71
N ALA I 125 0.96 -0.73 16.25
CA ALA I 125 1.04 -0.15 17.62
C ALA I 125 0.75 -1.17 18.73
N ILE I 126 1.59 -1.15 19.74
CA ILE I 126 1.45 -2.03 20.88
C ILE I 126 1.56 -1.15 22.09
N LYS I 127 0.57 -1.24 22.99
CA LYS I 127 0.62 -0.61 24.29
C LYS I 127 0.96 -1.63 25.38
N LYS I 128 1.65 -1.15 26.43
CA LYS I 128 1.75 -1.88 27.70
C LYS I 128 0.41 -2.57 27.94
N GLY I 129 0.43 -3.85 28.30
CA GLY I 129 -0.82 -4.56 28.61
C GLY I 129 -1.43 -5.31 27.45
N ASP I 130 -0.95 -5.05 26.24
CA ASP I 130 -1.42 -5.77 25.05
C ASP I 130 -0.80 -7.15 25.00
N ARG I 131 -1.59 -8.12 24.55
CA ARG I 131 -1.12 -9.46 24.25
C ARG I 131 -0.45 -9.47 22.88
N VAL I 132 0.75 -10.03 22.84
CA VAL I 132 1.64 -9.90 21.68
C VAL I 132 2.17 -11.22 21.14
N ALA I 133 1.97 -12.31 21.92
CA ALA I 133 2.42 -13.66 21.57
C ALA I 133 1.84 -14.71 22.53
N GLN I 134 2.29 -15.97 22.41
CA GLN I 134 1.86 -16.92 23.41
C GLN I 134 3.07 -17.76 23.74
N LEU I 135 3.04 -18.35 24.92
CA LEU I 135 4.15 -19.21 25.37
C LEU I 135 3.65 -20.66 25.39
N ILE I 136 4.31 -21.56 24.64
CA ILE I 136 3.89 -22.98 24.65
C ILE I 136 5.04 -23.77 25.28
N LEU I 137 4.69 -24.67 26.19
CA LEU I 137 5.64 -25.56 26.85
C LEU I 137 5.86 -26.79 26.00
N GLU I 138 6.74 -26.67 25.00
CA GLU I 138 6.92 -27.73 24.02
C GLU I 138 7.72 -28.92 24.58
N LYS I 139 7.20 -30.17 24.54
CA LYS I 139 8.00 -31.33 25.02
C LYS I 139 9.03 -31.67 24.00
N ILE I 140 10.23 -32.03 24.44
CA ILE I 140 11.36 -32.28 23.53
C ILE I 140 12.22 -33.34 24.18
N VAL I 141 13.09 -33.96 23.38
CA VAL I 141 14.15 -34.81 23.94
C VAL I 141 15.43 -33.95 24.17
N ASP I 142 15.75 -33.62 25.41
CA ASP I 142 16.91 -32.72 25.62
C ASP I 142 18.08 -33.47 26.28
N ASP I 143 18.08 -34.78 26.13
CA ASP I 143 19.16 -35.61 26.67
C ASP I 143 19.41 -36.77 25.74
N ALA I 144 19.39 -36.53 24.43
CA ALA I 144 19.67 -37.61 23.48
C ALA I 144 21.16 -37.76 23.45
N GLN I 145 21.59 -38.94 23.06
CA GLN I 145 22.98 -39.19 22.82
C GLN I 145 23.30 -39.00 21.37
N ILE I 146 24.23 -38.09 21.08
CA ILE I 146 24.80 -37.96 19.71
C ILE I 146 25.72 -39.09 19.34
N VAL I 147 25.45 -39.68 18.18
CA VAL I 147 26.20 -40.83 17.68
C VAL I 147 26.47 -40.60 16.20
N VAL I 148 27.72 -40.75 15.81
CA VAL I 148 28.18 -40.49 14.43
C VAL I 148 28.31 -41.79 13.71
N VAL I 149 27.56 -41.92 12.62
CA VAL I 149 27.55 -43.15 11.85
C VAL I 149 28.00 -42.85 10.41
N ASP I 150 28.45 -43.88 9.70
CA ASP I 150 28.89 -43.75 8.31
C ASP I 150 27.70 -43.70 7.35
N SER I 151 26.62 -44.39 7.69
CA SER I 151 25.42 -44.41 6.87
C SER I 151 24.18 -44.57 7.74
N LEU I 152 23.16 -43.79 7.43
CA LEU I 152 21.89 -43.87 8.12
C LEU I 152 21.02 -45.06 7.74
N GLU I 153 21.18 -45.58 6.53
CA GLU I 153 20.36 -46.72 6.10
C GLU I 153 21.18 -48.00 5.99
N LYS J 27 36.06 -45.06 -35.46
CA LYS J 27 34.99 -44.00 -35.49
C LYS J 27 35.29 -42.99 -36.61
N VAL J 28 34.36 -42.85 -37.54
CA VAL J 28 34.55 -41.88 -38.61
C VAL J 28 33.33 -40.95 -38.67
N LEU J 29 33.60 -39.67 -38.95
CA LEU J 29 32.58 -38.69 -39.19
C LEU J 29 32.57 -38.43 -40.71
N LYS J 30 31.45 -38.80 -41.33
CA LYS J 30 31.27 -38.73 -42.77
C LYS J 30 30.58 -37.44 -43.21
N ILE J 31 31.29 -36.65 -44.02
CA ILE J 31 30.85 -35.33 -44.49
C ILE J 31 30.43 -35.39 -45.96
N GLN J 32 29.28 -34.83 -46.26
CA GLN J 32 28.97 -34.62 -47.69
C GLN J 32 28.91 -33.12 -47.97
N LEU J 33 29.79 -32.65 -48.84
CA LEU J 33 29.74 -31.25 -49.29
C LEU J 33 28.65 -31.08 -50.35
N ARG J 34 27.56 -30.40 -50.03
CA ARG J 34 26.45 -30.27 -50.97
C ARG J 34 26.62 -29.18 -52.04
N SER J 35 27.48 -28.20 -51.78
CA SER J 35 27.81 -27.25 -52.82
C SER J 35 29.21 -26.74 -52.57
N ALA J 36 29.80 -26.14 -53.60
CA ALA J 36 31.09 -25.46 -53.52
C ALA J 36 31.17 -24.32 -52.43
N SER J 37 30.02 -23.86 -51.93
CA SER J 37 29.97 -22.91 -50.79
C SER J 37 30.23 -23.48 -49.38
N ALA J 38 30.17 -24.80 -49.23
CA ALA J 38 30.35 -25.51 -47.95
C ALA J 38 31.80 -25.50 -47.52
N THR J 39 32.04 -25.59 -46.21
CA THR J 39 33.37 -25.79 -45.66
C THR J 39 33.42 -27.07 -44.86
N VAL J 40 34.35 -27.95 -45.18
CA VAL J 40 34.56 -29.12 -44.36
C VAL J 40 34.75 -28.64 -42.89
N PRO J 41 33.95 -29.19 -41.95
CA PRO J 41 34.15 -28.92 -40.54
C PRO J 41 35.58 -29.22 -40.11
N THR J 42 36.07 -28.47 -39.12
CA THR J 42 37.51 -28.55 -38.77
C THR J 42 37.61 -28.75 -37.29
N LYS J 43 38.67 -29.44 -36.83
CA LYS J 43 38.90 -29.59 -35.42
C LYS J 43 40.36 -29.29 -35.22
N GLY J 44 40.64 -28.05 -34.81
CA GLY J 44 42.01 -27.61 -34.53
C GLY J 44 42.87 -28.56 -33.69
N SER J 45 42.33 -29.00 -32.56
CA SER J 45 43.08 -29.85 -31.65
C SER J 45 42.36 -31.18 -31.37
N ALA J 46 43.11 -32.19 -30.98
CA ALA J 46 42.57 -33.51 -30.68
C ALA J 46 41.70 -33.49 -29.44
N THR J 47 42.10 -32.65 -28.49
CA THR J 47 41.48 -32.52 -27.17
C THR J 47 40.45 -31.38 -27.20
N ALA J 48 39.84 -31.15 -28.36
CA ALA J 48 38.73 -30.21 -28.48
C ALA J 48 37.45 -31.07 -28.56
N ALA J 49 36.38 -30.59 -27.94
CA ALA J 49 35.09 -31.25 -27.93
C ALA J 49 34.54 -31.40 -29.34
N GLY J 50 34.84 -30.43 -30.20
CA GLY J 50 33.89 -30.04 -31.30
C GLY J 50 34.51 -29.67 -32.60
N TYR J 51 33.74 -29.82 -33.69
CA TYR J 51 34.23 -29.54 -35.05
C TYR J 51 33.52 -28.29 -35.44
N ASP J 52 34.24 -27.34 -36.05
CA ASP J 52 33.64 -26.06 -36.41
C ASP J 52 32.67 -26.19 -37.57
N ILE J 53 31.54 -25.48 -37.44
CA ILE J 53 30.53 -25.43 -38.50
C ILE J 53 30.47 -23.97 -39.06
N TYR J 54 30.47 -23.90 -40.41
CA TYR J 54 30.74 -22.71 -41.19
C TYR J 54 29.49 -22.38 -42.00
N ALA J 55 29.11 -21.12 -42.01
CA ALA J 55 28.00 -20.70 -42.84
C ALA J 55 28.46 -20.88 -44.30
N SER J 56 27.51 -21.23 -45.16
CA SER J 56 27.74 -21.39 -46.57
C SER J 56 27.02 -20.26 -47.28
N GLN J 57 26.23 -19.49 -46.53
CA GLN J 57 25.45 -18.40 -47.10
C GLN J 57 25.35 -17.16 -46.16
N ASP J 58 25.51 -15.94 -46.72
CA ASP J 58 25.21 -14.68 -45.98
C ASP J 58 23.86 -14.71 -45.28
N ILE J 59 23.78 -14.18 -44.05
CA ILE J 59 22.50 -14.07 -43.35
C ILE J 59 22.64 -13.10 -42.13
N THR J 60 21.58 -12.41 -41.77
CA THR J 60 21.60 -11.67 -40.51
C THR J 60 20.64 -12.32 -39.52
N ILE J 61 21.06 -12.48 -38.26
CA ILE J 61 20.20 -12.95 -37.21
C ILE J 61 19.71 -11.72 -36.47
N PRO J 62 18.41 -11.42 -36.54
CA PRO J 62 17.97 -10.13 -35.97
C PRO J 62 18.06 -10.10 -34.46
N ALA J 63 18.39 -8.92 -33.94
CA ALA J 63 18.30 -8.57 -32.51
C ALA J 63 17.07 -9.15 -31.84
N MET J 64 17.29 -9.87 -30.74
CA MET J 64 16.20 -10.49 -30.00
C MET J 64 15.31 -11.41 -30.87
N GLY J 65 15.92 -12.10 -31.82
CA GLY J 65 15.12 -12.93 -32.71
C GLY J 65 15.89 -14.19 -33.05
N GLN J 66 15.69 -14.69 -34.28
CA GLN J 66 16.37 -15.91 -34.63
C GLN J 66 16.57 -15.94 -36.12
N GLY J 67 17.31 -16.95 -36.57
CA GLY J 67 17.50 -17.17 -37.99
C GLY J 67 18.15 -18.52 -38.22
N MET J 68 18.00 -19.01 -39.44
CA MET J 68 18.49 -20.32 -39.80
C MET J 68 19.66 -20.19 -40.77
N VAL J 69 20.81 -20.75 -40.43
CA VAL J 69 22.01 -20.52 -41.18
C VAL J 69 22.23 -21.72 -42.05
N SER J 70 22.47 -21.49 -43.32
CA SER J 70 22.72 -22.55 -44.30
C SER J 70 24.16 -22.91 -44.13
N THR J 71 24.44 -24.22 -44.16
CA THR J 71 25.78 -24.77 -44.19
C THR J 71 26.15 -25.49 -45.52
N ASP J 72 25.17 -25.89 -46.34
CA ASP J 72 25.46 -26.83 -47.45
C ASP J 72 26.33 -28.06 -47.10
N ILE J 73 26.17 -28.55 -45.89
CA ILE J 73 26.75 -29.83 -45.50
C ILE J 73 25.72 -30.83 -44.98
N SER J 74 26.05 -32.10 -45.15
CA SER J 74 25.38 -33.17 -44.43
C SER J 74 26.45 -33.99 -43.77
N PHE J 75 26.08 -34.67 -42.69
CA PHE J 75 26.97 -35.64 -42.05
C PHE J 75 26.25 -36.90 -41.50
N THR J 76 27.01 -37.95 -41.38
CA THR J 76 26.61 -39.14 -40.65
C THR J 76 27.63 -39.27 -39.51
N VAL J 77 27.14 -39.06 -38.29
CA VAL J 77 27.94 -39.19 -37.07
C VAL J 77 28.24 -40.66 -36.78
N PRO J 78 29.31 -40.97 -35.98
CA PRO J 78 29.61 -42.36 -35.67
C PRO J 78 28.48 -43.14 -34.96
N VAL J 79 28.49 -44.47 -35.06
CA VAL J 79 27.58 -45.34 -34.27
C VAL J 79 27.69 -45.03 -32.76
N GLY J 80 26.55 -44.72 -32.12
CA GLY J 80 26.53 -44.58 -30.67
C GLY J 80 26.46 -43.14 -30.22
N THR J 81 26.46 -42.22 -31.19
CA THR J 81 26.46 -40.79 -30.98
C THR J 81 25.22 -40.21 -31.71
N TYR J 82 24.85 -38.99 -31.32
CA TYR J 82 24.13 -38.09 -32.20
C TYR J 82 25.01 -36.87 -32.40
N GLY J 83 24.70 -36.07 -33.41
CA GLY J 83 25.42 -34.84 -33.57
C GLY J 83 24.78 -33.69 -32.84
N ARG J 84 25.43 -33.13 -31.82
CA ARG J 84 24.87 -31.92 -31.23
C ARG J 84 25.46 -30.65 -31.82
N ILE J 85 24.62 -29.77 -32.35
CA ILE J 85 25.07 -28.44 -32.79
C ILE J 85 25.03 -27.55 -31.54
N ALA J 86 26.23 -27.20 -31.08
CA ALA J 86 26.50 -26.57 -29.80
C ALA J 86 27.05 -25.13 -30.11
N PRO J 87 26.92 -24.18 -29.17
CA PRO J 87 27.39 -22.78 -29.45
C PRO J 87 28.93 -22.54 -29.38
N ARG J 88 29.49 -21.68 -30.24
CA ARG J 88 30.83 -21.07 -30.07
C ARG J 88 30.81 -20.14 -28.86
N SER J 89 31.81 -20.26 -27.99
CA SER J 89 31.77 -19.53 -26.73
C SER J 89 31.86 -17.98 -26.93
N GLY J 90 32.75 -17.53 -27.83
CA GLY J 90 32.96 -16.09 -28.12
C GLY J 90 31.73 -15.36 -28.66
N LEU J 91 30.90 -16.03 -29.50
CA LEU J 91 29.68 -15.44 -30.02
C LEU J 91 28.61 -15.29 -28.96
N ALA J 92 28.59 -16.20 -27.97
CA ALA J 92 27.69 -16.10 -26.86
C ALA J 92 28.02 -14.83 -26.07
N VAL J 93 29.30 -14.66 -25.74
CA VAL J 93 29.73 -13.44 -25.03
C VAL J 93 29.56 -12.16 -25.87
N LYS J 94 30.00 -12.20 -27.13
CA LYS J 94 30.07 -10.97 -27.92
C LYS J 94 28.73 -10.56 -28.54
N ASN J 95 27.88 -11.54 -28.85
CA ASN J 95 26.73 -11.31 -29.70
C ASN J 95 25.41 -11.81 -29.13
N GLY J 96 25.50 -12.50 -27.99
CA GLY J 96 24.32 -13.04 -27.34
C GLY J 96 23.72 -14.18 -28.16
N ILE J 97 24.59 -14.95 -28.81
CA ILE J 97 24.16 -16.00 -29.74
C ILE J 97 24.05 -17.34 -29.02
N GLN J 98 22.90 -17.97 -29.22
CA GLN J 98 22.63 -19.33 -28.69
C GLN J 98 22.15 -20.24 -29.85
N THR J 99 22.69 -21.44 -29.96
CA THR J 99 22.13 -22.44 -30.90
C THR J 99 20.81 -22.99 -30.35
N GLY J 100 19.82 -23.02 -31.26
CA GLY J 100 18.57 -23.70 -30.98
C GLY J 100 18.57 -25.04 -31.65
N ALA J 101 17.48 -25.80 -31.47
CA ALA J 101 17.34 -27.17 -32.00
C ALA J 101 18.67 -27.94 -31.72
N GLY J 102 19.32 -28.47 -32.76
CA GLY J 102 20.71 -28.97 -32.64
C GLY J 102 20.94 -30.45 -32.38
N VAL J 103 19.85 -31.21 -32.27
CA VAL J 103 19.86 -32.65 -32.21
C VAL J 103 19.83 -33.22 -33.63
N VAL J 104 20.98 -33.66 -34.11
CA VAL J 104 21.04 -34.18 -35.51
C VAL J 104 21.13 -35.70 -35.34
N ASP J 105 20.08 -36.42 -35.67
CA ASP J 105 20.12 -37.89 -35.61
C ASP J 105 21.17 -38.48 -36.57
N ARG J 106 21.64 -39.66 -36.22
CA ARG J 106 22.59 -40.39 -37.03
C ARG J 106 22.08 -40.68 -38.47
N ASP J 107 20.77 -40.82 -38.63
CA ASP J 107 20.15 -41.18 -39.89
C ASP J 107 19.77 -39.98 -40.73
N TYR J 108 19.98 -38.78 -40.21
CA TYR J 108 19.65 -37.54 -40.95
C TYR J 108 20.61 -37.30 -42.12
N THR J 109 20.05 -37.15 -43.33
CA THR J 109 20.90 -36.89 -44.55
C THR J 109 20.54 -35.60 -45.29
N GLY J 110 19.63 -34.81 -44.70
CA GLY J 110 19.32 -33.46 -45.22
C GLY J 110 20.46 -32.47 -44.90
N GLU J 111 20.37 -31.25 -45.46
CA GLU J 111 21.29 -30.21 -45.06
C GLU J 111 21.10 -29.88 -43.61
N VAL J 112 22.22 -29.82 -42.90
CA VAL J 112 22.22 -29.40 -41.52
C VAL J 112 22.27 -27.88 -41.43
N LYS J 113 21.15 -27.27 -41.13
CA LYS J 113 21.11 -25.84 -40.94
C LYS J 113 21.22 -25.52 -39.45
N VAL J 114 21.88 -24.41 -39.14
CA VAL J 114 22.04 -23.97 -37.74
C VAL J 114 20.96 -22.94 -37.32
N VAL J 115 20.16 -23.28 -36.30
CA VAL J 115 19.17 -22.34 -35.71
C VAL J 115 19.93 -21.48 -34.72
N LEU J 116 19.92 -20.16 -34.91
CA LEU J 116 20.56 -19.22 -33.96
C LEU J 116 19.58 -18.34 -33.31
N PHE J 117 19.63 -18.27 -31.98
CA PHE J 117 18.88 -17.27 -31.27
C PHE J 117 19.84 -16.16 -30.92
N ASN J 118 19.43 -14.93 -31.20
CA ASN J 118 20.18 -13.69 -30.86
C ASN J 118 19.48 -13.04 -29.64
N HIS J 119 20.12 -13.21 -28.50
CA HIS J 119 19.58 -12.61 -27.27
C HIS J 119 20.08 -11.17 -27.07
N SER J 120 20.78 -10.60 -28.04
CA SER J 120 21.22 -9.21 -27.84
C SER J 120 20.31 -8.19 -28.51
N GLN J 121 20.67 -6.92 -28.32
CA GLN J 121 19.98 -5.80 -28.96
C GLN J 121 20.61 -5.40 -30.29
N ARG J 122 21.68 -6.12 -30.70
CA ARG J 122 22.40 -5.88 -31.96
C ARG J 122 22.10 -7.02 -32.95
N ASP J 123 21.77 -6.68 -34.19
CA ASP J 123 21.64 -7.69 -35.26
C ASP J 123 23.01 -8.32 -35.45
N PHE J 124 23.05 -9.61 -35.77
CA PHE J 124 24.33 -10.28 -35.92
C PHE J 124 24.52 -10.69 -37.40
N ALA J 125 25.52 -10.09 -38.03
CA ALA J 125 25.76 -10.30 -39.46
C ALA J 125 26.68 -11.50 -39.71
N ILE J 126 26.22 -12.44 -40.52
CA ILE J 126 26.99 -13.63 -40.84
C ILE J 126 27.32 -13.65 -42.34
N LYS J 127 28.59 -13.91 -42.64
CA LYS J 127 29.03 -14.13 -44.03
C LYS J 127 29.35 -15.60 -44.34
N LYS J 128 29.14 -16.00 -45.60
CA LYS J 128 29.65 -17.29 -46.08
C LYS J 128 31.11 -17.39 -45.63
N GLY J 129 31.46 -18.55 -45.05
CA GLY J 129 32.81 -18.86 -44.58
C GLY J 129 32.96 -18.56 -43.10
N ASP J 130 31.94 -17.96 -42.48
CA ASP J 130 32.11 -17.65 -41.04
C ASP J 130 31.81 -18.89 -40.19
N ARG J 131 32.63 -19.10 -39.16
N ARG J 131 32.63 -19.07 -39.15
CA ARG J 131 32.31 -20.12 -38.16
CA ARG J 131 32.35 -20.03 -38.10
C ARG J 131 31.18 -19.68 -37.20
C ARG J 131 31.10 -19.60 -37.32
N VAL J 132 30.13 -20.50 -37.16
CA VAL J 132 28.89 -20.14 -36.47
C VAL J 132 28.44 -21.05 -35.31
N ALA J 133 29.08 -22.22 -35.20
CA ALA J 133 28.68 -23.21 -34.25
C ALA J 133 29.76 -24.27 -34.21
N GLN J 134 29.52 -25.31 -33.41
CA GLN J 134 30.41 -26.47 -33.41
C GLN J 134 29.60 -27.73 -33.30
N LEU J 135 30.16 -28.80 -33.82
CA LEU J 135 29.52 -30.11 -33.81
C LEU J 135 30.18 -31.02 -32.78
N ILE J 136 29.36 -31.50 -31.82
CA ILE J 136 29.89 -32.39 -30.79
C ILE J 136 29.29 -33.77 -31.07
N LEU J 137 30.11 -34.80 -31.05
CA LEU J 137 29.61 -36.14 -31.23
C LEU J 137 29.41 -36.75 -29.85
N GLU J 138 28.23 -36.50 -29.32
CA GLU J 138 27.78 -36.91 -28.01
C GLU J 138 27.38 -38.36 -28.03
N LYS J 139 27.97 -39.13 -27.14
CA LYS J 139 27.64 -40.52 -26.94
C LYS J 139 26.34 -40.63 -26.11
N ILE J 140 25.47 -41.56 -26.56
CA ILE J 140 24.19 -41.72 -25.99
C ILE J 140 23.88 -43.22 -25.95
N VAL J 141 22.86 -43.56 -25.15
CA VAL J 141 22.20 -44.85 -25.23
C VAL J 141 21.08 -44.70 -26.26
N ASP J 142 21.29 -45.32 -27.41
CA ASP J 142 20.28 -45.24 -28.44
C ASP J 142 19.46 -46.47 -28.65
N ASP J 143 19.75 -47.53 -27.90
CA ASP J 143 19.07 -48.81 -28.04
C ASP J 143 18.37 -49.21 -26.74
N ALA J 144 18.03 -48.26 -25.88
CA ALA J 144 17.44 -48.61 -24.58
C ALA J 144 15.96 -48.94 -24.68
N GLN J 145 15.61 -50.07 -24.11
CA GLN J 145 14.26 -50.57 -24.12
C GLN J 145 13.39 -49.79 -23.14
N ILE J 146 12.24 -49.31 -23.62
CA ILE J 146 11.26 -48.63 -22.75
C ILE J 146 10.42 -49.62 -22.02
N VAL J 147 10.37 -49.50 -20.69
CA VAL J 147 9.44 -50.33 -19.88
C VAL J 147 8.52 -49.40 -19.03
N VAL J 148 7.21 -49.62 -19.15
CA VAL J 148 6.21 -48.84 -18.40
C VAL J 148 5.88 -49.56 -17.08
N VAL J 149 6.23 -48.93 -15.96
CA VAL J 149 6.04 -49.52 -14.62
C VAL J 149 5.03 -48.71 -13.76
N ASP J 150 4.42 -49.38 -12.77
CA ASP J 150 3.49 -48.75 -11.82
C ASP J 150 4.18 -47.70 -10.92
N SER J 151 5.36 -48.04 -10.38
CA SER J 151 6.22 -47.04 -9.77
C SER J 151 7.70 -47.31 -10.06
N LEU J 152 8.54 -46.27 -10.01
CA LEU J 152 10.01 -46.41 -10.09
C LEU J 152 10.59 -47.10 -8.82
N LYS K 27 37.41 -41.84 -13.59
CA LYS K 27 38.68 -41.12 -13.96
C LYS K 27 38.82 -39.78 -13.19
N VAL K 28 39.63 -38.82 -13.66
CA VAL K 28 40.05 -37.70 -12.80
C VAL K 28 39.63 -36.29 -13.30
N LEU K 29 38.92 -35.54 -12.47
CA LEU K 29 38.60 -34.15 -12.75
C LEU K 29 39.57 -33.23 -12.02
N LYS K 30 40.48 -32.59 -12.74
CA LYS K 30 41.51 -31.74 -12.09
C LYS K 30 41.01 -30.30 -11.90
N ILE K 31 41.10 -29.78 -10.68
CA ILE K 31 40.47 -28.49 -10.37
C ILE K 31 41.60 -27.52 -9.98
N GLN K 32 41.53 -26.31 -10.51
CA GLN K 32 42.52 -25.27 -10.27
C GLN K 32 41.81 -24.08 -9.73
N LEU K 33 42.25 -23.63 -8.56
CA LEU K 33 41.60 -22.53 -7.84
C LEU K 33 42.39 -21.23 -8.02
N ARG K 34 41.80 -20.21 -8.62
CA ARG K 34 42.56 -19.00 -8.99
C ARG K 34 42.57 -17.81 -8.01
N SER K 35 41.67 -17.84 -7.02
CA SER K 35 41.72 -16.94 -5.87
C SER K 35 40.93 -17.59 -4.73
N ALA K 36 41.06 -17.05 -3.52
CA ALA K 36 40.27 -17.52 -2.38
C ALA K 36 38.73 -17.46 -2.52
N SER K 37 38.22 -16.71 -3.53
CA SER K 37 36.79 -16.57 -3.76
C SER K 37 36.19 -17.75 -4.54
N ALA K 38 37.03 -18.65 -5.05
CA ALA K 38 36.58 -19.85 -5.75
C ALA K 38 36.01 -20.93 -4.80
N THR K 39 35.13 -21.79 -5.33
CA THR K 39 34.67 -22.97 -4.60
C THR K 39 34.95 -24.25 -5.43
N VAL K 40 35.60 -25.24 -4.82
CA VAL K 40 35.81 -26.54 -5.50
C VAL K 40 34.41 -27.05 -5.89
N PRO K 41 34.18 -27.41 -7.18
CA PRO K 41 32.84 -28.00 -7.50
C PRO K 41 32.50 -29.28 -6.69
N THR K 42 31.23 -29.40 -6.31
CA THR K 42 30.76 -30.44 -5.40
C THR K 42 29.66 -31.25 -6.09
N LYS K 43 29.53 -32.54 -5.77
CA LYS K 43 28.29 -33.25 -6.17
C LYS K 43 27.26 -33.28 -5.02
N SER K 45 23.97 -35.51 -5.01
CA SER K 45 23.83 -36.93 -4.67
C SER K 45 25.13 -37.63 -4.94
N ALA K 46 25.05 -38.89 -5.39
CA ALA K 46 26.19 -39.68 -5.78
C ALA K 46 26.03 -40.22 -7.20
N THR K 47 24.77 -40.34 -7.68
CA THR K 47 24.57 -40.59 -9.14
C THR K 47 24.08 -39.32 -9.90
N ALA K 48 23.80 -38.24 -9.16
CA ALA K 48 23.68 -36.88 -9.74
C ALA K 48 24.54 -36.74 -11.01
N ALA K 49 24.03 -36.05 -12.05
CA ALA K 49 24.79 -35.85 -13.31
C ALA K 49 25.96 -34.87 -13.23
N GLY K 50 25.81 -33.85 -12.37
CA GLY K 50 26.66 -32.65 -12.44
C GLY K 50 27.38 -32.25 -11.15
N TYR K 51 28.40 -31.42 -11.28
CA TYR K 51 29.11 -30.83 -10.14
C TYR K 51 28.65 -29.40 -10.03
N ASP K 52 28.25 -29.00 -8.83
CA ASP K 52 27.80 -27.62 -8.64
C ASP K 52 28.96 -26.68 -9.01
N ILE K 53 28.58 -25.64 -9.75
N ILE K 53 28.63 -25.63 -9.76
CA ILE K 53 29.45 -24.51 -10.07
CA ILE K 53 29.58 -24.55 -10.06
C ILE K 53 29.05 -23.25 -9.31
C ILE K 53 29.13 -23.23 -9.45
N TYR K 54 30.04 -22.65 -8.67
CA TYR K 54 29.76 -21.50 -7.79
C TYR K 54 30.35 -20.20 -8.31
N ALA K 55 29.55 -19.13 -8.26
CA ALA K 55 30.10 -17.80 -8.47
C ALA K 55 31.11 -17.41 -7.39
N SER K 56 32.07 -16.62 -7.84
CA SER K 56 33.15 -16.18 -7.01
C SER K 56 33.18 -14.67 -6.89
N GLN K 57 32.23 -14.01 -7.54
CA GLN K 57 32.13 -12.57 -7.53
C GLN K 57 30.66 -12.17 -7.77
N ASP K 58 30.21 -11.15 -7.04
CA ASP K 58 28.86 -10.66 -7.25
C ASP K 58 28.60 -10.17 -8.68
N ILE K 59 27.39 -10.46 -9.14
CA ILE K 59 26.95 -9.98 -10.45
C ILE K 59 25.46 -10.05 -10.49
N THR K 60 24.86 -9.15 -11.25
CA THR K 60 23.43 -9.19 -11.52
C THR K 60 23.28 -9.50 -13.02
N ILE K 61 22.49 -10.52 -13.34
CA ILE K 61 22.11 -10.79 -14.73
C ILE K 61 20.85 -9.99 -14.99
N PRO K 62 20.90 -9.03 -15.94
CA PRO K 62 19.67 -8.23 -16.16
C PRO K 62 18.48 -9.00 -16.76
N ALA K 63 17.28 -8.70 -16.28
CA ALA K 63 16.05 -9.06 -16.98
C ALA K 63 16.22 -9.01 -18.49
N MET K 64 15.76 -10.07 -19.14
CA MET K 64 15.81 -10.21 -20.62
C MET K 64 17.18 -9.98 -21.24
N GLY K 65 18.25 -10.09 -20.46
CA GLY K 65 19.59 -9.81 -20.94
C GLY K 65 20.53 -10.93 -20.52
N GLN K 66 21.80 -10.60 -20.40
CA GLN K 66 22.81 -11.66 -20.15
C GLN K 66 23.95 -11.15 -19.31
N GLY K 67 24.77 -12.06 -18.79
CA GLY K 67 25.97 -11.66 -18.07
C GLY K 67 26.89 -12.85 -18.03
N MET K 68 28.16 -12.61 -17.73
CA MET K 68 29.15 -13.67 -17.62
C MET K 68 29.68 -13.72 -16.21
N VAL K 69 29.40 -14.80 -15.49
CA VAL K 69 29.75 -14.91 -14.08
C VAL K 69 31.16 -15.51 -13.93
N SER K 70 31.96 -14.91 -13.03
CA SER K 70 33.24 -15.49 -12.58
C SER K 70 33.07 -16.64 -11.61
N THR K 71 34.03 -17.54 -11.64
CA THR K 71 34.06 -18.74 -10.82
C THR K 71 35.42 -18.84 -10.18
N ASP K 72 36.43 -18.18 -10.79
CA ASP K 72 37.81 -18.24 -10.32
C ASP K 72 38.33 -19.69 -10.21
N ILE K 73 37.77 -20.60 -11.03
CA ILE K 73 38.37 -21.96 -11.23
C ILE K 73 38.69 -22.28 -12.70
N SER K 74 39.62 -23.21 -12.87
CA SER K 74 39.86 -23.85 -14.14
C SER K 74 39.81 -25.32 -13.87
N PHE K 75 39.48 -26.11 -14.93
CA PHE K 75 39.54 -27.57 -14.83
C PHE K 75 39.96 -28.25 -16.08
N THR K 76 40.50 -29.46 -15.87
CA THR K 76 40.77 -30.44 -16.92
C THR K 76 39.84 -31.61 -16.66
N VAL K 77 38.95 -31.88 -17.61
CA VAL K 77 38.00 -32.97 -17.54
C VAL K 77 38.68 -34.29 -17.93
N PRO K 78 38.07 -35.45 -17.54
CA PRO K 78 38.50 -36.77 -17.93
C PRO K 78 38.65 -36.91 -19.49
N VAL K 79 39.58 -37.77 -19.88
CA VAL K 79 39.71 -38.32 -21.23
C VAL K 79 38.34 -38.88 -21.68
N GLY K 80 37.94 -38.50 -22.89
CA GLY K 80 36.74 -39.00 -23.52
C GLY K 80 35.51 -38.15 -23.24
N THR K 81 35.72 -37.01 -22.57
CA THR K 81 34.63 -36.11 -22.20
C THR K 81 35.03 -34.68 -22.54
N TYR K 82 34.03 -33.79 -22.54
CA TYR K 82 34.24 -32.36 -22.38
C TYR K 82 33.37 -31.94 -21.19
N GLY K 83 33.52 -30.66 -20.82
CA GLY K 83 32.85 -30.08 -19.65
C GLY K 83 31.66 -29.31 -20.17
N ARG K 84 30.47 -29.80 -19.87
CA ARG K 84 29.28 -29.02 -20.27
C ARG K 84 28.81 -28.20 -19.06
N ILE K 85 28.87 -26.87 -19.21
N ILE K 85 28.81 -26.88 -19.23
CA ILE K 85 28.20 -25.94 -18.28
CA ILE K 85 28.23 -25.96 -18.26
C ILE K 85 26.72 -25.91 -18.57
C ILE K 85 26.73 -25.86 -18.52
N ALA K 86 25.96 -26.63 -17.76
CA ALA K 86 24.50 -26.87 -17.99
C ALA K 86 23.71 -26.14 -16.91
N PRO K 87 22.42 -25.82 -17.19
CA PRO K 87 21.63 -25.10 -16.20
C PRO K 87 21.21 -25.91 -14.97
N ARG K 88 21.15 -25.20 -13.85
N ARG K 88 21.18 -25.20 -13.85
CA ARG K 88 20.43 -25.68 -12.69
CA ARG K 88 20.41 -25.59 -12.66
C ARG K 88 18.94 -25.53 -12.93
C ARG K 88 18.93 -25.54 -12.99
N SER K 89 18.22 -26.64 -12.68
CA SER K 89 16.77 -26.67 -12.85
C SER K 89 15.95 -25.65 -12.09
N GLY K 90 16.30 -25.45 -10.81
CA GLY K 90 15.63 -24.41 -9.95
C GLY K 90 15.68 -22.99 -10.47
N LEU K 91 16.84 -22.58 -10.99
CA LEU K 91 17.04 -21.22 -11.50
C LEU K 91 16.31 -21.01 -12.82
N ALA K 92 16.15 -22.09 -13.58
CA ALA K 92 15.40 -22.04 -14.85
C ALA K 92 13.96 -21.73 -14.52
N VAL K 93 13.41 -22.54 -13.61
CA VAL K 93 11.99 -22.43 -13.28
C VAL K 93 11.73 -21.16 -12.48
N LYS K 94 12.62 -20.84 -11.54
CA LYS K 94 12.33 -19.74 -10.58
C LYS K 94 12.72 -18.40 -11.19
N ASN K 95 13.84 -18.39 -11.93
CA ASN K 95 14.41 -17.12 -12.41
C ASN K 95 14.60 -16.96 -13.92
N GLY K 96 14.15 -17.95 -14.68
CA GLY K 96 14.25 -17.90 -16.15
C GLY K 96 15.65 -17.94 -16.69
N ILE K 97 16.54 -18.60 -15.95
CA ILE K 97 17.97 -18.61 -16.24
C ILE K 97 18.38 -19.83 -17.07
N GLN K 98 19.18 -19.56 -18.10
CA GLN K 98 19.69 -20.54 -19.03
C GLN K 98 21.21 -20.33 -19.14
N THR K 99 22.01 -21.40 -19.10
CA THR K 99 23.38 -21.27 -19.51
C THR K 99 23.61 -21.04 -21.00
N GLY K 100 24.50 -20.10 -21.30
CA GLY K 100 25.01 -19.93 -22.66
C GLY K 100 26.37 -20.54 -22.84
N ALA K 101 26.90 -20.46 -24.06
CA ALA K 101 28.21 -21.13 -24.33
C ALA K 101 28.22 -22.54 -23.70
N GLY K 102 29.15 -22.84 -22.79
CA GLY K 102 29.05 -24.11 -22.03
C GLY K 102 29.92 -25.28 -22.45
N VAL K 103 30.45 -25.25 -23.69
CA VAL K 103 31.37 -26.29 -24.14
C VAL K 103 32.81 -26.01 -23.65
N VAL K 104 33.15 -26.58 -22.48
CA VAL K 104 34.51 -26.52 -21.97
C VAL K 104 35.40 -27.65 -22.52
N ASP K 105 36.35 -27.31 -23.39
CA ASP K 105 37.23 -28.37 -23.95
C ASP K 105 38.19 -28.97 -22.93
N ARG K 106 38.66 -30.18 -23.21
CA ARG K 106 39.59 -30.86 -22.30
CA ARG K 106 39.60 -30.87 -22.32
C ARG K 106 40.94 -30.13 -22.21
N ASP K 107 41.31 -29.39 -23.25
CA ASP K 107 42.59 -28.63 -23.23
C ASP K 107 42.45 -27.17 -22.78
N TYR K 108 41.22 -26.77 -22.38
CA TYR K 108 41.01 -25.43 -21.90
C TYR K 108 41.58 -25.20 -20.46
N THR K 109 42.43 -24.20 -20.30
CA THR K 109 43.06 -23.94 -19.00
C THR K 109 42.79 -22.54 -18.50
N GLY K 110 41.96 -21.79 -19.20
CA GLY K 110 41.64 -20.46 -18.72
C GLY K 110 40.63 -20.62 -17.62
N GLU K 111 40.16 -19.49 -17.13
CA GLU K 111 39.09 -19.47 -16.16
C GLU K 111 37.76 -19.84 -16.80
N VAL K 112 37.06 -20.74 -16.14
CA VAL K 112 35.75 -21.15 -16.62
C VAL K 112 34.71 -20.13 -16.17
N LYS K 113 34.28 -19.26 -17.08
CA LYS K 113 33.29 -18.26 -16.70
C LYS K 113 31.95 -18.70 -17.23
N VAL K 114 30.87 -18.34 -16.54
CA VAL K 114 29.60 -18.94 -16.87
C VAL K 114 28.72 -17.91 -17.53
N VAL K 115 28.30 -18.18 -18.76
CA VAL K 115 27.44 -17.24 -19.43
C VAL K 115 26.03 -17.63 -19.02
N LEU K 116 25.20 -16.63 -18.73
CA LEU K 116 23.86 -16.85 -18.28
C LEU K 116 22.94 -15.92 -19.03
N PHE K 117 21.88 -16.47 -19.63
CA PHE K 117 20.80 -15.66 -20.21
C PHE K 117 19.70 -15.63 -19.18
N ASN K 118 19.06 -14.47 -19.05
CA ASN K 118 17.96 -14.27 -18.10
C ASN K 118 16.78 -14.02 -19.00
N HIS K 119 15.83 -14.97 -19.03
CA HIS K 119 14.66 -14.87 -19.92
C HIS K 119 13.42 -14.34 -19.14
N SER K 120 13.60 -13.97 -17.88
CA SER K 120 12.59 -13.35 -17.06
C SER K 120 12.51 -11.83 -17.13
N GLN K 121 11.47 -11.32 -16.48
CA GLN K 121 11.25 -9.88 -16.36
C GLN K 121 11.88 -9.26 -15.10
N ARG K 122 12.67 -10.08 -14.37
CA ARG K 122 13.28 -9.67 -13.11
C ARG K 122 14.79 -9.90 -13.18
N ASP K 123 15.57 -8.88 -12.86
CA ASP K 123 17.03 -9.02 -12.69
C ASP K 123 17.33 -10.12 -11.72
N PHE K 124 18.44 -10.84 -12.00
CA PHE K 124 18.85 -11.95 -11.22
C PHE K 124 20.17 -11.65 -10.50
N ALA K 125 20.09 -11.41 -9.21
CA ALA K 125 21.23 -11.00 -8.39
C ALA K 125 22.00 -12.23 -7.99
N ILE K 126 23.29 -12.23 -8.22
CA ILE K 126 24.13 -13.38 -7.81
C ILE K 126 25.16 -12.84 -6.86
N LYS K 127 25.35 -13.52 -5.75
CA LYS K 127 26.39 -13.13 -4.78
C LYS K 127 27.46 -14.21 -4.74
N LYS K 128 28.67 -13.82 -4.45
CA LYS K 128 29.76 -14.81 -4.29
C LYS K 128 29.28 -16.01 -3.44
N GLY K 129 29.60 -17.21 -3.93
CA GLY K 129 29.23 -18.48 -3.29
C GLY K 129 27.87 -19.05 -3.71
N ASP K 130 27.12 -18.33 -4.55
CA ASP K 130 25.84 -18.86 -5.00
C ASP K 130 26.15 -19.92 -6.06
N ARG K 131 25.38 -21.01 -6.13
CA ARG K 131 25.38 -21.92 -7.28
C ARG K 131 24.74 -21.32 -8.49
N VAL K 132 25.44 -21.37 -9.61
CA VAL K 132 25.01 -20.64 -10.81
C VAL K 132 24.81 -21.57 -12.02
N ALA K 133 25.40 -22.76 -11.95
CA ALA K 133 25.37 -23.79 -13.00
C ALA K 133 25.74 -25.20 -12.44
N GLN K 134 25.61 -26.24 -13.27
CA GLN K 134 26.23 -27.53 -13.00
C GLN K 134 27.15 -27.95 -14.12
N LEU K 135 28.24 -28.63 -13.78
CA LEU K 135 29.18 -29.18 -14.72
C LEU K 135 28.90 -30.68 -14.96
N ILE K 136 28.65 -31.03 -16.23
CA ILE K 136 28.38 -32.43 -16.62
C ILE K 136 29.53 -32.92 -17.47
N LEU K 137 30.12 -34.03 -17.08
CA LEU K 137 31.20 -34.59 -17.88
C LEU K 137 30.62 -35.52 -18.96
N GLU K 138 30.29 -34.90 -20.10
CA GLU K 138 29.63 -35.53 -21.25
C GLU K 138 30.66 -36.37 -21.95
N LYS K 139 30.38 -37.67 -22.11
CA LYS K 139 31.14 -38.56 -22.99
C LYS K 139 30.87 -38.29 -24.49
N ILE K 140 31.96 -38.24 -25.25
CA ILE K 140 31.92 -37.79 -26.62
C ILE K 140 32.92 -38.62 -27.39
N VAL K 141 32.75 -38.71 -28.70
CA VAL K 141 33.83 -39.20 -29.59
C VAL K 141 34.63 -37.92 -29.90
N ASP K 142 35.85 -37.82 -29.44
CA ASP K 142 36.62 -36.57 -29.69
C ASP K 142 37.76 -36.82 -30.71
N ASP K 143 37.85 -38.04 -31.22
CA ASP K 143 38.90 -38.48 -32.14
C ASP K 143 38.37 -39.10 -33.44
N ALA K 144 37.15 -38.76 -33.86
CA ALA K 144 36.64 -39.23 -35.16
C ALA K 144 37.47 -38.62 -36.30
N GLN K 145 37.83 -39.44 -37.27
CA GLN K 145 38.47 -38.89 -38.47
C GLN K 145 37.42 -38.35 -39.41
N ILE K 146 37.60 -37.09 -39.80
CA ILE K 146 36.75 -36.40 -40.77
C ILE K 146 37.07 -36.97 -42.17
N VAL K 147 36.03 -37.51 -42.80
CA VAL K 147 36.16 -38.12 -44.14
C VAL K 147 35.02 -37.50 -44.99
N VAL K 148 35.38 -37.00 -46.17
CA VAL K 148 34.44 -36.40 -47.13
C VAL K 148 33.97 -37.45 -48.15
N VAL K 149 32.66 -37.64 -48.27
CA VAL K 149 32.08 -38.71 -49.12
C VAL K 149 31.19 -38.18 -50.23
N ASP K 150 30.84 -39.01 -51.20
CA ASP K 150 30.10 -38.48 -52.31
C ASP K 150 28.64 -38.28 -51.89
N SER K 151 28.12 -39.25 -51.14
CA SER K 151 26.71 -39.47 -50.84
C SER K 151 26.71 -40.14 -49.45
N LEU K 152 25.88 -39.62 -48.56
CA LEU K 152 25.74 -40.19 -47.23
C LEU K 152 24.98 -41.49 -47.35
N GLU K 153 23.99 -41.47 -48.23
CA GLU K 153 23.11 -42.61 -48.45
C GLU K 153 23.85 -43.78 -49.09
N GLU K 154 24.87 -43.50 -49.90
CA GLU K 154 25.56 -44.56 -50.64
C GLU K 154 26.95 -44.94 -50.07
N ASP L 26 22.09 -52.11 -17.46
CA ASP L 26 20.96 -51.18 -17.84
C ASP L 26 21.01 -50.70 -19.31
N LYS L 27 20.21 -51.34 -20.15
CA LYS L 27 19.78 -50.67 -21.37
C LYS L 27 18.26 -50.59 -21.30
N VAL L 28 17.78 -50.27 -20.11
CA VAL L 28 16.34 -50.23 -19.88
C VAL L 28 16.05 -48.83 -19.43
N LEU L 29 15.04 -48.22 -20.05
CA LEU L 29 14.50 -46.94 -19.58
C LEU L 29 13.14 -47.22 -18.93
N LYS L 30 13.04 -47.03 -17.60
CA LYS L 30 11.79 -47.27 -16.87
C LYS L 30 10.93 -46.02 -16.87
N ILE L 31 9.67 -46.19 -17.23
CA ILE L 31 8.74 -45.08 -17.34
C ILE L 31 7.49 -45.37 -16.49
N GLN L 32 7.08 -44.35 -15.75
CA GLN L 32 5.92 -44.36 -14.89
C GLN L 32 4.89 -43.36 -15.43
N LEU L 33 3.75 -43.86 -15.88
CA LEU L 33 2.65 -42.99 -16.26
C LEU L 33 1.85 -42.59 -15.01
N ARG L 34 1.92 -41.31 -14.64
CA ARG L 34 1.36 -40.84 -13.38
C ARG L 34 -0.13 -40.50 -13.42
N SER L 35 -0.71 -40.41 -14.61
CA SER L 35 -2.15 -40.15 -14.80
C SER L 35 -2.59 -40.71 -16.15
N ALA L 36 -3.87 -40.59 -16.47
CA ALA L 36 -4.35 -41.14 -17.72
C ALA L 36 -4.11 -40.17 -18.87
N SER L 37 -3.59 -38.98 -18.54
CA SER L 37 -3.28 -37.92 -19.50
C SER L 37 -1.89 -38.06 -20.13
N ALA L 38 -0.96 -38.65 -19.38
CA ALA L 38 0.38 -38.95 -19.88
C ALA L 38 0.35 -39.76 -21.20
N THR L 39 1.37 -39.58 -22.06
CA THR L 39 1.64 -40.51 -23.17
C THR L 39 3.03 -41.07 -22.97
N VAL L 40 3.21 -42.37 -23.16
CA VAL L 40 4.51 -43.02 -23.11
C VAL L 40 5.44 -42.36 -24.16
N PRO L 41 6.66 -41.91 -23.75
CA PRO L 41 7.69 -41.50 -24.72
C PRO L 41 7.87 -42.47 -25.88
N THR L 42 7.91 -41.94 -27.09
CA THR L 42 8.10 -42.77 -28.28
C THR L 42 9.23 -42.25 -29.16
N LYS L 43 9.97 -43.15 -29.81
CA LYS L 43 10.93 -42.75 -30.83
C LYS L 43 10.20 -42.47 -32.14
N GLY L 44 10.69 -41.51 -32.93
CA GLY L 44 10.04 -41.12 -34.21
C GLY L 44 10.54 -41.90 -35.43
N SER L 45 11.82 -42.29 -35.35
CA SER L 45 12.45 -43.23 -36.28
C SER L 45 13.27 -44.17 -35.40
N ALA L 46 13.80 -45.23 -36.01
CA ALA L 46 14.59 -46.25 -35.28
C ALA L 46 16.01 -45.78 -34.90
N THR L 47 16.53 -44.77 -35.61
CA THR L 47 17.87 -44.28 -35.39
C THR L 47 17.87 -42.95 -34.65
N ALA L 48 16.66 -42.50 -34.29
CA ALA L 48 16.49 -41.25 -33.56
C ALA L 48 17.27 -41.27 -32.23
N ALA L 49 17.89 -40.14 -31.90
CA ALA L 49 18.59 -39.87 -30.64
C ALA L 49 17.68 -39.90 -29.39
N GLY L 50 16.46 -39.39 -29.53
CA GLY L 50 15.63 -39.17 -28.40
C GLY L 50 14.24 -39.75 -28.52
N TYR L 51 13.58 -39.79 -27.36
CA TYR L 51 12.18 -40.18 -27.30
C TYR L 51 11.36 -38.91 -27.25
N ASP L 52 10.30 -38.83 -28.06
CA ASP L 52 9.40 -37.67 -28.02
C ASP L 52 8.67 -37.65 -26.66
N ILE L 53 8.54 -36.44 -26.10
CA ILE L 53 7.79 -36.23 -24.87
CA ILE L 53 7.84 -36.17 -24.86
C ILE L 53 6.52 -35.43 -25.14
N TYR L 54 5.42 -35.92 -24.55
CA TYR L 54 4.09 -35.39 -24.79
C TYR L 54 3.58 -34.61 -23.59
N ALA L 55 2.93 -33.48 -23.88
CA ALA L 55 2.08 -32.76 -22.93
C ALA L 55 0.92 -33.63 -22.41
N SER L 56 0.68 -33.58 -21.11
CA SER L 56 -0.45 -34.26 -20.50
C SER L 56 -1.59 -33.27 -20.18
N GLN L 57 -1.34 -31.98 -20.38
CA GLN L 57 -2.28 -30.92 -20.00
C GLN L 57 -2.11 -29.71 -20.96
N ASP L 58 -3.20 -29.05 -21.33
CA ASP L 58 -3.16 -27.88 -22.22
C ASP L 58 -2.34 -26.75 -21.58
N ILE L 59 -1.61 -25.98 -22.38
CA ILE L 59 -0.86 -24.81 -21.85
C ILE L 59 -0.41 -23.85 -22.97
N THR L 60 -0.24 -22.57 -22.65
CA THR L 60 0.38 -21.61 -23.59
C THR L 60 1.71 -21.14 -23.04
N ILE L 61 2.72 -21.15 -23.89
CA ILE L 61 3.97 -20.50 -23.61
C ILE L 61 3.90 -19.08 -24.17
N PRO L 62 3.89 -18.06 -23.30
CA PRO L 62 3.75 -16.70 -23.83
C PRO L 62 4.96 -16.29 -24.67
N ALA L 63 4.69 -15.49 -25.71
CA ALA L 63 5.73 -14.95 -26.56
C ALA L 63 6.79 -14.32 -25.69
N MET L 64 8.06 -14.48 -26.05
CA MET L 64 9.18 -13.89 -25.25
C MET L 64 9.02 -14.19 -23.76
N GLY L 65 8.58 -15.40 -23.47
CA GLY L 65 8.19 -15.78 -22.14
C GLY L 65 8.67 -17.20 -21.89
N GLN L 66 8.12 -17.78 -20.84
CA GLN L 66 8.40 -19.18 -20.55
C GLN L 66 7.18 -19.80 -19.88
N GLY L 67 7.10 -21.12 -19.96
CA GLY L 67 6.05 -21.86 -19.28
C GLY L 67 6.59 -23.21 -18.86
N MET L 68 5.88 -23.85 -17.95
CA MET L 68 6.23 -25.21 -17.61
C MET L 68 5.14 -26.23 -18.00
N VAL L 69 5.51 -27.17 -18.87
CA VAL L 69 4.56 -28.11 -19.46
C VAL L 69 4.51 -29.36 -18.59
N SER L 70 3.29 -29.72 -18.16
N SER L 70 3.31 -29.75 -18.15
CA SER L 70 3.06 -30.97 -17.43
CA SER L 70 3.15 -30.96 -17.37
C SER L 70 3.22 -32.14 -18.40
C SER L 70 3.07 -32.17 -18.30
N THR L 71 3.70 -33.27 -17.89
CA THR L 71 3.73 -34.48 -18.68
C THR L 71 3.08 -35.65 -17.95
N ASP L 72 3.04 -35.59 -16.62
CA ASP L 72 2.62 -36.73 -15.80
C ASP L 72 3.40 -37.99 -16.08
N ILE L 73 4.65 -37.86 -16.49
CA ILE L 73 5.53 -39.04 -16.46
C ILE L 73 6.64 -38.83 -15.45
N SER L 74 7.16 -39.93 -14.97
CA SER L 74 8.43 -39.98 -14.26
C SER L 74 9.29 -41.04 -15.01
N PHE L 75 10.62 -40.94 -14.94
CA PHE L 75 11.49 -42.01 -15.48
C PHE L 75 12.79 -42.17 -14.71
N THR L 76 13.40 -43.34 -14.87
CA THR L 76 14.74 -43.63 -14.39
C THR L 76 15.57 -44.01 -15.62
N VAL L 77 16.60 -43.21 -15.89
CA VAL L 77 17.47 -43.38 -17.05
C VAL L 77 18.47 -44.48 -16.73
N PRO L 78 19.08 -45.12 -17.77
CA PRO L 78 20.10 -46.17 -17.55
C PRO L 78 21.36 -45.75 -16.78
N VAL L 79 22.03 -46.71 -16.13
CA VAL L 79 23.30 -46.40 -15.41
C VAL L 79 24.29 -45.72 -16.38
N GLY L 80 25.01 -44.71 -15.93
CA GLY L 80 25.99 -44.00 -16.76
C GLY L 80 25.39 -42.98 -17.69
N THR L 81 24.12 -42.63 -17.49
CA THR L 81 23.49 -41.59 -18.29
C THR L 81 22.82 -40.55 -17.41
N TYR L 82 22.39 -39.47 -18.02
CA TYR L 82 21.32 -38.71 -17.38
C TYR L 82 20.31 -38.47 -18.48
N GLY L 83 19.08 -38.07 -18.11
CA GLY L 83 18.08 -37.73 -19.10
C GLY L 83 18.14 -36.25 -19.46
N ARG L 84 18.46 -35.95 -20.71
CA ARG L 84 18.43 -34.56 -21.16
C ARG L 84 17.11 -34.22 -21.89
N ILE L 85 16.39 -33.19 -21.44
CA ILE L 85 15.21 -32.78 -22.14
C ILE L 85 15.76 -31.81 -23.19
N ALA L 86 15.75 -32.26 -24.43
CA ALA L 86 16.39 -31.56 -25.55
C ALA L 86 15.27 -31.01 -26.45
N PRO L 87 15.53 -29.92 -27.22
CA PRO L 87 14.42 -29.41 -28.05
C PRO L 87 14.12 -30.24 -29.33
N ARG L 88 12.85 -30.29 -29.71
CA ARG L 88 12.41 -30.79 -31.02
C ARG L 88 12.75 -29.70 -32.03
N SER L 89 13.44 -30.06 -33.13
CA SER L 89 13.93 -29.10 -34.12
C SER L 89 12.80 -28.23 -34.73
N GLY L 90 11.71 -28.85 -35.16
CA GLY L 90 10.61 -28.11 -35.77
C GLY L 90 9.98 -27.04 -34.91
N LEU L 91 9.77 -27.32 -33.62
CA LEU L 91 9.23 -26.23 -32.71
C LEU L 91 10.22 -25.08 -32.54
N ALA L 92 11.51 -25.36 -32.62
CA ALA L 92 12.53 -24.30 -32.65
C ALA L 92 12.44 -23.41 -33.88
N VAL L 93 12.42 -24.07 -35.04
CA VAL L 93 12.45 -23.41 -36.30
C VAL L 93 11.15 -22.64 -36.49
N LYS L 94 10.02 -23.27 -36.20
CA LYS L 94 8.76 -22.70 -36.58
C LYS L 94 8.16 -21.84 -35.51
N ASN L 95 8.53 -22.10 -34.26
CA ASN L 95 7.91 -21.45 -33.14
C ASN L 95 8.83 -20.75 -32.17
N GLY L 96 10.15 -20.89 -32.31
CA GLY L 96 11.04 -20.20 -31.40
C GLY L 96 11.19 -20.85 -30.06
N ILE L 97 10.85 -22.14 -30.03
CA ILE L 97 10.86 -22.88 -28.79
C ILE L 97 12.23 -23.49 -28.50
N GLN L 98 12.72 -23.19 -27.30
CA GLN L 98 13.96 -23.79 -26.73
C GLN L 98 13.57 -24.44 -25.40
N THR L 99 14.06 -25.65 -25.12
CA THR L 99 13.85 -26.21 -23.79
C THR L 99 14.80 -25.50 -22.76
N GLY L 100 14.33 -25.23 -21.54
CA GLY L 100 15.24 -24.78 -20.44
C GLY L 100 15.56 -25.96 -19.51
N ALA L 101 16.30 -25.70 -18.42
CA ALA L 101 16.55 -26.71 -17.39
C ALA L 101 16.98 -27.95 -18.19
N GLY L 102 16.36 -29.11 -18.00
CA GLY L 102 16.67 -30.24 -18.87
C GLY L 102 17.65 -31.32 -18.40
N VAL L 103 18.35 -31.13 -17.29
CA VAL L 103 19.23 -32.19 -16.77
C VAL L 103 18.41 -32.97 -15.74
N VAL L 104 18.01 -34.17 -16.15
CA VAL L 104 17.17 -35.03 -15.31
C VAL L 104 18.10 -36.10 -14.78
N ASP L 105 18.48 -35.99 -13.51
CA ASP L 105 19.35 -36.97 -12.82
C ASP L 105 18.71 -38.36 -12.70
N ARG L 106 19.57 -39.37 -12.59
CA ARG L 106 19.15 -40.78 -12.59
C ARG L 106 18.24 -41.13 -11.40
N ASP L 107 18.33 -40.36 -10.32
CA ASP L 107 17.62 -40.70 -9.11
C ASP L 107 16.37 -39.83 -8.98
N TYR L 108 16.08 -39.06 -10.02
CA TYR L 108 14.89 -38.22 -10.00
C TYR L 108 13.58 -39.01 -10.24
N THR L 109 12.72 -39.02 -9.22
CA THR L 109 11.43 -39.71 -9.24
C THR L 109 10.20 -38.76 -9.32
N GLY L 110 10.41 -37.44 -9.22
CA GLY L 110 9.35 -36.46 -9.45
C GLY L 110 8.80 -36.42 -10.89
N GLU L 111 7.67 -35.76 -11.09
CA GLU L 111 7.14 -35.59 -12.43
C GLU L 111 8.15 -34.78 -13.24
N VAL L 112 8.40 -35.20 -14.47
CA VAL L 112 9.37 -34.51 -15.30
C VAL L 112 8.60 -33.54 -16.12
N LYS L 113 8.53 -32.29 -15.66
CA LYS L 113 7.89 -31.19 -16.37
C LYS L 113 8.86 -30.57 -17.34
N VAL L 114 8.35 -30.00 -18.40
CA VAL L 114 9.26 -29.43 -19.42
C VAL L 114 9.28 -27.92 -19.30
N VAL L 115 10.48 -27.35 -19.11
CA VAL L 115 10.65 -25.90 -19.20
C VAL L 115 10.84 -25.51 -20.64
N LEU L 116 9.96 -24.65 -21.11
CA LEU L 116 10.05 -24.08 -22.43
C LEU L 116 10.20 -22.54 -22.43
N PHE L 117 11.22 -22.07 -23.16
CA PHE L 117 11.38 -20.65 -23.53
C PHE L 117 10.88 -20.45 -24.94
N ASN L 118 10.03 -19.46 -25.10
CA ASN L 118 9.47 -19.03 -26.38
C ASN L 118 10.17 -17.71 -26.71
N HIS L 119 11.05 -17.77 -27.71
CA HIS L 119 11.84 -16.63 -28.17
C HIS L 119 11.21 -15.92 -29.35
N SER L 120 9.92 -16.18 -29.51
CA SER L 120 9.22 -15.66 -30.60
C SER L 120 8.17 -14.62 -30.12
N GLN L 121 7.70 -13.78 -31.03
CA GLN L 121 6.58 -12.81 -30.83
C GLN L 121 5.17 -13.40 -30.76
N ARG L 122 5.08 -14.71 -30.98
CA ARG L 122 3.80 -15.39 -31.00
C ARG L 122 3.67 -16.36 -29.83
N ASP L 123 2.54 -16.28 -29.17
CA ASP L 123 2.21 -17.26 -28.14
C ASP L 123 2.23 -18.63 -28.77
N PHE L 124 2.66 -19.61 -27.97
CA PHE L 124 2.73 -20.99 -28.40
C PHE L 124 1.75 -21.86 -27.63
N ALA L 125 0.70 -22.27 -28.32
CA ALA L 125 -0.36 -23.05 -27.72
C ALA L 125 0.01 -24.52 -27.77
N ILE L 126 -0.13 -25.18 -26.62
CA ILE L 126 0.13 -26.62 -26.45
C ILE L 126 -1.17 -27.32 -26.00
N LYS L 127 -1.56 -28.39 -26.71
CA LYS L 127 -2.70 -29.23 -26.28
C LYS L 127 -2.20 -30.52 -25.64
N LYS L 128 -2.97 -31.10 -24.71
CA LYS L 128 -2.73 -32.42 -24.18
C LYS L 128 -2.45 -33.35 -25.38
N GLY L 129 -1.37 -34.11 -25.30
CA GLY L 129 -1.00 -35.02 -26.37
C GLY L 129 -0.09 -34.47 -27.46
N ASP L 130 0.21 -33.18 -27.45
CA ASP L 130 1.23 -32.61 -28.37
C ASP L 130 2.63 -33.07 -27.93
N ARG L 131 3.54 -33.35 -28.89
CA ARG L 131 4.99 -33.58 -28.62
C ARG L 131 5.67 -32.21 -28.35
N VAL L 132 6.43 -32.14 -27.26
CA VAL L 132 6.96 -30.84 -26.79
C VAL L 132 8.50 -30.79 -26.60
N ALA L 133 9.17 -31.91 -26.71
CA ALA L 133 10.59 -31.99 -26.39
C ALA L 133 10.97 -33.40 -26.71
N GLN L 134 12.27 -33.68 -26.64
CA GLN L 134 12.70 -35.05 -26.74
C GLN L 134 13.65 -35.39 -25.61
N LEU L 135 13.61 -36.64 -25.18
CA LEU L 135 14.48 -37.13 -24.13
C LEU L 135 15.63 -37.89 -24.75
N ILE L 136 16.84 -37.44 -24.41
CA ILE L 136 18.07 -38.07 -24.88
C ILE L 136 18.84 -38.74 -23.74
N LEU L 137 19.26 -39.98 -23.94
CA LEU L 137 19.99 -40.69 -22.90
C LEU L 137 21.49 -40.43 -23.05
N GLU L 138 21.94 -39.34 -22.44
CA GLU L 138 23.32 -38.83 -22.64
C GLU L 138 24.28 -39.60 -21.75
N LYS L 139 25.38 -40.10 -22.31
CA LYS L 139 26.33 -40.91 -21.53
C LYS L 139 27.33 -39.93 -20.86
N ILE L 140 27.64 -40.17 -19.58
CA ILE L 140 28.46 -39.19 -18.81
C ILE L 140 29.51 -39.94 -17.97
N VAL L 141 30.52 -39.22 -17.48
CA VAL L 141 31.32 -39.71 -16.36
C VAL L 141 30.71 -39.17 -15.06
N ASP L 142 30.07 -40.04 -14.29
CA ASP L 142 29.42 -39.57 -13.08
C ASP L 142 30.24 -39.78 -11.80
N ASP L 143 31.22 -40.66 -11.86
CA ASP L 143 32.08 -40.96 -10.74
C ASP L 143 33.53 -40.47 -10.87
N ALA L 144 33.77 -39.31 -11.47
CA ALA L 144 35.15 -38.81 -11.51
C ALA L 144 35.57 -38.35 -10.12
N GLN L 145 36.80 -38.71 -9.76
CA GLN L 145 37.40 -38.23 -8.55
C GLN L 145 37.96 -36.83 -8.80
N ILE L 146 37.62 -35.91 -7.92
CA ILE L 146 38.05 -34.53 -8.00
C ILE L 146 39.46 -34.49 -7.45
N VAL L 147 40.36 -33.78 -8.13
CA VAL L 147 41.71 -33.57 -7.61
C VAL L 147 42.10 -32.13 -7.81
N VAL L 148 42.37 -31.44 -6.70
CA VAL L 148 42.77 -30.03 -6.74
C VAL L 148 44.29 -29.90 -6.99
N VAL L 149 44.65 -29.13 -8.02
CA VAL L 149 46.05 -29.06 -8.49
C VAL L 149 46.44 -27.59 -8.52
N ASP L 150 47.73 -27.29 -8.53
CA ASP L 150 48.16 -25.89 -8.49
C ASP L 150 48.28 -25.26 -9.87
N SER L 151 48.43 -26.09 -10.90
CA SER L 151 48.21 -25.66 -12.27
C SER L 151 47.76 -26.85 -13.09
N LEU L 152 47.26 -26.60 -14.29
CA LEU L 152 46.70 -27.64 -15.12
C LEU L 152 47.69 -28.21 -16.16
N ASP M 26 -3.65 32.52 -6.95
CA ASP M 26 -3.89 31.72 -8.18
C ASP M 26 -5.37 31.54 -8.56
N LYS M 27 -5.89 30.36 -8.21
CA LYS M 27 -7.29 29.89 -8.17
C LYS M 27 -6.94 28.41 -8.05
N VAL M 28 -5.72 28.22 -7.59
CA VAL M 28 -5.05 26.95 -7.45
C VAL M 28 -4.84 26.86 -5.95
N LEU M 29 -5.20 25.73 -5.35
CA LEU M 29 -4.77 25.36 -3.99
C LEU M 29 -3.64 24.30 -4.12
N LYS M 30 -2.41 24.70 -3.82
CA LYS M 30 -1.29 23.78 -4.04
C LYS M 30 -1.11 22.96 -2.78
N ILE M 31 -1.21 21.63 -2.93
CA ILE M 31 -1.03 20.70 -1.83
C ILE M 31 0.32 19.94 -1.91
N GLN M 32 1.03 19.95 -0.80
CA GLN M 32 2.24 19.11 -0.68
C GLN M 32 1.96 18.08 0.41
N LEU M 33 2.15 16.81 0.03
CA LEU M 33 2.00 15.71 0.97
C LEU M 33 3.37 15.41 1.58
N ARG M 34 3.44 15.46 2.90
N ARG M 34 3.48 15.48 2.89
CA ARG M 34 4.70 15.44 3.60
CA ARG M 34 4.79 15.38 3.50
C ARG M 34 5.03 14.04 4.13
C ARG M 34 5.15 13.93 3.81
N SER M 35 4.14 13.08 3.85
CA SER M 35 4.33 11.63 4.14
C SER M 35 3.25 10.76 3.43
N ALA M 36 3.39 9.44 3.56
CA ALA M 36 2.33 8.50 3.16
C ALA M 36 1.11 8.48 4.10
N SER M 37 1.22 9.08 5.28
CA SER M 37 0.10 9.28 6.18
C SER M 37 -0.79 10.45 5.80
N ALA M 38 -0.29 11.40 5.01
CA ALA M 38 -1.10 12.60 4.66
C ALA M 38 -2.24 12.22 3.70
N THR M 39 -3.34 12.98 3.69
CA THR M 39 -4.47 12.69 2.80
C THR M 39 -4.72 14.02 2.10
N VAL M 40 -4.86 14.02 0.79
CA VAL M 40 -5.12 15.28 0.08
C VAL M 40 -6.46 15.80 0.60
N PRO M 41 -6.55 17.08 1.03
CA PRO M 41 -7.88 17.65 1.39
C PRO M 41 -8.95 17.41 0.33
N THR M 42 -10.20 17.21 0.75
CA THR M 42 -11.29 16.78 -0.17
C THR M 42 -12.53 17.71 -0.02
N LYS M 43 -13.21 18.01 -1.12
CA LYS M 43 -14.45 18.82 -1.07
C LYS M 43 -15.57 18.15 -1.88
N GLY M 44 -16.73 18.06 -1.24
CA GLY M 44 -17.85 17.27 -1.76
C GLY M 44 -18.53 18.06 -2.84
N SER M 45 -19.36 19.02 -2.42
CA SER M 45 -20.15 19.86 -3.33
C SER M 45 -19.37 21.05 -3.94
N ALA M 46 -19.74 21.40 -5.16
CA ALA M 46 -19.19 22.56 -5.89
C ALA M 46 -19.10 23.84 -5.02
N THR M 47 -20.16 24.09 -4.24
CA THR M 47 -20.29 25.30 -3.44
C THR M 47 -19.90 25.13 -1.96
N ALA M 48 -19.64 23.88 -1.50
CA ALA M 48 -19.17 23.59 -0.14
C ALA M 48 -18.08 24.59 0.22
N ALA M 49 -18.14 25.07 1.47
CA ALA M 49 -17.24 26.08 1.91
C ALA M 49 -15.85 25.51 1.95
N GLY M 50 -15.68 24.31 2.48
CA GLY M 50 -14.35 23.86 2.91
C GLY M 50 -13.86 22.52 2.40
N TYR M 51 -12.55 22.32 2.51
CA TYR M 51 -11.91 21.03 2.19
C TYR M 51 -11.58 20.33 3.47
N ASP M 52 -11.96 19.05 3.54
CA ASP M 52 -11.75 18.30 4.76
C ASP M 52 -10.26 18.19 5.00
N ILE M 53 -9.83 18.37 6.25
CA ILE M 53 -8.44 18.13 6.68
C ILE M 53 -8.37 16.88 7.59
N TYR M 54 -7.37 16.00 7.35
CA TYR M 54 -7.28 14.68 7.97
C TYR M 54 -6.07 14.54 8.88
N ALA M 55 -6.25 13.84 10.01
CA ALA M 55 -5.17 13.56 10.90
C ALA M 55 -4.22 12.60 10.19
N SER M 56 -2.94 12.77 10.40
CA SER M 56 -1.98 11.82 9.81
C SER M 56 -1.36 11.01 10.90
N GLN M 57 -1.73 11.32 12.14
CA GLN M 57 -1.15 10.70 13.29
C GLN M 57 -2.23 10.64 14.39
N ASP M 58 -2.29 9.51 15.07
CA ASP M 58 -3.17 9.32 16.23
C ASP M 58 -2.86 10.33 17.33
N ILE M 59 -3.90 10.91 17.92
CA ILE M 59 -3.80 11.79 19.09
C ILE M 59 -5.11 11.80 19.88
N THR M 60 -5.01 11.91 21.22
CA THR M 60 -6.22 12.30 22.00
C THR M 60 -6.25 13.81 22.37
N ILE M 61 -7.38 14.48 22.17
CA ILE M 61 -7.65 15.80 22.78
C ILE M 61 -8.35 15.56 24.17
N PRO M 62 -7.67 15.87 25.27
CA PRO M 62 -8.27 15.59 26.59
C PRO M 62 -9.56 16.40 26.84
N ALA M 63 -10.45 15.88 27.69
CA ALA M 63 -11.65 16.62 28.02
C ALA M 63 -11.18 17.93 28.65
N MET M 64 -11.92 18.99 28.34
CA MET M 64 -11.61 20.36 28.78
C MET M 64 -10.19 20.83 28.39
N GLY M 65 -9.69 20.37 27.26
CA GLY M 65 -8.24 20.38 27.03
C GLY M 65 -7.89 20.87 25.65
N GLN M 66 -6.68 20.55 25.24
CA GLN M 66 -6.13 21.05 23.97
C GLN M 66 -5.26 20.01 23.31
N GLY M 67 -5.21 20.04 21.98
CA GLY M 67 -4.10 19.34 21.29
C GLY M 67 -3.79 19.87 19.92
N MET M 68 -2.69 19.38 19.34
CA MET M 68 -2.21 19.88 18.04
C MET M 68 -2.07 18.63 17.21
N VAL M 69 -2.85 18.55 16.13
CA VAL M 69 -2.98 17.32 15.34
C VAL M 69 -2.14 17.47 14.11
N SER M 70 -1.20 16.55 13.91
CA SER M 70 -0.41 16.46 12.68
C SER M 70 -1.25 16.03 11.54
N THR M 71 -1.05 16.73 10.41
CA THR M 71 -1.66 16.42 9.10
C THR M 71 -0.60 15.93 8.07
N ASP M 72 0.65 16.37 8.22
CA ASP M 72 1.73 16.05 7.29
C ASP M 72 1.33 16.58 5.91
N ILE M 73 0.56 17.69 5.85
CA ILE M 73 0.45 18.43 4.60
C ILE M 73 0.96 19.85 4.82
N SER M 74 1.36 20.48 3.72
CA SER M 74 1.54 21.93 3.63
C SER M 74 0.70 22.37 2.44
N PHE M 75 0.39 23.65 2.33
CA PHE M 75 -0.33 24.15 1.13
C PHE M 75 -0.15 25.66 0.91
N THR M 76 -0.34 26.08 -0.34
CA THR M 76 -0.25 27.48 -0.73
C THR M 76 -1.64 27.82 -1.27
N VAL M 77 -2.37 28.64 -0.52
CA VAL M 77 -3.70 29.12 -0.90
C VAL M 77 -3.66 30.11 -2.09
N PRO M 78 -4.80 30.31 -2.82
CA PRO M 78 -4.83 31.29 -3.88
C PRO M 78 -4.42 32.65 -3.42
N VAL M 79 -3.91 33.45 -4.34
CA VAL M 79 -3.64 34.88 -4.15
C VAL M 79 -4.95 35.56 -3.76
N GLY M 80 -4.94 36.45 -2.79
CA GLY M 80 -6.21 37.10 -2.41
C GLY M 80 -6.95 36.33 -1.32
N THR M 81 -6.38 35.26 -0.81
CA THR M 81 -7.01 34.53 0.31
C THR M 81 -5.98 34.20 1.41
N TYR M 82 -6.47 33.66 2.53
CA TYR M 82 -5.61 32.92 3.42
C TYR M 82 -6.33 31.58 3.63
N GLY M 83 -5.66 30.54 4.13
CA GLY M 83 -6.39 29.33 4.51
C GLY M 83 -6.97 29.43 5.93
N ARG M 84 -8.28 29.31 6.06
CA ARG M 84 -8.84 29.23 7.44
C ARG M 84 -9.13 27.80 7.83
N ILE M 85 -8.46 27.39 8.92
CA ILE M 85 -8.61 26.07 9.51
C ILE M 85 -9.81 26.15 10.42
N ALA M 86 -10.96 25.75 9.88
CA ALA M 86 -12.30 25.98 10.48
C ALA M 86 -12.83 24.67 11.11
N PRO M 87 -13.78 24.79 12.08
CA PRO M 87 -14.29 23.59 12.72
C PRO M 87 -15.30 22.79 11.84
N ARG M 88 -15.23 21.45 11.91
CA ARG M 88 -16.32 20.56 11.41
C ARG M 88 -17.54 20.68 12.36
N SER M 89 -18.73 20.89 11.79
CA SER M 89 -19.94 21.00 12.60
C SER M 89 -20.27 19.80 13.47
N GLY M 90 -20.10 18.57 12.93
CA GLY M 90 -20.35 17.32 13.62
C GLY M 90 -19.57 17.18 14.90
N LEU M 91 -18.26 17.41 14.80
N LEU M 91 -18.25 17.39 14.83
CA LEU M 91 -17.35 17.32 15.95
CA LEU M 91 -17.41 17.28 16.03
C LEU M 91 -17.65 18.40 16.99
C LEU M 91 -17.72 18.39 17.04
N ALA M 92 -18.10 19.58 16.57
CA ALA M 92 -18.47 20.63 17.52
C ALA M 92 -19.61 20.11 18.39
N VAL M 93 -20.65 19.66 17.68
CA VAL M 93 -21.89 19.15 18.21
C VAL M 93 -21.70 17.91 19.08
N LYS M 94 -21.03 16.90 18.58
CA LYS M 94 -21.04 15.59 19.18
C LYS M 94 -19.89 15.40 20.15
N ASN M 95 -18.83 16.21 19.94
CA ASN M 95 -17.56 15.99 20.63
C ASN M 95 -17.01 17.19 21.42
N GLY M 96 -17.69 18.34 21.32
CA GLY M 96 -17.22 19.59 21.99
C GLY M 96 -15.99 20.26 21.42
N ILE M 97 -15.73 19.99 20.16
CA ILE M 97 -14.46 20.43 19.56
C ILE M 97 -14.56 21.73 18.80
N GLN M 98 -13.63 22.63 19.17
CA GLN M 98 -13.35 23.93 18.52
C GLN M 98 -11.94 23.92 17.92
N THR M 99 -11.79 24.49 16.75
CA THR M 99 -10.42 24.68 16.21
C THR M 99 -9.82 25.92 16.87
N GLY M 100 -8.55 25.87 17.14
CA GLY M 100 -7.79 27.06 17.56
C GLY M 100 -6.91 27.58 16.42
N ALA M 101 -6.05 28.59 16.71
CA ALA M 101 -5.21 29.25 15.67
C ALA M 101 -5.98 29.41 14.37
N GLY M 102 -5.47 28.87 13.27
CA GLY M 102 -6.25 28.66 12.06
C GLY M 102 -6.13 29.67 10.91
N VAL M 103 -5.31 30.68 11.12
CA VAL M 103 -4.96 31.65 10.05
C VAL M 103 -3.64 31.17 9.48
N VAL M 104 -3.77 30.46 8.36
CA VAL M 104 -2.65 30.02 7.57
C VAL M 104 -2.40 31.01 6.43
N ASP M 105 -1.26 31.69 6.56
CA ASP M 105 -0.83 32.70 5.57
C ASP M 105 -0.46 32.07 4.23
N ARG M 106 -0.63 32.83 3.15
CA ARG M 106 -0.24 32.34 1.82
C ARG M 106 1.26 32.00 1.73
N ASP M 107 2.07 32.61 2.60
CA ASP M 107 3.51 32.42 2.54
C ASP M 107 4.03 31.32 3.50
N TYR M 108 3.13 30.61 4.18
CA TYR M 108 3.48 29.54 5.11
C TYR M 108 3.73 28.23 4.36
N THR M 109 4.88 27.63 4.59
CA THR M 109 5.23 26.41 3.90
C THR M 109 5.51 25.26 4.88
N GLY M 110 5.28 25.48 6.17
CA GLY M 110 5.50 24.45 7.20
C GLY M 110 4.33 23.49 7.18
N GLU M 111 4.40 22.42 7.99
CA GLU M 111 3.25 21.54 8.24
C GLU M 111 2.09 22.34 8.81
N VAL M 112 0.93 22.15 8.25
CA VAL M 112 -0.25 22.67 8.89
C VAL M 112 -0.75 21.72 10.01
N LYS M 113 -0.52 22.10 11.26
CA LYS M 113 -0.99 21.34 12.37
C LYS M 113 -2.38 21.94 12.75
N VAL M 114 -3.26 21.17 13.35
CA VAL M 114 -4.60 21.71 13.59
C VAL M 114 -4.68 21.79 15.11
N VAL M 115 -4.89 23.01 15.60
CA VAL M 115 -5.16 23.22 17.03
C VAL M 115 -6.63 22.87 17.34
N LEU M 116 -6.79 21.94 18.30
CA LEU M 116 -8.14 21.65 18.77
C LEU M 116 -8.28 21.86 20.29
N PHE M 117 -9.41 22.45 20.62
CA PHE M 117 -9.89 22.64 22.01
C PHE M 117 -11.09 21.75 22.23
N ASN M 118 -11.07 21.03 23.34
CA ASN M 118 -12.18 20.14 23.63
C ASN M 118 -13.01 20.66 24.83
N HIS M 119 -14.21 21.17 24.53
CA HIS M 119 -15.16 21.66 25.51
C HIS M 119 -16.01 20.63 26.27
N SER M 120 -15.96 19.36 25.91
CA SER M 120 -16.74 18.31 26.57
C SER M 120 -15.98 17.65 27.75
N GLN M 121 -16.69 16.77 28.47
CA GLN M 121 -16.16 16.03 29.58
C GLN M 121 -15.54 14.71 29.15
N ARG M 122 -15.46 14.49 27.84
CA ARG M 122 -14.98 13.26 27.24
C ARG M 122 -13.69 13.54 26.46
N ASP M 123 -12.64 12.77 26.72
CA ASP M 123 -11.47 12.81 25.85
C ASP M 123 -11.91 12.46 24.45
N PHE M 124 -11.33 13.13 23.46
CA PHE M 124 -11.65 12.84 22.06
C PHE M 124 -10.51 12.19 21.29
N ALA M 125 -10.71 10.90 20.96
CA ALA M 125 -9.69 10.13 20.26
C ALA M 125 -9.76 10.38 18.76
N ILE M 126 -8.58 10.57 18.18
CA ILE M 126 -8.47 10.83 16.78
C ILE M 126 -7.48 9.75 16.35
N LYS M 127 -7.83 9.10 15.24
CA LYS M 127 -6.97 8.12 14.61
C LYS M 127 -6.50 8.71 13.29
N LYS M 128 -5.31 8.28 12.86
N LYS M 128 -5.32 8.26 12.85
CA LYS M 128 -4.83 8.57 11.49
CA LYS M 128 -4.85 8.52 11.48
C LYS M 128 -5.95 8.32 10.48
C LYS M 128 -6.00 8.31 10.49
N GLY M 129 -6.32 9.37 9.73
CA GLY M 129 -7.30 9.26 8.63
C GLY M 129 -8.62 9.96 8.88
N ASP M 130 -8.86 10.26 10.16
CA ASP M 130 -10.07 10.93 10.54
C ASP M 130 -10.03 12.37 10.03
N ARG M 131 -11.18 12.88 9.61
CA ARG M 131 -11.34 14.29 9.37
C ARG M 131 -11.42 15.06 10.70
N VAL M 132 -10.57 16.05 10.84
CA VAL M 132 -10.40 16.76 12.11
C VAL M 132 -10.85 18.24 12.03
N ALA M 133 -11.10 18.71 10.81
CA ALA M 133 -11.23 20.16 10.54
C ALA M 133 -11.56 20.40 9.07
N GLN M 134 -11.69 21.66 8.69
CA GLN M 134 -11.85 21.99 7.28
C GLN M 134 -11.10 23.27 6.99
N LEU M 135 -10.62 23.35 5.75
CA LEU M 135 -9.88 24.46 5.19
C LEU M 135 -10.83 25.27 4.30
N ILE M 136 -10.97 26.56 4.62
CA ILE M 136 -11.71 27.50 3.80
C ILE M 136 -10.76 28.56 3.24
N LEU M 137 -10.81 28.76 1.93
CA LEU M 137 -10.03 29.81 1.27
C LEU M 137 -10.81 31.11 1.39
N GLU M 138 -10.67 31.76 2.54
CA GLU M 138 -11.32 33.06 2.80
C GLU M 138 -10.70 34.18 1.97
N LYS M 139 -11.52 34.89 1.20
CA LYS M 139 -11.02 36.04 0.48
C LYS M 139 -10.80 37.20 1.39
N ILE M 140 -9.71 37.93 1.18
CA ILE M 140 -9.38 39.06 2.03
C ILE M 140 -8.89 40.21 1.17
N VAL M 141 -8.91 41.42 1.72
CA VAL M 141 -8.07 42.49 1.17
C VAL M 141 -6.63 42.33 1.64
N ASP M 142 -5.72 42.05 0.72
CA ASP M 142 -4.31 41.87 1.14
C ASP M 142 -3.37 43.00 0.69
N ASP M 143 -3.96 44.09 0.18
CA ASP M 143 -3.23 45.17 -0.45
C ASP M 143 -3.74 46.56 -0.03
N ALA M 144 -4.28 46.64 1.19
CA ALA M 144 -4.72 47.88 1.74
C ALA M 144 -3.55 48.81 2.04
N GLN M 145 -3.89 50.09 2.01
CA GLN M 145 -3.05 51.14 2.51
C GLN M 145 -3.66 51.67 3.82
N ILE M 146 -2.80 51.95 4.78
CA ILE M 146 -3.22 52.56 6.03
C ILE M 146 -3.14 54.10 5.92
N VAL M 147 -4.20 54.77 6.36
CA VAL M 147 -4.19 56.20 6.62
C VAL M 147 -4.51 56.36 8.11
N VAL M 148 -3.63 57.08 8.83
CA VAL M 148 -3.74 57.42 10.25
C VAL M 148 -4.45 58.75 10.32
N VAL M 149 -5.62 58.74 10.93
CA VAL M 149 -6.51 59.90 11.02
C VAL M 149 -6.65 60.31 12.48
N ASP M 150 -6.95 61.59 12.67
CA ASP M 150 -7.34 62.20 13.95
C ASP M 150 -8.66 61.67 14.49
N SER M 151 -9.60 61.39 13.60
CA SER M 151 -10.82 60.73 14.03
C SER M 151 -11.52 60.06 12.86
N LEU M 152 -12.29 59.01 13.16
CA LEU M 152 -12.96 58.21 12.13
C LEU M 152 -14.25 58.92 11.74
N GLU M 153 -14.74 59.74 12.66
CA GLU M 153 -16.01 60.45 12.47
C GLU M 153 -15.78 61.68 11.61
N GLU M 154 -14.49 62.02 11.39
CA GLU M 154 -14.09 63.15 10.57
C GLU M 154 -14.50 62.91 9.12
N SER M 155 -13.88 61.90 8.50
CA SER M 155 -14.16 61.59 7.09
C SER M 155 -14.34 60.09 6.90
N LYS N 27 -25.65 39.94 -3.87
CA LYS N 27 -26.65 39.01 -4.44
C LYS N 27 -27.88 38.83 -3.51
N VAL N 28 -28.31 37.58 -3.24
CA VAL N 28 -29.58 37.28 -2.57
C VAL N 28 -29.33 36.28 -1.42
N LEU N 29 -29.81 36.58 -0.21
CA LEU N 29 -29.79 35.59 0.88
C LEU N 29 -31.19 34.99 0.98
N LYS N 30 -31.32 33.70 0.68
CA LYS N 30 -32.65 33.09 0.77
C LYS N 30 -32.92 32.56 2.18
N ILE N 31 -34.06 32.94 2.72
CA ILE N 31 -34.40 32.63 4.09
C ILE N 31 -35.66 31.75 4.06
N GLN N 32 -35.62 30.66 4.79
CA GLN N 32 -36.81 29.78 4.95
C GLN N 32 -37.19 29.74 6.40
N LEU N 33 -38.37 30.29 6.65
CA LEU N 33 -38.92 30.35 7.98
C LEU N 33 -39.71 29.09 8.26
N ARG N 34 -39.14 28.24 9.11
CA ARG N 34 -39.66 26.90 9.33
C ARG N 34 -40.82 26.82 10.36
N SER N 35 -41.13 27.90 11.06
CA SER N 35 -42.21 27.92 12.06
C SER N 35 -42.48 29.34 12.53
N ALA N 36 -43.66 29.56 13.13
CA ALA N 36 -44.05 30.84 13.70
C ALA N 36 -43.02 31.38 14.67
N SER N 37 -42.22 30.51 15.29
CA SER N 37 -41.20 30.93 16.25
C SER N 37 -39.95 31.54 15.66
N ALA N 38 -39.78 31.40 14.35
CA ALA N 38 -38.56 31.84 13.63
C ALA N 38 -38.58 33.35 13.32
N THR N 39 -37.43 33.99 13.42
CA THR N 39 -37.39 35.45 13.11
C THR N 39 -36.49 35.59 11.91
N VAL N 40 -36.95 36.30 10.88
CA VAL N 40 -36.08 36.69 9.75
C VAL N 40 -34.86 37.45 10.29
N PRO N 41 -33.62 37.03 9.89
CA PRO N 41 -32.45 37.82 10.23
C PRO N 41 -32.41 39.28 9.69
N THR N 42 -31.81 40.14 10.52
CA THR N 42 -31.90 41.58 10.35
C THR N 42 -30.51 42.14 10.44
N LYS N 43 -30.22 43.13 9.61
CA LYS N 43 -28.95 43.84 9.73
C LYS N 43 -29.15 45.02 10.63
N SER N 45 -27.80 47.99 10.32
CA SER N 45 -27.26 49.04 9.46
C SER N 45 -26.69 48.48 8.14
N ALA N 46 -26.59 49.35 7.12
CA ALA N 46 -25.99 49.05 5.80
C ALA N 46 -24.52 48.60 5.85
N THR N 47 -23.81 49.09 6.87
CA THR N 47 -22.40 48.78 7.02
C THR N 47 -22.10 47.64 8.01
N ALA N 48 -23.11 47.22 8.80
CA ALA N 48 -22.99 46.02 9.69
C ALA N 48 -22.50 44.83 8.86
N ALA N 49 -21.53 44.10 9.44
CA ALA N 49 -20.91 42.93 8.83
C ALA N 49 -21.91 41.76 8.65
N GLY N 50 -22.88 41.65 9.55
CA GLY N 50 -23.74 40.46 9.59
C GLY N 50 -25.17 40.68 10.03
N TYR N 51 -25.97 39.62 9.93
CA TYR N 51 -27.40 39.68 10.21
C TYR N 51 -27.59 39.08 11.57
N ASP N 52 -28.40 39.72 12.39
CA ASP N 52 -28.76 39.17 13.68
C ASP N 52 -29.47 37.82 13.53
N ILE N 53 -29.02 36.82 14.31
CA ILE N 53 -29.73 35.52 14.41
C ILE N 53 -30.43 35.40 15.77
N TYR N 54 -31.71 35.06 15.74
CA TYR N 54 -32.62 35.12 16.91
C TYR N 54 -32.97 33.71 17.39
N ALA N 55 -32.90 33.43 18.70
CA ALA N 55 -33.39 32.14 19.24
C ALA N 55 -34.90 31.96 18.95
N SER N 56 -35.34 30.74 18.64
CA SER N 56 -36.75 30.47 18.47
C SER N 56 -37.29 29.66 19.62
N GLN N 57 -36.40 29.26 20.57
CA GLN N 57 -36.80 28.56 21.79
C GLN N 57 -35.87 29.01 22.95
N ASP N 58 -36.38 28.94 24.17
CA ASP N 58 -35.58 29.21 25.29
C ASP N 58 -34.55 28.08 25.43
N ILE N 59 -33.37 28.43 25.93
CA ILE N 59 -32.37 27.45 26.25
C ILE N 59 -31.39 28.10 27.24
N THR N 60 -30.74 27.31 28.07
CA THR N 60 -29.68 27.82 28.92
C THR N 60 -28.35 27.18 28.49
N ILE N 61 -27.31 28.01 28.29
CA ILE N 61 -25.95 27.57 28.07
C ILE N 61 -25.28 27.49 29.47
N PRO N 62 -24.96 26.27 29.92
CA PRO N 62 -24.30 26.07 31.21
C PRO N 62 -22.91 26.70 31.34
N ALA N 63 -22.62 27.22 32.52
CA ALA N 63 -21.33 27.78 32.84
C ALA N 63 -20.24 26.76 32.48
N MET N 64 -19.16 27.23 31.86
CA MET N 64 -18.04 26.39 31.49
C MET N 64 -18.32 25.28 30.47
N GLY N 65 -19.45 25.37 29.78
CA GLY N 65 -19.94 24.31 28.95
C GLY N 65 -20.48 24.81 27.63
N GLN N 66 -21.39 24.02 27.08
CA GLN N 66 -21.84 24.14 25.74
C GLN N 66 -23.35 23.99 25.69
N GLY N 67 -23.91 24.64 24.68
CA GLY N 67 -25.33 24.50 24.39
C GLY N 67 -25.62 24.79 22.94
N MET N 68 -26.85 24.56 22.58
CA MET N 68 -27.20 24.70 21.20
C MET N 68 -28.55 25.38 21.08
N VAL N 69 -28.56 26.44 20.30
CA VAL N 69 -29.75 27.28 20.18
C VAL N 69 -30.43 26.94 18.85
N SER N 70 -31.73 26.71 18.93
CA SER N 70 -32.65 26.58 17.80
C SER N 70 -33.00 27.93 17.21
N THR N 71 -33.14 27.97 15.90
CA THR N 71 -33.53 29.21 15.16
C THR N 71 -34.82 29.01 14.36
N ASP N 72 -35.12 27.76 13.98
CA ASP N 72 -36.26 27.45 13.12
C ASP N 72 -36.14 28.13 11.75
N ILE N 73 -34.90 28.34 11.34
CA ILE N 73 -34.59 28.88 10.03
C ILE N 73 -33.62 28.01 9.28
N SER N 74 -33.76 28.09 7.96
CA SER N 74 -32.73 27.62 7.00
C SER N 74 -32.50 28.75 6.05
N PHE N 75 -31.29 28.79 5.53
CA PHE N 75 -30.91 29.74 4.47
C PHE N 75 -29.94 29.18 3.42
N THR N 76 -30.06 29.73 2.21
CA THR N 76 -29.05 29.55 1.13
C THR N 76 -28.29 30.87 0.92
N VAL N 77 -27.00 30.85 1.25
CA VAL N 77 -26.11 32.01 1.07
C VAL N 77 -25.85 32.27 -0.43
N PRO N 78 -25.52 33.52 -0.83
CA PRO N 78 -25.28 33.73 -2.28
C PRO N 78 -24.03 32.95 -2.81
N VAL N 79 -23.86 32.89 -4.14
CA VAL N 79 -22.75 32.11 -4.74
C VAL N 79 -21.43 32.82 -4.39
N GLY N 80 -20.35 32.10 -4.13
CA GLY N 80 -19.14 32.79 -3.69
C GLY N 80 -19.03 32.97 -2.18
N THR N 81 -20.06 32.56 -1.45
CA THR N 81 -19.96 32.68 -0.02
C THR N 81 -20.28 31.37 0.75
N TYR N 82 -19.99 31.41 2.05
CA TYR N 82 -20.64 30.57 3.04
C TYR N 82 -21.17 31.47 4.18
N GLY N 83 -22.05 30.95 5.01
CA GLY N 83 -22.60 31.75 6.12
C GLY N 83 -21.83 31.49 7.39
N ARG N 84 -21.20 32.53 7.95
CA ARG N 84 -20.46 32.29 9.18
C ARG N 84 -21.37 32.67 10.27
N ILE N 85 -21.60 31.74 11.20
N ILE N 85 -21.60 31.75 11.21
CA ILE N 85 -22.33 32.04 12.44
CA ILE N 85 -22.33 32.06 12.44
C ILE N 85 -21.23 32.55 13.36
C ILE N 85 -21.25 32.53 13.37
N ALA N 86 -21.26 33.85 13.59
CA ALA N 86 -20.17 34.55 14.30
C ALA N 86 -20.68 35.12 15.62
N PRO N 87 -19.74 35.38 16.56
CA PRO N 87 -20.15 35.87 17.87
C PRO N 87 -20.79 37.26 17.85
N ARG N 88 -21.77 37.47 18.70
CA ARG N 88 -22.05 38.84 19.18
C ARG N 88 -21.00 39.33 20.21
N SER N 89 -20.40 40.51 19.98
CA SER N 89 -19.37 41.08 20.87
C SER N 89 -19.82 41.24 22.33
N GLY N 90 -21.01 41.82 22.50
CA GLY N 90 -21.67 42.00 23.80
C GLY N 90 -21.68 40.76 24.68
N LEU N 91 -22.15 39.63 24.12
CA LEU N 91 -22.28 38.41 24.85
C LEU N 91 -20.92 37.78 25.12
N ALA N 92 -19.91 38.05 24.30
CA ALA N 92 -18.55 37.53 24.57
C ALA N 92 -17.90 38.31 25.71
N VAL N 93 -18.06 39.64 25.64
CA VAL N 93 -17.51 40.53 26.66
C VAL N 93 -18.23 40.34 27.99
N LYS N 94 -19.56 40.42 28.01
CA LYS N 94 -20.34 40.40 29.29
C LYS N 94 -20.62 38.99 29.81
N ASN N 95 -20.76 38.02 28.90
CA ASN N 95 -21.23 36.69 29.28
C ASN N 95 -20.26 35.49 29.04
N GLY N 96 -19.17 35.70 28.33
CA GLY N 96 -18.16 34.65 28.00
C GLY N 96 -18.63 33.67 26.92
N ILE N 97 -19.56 34.13 26.10
CA ILE N 97 -20.14 33.34 25.00
C ILE N 97 -19.28 33.43 23.74
N GLN N 98 -18.84 32.25 23.28
CA GLN N 98 -18.20 32.08 21.97
C GLN N 98 -19.10 31.21 21.10
N THR N 99 -19.20 31.54 19.82
CA THR N 99 -19.75 30.53 18.80
C THR N 99 -18.85 29.34 18.47
N GLY N 100 -19.49 28.18 18.30
CA GLY N 100 -18.78 26.97 17.93
C GLY N 100 -19.30 26.67 16.56
N ALA N 101 -18.75 25.63 15.93
CA ALA N 101 -19.14 25.23 14.55
C ALA N 101 -19.12 26.46 13.60
N GLY N 102 -20.26 26.83 13.01
CA GLY N 102 -20.30 28.17 12.38
C GLY N 102 -20.19 28.26 10.86
N VAL N 103 -19.67 27.21 10.22
CA VAL N 103 -19.56 27.11 8.73
C VAL N 103 -20.86 26.51 8.12
N VAL N 104 -21.77 27.37 7.69
CA VAL N 104 -22.97 26.94 7.00
C VAL N 104 -22.66 27.01 5.51
N ASP N 105 -22.72 25.84 4.88
CA ASP N 105 -22.43 25.67 3.46
C ASP N 105 -23.62 26.16 2.67
N ARG N 106 -23.33 26.64 1.46
CA ARG N 106 -24.33 27.13 0.52
C ARG N 106 -25.45 26.11 0.14
N ASP N 107 -25.13 24.83 0.27
CA ASP N 107 -26.01 23.67 0.06
C ASP N 107 -26.71 23.12 1.33
N TYR N 108 -26.55 23.78 2.47
CA TYR N 108 -27.10 23.20 3.69
C TYR N 108 -28.52 23.65 3.73
N THR N 109 -29.42 22.67 3.79
CA THR N 109 -30.85 23.08 3.87
C THR N 109 -31.54 22.63 5.16
N GLY N 110 -30.82 22.02 6.09
CA GLY N 110 -31.42 21.72 7.40
C GLY N 110 -31.58 22.93 8.32
N GLU N 111 -32.20 22.77 9.49
CA GLU N 111 -32.32 23.90 10.41
C GLU N 111 -30.95 24.42 10.80
N VAL N 112 -30.78 25.73 10.77
CA VAL N 112 -29.52 26.28 11.25
C VAL N 112 -29.53 26.40 12.78
N LYS N 113 -28.71 25.63 13.47
CA LYS N 113 -28.61 25.76 14.92
C LYS N 113 -27.28 26.39 15.34
N VAL N 114 -27.31 27.09 16.48
CA VAL N 114 -26.14 27.83 16.95
C VAL N 114 -25.44 27.10 18.12
N VAL N 115 -24.26 26.56 17.89
CA VAL N 115 -23.37 26.09 18.98
C VAL N 115 -22.85 27.29 19.80
N LEU N 116 -23.11 27.28 21.11
CA LEU N 116 -22.45 28.27 22.00
C LEU N 116 -21.57 27.57 23.05
N PHE N 117 -20.40 28.13 23.30
CA PHE N 117 -19.54 27.73 24.43
C PHE N 117 -19.56 28.88 25.46
N ASN N 118 -19.77 28.55 26.74
CA ASN N 118 -19.84 29.53 27.79
C ASN N 118 -18.50 29.44 28.56
N HIS N 119 -17.65 30.46 28.45
CA HIS N 119 -16.38 30.47 29.18
C HIS N 119 -16.49 31.05 30.58
N SER N 120 -17.69 31.52 30.93
CA SER N 120 -17.91 32.12 32.26
C SER N 120 -18.32 31.12 33.38
N GLN N 121 -18.46 31.65 34.60
CA GLN N 121 -18.90 30.87 35.75
C GLN N 121 -20.41 31.00 35.92
N ARG N 122 -21.08 31.65 34.96
CA ARG N 122 -22.51 31.97 35.08
C ARG N 122 -23.23 31.28 33.96
N ASP N 123 -24.31 30.54 34.28
CA ASP N 123 -25.16 29.98 33.25
C ASP N 123 -25.62 31.15 32.43
N PHE N 124 -25.78 30.96 31.13
CA PHE N 124 -26.32 31.99 30.23
C PHE N 124 -27.71 31.64 29.73
N ALA N 125 -28.68 32.41 30.16
CA ALA N 125 -30.11 32.20 29.82
C ALA N 125 -30.46 32.85 28.49
N ILE N 126 -31.06 32.07 27.61
CA ILE N 126 -31.58 32.57 26.33
C ILE N 126 -33.07 32.39 26.27
N LYS N 127 -33.76 33.44 25.84
CA LYS N 127 -35.20 33.44 25.55
C LYS N 127 -35.49 33.52 24.06
N LYS N 128 -36.54 32.80 23.62
CA LYS N 128 -37.11 32.95 22.31
C LYS N 128 -37.11 34.46 21.97
N GLY N 129 -36.75 34.85 20.76
CA GLY N 129 -36.65 36.29 20.42
C GLY N 129 -35.28 36.93 20.76
N ASP N 130 -34.44 36.28 21.56
CA ASP N 130 -33.15 36.89 21.90
C ASP N 130 -32.20 36.76 20.72
N ARG N 131 -31.41 37.80 20.47
CA ARG N 131 -30.32 37.72 19.54
C ARG N 131 -29.12 36.94 20.08
N VAL N 132 -28.69 35.93 19.35
CA VAL N 132 -27.75 34.99 19.99
C VAL N 132 -26.46 34.91 19.26
N ALA N 133 -26.49 35.44 18.05
CA ALA N 133 -25.33 35.29 17.14
C ALA N 133 -25.51 36.24 15.96
N GLN N 134 -24.50 36.28 15.10
CA GLN N 134 -24.65 36.96 13.82
C GLN N 134 -24.20 36.08 12.62
N LEU N 135 -24.88 36.30 11.49
CA LEU N 135 -24.50 35.71 10.23
C LEU N 135 -23.76 36.64 9.22
N ILE N 136 -22.57 36.20 8.85
CA ILE N 136 -21.75 36.93 7.91
C ILE N 136 -21.60 36.11 6.63
N LEU N 137 -21.81 36.75 5.48
CA LEU N 137 -21.63 36.16 4.18
C LEU N 137 -20.20 36.36 3.80
N GLU N 138 -19.35 35.44 4.31
CA GLU N 138 -17.94 35.42 4.04
C GLU N 138 -17.67 35.04 2.60
N LYS N 139 -17.01 35.91 1.82
CA LYS N 139 -16.49 35.54 0.50
C LYS N 139 -15.36 34.57 0.59
N ILE N 140 -15.39 33.64 -0.36
CA ILE N 140 -14.44 32.54 -0.42
C ILE N 140 -14.12 32.22 -1.87
N VAL N 141 -13.03 31.50 -2.07
CA VAL N 141 -12.86 30.77 -3.33
C VAL N 141 -13.46 29.39 -3.06
N ASP N 142 -14.52 29.06 -3.74
CA ASP N 142 -15.21 27.77 -3.57
C ASP N 142 -14.95 26.84 -4.79
N ASP N 143 -14.40 27.43 -5.86
CA ASP N 143 -14.07 26.72 -7.10
C ASP N 143 -12.54 26.70 -7.42
N ALA N 144 -11.69 26.49 -6.41
CA ALA N 144 -10.25 26.34 -6.68
C ALA N 144 -9.92 24.94 -7.20
N GLN N 145 -8.85 24.88 -8.01
CA GLN N 145 -8.31 23.63 -8.53
C GLN N 145 -7.22 23.22 -7.55
N ILE N 146 -7.32 21.97 -7.06
CA ILE N 146 -6.30 21.36 -6.21
C ILE N 146 -5.19 20.87 -7.14
N VAL N 147 -3.96 21.20 -6.75
CA VAL N 147 -2.83 20.84 -7.54
C VAL N 147 -1.82 20.31 -6.55
N VAL N 148 -1.47 19.04 -6.71
CA VAL N 148 -0.56 18.39 -5.81
C VAL N 148 0.85 18.67 -6.36
N VAL N 149 1.78 19.04 -5.48
CA VAL N 149 3.11 19.45 -5.94
C VAL N 149 4.14 18.76 -5.04
N ASP N 150 5.37 18.58 -5.55
CA ASP N 150 6.38 17.88 -4.77
C ASP N 150 6.88 18.73 -3.63
N SER N 151 7.09 20.01 -3.93
CA SER N 151 7.35 21.04 -2.93
C SER N 151 6.56 22.33 -3.27
N LEU N 152 6.39 23.16 -2.26
CA LEU N 152 5.74 24.44 -2.43
C LEU N 152 6.76 25.47 -2.89
N LYS O 27 -7.74 49.15 -1.49
CA LYS O 27 -8.71 49.69 -0.44
C LYS O 27 -8.02 50.52 0.69
N VAL O 28 -8.75 51.42 1.38
CA VAL O 28 -8.16 52.24 2.49
C VAL O 28 -8.57 51.79 3.92
N LEU O 29 -7.61 51.35 4.73
CA LEU O 29 -7.82 51.11 6.15
C LEU O 29 -7.40 52.34 7.02
N LYS O 30 -8.39 52.97 7.65
CA LYS O 30 -8.16 54.17 8.48
C LYS O 30 -7.94 53.76 9.93
N ILE O 31 -6.90 54.32 10.56
CA ILE O 31 -6.46 53.91 11.92
C ILE O 31 -6.43 55.18 12.74
N GLN O 32 -7.02 55.11 13.90
CA GLN O 32 -7.01 56.27 14.77
C GLN O 32 -6.25 55.78 15.96
N LEU O 33 -5.20 56.53 16.32
CA LEU O 33 -4.43 56.22 17.52
C LEU O 33 -5.06 57.00 18.66
N ARG O 34 -5.68 56.26 19.59
CA ARG O 34 -6.46 56.90 20.66
C ARG O 34 -5.56 57.35 21.78
N SER O 35 -4.34 56.79 21.89
CA SER O 35 -3.34 57.33 22.83
C SER O 35 -1.89 57.06 22.32
N ALA O 36 -0.92 57.61 23.05
CA ALA O 36 0.51 57.47 22.78
C ALA O 36 1.01 56.07 23.02
N SER O 37 0.15 55.27 23.64
CA SER O 37 0.43 53.85 24.02
C SER O 37 -0.05 52.87 22.95
N ALA O 38 -0.94 53.31 22.06
CA ALA O 38 -1.33 52.57 20.87
C ALA O 38 -0.20 52.38 19.82
N THR O 39 -0.29 51.26 19.08
CA THR O 39 0.63 50.93 17.98
C THR O 39 -0.18 50.81 16.67
N VAL O 40 0.26 51.49 15.61
CA VAL O 40 -0.42 51.33 14.30
C VAL O 40 -0.26 49.86 13.92
N PRO O 41 -1.38 49.17 13.60
CA PRO O 41 -1.26 47.75 13.14
C PRO O 41 -0.44 47.59 11.86
N THR O 42 0.54 46.71 11.92
CA THR O 42 1.31 46.32 10.72
C THR O 42 1.44 44.78 10.56
N LYS O 43 1.51 44.34 9.31
CA LYS O 43 1.72 42.95 8.96
C LYS O 43 3.16 42.59 9.31
N GLY O 44 3.32 41.40 9.87
CA GLY O 44 4.64 40.86 10.26
C GLY O 44 5.58 40.60 9.10
N SER O 45 5.00 40.40 7.91
CA SER O 45 5.73 40.26 6.61
C SER O 45 4.81 40.81 5.50
N ALA O 46 5.37 41.33 4.39
CA ALA O 46 4.55 42.00 3.34
C ALA O 46 3.34 41.18 2.83
N THR O 47 3.48 39.86 2.97
CA THR O 47 2.56 38.85 2.41
C THR O 47 1.60 38.13 3.47
N ALA O 48 1.67 38.55 4.73
CA ALA O 48 0.80 38.02 5.79
C ALA O 48 -0.66 38.38 5.54
N ALA O 49 -1.56 37.50 5.99
CA ALA O 49 -3.00 37.76 5.96
C ALA O 49 -3.37 38.88 6.93
N GLY O 50 -2.70 38.92 8.10
CA GLY O 50 -3.15 39.81 9.17
C GLY O 50 -2.20 40.90 9.63
N TYR O 51 -2.76 42.01 10.09
CA TYR O 51 -1.99 43.10 10.75
C TYR O 51 -1.78 42.75 12.21
N ASP O 52 -0.53 42.82 12.69
CA ASP O 52 -0.27 42.71 14.12
C ASP O 52 -1.06 43.67 15.00
N ILE O 53 -1.72 43.13 16.02
CA ILE O 53 -2.44 43.95 17.00
C ILE O 53 -1.76 43.95 18.38
N TYR O 54 -1.44 45.16 18.83
CA TYR O 54 -0.58 45.35 20.01
C TYR O 54 -1.42 45.77 21.22
N ALA O 55 -1.12 45.15 22.36
CA ALA O 55 -1.56 45.71 23.66
C ALA O 55 -1.06 47.18 23.93
N SER O 56 -1.93 48.04 24.43
CA SER O 56 -1.50 49.37 24.79
C SER O 56 -1.44 49.48 26.31
N GLN O 57 -1.92 48.45 27.02
CA GLN O 57 -2.01 48.45 28.50
C GLN O 57 -1.74 47.04 28.99
N ASP O 58 -1.25 46.91 30.22
CA ASP O 58 -0.85 45.59 30.78
C ASP O 58 -2.12 44.90 31.28
N ILE O 59 -2.15 43.58 31.11
CA ILE O 59 -3.25 42.75 31.61
C ILE O 59 -2.82 41.27 31.70
N THR O 60 -3.46 40.52 32.60
CA THR O 60 -3.24 39.07 32.66
C THR O 60 -4.50 38.32 32.30
N ILE O 61 -4.36 37.28 31.47
CA ILE O 61 -5.50 36.42 31.09
C ILE O 61 -5.45 35.18 31.97
N PRO O 62 -6.43 35.06 32.88
CA PRO O 62 -6.30 34.00 33.88
C PRO O 62 -6.37 32.60 33.27
N ALA O 63 -5.56 31.64 33.77
CA ALA O 63 -5.64 30.27 33.31
C ALA O 63 -7.09 29.82 33.27
N MET O 64 -7.45 29.12 32.19
CA MET O 64 -8.78 28.55 31.95
C MET O 64 -9.87 29.57 31.87
N GLY O 65 -9.47 30.84 31.72
CA GLY O 65 -10.40 31.98 31.82
C GLY O 65 -10.49 32.89 30.65
N GLN O 66 -10.96 34.10 30.92
CA GLN O 66 -11.14 35.14 29.93
C GLN O 66 -10.50 36.46 30.45
N GLY O 67 -9.97 37.26 29.55
CA GLY O 67 -9.49 38.58 29.87
C GLY O 67 -9.72 39.48 28.68
N MET O 68 -9.58 40.79 28.89
N MET O 68 -9.61 40.79 28.90
CA MET O 68 -9.78 41.73 27.81
CA MET O 68 -9.80 41.79 27.85
C MET O 68 -8.56 42.62 27.64
C MET O 68 -8.49 42.57 27.66
N VAL O 69 -8.04 42.66 26.42
CA VAL O 69 -6.89 43.52 26.12
C VAL O 69 -7.25 44.88 25.55
N SER O 70 -6.69 45.93 26.14
N SER O 70 -6.71 45.94 26.12
CA SER O 70 -6.89 47.31 25.65
CA SER O 70 -6.98 47.26 25.54
C SER O 70 -5.94 47.51 24.44
C SER O 70 -5.96 47.51 24.44
N THR O 71 -6.36 48.21 23.40
CA THR O 71 -5.47 48.49 22.28
C THR O 71 -5.24 49.97 22.08
N ASP O 72 -6.20 50.78 22.54
CA ASP O 72 -6.24 52.18 22.23
C ASP O 72 -6.16 52.53 20.73
N ILE O 73 -6.69 51.63 19.92
CA ILE O 73 -6.92 51.93 18.54
C ILE O 73 -8.41 51.87 18.20
N SER O 74 -8.81 52.66 17.21
CA SER O 74 -10.07 52.45 16.52
C SER O 74 -9.72 52.40 15.03
N PHE O 75 -10.64 51.87 14.21
CA PHE O 75 -10.39 51.80 12.75
C PHE O 75 -11.63 51.64 11.92
N THR O 76 -11.52 52.07 10.68
CA THR O 76 -12.59 51.88 9.68
C THR O 76 -11.99 51.04 8.56
N VAL O 77 -12.44 49.80 8.45
CA VAL O 77 -11.98 48.88 7.42
C VAL O 77 -12.51 49.33 6.03
N PRO O 78 -11.86 48.86 4.94
CA PRO O 78 -12.31 49.12 3.58
C PRO O 78 -13.74 48.67 3.30
N VAL O 79 -14.35 49.29 2.30
CA VAL O 79 -15.72 48.93 1.88
C VAL O 79 -15.72 47.54 1.33
N GLY O 80 -16.71 46.74 1.72
CA GLY O 80 -16.80 45.35 1.30
C GLY O 80 -16.05 44.36 2.21
N THR O 81 -15.64 44.81 3.41
CA THR O 81 -14.94 44.00 4.40
C THR O 81 -15.54 44.28 5.79
N TYR O 82 -15.16 43.47 6.76
CA TYR O 82 -15.21 43.80 8.19
C TYR O 82 -13.83 43.40 8.66
N GLY O 83 -13.43 43.88 9.85
CA GLY O 83 -12.14 43.54 10.39
C GLY O 83 -12.30 42.37 11.34
N ARG O 84 -11.60 41.24 11.10
CA ARG O 84 -11.70 40.12 12.00
C ARG O 84 -10.49 40.15 12.89
N ILE O 85 -10.76 40.19 14.21
CA ILE O 85 -9.74 40.04 15.22
C ILE O 85 -9.49 38.53 15.40
N ALA O 86 -8.35 38.06 14.91
CA ALA O 86 -8.09 36.65 14.86
C ALA O 86 -6.87 36.26 15.72
N PRO O 87 -6.83 34.98 16.10
CA PRO O 87 -5.73 34.57 16.93
C PRO O 87 -4.35 34.52 16.21
N ARG O 88 -3.33 34.92 16.95
CA ARG O 88 -1.93 34.50 16.66
C ARG O 88 -1.75 33.01 16.89
N SER O 89 -1.10 32.34 15.93
CA SER O 89 -0.98 30.94 15.95
C SER O 89 -0.03 30.52 17.09
N GLY O 90 1.05 31.28 17.32
CA GLY O 90 2.08 30.84 18.27
C GLY O 90 1.52 30.89 19.69
N LEU O 91 0.66 31.85 19.96
CA LEU O 91 0.05 31.99 21.27
C LEU O 91 -1.04 30.97 21.53
N ALA O 92 -1.80 30.55 20.48
CA ALA O 92 -2.64 29.33 20.55
C ALA O 92 -1.81 28.09 20.96
N VAL O 93 -0.77 27.82 20.18
CA VAL O 93 0.01 26.58 20.33
C VAL O 93 0.82 26.61 21.63
N LYS O 94 1.36 27.78 21.97
CA LYS O 94 2.29 27.78 23.12
C LYS O 94 1.64 28.27 24.39
N ASN O 95 0.51 28.96 24.31
CA ASN O 95 -0.08 29.57 25.50
C ASN O 95 -1.58 29.29 25.63
N GLY O 96 -2.15 28.53 24.69
CA GLY O 96 -3.52 28.06 24.75
C GLY O 96 -4.50 29.18 24.48
N ILE O 97 -4.00 30.25 23.83
CA ILE O 97 -4.81 31.50 23.68
C ILE O 97 -5.72 31.41 22.46
N GLN O 98 -6.93 31.95 22.60
CA GLN O 98 -7.93 31.95 21.53
C GLN O 98 -8.65 33.29 21.61
N THR O 99 -8.97 33.88 20.46
CA THR O 99 -9.69 35.14 20.48
C THR O 99 -11.16 34.91 20.62
N GLY O 100 -11.84 35.92 21.20
CA GLY O 100 -13.22 35.89 21.36
C GLY O 100 -13.80 37.04 20.58
N ALA O 101 -15.13 37.08 20.51
CA ALA O 101 -15.86 38.14 19.77
C ALA O 101 -15.21 38.33 18.38
N GLY O 102 -14.65 39.50 18.07
CA GLY O 102 -13.73 39.57 16.92
C GLY O 102 -14.34 40.17 15.63
N VAL O 103 -15.64 40.45 15.66
CA VAL O 103 -16.26 40.97 14.44
C VAL O 103 -16.25 42.46 14.55
N VAL O 104 -15.28 43.08 13.91
CA VAL O 104 -15.35 44.57 13.82
C VAL O 104 -16.08 45.16 12.61
N ASP O 105 -17.28 45.68 12.84
CA ASP O 105 -18.04 46.37 11.81
C ASP O 105 -17.39 47.60 11.22
N ARG O 106 -17.64 47.85 9.94
N ARG O 106 -17.57 47.86 9.93
CA ARG O 106 -17.11 49.03 9.23
CA ARG O 106 -16.98 49.06 9.33
C ARG O 106 -17.57 50.34 9.82
C ARG O 106 -17.42 50.31 10.07
N ASP O 107 -18.65 50.30 10.57
CA ASP O 107 -19.24 51.49 11.19
C ASP O 107 -18.88 51.64 12.65
N TYR O 108 -18.01 50.75 13.16
CA TYR O 108 -17.56 50.83 14.54
C TYR O 108 -16.47 51.86 14.79
N THR O 109 -16.71 52.76 15.74
CA THR O 109 -15.72 53.80 16.00
C THR O 109 -15.18 53.78 17.43
N GLY O 110 -15.59 52.81 18.25
CA GLY O 110 -15.15 52.73 19.62
C GLY O 110 -13.74 52.12 19.69
N GLU O 111 -13.17 52.06 20.87
CA GLU O 111 -11.89 51.31 21.01
C GLU O 111 -12.10 49.85 20.67
N VAL O 112 -11.18 49.29 19.88
CA VAL O 112 -11.19 47.89 19.60
C VAL O 112 -10.47 47.14 20.67
N LYS O 113 -11.22 46.53 21.60
CA LYS O 113 -10.56 45.67 22.58
C LYS O 113 -10.54 44.22 22.15
N VAL O 114 -9.49 43.48 22.57
CA VAL O 114 -9.41 42.04 22.31
C VAL O 114 -9.96 41.21 23.49
N VAL O 115 -10.98 40.41 23.19
CA VAL O 115 -11.35 39.20 24.00
C VAL O 115 -10.37 38.03 23.84
N LEU O 116 -9.75 37.58 24.94
CA LEU O 116 -8.90 36.38 24.91
C LEU O 116 -9.39 35.33 25.88
N PHE O 117 -9.42 34.09 25.43
CA PHE O 117 -9.73 32.93 26.29
C PHE O 117 -8.41 32.22 26.46
N ASN O 118 -8.10 31.74 27.68
CA ASN O 118 -6.82 30.99 27.95
C ASN O 118 -7.18 29.54 28.31
N HIS O 119 -6.89 28.60 27.42
CA HIS O 119 -7.24 27.19 27.63
C HIS O 119 -6.12 26.51 28.42
N SER O 120 -5.03 27.23 28.73
CA SER O 120 -3.91 26.50 29.35
C SER O 120 -4.13 26.44 30.88
N GLN O 121 -3.18 25.84 31.61
CA GLN O 121 -3.16 25.87 33.07
C GLN O 121 -2.23 26.98 33.64
N ARG O 122 -1.97 28.00 32.81
CA ARG O 122 -0.97 29.01 33.08
C ARG O 122 -1.61 30.37 32.75
N ASP O 123 -1.54 31.33 33.68
CA ASP O 123 -1.96 32.71 33.35
C ASP O 123 -1.02 33.23 32.28
N PHE O 124 -1.60 34.01 31.39
CA PHE O 124 -0.86 34.63 30.32
C PHE O 124 -0.72 36.14 30.61
N ALA O 125 0.52 36.57 30.87
CA ALA O 125 0.81 37.98 31.22
C ALA O 125 1.04 38.73 29.95
N ILE O 126 0.40 39.91 29.88
CA ILE O 126 0.55 40.74 28.69
C ILE O 126 1.07 42.12 29.11
N LYS O 127 2.07 42.63 28.40
CA LYS O 127 2.57 43.96 28.69
C LYS O 127 2.27 44.89 27.54
N LYS O 128 2.14 46.18 27.84
CA LYS O 128 2.00 47.18 26.79
C LYS O 128 3.03 46.86 25.71
N GLY O 129 2.62 46.83 24.43
CA GLY O 129 3.60 46.55 23.37
C GLY O 129 3.67 45.12 22.91
N ASP O 130 3.05 44.19 23.64
CA ASP O 130 3.00 42.78 23.21
C ASP O 130 1.96 42.63 22.10
N ARG O 131 2.27 41.75 21.16
CA ARG O 131 1.34 41.37 20.09
C ARG O 131 0.39 40.32 20.67
N VAL O 132 -0.92 40.57 20.53
CA VAL O 132 -1.91 39.77 21.25
C VAL O 132 -2.97 39.14 20.33
N ALA O 133 -3.05 39.60 19.06
CA ALA O 133 -4.07 39.18 18.09
C ALA O 133 -3.60 39.63 16.68
N GLN O 134 -4.32 39.25 15.64
CA GLN O 134 -4.11 39.84 14.33
C GLN O 134 -5.42 40.31 13.73
N LEU O 135 -5.30 41.30 12.87
CA LEU O 135 -6.48 41.95 12.22
C LEU O 135 -6.51 41.46 10.75
N ILE O 136 -7.63 40.80 10.34
CA ILE O 136 -7.78 40.33 8.97
C ILE O 136 -8.91 41.17 8.32
N LEU O 137 -8.68 41.69 7.12
CA LEU O 137 -9.73 42.38 6.34
C LEU O 137 -10.48 41.37 5.48
N GLU O 138 -11.45 40.72 6.12
CA GLU O 138 -12.25 39.63 5.57
C GLU O 138 -13.20 40.25 4.56
N LYS O 139 -13.20 39.78 3.31
CA LYS O 139 -14.18 40.27 2.33
C LYS O 139 -15.47 39.50 2.56
N ILE O 140 -16.58 40.22 2.39
CA ILE O 140 -17.88 39.68 2.73
C ILE O 140 -18.85 40.27 1.70
N VAL O 141 -20.03 39.70 1.55
CA VAL O 141 -21.09 40.39 0.73
C VAL O 141 -21.85 41.21 1.76
N ASP O 142 -21.72 42.53 1.69
CA ASP O 142 -22.39 43.38 2.68
C ASP O 142 -23.66 44.02 2.14
N ASP O 143 -24.03 43.68 0.91
CA ASP O 143 -25.26 44.21 0.31
C ASP O 143 -26.26 43.14 -0.22
N ALA O 144 -26.32 41.95 0.40
CA ALA O 144 -27.29 40.94 -0.10
C ALA O 144 -28.71 41.38 0.21
N GLN O 145 -29.65 41.01 -0.65
CA GLN O 145 -31.04 41.14 -0.25
C GLN O 145 -31.60 39.82 0.29
N ILE O 146 -32.18 39.90 1.50
CA ILE O 146 -33.01 38.81 1.98
C ILE O 146 -34.25 38.53 1.09
N VAL O 147 -34.48 37.25 0.84
CA VAL O 147 -35.68 36.83 0.15
C VAL O 147 -36.24 35.71 1.00
N VAL O 148 -37.47 35.85 1.45
CA VAL O 148 -38.12 34.81 2.21
C VAL O 148 -38.81 33.87 1.22
N VAL O 149 -38.54 32.57 1.36
CA VAL O 149 -39.04 31.56 0.45
C VAL O 149 -39.77 30.47 1.21
N ASP O 150 -40.58 29.71 0.48
CA ASP O 150 -41.27 28.57 1.04
C ASP O 150 -40.30 27.37 1.26
N SER O 151 -39.43 27.08 0.29
CA SER O 151 -38.35 26.09 0.45
C SER O 151 -37.12 26.39 -0.40
N LEU O 152 -35.98 25.93 0.11
CA LEU O 152 -34.69 26.16 -0.52
C LEU O 152 -34.49 25.21 -1.70
N GLU O 153 -35.17 24.07 -1.65
CA GLU O 153 -34.85 22.94 -2.53
C GLU O 153 -35.50 23.01 -3.91
N LYS P 27 -57.80 -10.20 14.66
CA LYS P 27 -56.87 -9.85 15.73
C LYS P 27 -57.25 -10.71 16.94
N VAL P 28 -56.46 -11.74 17.11
CA VAL P 28 -56.67 -12.70 18.15
C VAL P 28 -55.27 -12.88 18.76
N LEU P 29 -55.15 -12.81 20.08
CA LEU P 29 -53.89 -13.20 20.75
C LEU P 29 -54.08 -14.56 21.42
N LYS P 30 -53.28 -15.56 21.00
CA LYS P 30 -53.43 -16.92 21.50
C LYS P 30 -52.50 -17.19 22.63
N ILE P 31 -53.06 -17.67 23.73
CA ILE P 31 -52.27 -17.94 24.95
C ILE P 31 -52.30 -19.45 25.25
N GLN P 32 -51.13 -20.01 25.49
CA GLN P 32 -51.04 -21.36 26.00
C GLN P 32 -50.53 -21.27 27.44
N LEU P 33 -51.22 -21.96 28.34
CA LEU P 33 -50.85 -21.95 29.75
C LEU P 33 -50.07 -23.19 29.96
N ARG P 34 -48.79 -23.05 30.27
CA ARG P 34 -47.97 -24.24 30.41
C ARG P 34 -47.97 -24.91 31.79
N SER P 35 -48.51 -24.26 32.82
CA SER P 35 -48.76 -24.95 34.10
C SER P 35 -49.87 -24.20 34.80
N ALA P 36 -50.28 -24.77 35.94
CA ALA P 36 -51.26 -24.17 36.85
C ALA P 36 -50.70 -22.87 37.55
N SER P 37 -49.38 -22.70 37.54
CA SER P 37 -48.72 -21.48 38.06
C SER P 37 -48.82 -20.22 37.20
N ALA P 38 -49.20 -20.42 35.94
CA ALA P 38 -49.30 -19.39 34.93
C ALA P 38 -50.57 -18.53 35.10
N THR P 39 -50.53 -17.24 34.75
CA THR P 39 -51.73 -16.36 34.81
C THR P 39 -52.03 -15.91 33.37
N VAL P 40 -53.28 -16.02 32.94
CA VAL P 40 -53.66 -15.41 31.68
C VAL P 40 -53.34 -13.89 31.71
N PRO P 41 -52.63 -13.37 30.67
CA PRO P 41 -52.46 -11.92 30.60
C PRO P 41 -53.73 -11.12 30.68
N THR P 42 -53.64 -9.96 31.31
CA THR P 42 -54.86 -9.17 31.52
C THR P 42 -54.68 -7.82 30.90
N LYS P 43 -55.76 -7.31 30.33
CA LYS P 43 -55.80 -5.94 29.92
C LYS P 43 -56.98 -5.19 30.65
N SER P 45 -58.26 -2.04 30.69
CA SER P 45 -59.10 -1.21 29.79
C SER P 45 -58.80 -1.41 28.29
N ALA P 46 -59.74 -0.97 27.46
CA ALA P 46 -59.65 -1.12 26.00
C ALA P 46 -58.56 -0.24 25.34
N THR P 47 -58.36 0.97 25.87
CA THR P 47 -57.33 1.91 25.35
C THR P 47 -56.05 1.94 26.25
N ALA P 48 -55.64 0.77 26.70
CA ALA P 48 -54.35 0.61 27.32
C ALA P 48 -53.50 -0.06 26.27
N ALA P 49 -52.22 0.26 26.24
CA ALA P 49 -51.30 -0.29 25.26
C ALA P 49 -51.06 -1.80 25.43
N GLY P 50 -50.99 -2.29 26.66
CA GLY P 50 -50.30 -3.61 26.92
C GLY P 50 -51.06 -4.57 27.84
N TYR P 51 -50.74 -5.85 27.73
CA TYR P 51 -51.35 -6.93 28.52
C TYR P 51 -50.40 -7.24 29.68
N ASP P 52 -50.92 -7.31 30.91
CA ASP P 52 -50.07 -7.59 32.07
C ASP P 52 -49.49 -8.98 32.00
N ILE P 53 -48.20 -9.08 32.28
CA ILE P 53 -47.50 -10.37 32.34
C ILE P 53 -47.03 -10.67 33.76
N TYR P 54 -47.26 -11.92 34.20
CA TYR P 54 -47.27 -12.28 35.62
C TYR P 54 -46.20 -13.34 35.79
N ALA P 55 -45.41 -13.23 36.85
CA ALA P 55 -44.45 -14.29 37.20
C ALA P 55 -45.20 -15.57 37.61
N SER P 56 -44.59 -16.69 37.31
CA SER P 56 -45.16 -17.98 37.63
C SER P 56 -44.30 -18.64 38.70
N GLN P 57 -43.14 -18.08 38.96
CA GLN P 57 -42.29 -18.62 39.99
C GLN P 57 -41.63 -17.44 40.69
N ASP P 58 -41.41 -17.58 42.00
CA ASP P 58 -40.65 -16.66 42.81
C ASP P 58 -39.22 -16.46 42.27
N ILE P 59 -38.74 -15.22 42.26
CA ILE P 59 -37.36 -14.94 41.91
C ILE P 59 -36.92 -13.61 42.53
N THR P 60 -35.63 -13.49 42.81
CA THR P 60 -35.09 -12.17 43.20
C THR P 60 -34.22 -11.62 42.08
N ILE P 61 -34.48 -10.39 41.62
CA ILE P 61 -33.57 -9.71 40.67
C ILE P 61 -32.49 -8.93 41.39
N PRO P 62 -31.18 -9.28 41.19
CA PRO P 62 -30.15 -8.66 42.02
C PRO P 62 -29.93 -7.20 41.69
N ALA P 63 -29.59 -6.45 42.72
CA ALA P 63 -29.27 -5.06 42.62
C ALA P 63 -28.16 -4.86 41.59
N MET P 64 -28.33 -3.87 40.71
CA MET P 64 -27.32 -3.57 39.69
C MET P 64 -27.03 -4.81 38.82
N GLY P 65 -28.02 -5.71 38.76
CA GLY P 65 -27.81 -7.02 38.09
C GLY P 65 -28.97 -7.27 37.17
N GLN P 66 -29.28 -8.55 36.97
CA GLN P 66 -30.28 -9.00 36.01
C GLN P 66 -30.76 -10.35 36.41
N GLY P 67 -31.95 -10.73 35.97
CA GLY P 67 -32.50 -12.06 36.25
C GLY P 67 -33.56 -12.38 35.25
N MET P 68 -33.92 -13.67 35.17
CA MET P 68 -34.95 -14.14 34.25
C MET P 68 -36.18 -14.57 35.02
N VAL P 69 -37.31 -13.97 34.73
CA VAL P 69 -38.63 -14.38 35.31
C VAL P 69 -39.36 -15.43 34.43
N SER P 70 -39.69 -16.59 35.03
CA SER P 70 -40.66 -17.54 34.41
C SER P 70 -42.06 -16.98 34.37
N THR P 71 -42.77 -17.29 33.29
CA THR P 71 -44.19 -16.98 33.12
C THR P 71 -45.03 -18.28 32.98
N ASP P 72 -44.40 -19.35 32.51
CA ASP P 72 -45.11 -20.60 32.08
C ASP P 72 -46.30 -20.28 31.14
N ILE P 73 -46.15 -19.26 30.28
CA ILE P 73 -47.07 -19.04 29.16
C ILE P 73 -46.21 -19.08 27.87
N SER P 74 -46.92 -19.36 26.77
CA SER P 74 -46.43 -19.24 25.43
C SER P 74 -47.53 -18.41 24.76
N PHE P 75 -47.20 -17.63 23.74
CA PHE P 75 -48.29 -16.98 22.99
C PHE P 75 -47.99 -16.87 21.50
N THR P 76 -49.04 -16.64 20.69
CA THR P 76 -48.93 -16.29 19.29
C THR P 76 -49.63 -14.94 19.13
N VAL P 77 -48.83 -13.93 18.79
CA VAL P 77 -49.32 -12.58 18.51
C VAL P 77 -50.05 -12.54 17.17
N PRO P 78 -50.92 -11.53 16.96
CA PRO P 78 -51.60 -11.44 15.66
C PRO P 78 -50.66 -11.23 14.45
N VAL P 79 -51.16 -11.61 13.28
CA VAL P 79 -50.49 -11.32 12.02
C VAL P 79 -50.10 -9.81 11.94
N GLY P 80 -48.89 -9.50 11.49
CA GLY P 80 -48.53 -8.11 11.25
C GLY P 80 -48.00 -7.37 12.48
N THR P 81 -47.69 -8.16 13.53
CA THR P 81 -47.18 -7.65 14.83
C THR P 81 -46.12 -8.60 15.31
N TYR P 82 -45.28 -8.15 16.25
CA TYR P 82 -44.53 -9.04 17.15
C TYR P 82 -44.97 -8.74 18.59
N GLY P 83 -44.54 -9.54 19.57
CA GLY P 83 -44.89 -9.22 20.93
C GLY P 83 -43.73 -8.54 21.64
N ARG P 84 -43.91 -7.26 21.96
CA ARG P 84 -42.88 -6.57 22.76
C ARG P 84 -43.09 -6.71 24.26
N ILE P 85 -42.11 -7.31 24.94
CA ILE P 85 -42.14 -7.35 26.39
C ILE P 85 -41.59 -6.01 26.87
N ALA P 86 -42.48 -5.16 27.39
CA ALA P 86 -42.20 -3.77 27.69
C ALA P 86 -42.20 -3.62 29.20
N PRO P 87 -41.56 -2.57 29.71
CA PRO P 87 -41.54 -2.35 31.13
C PRO P 87 -42.85 -1.80 31.68
N ARG P 88 -43.16 -2.22 32.90
CA ARG P 88 -44.19 -1.53 33.76
C ARG P 88 -43.58 -0.28 34.33
N SER P 89 -44.36 0.81 34.29
CA SER P 89 -43.81 2.13 34.69
C SER P 89 -43.53 2.21 36.19
N GLY P 90 -44.47 1.68 37.01
CA GLY P 90 -44.35 1.68 38.47
C GLY P 90 -43.08 0.98 38.90
N LEU P 91 -42.74 -0.11 38.25
CA LEU P 91 -41.57 -0.86 38.66
C LEU P 91 -40.25 -0.21 38.15
N ALA P 92 -40.30 0.44 36.98
CA ALA P 92 -39.18 1.31 36.53
C ALA P 92 -38.85 2.31 37.64
N VAL P 93 -39.86 3.09 38.02
CA VAL P 93 -39.72 4.17 38.99
C VAL P 93 -39.38 3.67 40.41
N LYS P 94 -40.14 2.70 40.94
CA LYS P 94 -39.97 2.37 42.34
C LYS P 94 -38.74 1.48 42.58
N ASN P 95 -38.30 0.73 41.56
CA ASN P 95 -37.38 -0.40 41.75
C ASN P 95 -36.24 -0.46 40.72
N GLY P 96 -36.20 0.51 39.81
CA GLY P 96 -35.14 0.62 38.82
C GLY P 96 -35.10 -0.51 37.79
N ILE P 97 -36.27 -1.07 37.52
CA ILE P 97 -36.44 -2.26 36.68
C ILE P 97 -36.67 -1.90 35.20
N GLN P 98 -35.91 -2.54 34.35
CA GLN P 98 -35.99 -2.36 32.91
C GLN P 98 -36.11 -3.75 32.33
N THR P 99 -37.01 -3.92 31.33
CA THR P 99 -36.99 -5.13 30.53
C THR P 99 -35.75 -5.21 29.61
N GLY P 100 -35.15 -6.38 29.58
CA GLY P 100 -34.20 -6.73 28.57
C GLY P 100 -34.83 -7.56 27.49
N ALA P 101 -34.00 -7.91 26.47
CA ALA P 101 -34.44 -8.62 25.26
C ALA P 101 -35.83 -8.06 24.83
N GLY P 102 -36.87 -8.91 24.85
CA GLY P 102 -38.26 -8.42 24.73
C GLY P 102 -38.88 -8.49 23.33
N VAL P 103 -38.15 -9.02 22.36
CA VAL P 103 -38.69 -9.20 21.01
C VAL P 103 -39.20 -10.65 20.86
N VAL P 104 -40.47 -10.86 21.09
CA VAL P 104 -41.10 -12.16 20.89
C VAL P 104 -41.68 -12.30 19.46
N ASP P 105 -41.05 -13.13 18.67
CA ASP P 105 -41.47 -13.35 17.28
C ASP P 105 -42.78 -14.10 17.22
N ARG P 106 -43.54 -13.88 16.15
CA ARG P 106 -44.81 -14.57 15.96
C ARG P 106 -44.73 -16.09 15.91
N ASP P 107 -43.63 -16.65 15.38
CA ASP P 107 -43.46 -18.10 15.30
C ASP P 107 -42.87 -18.71 16.59
N TYR P 108 -42.63 -17.87 17.61
CA TYR P 108 -42.09 -18.36 18.86
C TYR P 108 -43.16 -19.09 19.65
N THR P 109 -42.84 -20.33 19.98
CA THR P 109 -43.75 -21.21 20.73
C THR P 109 -43.17 -21.65 22.08
N GLY P 110 -41.90 -21.34 22.36
CA GLY P 110 -41.35 -21.66 23.68
C GLY P 110 -42.02 -20.82 24.78
N GLU P 111 -41.63 -21.15 26.01
CA GLU P 111 -42.01 -20.33 27.16
C GLU P 111 -41.39 -18.96 27.00
N VAL P 112 -42.21 -17.94 27.27
CA VAL P 112 -41.81 -16.55 27.23
C VAL P 112 -41.30 -16.14 28.62
N LYS P 113 -40.00 -16.28 28.85
CA LYS P 113 -39.36 -15.74 30.04
C LYS P 113 -39.09 -14.23 29.91
N VAL P 114 -39.13 -13.51 31.03
CA VAL P 114 -38.96 -12.06 31.05
C VAL P 114 -37.55 -11.73 31.63
N VAL P 115 -36.66 -11.15 30.81
CA VAL P 115 -35.39 -10.63 31.26
C VAL P 115 -35.59 -9.29 31.96
N LEU P 116 -35.21 -9.18 33.22
CA LEU P 116 -35.21 -7.89 33.94
C LEU P 116 -33.79 -7.43 34.34
N PHE P 117 -33.52 -6.14 34.12
CA PHE P 117 -32.31 -5.47 34.58
C PHE P 117 -32.74 -4.61 35.76
N ASN P 118 -32.00 -4.70 36.85
CA ASN P 118 -32.31 -3.97 38.05
C ASN P 118 -31.22 -2.91 38.22
N HIS P 119 -31.59 -1.66 37.97
CA HIS P 119 -30.68 -0.51 38.00
C HIS P 119 -30.59 0.18 39.37
N SER P 120 -31.26 -0.39 40.38
CA SER P 120 -31.18 0.11 41.74
C SER P 120 -30.13 -0.58 42.60
N GLN P 121 -29.94 -0.06 43.82
CA GLN P 121 -29.05 -0.60 44.84
C GLN P 121 -29.68 -1.74 45.62
N ARG P 122 -30.99 -1.92 45.44
CA ARG P 122 -31.75 -2.94 46.18
C ARG P 122 -32.13 -4.14 45.31
N ASP P 123 -31.88 -5.36 45.80
CA ASP P 123 -32.50 -6.57 45.23
C ASP P 123 -34.02 -6.36 45.05
N PHE P 124 -34.59 -6.90 43.99
CA PHE P 124 -36.02 -6.79 43.75
C PHE P 124 -36.65 -8.19 43.84
N ALA P 125 -37.49 -8.39 44.85
CA ALA P 125 -38.17 -9.68 45.11
C ALA P 125 -39.49 -9.81 44.32
N ILE P 126 -39.61 -10.93 43.60
CA ILE P 126 -40.79 -11.16 42.76
C ILE P 126 -41.41 -12.41 43.34
N LYS P 127 -42.74 -12.37 43.58
CA LYS P 127 -43.53 -13.56 44.01
C LYS P 127 -44.34 -14.11 42.84
N LYS P 128 -44.51 -15.43 42.82
CA LYS P 128 -45.45 -16.01 41.84
C LYS P 128 -46.74 -15.17 41.87
N GLY P 129 -47.32 -14.86 40.69
CA GLY P 129 -48.54 -13.98 40.58
C GLY P 129 -48.28 -12.48 40.53
N ASP P 130 -47.04 -12.04 40.76
CA ASP P 130 -46.69 -10.63 40.59
C ASP P 130 -46.65 -10.24 39.11
N ARG P 131 -47.18 -9.05 38.77
CA ARG P 131 -47.03 -8.41 37.45
C ARG P 131 -45.64 -7.85 37.24
N VAL P 132 -45.00 -8.25 36.15
CA VAL P 132 -43.55 -8.08 36.03
C VAL P 132 -43.13 -7.41 34.72
N ALA P 133 -44.06 -7.30 33.75
CA ALA P 133 -43.84 -6.63 32.50
C ALA P 133 -45.21 -6.45 31.88
N GLN P 134 -45.24 -5.81 30.71
CA GLN P 134 -46.45 -5.77 29.89
C GLN P 134 -46.07 -6.13 28.45
N LEU P 135 -46.99 -6.83 27.77
CA LEU P 135 -46.87 -7.27 26.41
C LEU P 135 -47.57 -6.31 25.50
N ILE P 136 -46.83 -5.74 24.52
CA ILE P 136 -47.43 -4.84 23.54
C ILE P 136 -47.38 -5.53 22.18
N LEU P 137 -48.53 -5.52 21.50
CA LEU P 137 -48.64 -6.09 20.14
C LEU P 137 -48.33 -4.96 19.13
N GLU P 138 -47.03 -4.85 18.88
CA GLU P 138 -46.38 -3.80 18.09
C GLU P 138 -46.63 -4.14 16.61
N LYS P 139 -47.32 -3.24 15.88
CA LYS P 139 -47.42 -3.42 14.42
C LYS P 139 -46.08 -3.17 13.71
N ILE P 140 -45.76 -4.05 12.77
CA ILE P 140 -44.49 -3.97 12.05
C ILE P 140 -44.72 -4.22 10.55
N VAL P 141 -43.74 -3.90 9.73
CA VAL P 141 -43.67 -4.43 8.36
C VAL P 141 -42.81 -5.70 8.52
N ASP P 142 -43.47 -6.84 8.30
CA ASP P 142 -42.85 -8.17 8.47
C ASP P 142 -42.66 -8.85 7.14
N ASP P 143 -43.19 -8.27 6.07
CA ASP P 143 -43.11 -8.85 4.73
C ASP P 143 -42.32 -7.93 3.76
N ALA P 144 -41.32 -7.21 4.28
CA ALA P 144 -40.57 -6.25 3.47
C ALA P 144 -39.55 -6.93 2.54
N GLN P 145 -39.27 -6.31 1.40
CA GLN P 145 -38.25 -6.82 0.49
C GLN P 145 -36.93 -6.10 0.67
N ILE P 146 -35.84 -6.85 0.94
CA ILE P 146 -34.51 -6.22 0.98
C ILE P 146 -33.95 -5.98 -0.43
N VAL P 147 -33.56 -4.73 -0.71
CA VAL P 147 -32.95 -4.36 -1.98
C VAL P 147 -31.64 -3.68 -1.63
N VAL P 148 -30.55 -4.12 -2.28
CA VAL P 148 -29.20 -3.60 -2.03
C VAL P 148 -28.92 -2.54 -3.10
N VAL P 149 -28.61 -1.34 -2.65
CA VAL P 149 -28.48 -0.18 -3.53
C VAL P 149 -27.08 0.44 -3.34
N ASP P 150 -26.59 1.12 -4.36
CA ASP P 150 -25.31 1.79 -4.25
C ASP P 150 -25.50 3.11 -3.53
N SER P 151 -26.71 3.64 -3.58
CA SER P 151 -27.01 4.91 -2.93
C SER P 151 -28.44 4.93 -2.42
N LEU P 152 -28.61 5.39 -1.20
CA LEU P 152 -29.94 5.69 -0.72
C LEU P 152 -30.29 7.06 -1.26
N LYS Q 27 -55.20 10.49 13.46
CA LYS Q 27 -54.64 11.60 12.64
C LYS Q 27 -54.23 12.79 13.51
N VAL Q 28 -54.63 12.79 14.78
CA VAL Q 28 -54.38 13.96 15.67
C VAL Q 28 -53.66 13.65 17.01
N LEU Q 29 -52.66 14.45 17.37
CA LEU Q 29 -51.98 14.30 18.66
C LEU Q 29 -52.37 15.50 19.52
N LYS Q 30 -53.15 15.27 20.58
CA LYS Q 30 -53.59 16.37 21.44
C LYS Q 30 -52.64 16.62 22.55
N ILE Q 31 -52.21 17.88 22.68
CA ILE Q 31 -51.22 18.26 23.67
C ILE Q 31 -51.81 19.23 24.69
N GLN Q 32 -51.51 19.00 25.97
CA GLN Q 32 -51.98 19.97 27.01
C GLN Q 32 -50.74 20.51 27.69
N LEU Q 33 -50.58 21.83 27.68
CA LEU Q 33 -49.44 22.44 28.38
C LEU Q 33 -49.90 22.74 29.80
N ARG Q 34 -49.19 22.23 30.82
CA ARG Q 34 -49.67 22.41 32.20
C ARG Q 34 -49.04 23.60 32.95
N SER Q 35 -48.09 24.27 32.30
CA SER Q 35 -47.44 25.45 32.89
C SER Q 35 -46.72 26.21 31.80
N ALA Q 36 -46.26 27.40 32.18
CA ALA Q 36 -45.49 28.24 31.29
C ALA Q 36 -44.08 27.71 31.01
N SER Q 37 -43.63 26.70 31.78
CA SER Q 37 -42.34 26.03 31.56
C SER Q 37 -42.40 24.87 30.57
N ALA Q 38 -43.60 24.52 30.10
CA ALA Q 38 -43.77 23.44 29.14
C ALA Q 38 -43.49 23.85 27.68
N THR Q 39 -43.00 22.92 26.88
CA THR Q 39 -42.80 23.20 25.47
C THR Q 39 -43.61 22.19 24.70
N VAL Q 40 -44.43 22.65 23.74
CA VAL Q 40 -45.04 21.70 22.83
C VAL Q 40 -43.98 20.84 22.12
N PRO Q 41 -44.20 19.51 22.08
CA PRO Q 41 -43.21 18.68 21.35
C PRO Q 41 -43.18 18.98 19.85
N THR Q 42 -42.00 18.79 19.28
CA THR Q 42 -41.63 19.33 18.01
C THR Q 42 -41.04 18.21 17.17
N LYS Q 43 -41.47 18.13 15.93
CA LYS Q 43 -40.95 17.11 15.00
C LYS Q 43 -40.20 17.78 13.86
N SER Q 45 -38.84 17.79 10.62
CA SER Q 45 -38.84 16.70 9.68
C SER Q 45 -40.12 15.85 9.68
N ALA Q 46 -40.73 15.73 8.50
CA ALA Q 46 -42.00 15.01 8.36
C ALA Q 46 -41.84 13.48 8.38
N THR Q 47 -40.70 12.97 7.93
CA THR Q 47 -40.38 11.55 8.13
C THR Q 47 -39.26 11.37 9.19
N ALA Q 48 -39.36 12.12 10.27
CA ALA Q 48 -38.66 11.79 11.51
C ALA Q 48 -39.63 10.91 12.30
N ALA Q 49 -39.12 9.92 13.02
CA ALA Q 49 -39.96 8.98 13.79
C ALA Q 49 -40.67 9.66 14.96
N GLY Q 50 -40.01 10.67 15.55
CA GLY Q 50 -40.37 11.10 16.89
C GLY Q 50 -40.53 12.60 17.12
N TYR Q 51 -41.13 12.98 18.27
CA TYR Q 51 -41.35 14.37 18.63
C TYR Q 51 -40.46 14.66 19.79
N ASP Q 52 -39.73 15.77 19.75
CA ASP Q 52 -38.84 16.07 20.90
C ASP Q 52 -39.62 16.34 22.18
N ILE Q 53 -39.12 15.79 23.29
N ILE Q 53 -39.17 15.75 23.29
CA ILE Q 53 -39.68 16.01 24.62
CA ILE Q 53 -39.74 16.09 24.58
C ILE Q 53 -38.67 16.87 25.39
C ILE Q 53 -38.69 16.87 25.38
N TYR Q 54 -39.16 17.96 25.98
CA TYR Q 54 -38.33 18.93 26.66
C TYR Q 54 -38.56 18.88 28.16
N ALA Q 55 -37.49 19.02 28.92
CA ALA Q 55 -37.58 19.26 30.37
C ALA Q 55 -38.23 20.60 30.70
N SER Q 56 -39.10 20.62 31.73
CA SER Q 56 -39.71 21.86 32.24
C SER Q 56 -39.06 22.31 33.55
N GLN Q 57 -38.05 21.56 34.01
CA GLN Q 57 -37.51 21.80 35.33
C GLN Q 57 -36.17 21.13 35.34
N ASP Q 58 -35.19 21.82 35.89
CA ASP Q 58 -33.82 21.29 36.03
C ASP Q 58 -33.81 20.05 36.92
N ILE Q 59 -32.95 19.08 36.55
CA ILE Q 59 -32.88 17.78 37.23
C ILE Q 59 -31.49 17.19 36.90
N THR Q 60 -30.99 16.35 37.79
CA THR Q 60 -29.66 15.79 37.55
C THR Q 60 -29.84 14.29 37.62
N ILE Q 61 -29.45 13.57 36.57
CA ILE Q 61 -29.54 12.12 36.57
C ILE Q 61 -28.23 11.50 37.09
N PRO Q 62 -28.20 10.94 38.31
CA PRO Q 62 -26.87 10.52 38.89
C PRO Q 62 -26.14 9.50 38.04
N ALA Q 63 -24.80 9.51 38.05
CA ALA Q 63 -23.94 8.48 37.42
C ALA Q 63 -24.35 7.08 37.84
N MET Q 64 -24.48 6.14 36.89
CA MET Q 64 -24.93 4.76 37.21
C MET Q 64 -26.26 4.73 37.99
N GLY Q 65 -27.16 5.67 37.65
CA GLY Q 65 -28.28 6.00 38.53
C GLY Q 65 -29.45 6.30 37.64
N GLN Q 66 -30.51 6.84 38.24
CA GLN Q 66 -31.75 7.13 37.47
C GLN Q 66 -32.44 8.32 38.07
N GLY Q 67 -33.30 8.95 37.28
CA GLY Q 67 -33.98 10.06 37.82
C GLY Q 67 -35.21 10.26 36.97
N MET Q 68 -35.94 11.31 37.31
CA MET Q 68 -37.18 11.58 36.62
C MET Q 68 -37.22 13.02 36.18
N VAL Q 69 -37.61 13.23 34.90
CA VAL Q 69 -37.67 14.57 34.30
C VAL Q 69 -39.15 15.06 34.21
N SER Q 70 -39.46 16.22 34.77
CA SER Q 70 -40.76 16.84 34.52
C SER Q 70 -40.78 17.46 33.13
N THR Q 71 -42.00 17.51 32.53
CA THR Q 71 -42.26 18.02 31.22
C THR Q 71 -43.38 19.10 31.30
N ASP Q 72 -44.24 19.04 32.31
CA ASP Q 72 -45.51 19.86 32.36
C ASP Q 72 -46.42 19.79 31.11
N ILE Q 73 -46.37 18.65 30.44
CA ILE Q 73 -47.34 18.32 29.37
C ILE Q 73 -48.09 17.03 29.67
N SER Q 74 -49.32 16.97 29.16
CA SER Q 74 -50.09 15.75 28.97
C SER Q 74 -50.35 15.57 27.46
N PHE Q 75 -50.58 14.33 27.01
CA PHE Q 75 -51.07 14.09 25.64
C PHE Q 75 -51.99 12.93 25.52
N THR Q 76 -52.92 13.05 24.54
CA THR Q 76 -53.69 11.90 23.97
C THR Q 76 -53.15 11.57 22.59
N VAL Q 77 -52.55 10.38 22.47
CA VAL Q 77 -52.02 9.90 21.20
C VAL Q 77 -53.15 9.41 20.32
N PRO Q 78 -52.93 9.28 18.98
CA PRO Q 78 -54.05 8.88 18.09
C PRO Q 78 -54.59 7.49 18.39
N VAL Q 79 -55.83 7.24 18.02
CA VAL Q 79 -56.38 5.86 18.04
C VAL Q 79 -55.44 4.86 17.31
N GLY Q 80 -55.29 3.66 17.86
CA GLY Q 80 -54.46 2.60 17.24
C GLY Q 80 -52.97 2.73 17.52
N THR Q 81 -52.62 3.64 18.44
CA THR Q 81 -51.20 3.78 18.89
C THR Q 81 -51.06 3.85 20.42
N TYR Q 82 -49.84 3.68 20.92
CA TYR Q 82 -49.50 4.25 22.19
C TYR Q 82 -48.33 5.23 22.02
N GLY Q 83 -48.00 6.01 23.04
CA GLY Q 83 -46.83 6.92 22.94
C GLY Q 83 -45.63 6.28 23.58
N ARG Q 84 -44.60 5.98 22.78
CA ARG Q 84 -43.36 5.42 23.37
C ARG Q 84 -42.42 6.57 23.69
N ILE Q 85 -42.04 6.71 24.93
CA ILE Q 85 -41.01 7.65 25.29
C ILE Q 85 -39.68 6.94 25.03
N ALA Q 86 -38.96 7.38 23.98
CA ALA Q 86 -37.78 6.65 23.40
C ALA Q 86 -36.53 7.51 23.52
N PRO Q 87 -35.34 6.88 23.49
CA PRO Q 87 -34.15 7.67 23.64
C PRO Q 87 -33.77 8.60 22.49
N ARG Q 88 -33.12 9.70 22.85
CA ARG Q 88 -32.31 10.49 21.93
C ARG Q 88 -31.01 9.78 21.69
N SER Q 89 -30.62 9.68 20.41
CA SER Q 89 -29.42 8.98 20.06
C SER Q 89 -28.20 9.66 20.66
N GLY Q 90 -28.18 10.99 20.60
CA GLY Q 90 -27.01 11.80 20.99
C GLY Q 90 -26.70 11.65 22.45
N LEU Q 91 -27.74 11.75 23.28
CA LEU Q 91 -27.63 11.51 24.71
C LEU Q 91 -27.19 10.10 25.11
N ALA Q 92 -27.61 9.10 24.35
CA ALA Q 92 -27.15 7.73 24.55
C ALA Q 92 -25.66 7.62 24.32
N VAL Q 93 -25.18 8.27 23.28
CA VAL Q 93 -23.76 8.05 22.86
C VAL Q 93 -22.82 8.89 23.75
N LYS Q 94 -23.25 10.12 24.03
CA LYS Q 94 -22.50 11.20 24.75
C LYS Q 94 -22.55 11.07 26.26
N ASN Q 95 -23.66 10.57 26.79
CA ASN Q 95 -23.96 10.71 28.21
C ASN Q 95 -24.42 9.40 28.81
N GLY Q 96 -24.46 8.35 27.99
CA GLY Q 96 -24.93 6.99 28.36
C GLY Q 96 -26.39 6.92 28.79
N ILE Q 97 -27.23 7.84 28.30
CA ILE Q 97 -28.58 7.93 28.76
C ILE Q 97 -29.46 6.93 28.02
N GLN Q 98 -30.35 6.29 28.81
CA GLN Q 98 -31.40 5.36 28.32
C GLN Q 98 -32.68 5.77 28.98
N THR Q 99 -33.76 5.80 28.20
CA THR Q 99 -35.10 5.94 28.75
C THR Q 99 -35.62 4.63 29.41
N GLY Q 100 -36.29 4.76 30.53
CA GLY Q 100 -36.93 3.60 31.14
C GLY Q 100 -38.43 3.82 31.04
N ALA Q 101 -39.19 2.86 31.61
CA ALA Q 101 -40.63 2.80 31.49
C ALA Q 101 -40.99 3.18 30.03
N GLY Q 102 -41.90 4.12 29.85
CA GLY Q 102 -42.01 4.79 28.55
C GLY Q 102 -43.26 4.45 27.74
N VAL Q 103 -44.14 3.63 28.26
CA VAL Q 103 -45.34 3.24 27.54
C VAL Q 103 -46.41 4.19 28.06
N VAL Q 104 -46.84 5.12 27.22
CA VAL Q 104 -47.90 6.04 27.60
C VAL Q 104 -49.17 5.62 26.87
N ASP Q 105 -50.15 5.16 27.66
CA ASP Q 105 -51.37 4.63 27.12
C ASP Q 105 -52.14 5.80 26.57
N ARG Q 106 -53.01 5.53 25.58
CA ARG Q 106 -53.84 6.59 25.01
C ARG Q 106 -54.80 7.21 26.03
N ASP Q 107 -55.13 6.48 27.09
CA ASP Q 107 -56.10 7.06 28.09
C ASP Q 107 -55.40 7.73 29.26
N TYR Q 108 -54.06 7.69 29.28
CA TYR Q 108 -53.28 8.49 30.27
C TYR Q 108 -53.44 10.01 30.08
N THR Q 109 -53.98 10.67 31.10
CA THR Q 109 -54.06 12.08 31.14
C THR Q 109 -53.23 12.76 32.26
N GLY Q 110 -52.35 12.03 32.96
CA GLY Q 110 -51.43 12.63 33.93
C GLY Q 110 -50.31 13.45 33.29
N GLU Q 111 -49.37 13.92 34.10
CA GLU Q 111 -48.20 14.56 33.54
C GLU Q 111 -47.34 13.48 33.01
N VAL Q 112 -46.79 13.68 31.81
CA VAL Q 112 -45.84 12.74 31.26
C VAL Q 112 -44.46 13.00 31.87
N LYS Q 113 -43.88 11.98 32.53
CA LYS Q 113 -42.60 12.16 33.17
C LYS Q 113 -41.67 11.22 32.46
N VAL Q 114 -40.41 11.57 32.35
CA VAL Q 114 -39.52 10.77 31.58
C VAL Q 114 -38.64 10.14 32.65
N VAL Q 115 -38.66 8.82 32.72
CA VAL Q 115 -37.61 8.05 33.46
C VAL Q 115 -36.30 7.94 32.66
N LEU Q 116 -35.17 8.33 33.27
CA LEU Q 116 -33.90 8.14 32.61
C LEU Q 116 -33.01 7.37 33.51
N PHE Q 117 -32.25 6.48 32.88
CA PHE Q 117 -31.16 5.77 33.48
C PHE Q 117 -29.85 6.30 32.92
N ASN Q 118 -28.87 6.47 33.80
CA ASN Q 118 -27.61 6.99 33.37
C ASN Q 118 -26.58 5.90 33.54
N HIS Q 119 -26.08 5.38 32.42
CA HIS Q 119 -25.08 4.32 32.47
C HIS Q 119 -23.67 4.81 32.51
N SER Q 120 -23.44 6.11 32.39
CA SER Q 120 -22.04 6.56 32.44
C SER Q 120 -21.57 6.75 33.87
N GLN Q 121 -20.30 7.13 33.95
CA GLN Q 121 -19.61 7.53 35.14
C GLN Q 121 -19.89 8.99 35.60
N ARG Q 122 -20.58 9.78 34.77
CA ARG Q 122 -20.67 11.21 35.00
C ARG Q 122 -22.14 11.54 35.22
N ASP Q 123 -22.45 12.31 36.27
CA ASP Q 123 -23.78 12.87 36.49
C ASP Q 123 -24.22 13.60 35.24
N PHE Q 124 -25.53 13.55 34.96
CA PHE Q 124 -26.14 14.17 33.78
C PHE Q 124 -27.05 15.32 34.18
N ALA Q 125 -26.56 16.53 33.99
CA ALA Q 125 -27.28 17.69 34.43
C ALA Q 125 -28.23 18.01 33.33
N ILE Q 126 -29.47 18.24 33.68
CA ILE Q 126 -30.46 18.68 32.71
C ILE Q 126 -31.02 20.01 33.18
N LYS Q 127 -31.17 20.94 32.24
CA LYS Q 127 -31.75 22.23 32.49
C LYS Q 127 -33.10 22.30 31.79
N LYS Q 128 -34.03 23.04 32.42
CA LYS Q 128 -35.26 23.48 31.75
C LYS Q 128 -35.02 23.93 30.30
N GLY Q 129 -35.73 23.27 29.39
CA GLY Q 129 -35.70 23.58 27.97
C GLY Q 129 -34.88 22.58 27.17
N ASP Q 130 -34.14 21.70 27.85
CA ASP Q 130 -33.25 20.75 27.18
C ASP Q 130 -34.15 19.62 26.63
N ARG Q 131 -33.85 19.12 25.42
N ARG Q 131 -33.86 19.10 25.43
CA ARG Q 131 -34.47 17.88 24.88
CA ARG Q 131 -34.55 17.90 24.94
C ARG Q 131 -33.94 16.69 25.66
C ARG Q 131 -33.96 16.67 25.60
N VAL Q 132 -34.84 15.81 26.16
CA VAL Q 132 -34.40 14.69 27.08
C VAL Q 132 -34.89 13.31 26.59
N ALA Q 133 -35.79 13.32 25.60
CA ALA Q 133 -36.36 12.11 24.99
C ALA Q 133 -37.05 12.46 23.66
N GLN Q 134 -37.49 11.43 22.94
CA GLN Q 134 -38.48 11.63 21.87
C GLN Q 134 -39.74 10.80 22.09
N LEU Q 135 -40.87 11.31 21.64
CA LEU Q 135 -42.13 10.61 21.69
C LEU Q 135 -42.40 9.95 20.35
N ILE Q 136 -42.65 8.63 20.32
CA ILE Q 136 -42.98 7.98 19.04
C ILE Q 136 -44.38 7.41 19.10
N LEU Q 137 -45.21 7.77 18.15
CA LEU Q 137 -46.53 7.20 18.01
C LEU Q 137 -46.48 5.78 17.36
N GLU Q 138 -46.21 4.78 18.19
CA GLU Q 138 -46.17 3.36 17.78
C GLU Q 138 -47.57 2.78 17.51
N LYS Q 139 -47.77 2.28 16.29
CA LYS Q 139 -48.98 1.58 15.86
C LYS Q 139 -49.03 0.19 16.49
N ILE Q 140 -50.18 -0.16 17.07
CA ILE Q 140 -50.31 -1.37 17.85
C ILE Q 140 -51.66 -2.00 17.57
N VAL Q 141 -51.80 -3.27 17.91
CA VAL Q 141 -53.12 -3.86 17.97
C VAL Q 141 -53.54 -3.72 19.42
N ASP Q 142 -54.55 -2.88 19.68
CA ASP Q 142 -54.92 -2.72 21.09
C ASP Q 142 -56.23 -3.43 21.46
N ASP Q 143 -56.89 -4.00 20.47
CA ASP Q 143 -58.24 -4.61 20.64
C ASP Q 143 -58.27 -6.07 20.22
N ALA Q 144 -57.16 -6.79 20.43
CA ALA Q 144 -57.13 -8.21 20.14
C ALA Q 144 -57.86 -8.97 21.24
N GLN Q 145 -58.68 -9.94 20.84
CA GLN Q 145 -59.33 -10.79 21.80
C GLN Q 145 -58.30 -11.78 22.34
N ILE Q 146 -58.28 -11.98 23.66
CA ILE Q 146 -57.38 -12.97 24.30
C ILE Q 146 -58.15 -14.29 24.33
N VAL Q 147 -57.44 -15.34 23.95
CA VAL Q 147 -58.04 -16.62 23.65
C VAL Q 147 -57.04 -17.62 24.17
N VAL Q 148 -57.50 -18.52 25.01
CA VAL Q 148 -56.60 -19.50 25.64
C VAL Q 148 -56.76 -20.86 24.93
N VAL Q 149 -55.64 -21.40 24.41
CA VAL Q 149 -55.66 -22.54 23.51
C VAL Q 149 -54.87 -23.74 24.05
N ASP Q 150 -55.21 -24.96 23.61
CA ASP Q 150 -54.50 -26.14 24.10
C ASP Q 150 -53.03 -26.09 23.72
N SER Q 151 -52.73 -25.81 22.47
CA SER Q 151 -51.32 -25.74 22.09
C SER Q 151 -51.14 -24.78 20.96
N LEU Q 152 -49.94 -24.24 20.82
CA LEU Q 152 -49.69 -23.32 19.74
C LEU Q 152 -49.23 -24.13 18.55
N LYS R 27 -43.14 -1.31 0.45
CA LYS R 27 -42.57 -2.23 1.48
C LYS R 27 -41.19 -2.75 1.04
N VAL R 28 -40.34 -1.84 0.58
CA VAL R 28 -38.96 -2.17 0.26
C VAL R 28 -38.09 -1.61 1.39
N LEU R 29 -37.11 -2.39 1.83
CA LEU R 29 -36.04 -1.90 2.72
C LEU R 29 -34.78 -1.73 1.89
N LYS R 30 -34.37 -0.48 1.65
CA LYS R 30 -33.17 -0.21 0.88
C LYS R 30 -31.99 -0.29 1.82
N ILE R 31 -31.04 -1.14 1.47
CA ILE R 31 -29.83 -1.34 2.24
C ILE R 31 -28.59 -0.91 1.43
N GLN R 32 -27.77 -0.06 2.03
CA GLN R 32 -26.53 0.32 1.39
C GLN R 32 -25.31 -0.27 2.14
N LEU R 33 -24.48 -1.02 1.43
CA LEU R 33 -23.26 -1.54 2.06
C LEU R 33 -22.08 -0.58 1.85
N ARG R 34 -21.57 0.02 2.93
CA ARG R 34 -20.66 1.12 2.82
C ARG R 34 -19.22 0.68 2.67
N SER R 35 -18.94 -0.57 3.07
CA SER R 35 -17.62 -1.16 2.85
C SER R 35 -17.71 -2.66 2.57
N ALA R 36 -16.59 -3.27 2.19
CA ALA R 36 -16.55 -4.71 2.06
C ALA R 36 -16.70 -5.45 3.41
N SER R 37 -16.58 -4.73 4.53
CA SER R 37 -16.71 -5.35 5.88
C SER R 37 -18.17 -5.54 6.34
N ALA R 38 -19.09 -4.85 5.67
CA ALA R 38 -20.49 -4.91 6.01
C ALA R 38 -21.16 -6.20 5.49
N THR R 39 -22.18 -6.63 6.22
CA THR R 39 -23.01 -7.80 5.89
C THR R 39 -24.51 -7.35 5.73
N VAL R 40 -25.18 -7.73 4.64
CA VAL R 40 -26.61 -7.36 4.50
C VAL R 40 -27.39 -7.96 5.67
N PRO R 41 -28.25 -7.17 6.33
CA PRO R 41 -29.05 -7.75 7.42
C PRO R 41 -29.91 -8.92 6.95
N THR R 42 -30.16 -9.90 7.82
CA THR R 42 -30.81 -11.18 7.43
C THR R 42 -31.92 -11.55 8.39
N LYS R 43 -33.08 -11.97 7.86
CA LYS R 43 -34.14 -12.53 8.68
C LYS R 43 -33.74 -13.97 9.00
N GLY R 44 -34.06 -14.44 10.21
CA GLY R 44 -33.68 -15.79 10.66
C GLY R 44 -34.79 -16.82 10.49
N SER R 45 -36.02 -16.33 10.31
CA SER R 45 -37.13 -17.17 9.92
C SER R 45 -38.14 -16.24 9.33
N ALA R 46 -39.22 -16.82 8.83
CA ALA R 46 -40.13 -16.13 7.90
C ALA R 46 -40.94 -15.07 8.54
N THR R 47 -41.39 -15.29 9.79
CA THR R 47 -42.17 -14.29 10.50
C THR R 47 -41.39 -13.69 11.68
N ALA R 48 -40.08 -13.85 11.63
CA ALA R 48 -39.21 -13.07 12.50
C ALA R 48 -39.53 -11.58 12.40
N ALA R 49 -39.60 -10.93 13.57
CA ALA R 49 -39.85 -9.52 13.71
C ALA R 49 -38.71 -8.69 13.12
N GLY R 50 -37.49 -9.22 13.17
CA GLY R 50 -36.36 -8.39 12.84
C GLY R 50 -35.35 -9.01 11.91
N TYR R 51 -34.38 -8.20 11.52
CA TYR R 51 -33.30 -8.65 10.64
C TYR R 51 -32.00 -8.56 11.40
N ASP R 52 -31.25 -9.64 11.40
CA ASP R 52 -30.00 -9.70 12.11
C ASP R 52 -29.08 -8.59 11.61
N ILE R 53 -28.46 -7.85 12.54
CA ILE R 53 -27.43 -6.79 12.25
C ILE R 53 -26.03 -7.27 12.69
N TYR R 54 -25.09 -7.21 11.76
CA TYR R 54 -23.74 -7.73 11.91
C TYR R 54 -22.68 -6.61 12.21
N ALA R 55 -21.79 -6.87 13.18
CA ALA R 55 -20.59 -6.05 13.33
C ALA R 55 -19.78 -6.09 12.01
N SER R 56 -19.25 -4.94 11.58
CA SER R 56 -18.19 -4.86 10.54
C SER R 56 -16.79 -4.69 11.11
N GLN R 57 -16.66 -4.64 12.44
CA GLN R 57 -15.40 -4.34 13.07
C GLN R 57 -15.40 -4.96 14.44
N ASP R 58 -14.24 -5.46 14.83
CA ASP R 58 -13.99 -5.98 16.19
C ASP R 58 -14.10 -4.88 17.22
N ILE R 59 -14.71 -5.22 18.35
CA ILE R 59 -14.87 -4.27 19.47
C ILE R 59 -15.25 -5.04 20.74
N THR R 60 -14.67 -4.64 21.89
CA THR R 60 -15.13 -5.10 23.20
C THR R 60 -16.04 -4.04 23.88
N ILE R 61 -17.18 -4.51 24.37
CA ILE R 61 -18.05 -3.64 25.14
C ILE R 61 -17.69 -3.92 26.58
N PRO R 62 -17.22 -2.90 27.31
CA PRO R 62 -16.71 -3.22 28.67
C PRO R 62 -17.84 -3.62 29.64
N ALA R 63 -17.50 -4.51 30.56
CA ALA R 63 -18.39 -4.86 31.65
C ALA R 63 -18.93 -3.63 32.33
N MET R 64 -20.21 -3.68 32.64
CA MET R 64 -20.88 -2.58 33.35
C MET R 64 -20.69 -1.25 32.60
N GLY R 65 -20.42 -1.34 31.28
CA GLY R 65 -20.19 -0.17 30.44
C GLY R 65 -21.06 -0.10 29.21
N GLN R 66 -20.61 0.67 28.24
CA GLN R 66 -21.19 0.70 26.91
C GLN R 66 -20.09 0.86 25.84
N GLY R 67 -20.45 0.57 24.59
CA GLY R 67 -19.61 0.74 23.39
C GLY R 67 -20.48 0.99 22.16
N MET R 68 -19.84 1.28 21.03
CA MET R 68 -20.51 1.50 19.76
C MET R 68 -19.96 0.45 18.77
N VAL R 69 -20.84 -0.19 18.02
CA VAL R 69 -20.41 -1.19 17.06
C VAL R 69 -20.61 -0.61 15.67
N SER R 70 -19.58 -0.71 14.87
N SER R 70 -19.58 -0.67 14.86
CA SER R 70 -19.69 -0.35 13.48
CA SER R 70 -19.71 -0.31 13.47
C SER R 70 -20.36 -1.48 12.73
C SER R 70 -20.36 -1.47 12.74
N THR R 71 -21.15 -1.13 11.72
CA THR R 71 -21.81 -2.08 10.84
C THR R 71 -21.47 -1.76 9.37
N ASP R 72 -20.96 -0.56 9.08
CA ASP R 72 -20.78 -0.10 7.70
C ASP R 72 -21.99 -0.32 6.79
N ILE R 73 -23.17 -0.17 7.37
CA ILE R 73 -24.40 -0.15 6.57
C ILE R 73 -25.20 1.12 6.81
N SER R 74 -25.98 1.49 5.79
CA SER R 74 -27.01 2.50 5.86
C SER R 74 -28.26 1.85 5.30
N PHE R 75 -29.42 2.39 5.65
CA PHE R 75 -30.63 1.87 5.11
C PHE R 75 -31.74 2.91 5.15
N THR R 76 -32.71 2.79 4.25
CA THR R 76 -33.98 3.57 4.26
C THR R 76 -35.09 2.58 4.53
N VAL R 77 -35.75 2.72 5.69
CA VAL R 77 -36.90 1.89 6.03
C VAL R 77 -38.10 2.31 5.16
N PRO R 78 -39.15 1.45 5.03
CA PRO R 78 -40.40 1.78 4.27
C PRO R 78 -41.15 2.99 4.83
N VAL R 79 -41.99 3.62 3.99
CA VAL R 79 -42.91 4.68 4.46
C VAL R 79 -43.85 4.13 5.57
N GLY R 80 -44.18 4.99 6.53
CA GLY R 80 -44.97 4.62 7.68
C GLY R 80 -44.24 3.85 8.77
N THR R 81 -42.93 3.72 8.64
CA THR R 81 -42.12 3.04 9.65
C THR R 81 -40.97 3.92 10.15
N TYR R 82 -40.37 3.53 11.26
CA TYR R 82 -38.96 3.82 11.47
C TYR R 82 -38.21 2.50 11.72
N GLY R 83 -36.88 2.56 11.80
CA GLY R 83 -36.10 1.36 12.10
C GLY R 83 -35.67 1.26 13.54
N ARG R 84 -36.20 0.31 14.32
CA ARG R 84 -35.71 0.21 15.67
C ARG R 84 -34.54 -0.74 15.68
N ILE R 85 -33.43 -0.37 16.31
CA ILE R 85 -32.34 -1.28 16.59
C ILE R 85 -32.62 -1.89 17.96
N ALA R 86 -32.85 -3.21 18.00
CA ALA R 86 -33.51 -3.83 19.14
C ALA R 86 -32.59 -4.95 19.60
N PRO R 87 -32.73 -5.40 20.85
CA PRO R 87 -31.74 -6.40 21.25
C PRO R 87 -32.01 -7.82 20.70
N ARG R 88 -30.96 -8.57 20.33
CA ARG R 88 -31.02 -10.05 20.32
C ARG R 88 -31.26 -10.64 21.71
N SER R 89 -32.16 -11.60 21.80
CA SER R 89 -32.59 -12.15 23.11
C SER R 89 -31.43 -12.96 23.77
N GLY R 90 -30.67 -13.71 22.97
CA GLY R 90 -29.54 -14.56 23.44
C GLY R 90 -28.44 -13.74 24.10
N LEU R 91 -28.09 -12.61 23.49
CA LEU R 91 -27.03 -11.73 24.07
C LEU R 91 -27.43 -11.05 25.37
N ALA R 92 -28.71 -10.74 25.51
CA ALA R 92 -29.30 -10.27 26.77
C ALA R 92 -29.25 -11.33 27.86
N VAL R 93 -29.76 -12.53 27.55
CA VAL R 93 -29.77 -13.63 28.51
C VAL R 93 -28.36 -14.07 28.88
N LYS R 94 -27.51 -14.34 27.88
CA LYS R 94 -26.17 -14.88 28.25
C LYS R 94 -25.10 -13.82 28.50
N ASN R 95 -25.28 -12.59 28.02
CA ASN R 95 -24.18 -11.59 28.10
C ASN R 95 -24.55 -10.27 28.76
N GLY R 96 -25.82 -10.08 29.14
CA GLY R 96 -26.22 -8.84 29.76
C GLY R 96 -26.21 -7.63 28.83
N ILE R 97 -26.40 -7.91 27.55
CA ILE R 97 -26.40 -6.87 26.53
C ILE R 97 -27.77 -6.29 26.25
N GLN R 98 -27.80 -4.97 26.24
CA GLN R 98 -29.01 -4.23 25.92
C GLN R 98 -28.63 -3.21 24.82
N THR R 99 -29.51 -2.98 23.88
CA THR R 99 -29.20 -1.92 22.91
C THR R 99 -29.54 -0.55 23.45
N GLY R 100 -28.73 0.46 23.12
CA GLY R 100 -29.05 1.87 23.46
C GLY R 100 -29.51 2.59 22.22
N ALA R 101 -29.95 3.87 22.37
CA ALA R 101 -30.39 4.72 21.27
C ALA R 101 -31.44 3.93 20.50
N GLY R 102 -31.23 3.78 19.19
CA GLY R 102 -31.95 2.79 18.42
C GLY R 102 -33.11 3.28 17.60
N VAL R 103 -33.37 4.58 17.59
CA VAL R 103 -34.48 5.10 16.76
C VAL R 103 -33.83 5.60 15.48
N VAL R 104 -33.98 4.86 14.38
CA VAL R 104 -33.40 5.26 13.12
C VAL R 104 -34.54 5.80 12.24
N ASP R 105 -34.49 7.09 11.95
CA ASP R 105 -35.49 7.73 11.09
C ASP R 105 -35.37 7.31 9.63
N ARG R 106 -36.44 7.55 8.87
CA ARG R 106 -36.47 7.09 7.49
C ARG R 106 -35.49 7.92 6.64
N ASP R 107 -35.25 9.17 7.06
CA ASP R 107 -34.42 10.13 6.29
C ASP R 107 -32.94 10.10 6.65
N TYR R 108 -32.58 9.21 7.58
CA TYR R 108 -31.20 9.00 7.98
C TYR R 108 -30.40 8.17 6.93
N THR R 109 -29.26 8.73 6.52
CA THR R 109 -28.49 8.17 5.44
C THR R 109 -27.06 7.93 5.91
N GLY R 110 -26.72 8.29 7.15
CA GLY R 110 -25.41 7.95 7.71
C GLY R 110 -25.23 6.49 8.08
N GLU R 111 -24.05 6.13 8.57
CA GLU R 111 -23.83 4.78 9.05
C GLU R 111 -24.69 4.53 10.28
N VAL R 112 -25.46 3.44 10.27
CA VAL R 112 -26.21 3.00 11.45
C VAL R 112 -25.23 2.19 12.34
N LYS R 113 -24.72 2.83 13.39
CA LYS R 113 -23.86 2.18 14.38
C LYS R 113 -24.74 1.78 15.53
N VAL R 114 -24.29 0.82 16.33
CA VAL R 114 -25.18 0.20 17.31
C VAL R 114 -24.65 0.55 18.70
N VAL R 115 -25.50 1.16 19.54
CA VAL R 115 -25.11 1.42 20.95
C VAL R 115 -25.46 0.19 21.79
N LEU R 116 -24.47 -0.36 22.49
CA LEU R 116 -24.69 -1.52 23.38
C LEU R 116 -24.34 -1.15 24.81
N PHE R 117 -25.27 -1.35 25.73
CA PHE R 117 -24.95 -1.30 27.15
C PHE R 117 -24.65 -2.73 27.61
N ASN R 118 -23.59 -2.87 28.38
CA ASN R 118 -23.21 -4.16 28.92
C ASN R 118 -23.55 -4.09 30.42
N HIS R 119 -24.57 -4.85 30.84
CA HIS R 119 -24.98 -4.85 32.24
C HIS R 119 -24.39 -6.00 33.03
N SER R 120 -23.41 -6.68 32.44
CA SER R 120 -22.75 -7.77 33.10
C SER R 120 -21.37 -7.35 33.71
N GLN R 121 -20.75 -8.29 34.45
CA GLN R 121 -19.37 -8.15 35.01
C GLN R 121 -18.32 -8.69 34.06
N ARG R 122 -18.75 -9.15 32.88
CA ARG R 122 -17.78 -9.62 31.88
C ARG R 122 -17.80 -8.69 30.67
N ASP R 123 -16.61 -8.25 30.26
CA ASP R 123 -16.38 -7.66 28.93
C ASP R 123 -17.00 -8.53 27.81
N PHE R 124 -17.60 -7.89 26.82
CA PHE R 124 -18.22 -8.66 25.73
C PHE R 124 -17.44 -8.43 24.44
N ALA R 125 -16.71 -9.44 24.00
CA ALA R 125 -15.94 -9.38 22.78
C ALA R 125 -16.80 -9.60 21.52
N ILE R 126 -16.75 -8.63 20.61
CA ILE R 126 -17.43 -8.68 19.31
C ILE R 126 -16.39 -8.77 18.21
N LYS R 127 -16.63 -9.72 17.31
CA LYS R 127 -15.83 -9.91 16.12
C LYS R 127 -16.60 -9.47 14.90
N LYS R 128 -15.87 -8.98 13.89
CA LYS R 128 -16.45 -8.71 12.57
C LYS R 128 -17.24 -9.96 12.18
N GLY R 129 -18.48 -9.75 11.83
CA GLY R 129 -19.28 -10.89 11.38
C GLY R 129 -20.28 -11.41 12.38
N ASP R 130 -20.17 -10.99 13.63
CA ASP R 130 -21.08 -11.39 14.71
C ASP R 130 -22.38 -10.60 14.59
N ARG R 131 -23.51 -11.28 14.79
CA ARG R 131 -24.80 -10.66 15.00
C ARG R 131 -24.85 -9.97 16.36
N VAL R 132 -25.01 -8.66 16.33
CA VAL R 132 -24.99 -7.85 17.56
C VAL R 132 -26.35 -7.23 17.99
N ALA R 133 -27.37 -7.30 17.11
CA ALA R 133 -28.65 -6.62 17.32
C ALA R 133 -29.62 -7.09 16.23
N GLN R 134 -30.83 -6.56 16.24
CA GLN R 134 -31.79 -6.83 15.18
C GLN R 134 -32.47 -5.56 14.78
N LEU R 135 -32.86 -5.44 13.52
CA LEU R 135 -33.59 -4.28 12.98
C LEU R 135 -35.05 -4.60 12.81
N ILE R 136 -35.94 -3.82 13.42
CA ILE R 136 -37.38 -4.04 13.31
C ILE R 136 -38.01 -2.84 12.62
N LEU R 137 -38.89 -3.08 11.64
CA LEU R 137 -39.55 -2.01 10.91
C LEU R 137 -40.86 -1.72 11.62
N GLU R 138 -40.76 -0.89 12.70
CA GLU R 138 -41.85 -0.53 13.56
C GLU R 138 -42.78 0.39 12.79
N LYS R 139 -44.06 0.05 12.77
CA LYS R 139 -45.03 0.89 12.12
C LYS R 139 -45.44 2.00 13.11
N ILE R 140 -45.58 3.23 12.59
CA ILE R 140 -45.80 4.40 13.44
C ILE R 140 -46.74 5.34 12.76
N VAL R 141 -47.37 6.22 13.51
CA VAL R 141 -48.01 7.37 12.87
C VAL R 141 -47.00 8.54 12.79
N ASP R 142 -46.54 8.90 11.57
CA ASP R 142 -45.60 10.02 11.37
C ASP R 142 -46.19 11.33 10.82
N ASP R 143 -47.50 11.36 10.60
CA ASP R 143 -48.13 12.55 10.07
C ASP R 143 -49.26 13.09 10.94
N ALA R 144 -49.13 12.92 12.26
CA ALA R 144 -50.11 13.48 13.19
C ALA R 144 -50.20 15.02 13.08
N GLN R 145 -51.33 15.58 13.48
CA GLN R 145 -51.46 17.01 13.50
C GLN R 145 -51.44 17.30 14.96
N ILE R 146 -50.62 18.25 15.38
CA ILE R 146 -50.55 18.55 16.81
C ILE R 146 -51.64 19.54 17.05
N VAL R 147 -52.53 19.26 17.99
CA VAL R 147 -53.59 20.23 18.40
C VAL R 147 -53.32 20.47 19.87
N VAL R 148 -53.02 21.72 20.20
CA VAL R 148 -52.80 22.09 21.58
C VAL R 148 -54.18 22.35 22.21
N VAL R 149 -54.50 21.63 23.29
CA VAL R 149 -55.83 21.83 23.93
C VAL R 149 -55.65 22.25 25.36
N ASP R 150 -56.73 22.80 25.91
CA ASP R 150 -56.73 23.23 27.29
C ASP R 150 -56.83 22.06 28.23
N SER R 151 -57.59 21.04 27.84
N SER R 151 -57.60 21.05 27.81
CA SER R 151 -57.65 19.82 28.61
CA SER R 151 -57.88 19.85 28.59
C SER R 151 -57.91 18.62 27.72
C SER R 151 -57.97 18.60 27.70
N LEU R 152 -57.61 17.44 28.24
CA LEU R 152 -57.78 16.15 27.57
C LEU R 152 -59.01 15.44 28.12
N GLU R 153 -59.43 14.35 27.49
CA GLU R 153 -60.71 13.74 27.86
C GLU R 153 -60.56 12.42 28.63
N ASP S 26 -45.62 -19.23 2.73
CA ASP S 26 -45.67 -18.87 1.27
C ASP S 26 -44.27 -18.81 0.63
N LYS S 27 -44.03 -17.68 -0.05
CA LYS S 27 -42.79 -17.33 -0.78
C LYS S 27 -41.53 -17.09 0.06
N VAL S 28 -41.04 -18.08 0.79
CA VAL S 28 -39.77 -17.88 1.46
C VAL S 28 -38.66 -18.53 0.63
N LEU S 29 -37.56 -17.81 0.40
CA LEU S 29 -36.30 -18.40 -0.05
C LEU S 29 -35.32 -18.58 1.11
N LYS S 30 -35.03 -19.83 1.48
CA LYS S 30 -34.11 -20.11 2.59
C LYS S 30 -32.75 -20.27 2.06
N ILE S 31 -31.79 -19.60 2.69
CA ILE S 31 -30.40 -19.76 2.30
C ILE S 31 -29.54 -20.33 3.41
N GLN S 32 -28.75 -21.32 3.06
CA GLN S 32 -27.79 -21.88 4.02
C GLN S 32 -26.43 -21.49 3.51
N LEU S 33 -25.76 -20.64 4.28
CA LEU S 33 -24.33 -20.37 4.10
C LEU S 33 -23.46 -21.54 4.62
N ARG S 34 -22.57 -22.06 3.78
CA ARG S 34 -21.79 -23.24 4.12
C ARG S 34 -20.36 -22.97 4.54
N SER S 35 -19.88 -21.76 4.27
CA SER S 35 -18.56 -21.34 4.75
C SER S 35 -18.67 -19.87 4.93
N ALA S 36 -17.61 -19.26 5.46
CA ALA S 36 -17.51 -17.78 5.56
C ALA S 36 -17.25 -17.15 4.18
N SER S 37 -16.92 -17.97 3.18
CA SER S 37 -16.59 -17.50 1.85
C SER S 37 -17.85 -17.17 1.05
N ALA S 38 -19.01 -17.69 1.49
CA ALA S 38 -20.29 -17.51 0.73
C ALA S 38 -20.86 -16.12 0.89
N THR S 39 -21.63 -15.65 -0.09
CA THR S 39 -22.25 -14.35 -0.01
C THR S 39 -23.76 -14.56 -0.18
N VAL S 40 -24.56 -14.06 0.74
CA VAL S 40 -26.01 -14.15 0.59
C VAL S 40 -26.46 -13.50 -0.76
N PRO S 41 -27.17 -14.25 -1.63
CA PRO S 41 -27.71 -13.62 -2.88
C PRO S 41 -28.50 -12.31 -2.62
N THR S 42 -28.36 -11.35 -3.54
CA THR S 42 -28.91 -9.99 -3.40
C THR S 42 -29.72 -9.59 -4.65
N LYS S 43 -30.83 -8.84 -4.52
CA LYS S 43 -31.31 -8.05 -5.70
C LYS S 43 -31.24 -6.53 -5.54
N GLY S 44 -30.96 -5.87 -6.68
CA GLY S 44 -30.71 -4.43 -6.76
C GLY S 44 -31.93 -3.60 -7.08
N SER S 45 -33.05 -4.29 -7.35
CA SER S 45 -34.33 -3.59 -7.47
C SER S 45 -35.42 -4.57 -7.12
N ALA S 46 -36.51 -4.02 -6.61
CA ALA S 46 -37.62 -4.85 -6.16
C ALA S 46 -38.24 -5.73 -7.25
N THR S 47 -38.40 -5.20 -8.46
CA THR S 47 -38.96 -5.98 -9.60
C THR S 47 -37.95 -6.82 -10.41
N ALA S 48 -36.64 -6.75 -10.08
CA ALA S 48 -35.59 -7.54 -10.78
C ALA S 48 -35.94 -9.03 -10.84
N ALA S 49 -35.56 -9.65 -11.96
CA ALA S 49 -35.90 -11.04 -12.17
C ALA S 49 -35.22 -11.95 -11.13
N GLY S 50 -34.03 -11.59 -10.70
CA GLY S 50 -33.29 -12.62 -9.99
C GLY S 50 -32.33 -12.04 -8.96
N TYR S 51 -31.58 -12.94 -8.29
CA TYR S 51 -30.68 -12.60 -7.22
C TYR S 51 -29.25 -12.90 -7.67
N ASP S 52 -28.34 -11.94 -7.45
CA ASP S 52 -26.97 -12.14 -7.77
C ASP S 52 -26.38 -13.31 -7.00
N ILE S 53 -25.62 -14.13 -7.73
CA ILE S 53 -24.94 -15.30 -7.16
C ILE S 53 -23.47 -15.02 -7.26
N TYR S 54 -22.77 -15.26 -6.16
CA TYR S 54 -21.40 -14.81 -6.01
C TYR S 54 -20.54 -16.04 -5.94
N ALA S 55 -19.39 -15.99 -6.59
CA ALA S 55 -18.39 -17.01 -6.37
C ALA S 55 -17.76 -16.84 -4.98
N SER S 56 -17.55 -17.97 -4.33
CA SER S 56 -16.94 -18.04 -3.00
C SER S 56 -15.50 -18.49 -3.14
N GLN S 57 -15.02 -18.65 -4.37
CA GLN S 57 -13.67 -19.18 -4.57
C GLN S 57 -13.13 -18.70 -5.94
N ASP S 58 -11.82 -18.52 -6.12
CA ASP S 58 -11.28 -18.31 -7.48
C ASP S 58 -11.44 -19.57 -8.35
N ILE S 59 -11.64 -19.31 -9.64
CA ILE S 59 -11.67 -20.34 -10.67
C ILE S 59 -11.41 -19.74 -12.06
N THR S 60 -10.74 -20.49 -12.92
CA THR S 60 -10.66 -20.12 -14.33
C THR S 60 -11.52 -21.07 -15.18
N ILE S 61 -12.38 -20.48 -16.00
CA ILE S 61 -13.16 -21.24 -17.00
C ILE S 61 -12.39 -21.21 -18.33
N PRO S 62 -11.85 -22.38 -18.78
CA PRO S 62 -10.99 -22.37 -19.97
C PRO S 62 -11.68 -21.88 -21.28
N ALA S 63 -10.89 -21.26 -22.17
CA ALA S 63 -11.44 -20.85 -23.50
C ALA S 63 -12.11 -22.05 -24.13
N MET S 64 -13.31 -21.88 -24.70
CA MET S 64 -13.94 -22.96 -25.50
C MET S 64 -14.20 -24.27 -24.68
N GLY S 65 -14.25 -24.13 -23.35
CA GLY S 65 -14.62 -25.22 -22.48
C GLY S 65 -15.59 -24.79 -21.40
N GLN S 66 -15.47 -25.51 -20.27
CA GLN S 66 -16.40 -25.40 -19.19
C GLN S 66 -15.76 -25.49 -17.82
N GLY S 67 -16.46 -24.99 -16.83
CA GLY S 67 -16.06 -25.22 -15.44
C GLY S 67 -17.21 -25.03 -14.49
N MET S 68 -16.95 -25.35 -13.22
N MET S 68 -17.01 -25.37 -13.22
CA MET S 68 -17.97 -25.27 -12.16
CA MET S 68 -18.07 -25.21 -12.23
C MET S 68 -17.55 -24.24 -11.14
C MET S 68 -17.63 -24.33 -11.07
N VAL S 69 -18.43 -23.32 -10.80
CA VAL S 69 -18.07 -22.28 -9.83
C VAL S 69 -18.65 -22.60 -8.43
N SER S 70 -17.78 -22.69 -7.44
CA SER S 70 -18.27 -22.85 -6.10
C SER S 70 -18.91 -21.55 -5.63
N THR S 71 -19.98 -21.71 -4.82
CA THR S 71 -20.68 -20.60 -4.18
C THR S 71 -20.69 -20.75 -2.66
N ASP S 72 -20.43 -21.99 -2.15
CA ASP S 72 -20.67 -22.39 -0.72
C ASP S 72 -22.07 -21.98 -0.21
N ILE S 73 -23.09 -22.10 -1.04
CA ILE S 73 -24.49 -21.89 -0.60
C ILE S 73 -25.40 -23.04 -0.97
N SER S 74 -26.35 -23.33 -0.09
CA SER S 74 -27.51 -24.14 -0.49
C SER S 74 -28.79 -23.36 -0.31
N PHE S 75 -29.84 -23.76 -1.00
CA PHE S 75 -31.12 -23.03 -0.84
C PHE S 75 -32.37 -23.87 -1.10
N THR S 76 -33.46 -23.46 -0.48
CA THR S 76 -34.76 -24.08 -0.71
C THR S 76 -35.64 -22.99 -1.24
N VAL S 77 -36.13 -23.15 -2.46
CA VAL S 77 -36.96 -22.14 -3.14
C VAL S 77 -38.42 -22.22 -2.66
N PRO S 78 -39.24 -21.13 -2.86
CA PRO S 78 -40.65 -21.15 -2.47
C PRO S 78 -41.40 -22.28 -3.14
N VAL S 79 -42.50 -22.69 -2.53
CA VAL S 79 -43.42 -23.68 -3.15
C VAL S 79 -43.95 -23.20 -4.50
N GLY S 80 -44.00 -24.06 -5.51
CA GLY S 80 -44.51 -23.62 -6.83
C GLY S 80 -43.49 -22.91 -7.74
N THR S 81 -42.22 -23.04 -7.39
CA THR S 81 -41.12 -22.45 -8.17
C THR S 81 -40.04 -23.50 -8.29
N TYR S 82 -39.08 -23.33 -9.21
CA TYR S 82 -37.74 -23.88 -8.97
C TYR S 82 -36.77 -22.71 -9.06
N GLY S 83 -35.52 -22.94 -8.68
CA GLY S 83 -34.49 -21.91 -8.81
C GLY S 83 -33.78 -22.06 -10.14
N ARG S 84 -33.96 -21.10 -11.05
CA ARG S 84 -33.09 -21.18 -12.24
C ARG S 84 -31.80 -20.38 -12.11
N ILE S 85 -30.68 -21.06 -12.31
CA ILE S 85 -29.36 -20.41 -12.37
C ILE S 85 -29.25 -19.91 -13.80
N ALA S 86 -29.40 -18.57 -13.93
CA ALA S 86 -29.53 -17.87 -15.23
C ALA S 86 -28.29 -17.05 -15.48
N PRO S 87 -28.00 -16.73 -16.74
CA PRO S 87 -26.80 -15.94 -16.92
C PRO S 87 -26.88 -14.45 -16.49
N ARG S 88 -25.75 -13.89 -16.12
CA ARG S 88 -25.63 -12.38 -16.16
C ARG S 88 -25.37 -11.92 -17.59
N SER S 89 -26.13 -10.92 -18.03
CA SER S 89 -25.99 -10.33 -19.34
C SER S 89 -24.54 -9.91 -19.75
N GLY S 90 -23.89 -9.09 -18.92
CA GLY S 90 -22.61 -8.48 -19.25
C GLY S 90 -21.52 -9.55 -19.44
N LEU S 91 -21.57 -10.64 -18.68
CA LEU S 91 -20.61 -11.74 -18.87
C LEU S 91 -20.82 -12.54 -20.18
N ALA S 92 -22.08 -12.68 -20.62
CA ALA S 92 -22.36 -13.20 -21.97
C ALA S 92 -21.70 -12.38 -23.08
N VAL S 93 -21.91 -11.06 -23.03
CA VAL S 93 -21.36 -10.07 -24.02
C VAL S 93 -19.84 -9.95 -23.95
N LYS S 94 -19.31 -9.79 -22.75
CA LYS S 94 -17.93 -9.44 -22.63
C LYS S 94 -17.00 -10.66 -22.64
N ASN S 95 -17.51 -11.83 -22.25
CA ASN S 95 -16.63 -12.95 -21.94
C ASN S 95 -17.10 -14.24 -22.55
N GLY S 96 -18.20 -14.18 -23.32
CA GLY S 96 -18.70 -15.35 -24.05
C GLY S 96 -19.28 -16.43 -23.12
N ILE S 97 -19.80 -16.00 -21.98
CA ILE S 97 -20.08 -16.94 -20.88
C ILE S 97 -21.57 -17.33 -20.95
N GLN S 98 -21.86 -18.62 -20.88
CA GLN S 98 -23.26 -19.10 -20.78
C GLN S 98 -23.33 -20.04 -19.55
N THR S 99 -24.43 -20.00 -18.79
CA THR S 99 -24.69 -20.98 -17.74
C THR S 99 -25.19 -22.27 -18.35
N GLY S 100 -24.76 -23.40 -17.78
CA GLY S 100 -25.28 -24.69 -18.21
C GLY S 100 -26.10 -25.25 -17.07
N ALA S 101 -26.68 -26.44 -17.24
CA ALA S 101 -27.53 -27.06 -16.21
C ALA S 101 -28.54 -26.05 -15.73
N GLY S 102 -28.55 -25.83 -14.42
CA GLY S 102 -29.26 -24.65 -13.91
C GLY S 102 -30.68 -24.79 -13.42
N VAL S 103 -31.21 -26.02 -13.41
CA VAL S 103 -32.54 -26.28 -12.82
C VAL S 103 -32.35 -26.74 -11.37
N VAL S 104 -32.60 -25.84 -10.40
CA VAL S 104 -32.42 -26.28 -9.03
C VAL S 104 -33.78 -26.58 -8.41
N ASP S 105 -33.95 -27.86 -8.06
CA ASP S 105 -35.24 -28.40 -7.59
C ASP S 105 -35.46 -27.92 -6.20
N ARG S 106 -36.71 -27.67 -5.84
CA ARG S 106 -37.08 -27.28 -4.46
C ARG S 106 -36.56 -28.26 -3.39
N ASP S 107 -36.48 -29.54 -3.73
CA ASP S 107 -35.98 -30.53 -2.78
C ASP S 107 -34.47 -30.69 -2.80
N TYR S 108 -33.72 -29.86 -3.55
CA TYR S 108 -32.23 -30.02 -3.60
C TYR S 108 -31.60 -29.32 -2.42
N THR S 109 -30.75 -30.00 -1.65
CA THR S 109 -30.22 -29.36 -0.46
C THR S 109 -28.72 -29.45 -0.45
N GLY S 110 -28.12 -29.86 -1.56
CA GLY S 110 -26.66 -29.85 -1.69
C GLY S 110 -26.06 -28.48 -2.01
N GLU S 111 -24.73 -28.42 -2.07
CA GLU S 111 -24.11 -27.18 -2.55
C GLU S 111 -24.51 -26.77 -3.99
N VAL S 112 -24.99 -25.54 -4.16
CA VAL S 112 -25.35 -25.05 -5.52
C VAL S 112 -24.08 -24.60 -6.24
N LYS S 113 -23.65 -25.31 -7.27
CA LYS S 113 -22.48 -24.90 -8.07
C LYS S 113 -23.01 -24.33 -9.38
N VAL S 114 -22.28 -23.37 -9.98
CA VAL S 114 -22.74 -22.74 -11.23
C VAL S 114 -21.89 -23.41 -12.33
N VAL S 115 -22.56 -24.08 -13.27
CA VAL S 115 -21.91 -24.58 -14.47
C VAL S 115 -21.75 -23.40 -15.44
N LEU S 116 -20.53 -23.15 -15.95
CA LEU S 116 -20.37 -22.14 -17.02
C LEU S 116 -19.70 -22.69 -18.25
N PHE S 117 -20.27 -22.35 -19.39
CA PHE S 117 -19.63 -22.62 -20.66
C PHE S 117 -18.99 -21.35 -21.12
N ASN S 118 -17.79 -21.51 -21.65
CA ASN S 118 -17.03 -20.36 -22.14
C ASN S 118 -16.94 -20.51 -23.65
N HIS S 119 -17.71 -19.71 -24.38
CA HIS S 119 -17.69 -19.80 -25.82
C HIS S 119 -16.66 -18.90 -26.53
N SER S 120 -15.92 -18.10 -25.75
CA SER S 120 -14.85 -17.25 -26.28
C SER S 120 -13.47 -17.96 -26.42
N GLN S 121 -12.52 -17.19 -26.96
CA GLN S 121 -11.14 -17.64 -27.20
C GLN S 121 -10.22 -17.28 -26.07
N ARG S 122 -10.77 -16.59 -25.07
CA ARG S 122 -10.06 -16.10 -23.86
C ARG S 122 -10.54 -16.87 -22.64
N ASP S 123 -9.61 -17.42 -21.86
CA ASP S 123 -9.89 -17.95 -20.50
C ASP S 123 -10.63 -16.95 -19.65
N PHE S 124 -11.58 -17.42 -18.86
CA PHE S 124 -12.33 -16.50 -18.03
C PHE S 124 -11.93 -16.61 -16.55
N ALA S 125 -11.34 -15.56 -15.98
CA ALA S 125 -10.83 -15.61 -14.59
C ALA S 125 -11.91 -15.08 -13.69
N ILE S 126 -12.23 -15.88 -12.68
CA ILE S 126 -13.29 -15.51 -11.73
C ILE S 126 -12.58 -15.42 -10.40
N LYS S 127 -12.75 -14.30 -9.71
CA LYS S 127 -12.16 -14.18 -8.37
C LYS S 127 -13.31 -14.28 -7.35
N LYS S 128 -13.00 -14.79 -6.17
CA LYS S 128 -13.95 -14.89 -5.06
C LYS S 128 -14.69 -13.59 -4.88
N GLY S 129 -16.02 -13.68 -4.79
CA GLY S 129 -16.82 -12.46 -4.61
C GLY S 129 -17.37 -11.91 -5.91
N ASP S 130 -16.87 -12.37 -7.07
CA ASP S 130 -17.43 -11.93 -8.34
C ASP S 130 -18.81 -12.57 -8.54
N ARG S 131 -19.72 -11.78 -9.12
CA ARG S 131 -21.05 -12.21 -9.49
C ARG S 131 -20.92 -12.99 -10.79
N VAL S 132 -21.39 -14.23 -10.76
CA VAL S 132 -21.15 -15.21 -11.83
C VAL S 132 -22.43 -15.65 -12.50
N ALA S 133 -23.60 -15.13 -12.04
CA ALA S 133 -24.87 -15.68 -12.43
C ALA S 133 -25.95 -15.06 -11.54
N GLN S 134 -27.20 -15.36 -11.84
CA GLN S 134 -28.36 -14.90 -11.05
C GLN S 134 -29.34 -16.03 -10.77
N LEU S 135 -30.02 -15.96 -9.63
CA LEU S 135 -31.00 -16.97 -9.27
C LEU S 135 -32.39 -16.39 -9.53
N ILE S 136 -33.18 -17.01 -10.39
CA ILE S 136 -34.54 -16.56 -10.66
C ILE S 136 -35.48 -17.63 -10.11
N LEU S 137 -36.52 -17.19 -9.41
CA LEU S 137 -37.46 -18.13 -8.77
C LEU S 137 -38.60 -18.20 -9.78
N GLU S 138 -38.36 -19.01 -10.81
CA GLU S 138 -39.36 -19.29 -11.84
C GLU S 138 -40.61 -20.01 -11.30
N LYS S 139 -41.75 -19.42 -11.58
CA LYS S 139 -43.01 -20.04 -11.23
C LYS S 139 -43.38 -21.11 -12.25
N ILE S 140 -43.84 -22.26 -11.78
CA ILE S 140 -44.12 -23.41 -12.66
C ILE S 140 -45.40 -24.13 -12.18
N VAL S 141 -45.97 -25.01 -13.01
CA VAL S 141 -47.02 -25.92 -12.51
C VAL S 141 -46.35 -27.18 -11.96
N ASP S 142 -46.38 -27.35 -10.64
CA ASP S 142 -45.68 -28.47 -10.01
C ASP S 142 -46.63 -29.62 -9.68
N ASP S 143 -47.91 -29.40 -9.89
CA ASP S 143 -48.87 -30.43 -9.53
C ASP S 143 -49.88 -30.72 -10.65
N ALA S 144 -49.41 -30.75 -11.88
CA ALA S 144 -50.22 -31.21 -12.99
C ALA S 144 -50.54 -32.68 -12.91
N GLN S 145 -51.71 -33.03 -13.45
CA GLN S 145 -52.08 -34.41 -13.72
C GLN S 145 -51.91 -34.66 -15.21
N ILE S 146 -51.36 -35.82 -15.55
CA ILE S 146 -51.22 -36.25 -16.92
C ILE S 146 -52.44 -37.05 -17.38
N VAL S 147 -52.81 -36.84 -18.65
CA VAL S 147 -53.83 -37.64 -19.35
C VAL S 147 -53.12 -38.08 -20.64
N VAL S 148 -53.03 -39.40 -20.86
CA VAL S 148 -52.46 -39.97 -22.08
C VAL S 148 -53.63 -40.09 -23.04
N VAL S 149 -53.50 -39.42 -24.19
CA VAL S 149 -54.58 -39.31 -25.17
C VAL S 149 -54.14 -39.92 -26.51
N ASP S 150 -55.11 -40.18 -27.39
CA ASP S 150 -54.83 -40.78 -28.71
C ASP S 150 -54.31 -39.76 -29.71
N SER S 151 -54.99 -38.62 -29.84
CA SER S 151 -54.35 -37.43 -30.47
C SER S 151 -54.65 -36.19 -29.65
N LEU S 152 -53.91 -35.09 -29.88
CA LEU S 152 -54.04 -33.85 -29.13
C LEU S 152 -55.07 -32.92 -29.74
N ASP T 26 -48.99 -5.00 -15.57
CA ASP T 26 -50.26 -5.47 -14.91
C ASP T 26 -50.62 -6.79 -15.58
N LYS T 27 -50.95 -6.68 -16.86
CA LYS T 27 -50.80 -7.72 -17.87
C LYS T 27 -50.77 -6.86 -19.12
N VAL T 28 -49.88 -5.88 -19.10
CA VAL T 28 -49.59 -5.03 -20.26
C VAL T 28 -48.11 -5.14 -20.53
N LEU T 29 -47.76 -5.40 -21.79
CA LEU T 29 -46.41 -5.31 -22.24
C LEU T 29 -46.30 -3.95 -22.93
N LYS T 30 -45.51 -3.02 -22.38
CA LYS T 30 -45.33 -1.69 -22.96
C LYS T 30 -44.13 -1.77 -23.86
N ILE T 31 -44.29 -1.29 -25.10
CA ILE T 31 -43.19 -1.42 -26.09
C ILE T 31 -42.71 -0.03 -26.49
N GLN T 32 -41.43 0.25 -26.41
CA GLN T 32 -40.94 1.53 -27.00
C GLN T 32 -40.16 1.26 -28.29
N LEU T 33 -40.56 1.93 -29.37
CA LEU T 33 -39.89 1.76 -30.68
C LEU T 33 -38.86 2.88 -30.81
N ARG T 34 -37.59 2.50 -30.90
CA ARG T 34 -36.52 3.46 -30.78
C ARG T 34 -36.09 4.06 -32.12
N SER T 35 -36.64 3.51 -33.22
CA SER T 35 -36.44 3.95 -34.62
C SER T 35 -37.40 3.24 -35.52
N ALA T 36 -37.47 3.75 -36.75
CA ALA T 36 -38.27 3.17 -37.79
C ALA T 36 -37.78 1.81 -38.23
N SER T 37 -36.63 1.36 -37.75
CA SER T 37 -36.17 0.00 -38.12
C SER T 37 -36.72 -1.08 -37.20
N ALA T 38 -37.36 -0.63 -36.11
CA ALA T 38 -37.84 -1.54 -35.07
C ALA T 38 -39.15 -2.16 -35.56
N THR T 39 -39.43 -3.39 -35.15
CA THR T 39 -40.71 -4.02 -35.49
C THR T 39 -41.32 -4.41 -34.16
N VAL T 40 -42.56 -3.99 -33.91
CA VAL T 40 -43.34 -4.44 -32.74
C VAL T 40 -43.33 -6.01 -32.62
N PRO T 41 -42.90 -6.56 -31.46
CA PRO T 41 -43.04 -8.02 -31.24
C PRO T 41 -44.47 -8.56 -31.53
N THR T 42 -44.54 -9.77 -32.07
CA THR T 42 -45.79 -10.36 -32.52
C THR T 42 -45.95 -11.80 -32.00
N LYS T 43 -47.15 -12.09 -31.52
CA LYS T 43 -47.59 -13.45 -31.23
C LYS T 43 -48.13 -14.20 -32.45
N GLY T 44 -47.57 -15.40 -32.68
CA GLY T 44 -48.01 -16.25 -33.77
C GLY T 44 -49.26 -17.08 -33.50
N SER T 45 -49.67 -17.26 -32.24
CA SER T 45 -51.00 -17.81 -31.91
C SER T 45 -51.39 -17.36 -30.51
N ALA T 46 -52.63 -17.64 -30.13
CA ALA T 46 -53.16 -17.10 -28.88
C ALA T 46 -52.37 -17.63 -27.70
N THR T 47 -52.08 -18.92 -27.72
CA THR T 47 -51.44 -19.57 -26.57
C THR T 47 -49.93 -19.81 -26.77
N ALA T 48 -49.33 -19.10 -27.75
CA ALA T 48 -47.87 -19.18 -27.99
C ALA T 48 -47.10 -18.78 -26.74
N ALA T 49 -46.00 -19.46 -26.43
CA ALA T 49 -45.10 -19.06 -25.34
C ALA T 49 -44.66 -17.54 -25.45
N GLY T 50 -44.35 -17.09 -26.66
CA GLY T 50 -43.56 -15.88 -26.86
C GLY T 50 -43.98 -14.96 -27.98
N TYR T 51 -43.31 -13.82 -28.03
CA TYR T 51 -43.49 -12.82 -29.07
C TYR T 51 -42.26 -12.91 -29.97
N ASP T 52 -42.46 -12.96 -31.28
CA ASP T 52 -41.30 -12.82 -32.18
C ASP T 52 -40.49 -11.53 -31.97
N ILE T 53 -39.18 -11.70 -31.88
CA ILE T 53 -38.24 -10.59 -31.89
C ILE T 53 -37.48 -10.48 -33.21
N TYR T 54 -37.52 -9.27 -33.79
CA TYR T 54 -36.99 -8.97 -35.13
C TYR T 54 -35.73 -8.16 -35.10
N ALA T 55 -34.73 -8.55 -35.92
CA ALA T 55 -33.55 -7.72 -36.14
C ALA T 55 -33.91 -6.32 -36.69
N SER T 56 -33.23 -5.27 -36.24
CA SER T 56 -33.47 -3.93 -36.80
C SER T 56 -32.34 -3.58 -37.71
N GLN T 57 -31.38 -4.48 -37.82
CA GLN T 57 -30.19 -4.22 -38.57
C GLN T 57 -29.55 -5.52 -39.00
N ASP T 58 -29.03 -5.57 -40.23
CA ASP T 58 -28.31 -6.79 -40.72
C ASP T 58 -27.11 -7.09 -39.81
N ILE T 59 -26.82 -8.37 -39.65
CA ILE T 59 -25.68 -8.84 -38.87
C ILE T 59 -25.34 -10.28 -39.25
N THR T 60 -24.09 -10.63 -39.11
CA THR T 60 -23.68 -12.03 -39.21
C THR T 60 -23.17 -12.58 -37.87
N ILE T 61 -23.69 -13.75 -37.48
CA ILE T 61 -23.15 -14.48 -36.32
C ILE T 61 -22.11 -15.48 -36.82
N PRO T 62 -20.81 -15.28 -36.48
CA PRO T 62 -19.77 -16.15 -37.09
C PRO T 62 -19.90 -17.59 -36.61
N ALA T 63 -19.63 -18.54 -37.49
CA ALA T 63 -19.52 -19.97 -37.16
C ALA T 63 -18.74 -20.10 -35.87
N MET T 64 -19.18 -21.00 -34.99
CA MET T 64 -18.51 -21.31 -33.71
C MET T 64 -18.24 -20.08 -32.85
N GLY T 65 -19.05 -19.03 -32.99
CA GLY T 65 -18.77 -17.73 -32.38
C GLY T 65 -20.03 -17.10 -31.83
N GLN T 66 -20.06 -15.78 -31.73
CA GLN T 66 -21.25 -15.08 -31.22
C GLN T 66 -21.39 -13.69 -31.83
N GLY T 67 -22.60 -13.15 -31.76
CA GLY T 67 -22.88 -11.78 -32.15
C GLY T 67 -24.00 -11.20 -31.32
N MET T 68 -24.20 -9.89 -31.42
CA MET T 68 -25.34 -9.23 -30.79
C MET T 68 -26.19 -8.57 -31.85
N VAL T 69 -27.48 -8.90 -31.83
CA VAL T 69 -28.45 -8.38 -32.79
C VAL T 69 -29.22 -7.17 -32.19
N SER T 70 -29.24 -6.04 -32.91
CA SER T 70 -29.99 -4.86 -32.51
C SER T 70 -31.47 -5.08 -32.82
N THR T 71 -32.37 -4.48 -32.05
CA THR T 71 -33.79 -4.67 -32.28
C THR T 71 -34.43 -3.28 -32.40
N ASP T 72 -33.75 -2.29 -31.82
CA ASP T 72 -34.25 -0.92 -31.66
C ASP T 72 -35.53 -0.85 -30.88
N ILE T 73 -35.64 -1.72 -29.89
CA ILE T 73 -36.81 -1.71 -29.04
C ILE T 73 -36.38 -1.77 -27.58
N SER T 74 -37.23 -1.20 -26.74
CA SER T 74 -37.17 -1.36 -25.31
C SER T 74 -38.56 -1.75 -24.90
N PHE T 75 -38.66 -2.43 -23.77
CA PHE T 75 -39.97 -2.78 -23.26
C PHE T 75 -39.98 -2.85 -21.73
N THR T 76 -41.19 -2.66 -21.19
CA THR T 76 -41.51 -2.96 -19.78
C THR T 76 -42.52 -4.10 -19.67
N VAL T 77 -42.05 -5.25 -19.18
CA VAL T 77 -42.84 -6.48 -19.06
C VAL T 77 -43.87 -6.33 -17.94
N PRO T 78 -44.91 -7.16 -17.93
CA PRO T 78 -45.89 -6.98 -16.85
C PRO T 78 -45.34 -7.35 -15.47
N VAL T 79 -46.07 -6.84 -14.48
CA VAL T 79 -45.88 -7.08 -13.06
C VAL T 79 -45.82 -8.60 -12.80
N GLY T 80 -44.83 -9.02 -12.04
CA GLY T 80 -44.67 -10.44 -11.68
C GLY T 80 -43.90 -11.28 -12.70
N THR T 81 -43.26 -10.61 -13.67
CA THR T 81 -42.54 -11.28 -14.74
C THR T 81 -41.13 -10.72 -14.97
N TYR T 82 -40.42 -11.39 -15.85
CA TYR T 82 -39.27 -10.84 -16.53
C TYR T 82 -39.37 -11.31 -17.99
N GLY T 83 -38.61 -10.68 -18.86
CA GLY T 83 -38.75 -11.02 -20.29
C GLY T 83 -37.60 -12.00 -20.51
N ARG T 84 -37.88 -13.24 -20.89
CA ARG T 84 -36.82 -14.15 -21.29
C ARG T 84 -36.68 -14.07 -22.80
N ILE T 85 -35.49 -13.66 -23.25
CA ILE T 85 -35.14 -13.73 -24.68
C ILE T 85 -34.66 -15.14 -24.91
N ALA T 86 -35.57 -15.87 -25.56
CA ALA T 86 -35.49 -17.34 -25.69
C ALA T 86 -35.30 -17.78 -27.16
N PRO T 87 -34.82 -19.02 -27.41
CA PRO T 87 -34.57 -19.38 -28.81
C PRO T 87 -35.80 -19.60 -29.68
N ARG T 88 -35.65 -19.20 -30.91
CA ARG T 88 -36.39 -19.79 -32.06
C ARG T 88 -35.98 -21.19 -32.35
N SER T 89 -36.94 -22.10 -32.36
CA SER T 89 -36.67 -23.52 -32.53
C SER T 89 -36.01 -23.89 -33.88
N GLY T 90 -36.47 -23.36 -35.01
CA GLY T 90 -35.93 -23.75 -36.30
C GLY T 90 -34.49 -23.29 -36.49
N LEU T 91 -34.15 -22.15 -35.91
CA LEU T 91 -32.80 -21.59 -36.01
C LEU T 91 -31.84 -22.42 -35.18
N ALA T 92 -32.34 -23.01 -34.09
CA ALA T 92 -31.48 -23.98 -33.35
C ALA T 92 -31.15 -25.25 -34.13
N VAL T 93 -32.20 -25.85 -34.64
CA VAL T 93 -32.16 -27.10 -35.40
C VAL T 93 -31.40 -26.94 -36.72
N LYS T 94 -31.65 -25.86 -37.41
CA LYS T 94 -31.12 -25.72 -38.75
C LYS T 94 -29.77 -24.98 -38.82
N ASN T 95 -29.58 -24.06 -37.87
CA ASN T 95 -28.45 -23.15 -37.91
C ASN T 95 -27.49 -23.18 -36.74
N GLY T 96 -27.71 -24.11 -35.81
CA GLY T 96 -26.96 -24.21 -34.51
C GLY T 96 -27.02 -22.98 -33.61
N ILE T 97 -28.14 -22.26 -33.69
CA ILE T 97 -28.32 -21.00 -33.00
C ILE T 97 -28.96 -21.13 -31.59
N GLN T 98 -28.23 -20.58 -30.61
CA GLN T 98 -28.69 -20.49 -29.23
C GLN T 98 -28.67 -19.02 -28.76
N THR T 99 -29.74 -18.57 -28.10
CA THR T 99 -29.66 -17.34 -27.31
C THR T 99 -28.74 -17.40 -26.08
N GLY T 100 -28.13 -16.25 -25.79
CA GLY T 100 -27.25 -16.09 -24.65
C GLY T 100 -27.89 -15.03 -23.80
N ALA T 101 -27.23 -14.66 -22.69
CA ALA T 101 -27.87 -13.66 -21.78
C ALA T 101 -29.41 -13.93 -21.65
N GLY T 102 -30.28 -12.95 -21.81
CA GLY T 102 -31.66 -13.30 -22.07
C GLY T 102 -32.61 -12.89 -20.96
N VAL T 103 -32.07 -12.52 -19.81
CA VAL T 103 -32.86 -12.09 -18.64
C VAL T 103 -33.04 -10.62 -18.74
N VAL T 104 -34.22 -10.22 -19.23
CA VAL T 104 -34.62 -8.81 -19.26
C VAL T 104 -35.48 -8.45 -18.08
N ASP T 105 -34.89 -7.63 -17.19
CA ASP T 105 -35.61 -7.13 -15.98
C ASP T 105 -36.78 -6.16 -16.30
N ARG T 106 -37.78 -6.13 -15.42
CA ARG T 106 -38.94 -5.26 -15.60
C ARG T 106 -38.60 -3.77 -15.56
N ASP T 107 -37.57 -3.38 -14.82
CA ASP T 107 -37.17 -1.98 -14.82
C ASP T 107 -36.08 -1.59 -15.82
N TYR T 108 -35.68 -2.50 -16.69
CA TYR T 108 -34.67 -2.20 -17.70
C TYR T 108 -35.27 -1.32 -18.82
N THR T 109 -34.66 -0.19 -19.08
CA THR T 109 -35.13 0.70 -20.17
C THR T 109 -34.14 0.84 -21.34
N GLY T 110 -33.00 0.13 -21.36
CA GLY T 110 -32.07 0.27 -22.48
C GLY T 110 -32.61 -0.40 -23.75
N GLU T 111 -31.87 -0.33 -24.83
CA GLU T 111 -32.25 -1.17 -25.99
C GLU T 111 -32.11 -2.65 -25.73
N VAL T 112 -33.11 -3.42 -26.13
CA VAL T 112 -32.94 -4.87 -25.89
C VAL T 112 -32.21 -5.51 -27.04
N LYS T 113 -31.01 -6.02 -26.79
CA LYS T 113 -30.18 -6.68 -27.83
C LYS T 113 -30.20 -8.19 -27.63
N VAL T 114 -30.10 -8.94 -28.72
CA VAL T 114 -30.24 -10.38 -28.68
C VAL T 114 -28.82 -10.96 -28.79
N VAL T 115 -28.35 -11.66 -27.76
CA VAL T 115 -27.06 -12.33 -27.84
C VAL T 115 -27.28 -13.68 -28.52
N LEU T 116 -26.47 -14.00 -29.54
CA LEU T 116 -26.60 -15.28 -30.23
C LEU T 116 -25.29 -15.98 -30.26
N PHE T 117 -25.32 -17.23 -29.83
CA PHE T 117 -24.17 -18.13 -30.06
C PHE T 117 -24.46 -19.05 -31.25
N ASN T 118 -23.44 -19.33 -32.08
CA ASN T 118 -23.61 -20.15 -33.27
C ASN T 118 -22.70 -21.33 -33.04
N HIS T 119 -23.26 -22.54 -32.95
CA HIS T 119 -22.47 -23.73 -32.63
C HIS T 119 -22.29 -24.54 -33.89
N SER T 120 -22.73 -23.97 -35.01
CA SER T 120 -22.46 -24.54 -36.35
C SER T 120 -21.13 -24.12 -36.94
N GLN T 121 -20.76 -24.77 -38.05
CA GLN T 121 -19.55 -24.46 -38.82
C GLN T 121 -19.81 -23.47 -39.95
N ARG T 122 -21.03 -22.95 -40.04
CA ARG T 122 -21.52 -22.00 -41.04
C ARG T 122 -21.89 -20.66 -40.39
N ASP T 123 -21.42 -19.56 -40.98
CA ASP T 123 -21.83 -18.23 -40.52
C ASP T 123 -23.36 -18.14 -40.66
N PHE T 124 -24.01 -17.55 -39.69
CA PHE T 124 -25.46 -17.39 -39.81
C PHE T 124 -25.74 -15.91 -40.20
N ALA T 125 -26.49 -15.69 -41.28
CA ALA T 125 -26.66 -14.35 -41.81
C ALA T 125 -28.05 -13.85 -41.40
N ILE T 126 -28.12 -12.67 -40.82
CA ILE T 126 -29.35 -12.09 -40.36
C ILE T 126 -29.56 -10.77 -41.10
N LYS T 127 -30.77 -10.57 -41.62
CA LYS T 127 -31.17 -9.30 -42.21
C LYS T 127 -32.20 -8.54 -41.34
N LYS T 128 -32.13 -7.20 -41.40
CA LYS T 128 -33.15 -6.36 -40.83
C LYS T 128 -34.52 -7.02 -41.17
N GLY T 129 -35.36 -7.23 -40.16
CA GLY T 129 -36.68 -7.77 -40.47
C GLY T 129 -36.80 -9.25 -40.16
N ASP T 130 -35.66 -9.97 -40.02
CA ASP T 130 -35.68 -11.41 -39.68
C ASP T 130 -36.08 -11.59 -38.23
N ARG T 131 -36.75 -12.70 -37.94
CA ARG T 131 -37.07 -13.12 -36.59
C ARG T 131 -35.84 -13.85 -36.09
N VAL T 132 -35.37 -13.48 -34.89
CA VAL T 132 -34.07 -13.96 -34.41
C VAL T 132 -34.14 -14.64 -33.06
N ALA T 133 -35.25 -14.41 -32.37
CA ALA T 133 -35.50 -14.91 -31.02
C ALA T 133 -36.94 -14.77 -30.73
N GLN T 134 -37.36 -15.19 -29.54
CA GLN T 134 -38.72 -14.83 -29.08
C GLN T 134 -38.68 -14.31 -27.62
N LEU T 135 -39.66 -13.51 -27.28
CA LEU T 135 -39.75 -12.93 -25.94
C LEU T 135 -40.83 -13.65 -25.10
N ILE T 136 -40.45 -14.25 -23.99
CA ILE T 136 -41.42 -14.92 -23.10
C ILE T 136 -41.59 -14.11 -21.83
N LEU T 137 -42.85 -13.75 -21.49
CA LEU T 137 -43.20 -13.16 -20.19
C LEU T 137 -43.25 -14.26 -19.13
N GLU T 138 -42.08 -14.55 -18.57
CA GLU T 138 -41.89 -15.63 -17.61
C GLU T 138 -42.39 -15.18 -16.24
N LYS T 139 -43.31 -15.95 -15.63
CA LYS T 139 -43.84 -15.59 -14.27
C LYS T 139 -42.84 -15.98 -13.22
N ILE T 140 -42.60 -15.09 -12.23
CA ILE T 140 -41.59 -15.38 -11.21
C ILE T 140 -42.18 -14.91 -9.91
N VAL T 141 -41.58 -15.38 -8.82
CA VAL T 141 -41.85 -14.78 -7.51
C VAL T 141 -40.85 -13.62 -7.36
N ASP T 142 -41.33 -12.39 -7.38
CA ASP T 142 -40.35 -11.32 -7.32
C ASP T 142 -40.32 -10.59 -5.95
N ASP T 143 -41.23 -10.97 -5.07
CA ASP T 143 -41.31 -10.38 -3.78
C ASP T 143 -40.96 -11.35 -2.62
N ALA T 144 -40.00 -12.26 -2.82
CA ALA T 144 -39.67 -13.23 -1.76
C ALA T 144 -38.90 -12.62 -0.59
N GLN T 145 -39.11 -13.22 0.57
CA GLN T 145 -38.33 -12.99 1.75
C GLN T 145 -37.20 -13.99 1.76
N ILE T 146 -35.96 -13.52 1.85
CA ILE T 146 -34.80 -14.40 2.13
C ILE T 146 -34.64 -14.66 3.64
N VAL T 147 -34.53 -15.94 3.98
CA VAL T 147 -34.33 -16.31 5.35
C VAL T 147 -33.03 -17.08 5.34
N VAL T 148 -32.11 -16.73 6.23
CA VAL T 148 -30.88 -17.48 6.41
C VAL T 148 -31.04 -18.47 7.58
N VAL T 149 -30.80 -19.76 7.32
CA VAL T 149 -31.07 -20.82 8.27
C VAL T 149 -29.77 -21.58 8.45
N ASP T 150 -29.58 -22.17 9.63
CA ASP T 150 -28.39 -23.01 9.88
C ASP T 150 -28.39 -24.23 8.96
N SER T 151 -29.55 -24.85 8.78
CA SER T 151 -29.69 -26.10 8.03
C SER T 151 -31.00 -26.07 7.26
N LEU T 152 -31.04 -26.75 6.12
CA LEU T 152 -32.27 -26.82 5.34
C LEU T 152 -33.33 -27.82 5.90
N GLU T 153 -32.99 -28.60 6.92
CA GLU T 153 -34.04 -29.38 7.65
C GLU T 153 -34.11 -29.13 9.15
N LYS U 27 -55.36 -27.32 -16.98
CA LYS U 27 -54.70 -27.80 -15.68
C LYS U 27 -53.97 -29.14 -15.89
N VAL U 28 -54.33 -29.82 -16.96
CA VAL U 28 -53.91 -31.15 -17.27
C VAL U 28 -52.80 -31.01 -18.29
N LEU U 29 -51.81 -31.88 -18.20
CA LEU U 29 -50.76 -32.07 -19.23
C LEU U 29 -51.11 -33.31 -20.10
N LYS U 30 -51.42 -33.07 -21.38
CA LYS U 30 -51.88 -34.17 -22.27
C LYS U 30 -50.69 -34.73 -23.01
N ILE U 31 -50.56 -36.05 -22.95
CA ILE U 31 -49.40 -36.78 -23.49
C ILE U 31 -49.90 -37.71 -24.60
N GLN U 32 -49.33 -37.61 -25.80
CA GLN U 32 -49.63 -38.57 -26.87
C GLN U 32 -48.36 -39.38 -27.17
N LEU U 33 -48.46 -40.70 -27.01
CA LEU U 33 -47.31 -41.64 -27.27
C LEU U 33 -47.41 -42.04 -28.75
N ARG U 34 -46.40 -41.69 -29.54
CA ARG U 34 -46.48 -41.78 -31.02
C ARG U 34 -45.93 -43.14 -31.53
N SER U 35 -45.41 -43.93 -30.62
CA SER U 35 -44.81 -45.20 -30.94
C SER U 35 -44.66 -45.99 -29.63
N ALA U 36 -44.54 -47.31 -29.76
CA ALA U 36 -44.22 -48.21 -28.65
C ALA U 36 -42.87 -47.89 -27.96
N SER U 37 -42.05 -47.08 -28.64
CA SER U 37 -40.73 -46.64 -28.14
C SER U 37 -40.76 -45.42 -27.22
N ALA U 38 -41.83 -44.65 -27.25
CA ALA U 38 -42.02 -43.48 -26.36
C ALA U 38 -42.16 -43.88 -24.88
N THR U 39 -41.72 -43.02 -23.95
CA THR U 39 -41.99 -43.22 -22.52
C THR U 39 -42.87 -42.07 -22.01
N VAL U 40 -43.91 -42.35 -21.21
CA VAL U 40 -44.71 -41.26 -20.57
C VAL U 40 -43.74 -40.53 -19.66
N PRO U 41 -43.58 -39.20 -19.85
CA PRO U 41 -42.71 -38.48 -18.93
C PRO U 41 -43.18 -38.54 -17.46
N THR U 42 -42.23 -38.80 -16.54
CA THR U 42 -42.58 -38.77 -15.09
C THR U 42 -41.50 -38.02 -14.33
N LYS U 43 -41.83 -37.50 -13.14
CA LYS U 43 -40.80 -36.83 -12.38
C LYS U 43 -39.83 -37.82 -11.70
N GLY U 44 -38.60 -37.36 -11.46
CA GLY U 44 -37.57 -38.19 -10.77
C GLY U 44 -37.84 -38.30 -9.28
N SER U 45 -38.73 -37.42 -8.79
CA SER U 45 -39.28 -37.48 -7.40
C SER U 45 -40.63 -36.72 -7.41
N ALA U 46 -41.46 -36.79 -6.36
CA ALA U 46 -42.70 -35.97 -6.36
C ALA U 46 -42.50 -34.43 -6.30
N THR U 47 -41.35 -33.98 -5.76
CA THR U 47 -41.07 -32.51 -5.73
C THR U 47 -40.09 -31.98 -6.80
N ALA U 48 -39.80 -32.78 -7.83
CA ALA U 48 -38.94 -32.38 -8.95
C ALA U 48 -39.61 -31.27 -9.73
N ALA U 49 -38.84 -30.33 -10.28
CA ALA U 49 -39.42 -29.29 -11.14
C ALA U 49 -39.82 -29.85 -12.51
N GLY U 50 -39.08 -30.84 -12.99
CA GLY U 50 -39.20 -31.36 -14.36
C GLY U 50 -39.62 -32.81 -14.46
N TYR U 51 -40.37 -33.16 -15.51
CA TYR U 51 -40.57 -34.56 -15.92
C TYR U 51 -39.36 -35.04 -16.71
N ASP U 52 -38.92 -36.27 -16.47
CA ASP U 52 -37.81 -36.85 -17.25
C ASP U 52 -38.31 -37.08 -18.68
N ILE U 53 -37.52 -36.68 -19.67
CA ILE U 53 -37.80 -36.93 -21.08
C ILE U 53 -36.85 -38.05 -21.58
N TYR U 54 -37.42 -39.09 -22.21
CA TYR U 54 -36.65 -40.27 -22.64
C TYR U 54 -36.43 -40.29 -24.15
N ALA U 55 -35.22 -40.71 -24.56
CA ALA U 55 -34.94 -41.02 -25.95
C ALA U 55 -35.79 -42.24 -26.37
N SER U 56 -36.43 -42.16 -27.54
CA SER U 56 -37.13 -43.28 -28.11
C SER U 56 -36.31 -44.02 -29.20
N GLN U 57 -35.13 -43.48 -29.51
CA GLN U 57 -34.28 -44.01 -30.58
C GLN U 57 -32.83 -43.73 -30.15
N ASP U 58 -31.93 -44.69 -30.38
CA ASP U 58 -30.49 -44.45 -30.19
C ASP U 58 -29.99 -43.32 -31.08
N ILE U 59 -29.06 -42.54 -30.57
CA ILE U 59 -28.43 -41.49 -31.33
C ILE U 59 -27.09 -41.14 -30.64
N THR U 60 -26.08 -40.72 -31.40
CA THR U 60 -24.89 -40.08 -30.82
C THR U 60 -24.84 -38.58 -31.06
N ILE U 61 -24.49 -37.79 -30.02
CA ILE U 61 -24.32 -36.31 -30.22
C ILE U 61 -22.82 -36.08 -30.38
N PRO U 62 -22.39 -35.56 -31.54
CA PRO U 62 -20.94 -35.51 -31.83
C PRO U 62 -20.29 -34.54 -30.85
N ALA U 63 -19.05 -34.83 -30.41
CA ALA U 63 -18.20 -33.87 -29.68
C ALA U 63 -18.24 -32.52 -30.37
N MET U 64 -18.44 -31.44 -29.60
CA MET U 64 -18.41 -30.10 -30.14
C MET U 64 -19.51 -29.94 -31.16
N GLY U 65 -20.49 -30.83 -31.15
CA GLY U 65 -21.55 -30.75 -32.12
C GLY U 65 -22.91 -30.72 -31.52
N GLN U 66 -23.87 -31.26 -32.27
CA GLN U 66 -25.26 -31.15 -31.89
C GLN U 66 -26.01 -32.35 -32.48
N GLY U 67 -27.09 -32.81 -31.84
CA GLY U 67 -27.99 -33.81 -32.43
C GLY U 67 -29.42 -33.46 -32.09
N MET U 68 -30.40 -34.06 -32.77
CA MET U 68 -31.80 -34.02 -32.38
C MET U 68 -32.25 -35.40 -31.93
N VAL U 69 -32.59 -35.52 -30.66
CA VAL U 69 -33.01 -36.80 -30.03
C VAL U 69 -34.49 -37.05 -30.32
N SER U 70 -34.81 -38.19 -30.94
CA SER U 70 -36.23 -38.54 -31.07
C SER U 70 -36.82 -38.90 -29.71
N THR U 71 -38.07 -38.48 -29.49
CA THR U 71 -38.82 -38.96 -28.30
C THR U 71 -40.13 -39.72 -28.61
N ASP U 72 -40.67 -39.55 -29.84
CA ASP U 72 -41.96 -40.09 -30.19
C ASP U 72 -43.04 -39.67 -29.19
N ILE U 73 -42.86 -38.51 -28.55
CA ILE U 73 -44.02 -37.93 -27.84
C ILE U 73 -44.42 -36.61 -28.41
N SER U 74 -45.69 -36.31 -28.25
CA SER U 74 -46.24 -34.97 -28.41
C SER U 74 -46.99 -34.65 -27.12
N PHE U 75 -47.10 -33.36 -26.83
CA PHE U 75 -47.88 -32.97 -25.68
C PHE U 75 -48.62 -31.63 -25.79
N THR U 76 -49.65 -31.49 -24.96
CA THR U 76 -50.30 -30.21 -24.80
C THR U 76 -50.13 -29.86 -23.32
N VAL U 77 -49.30 -28.85 -23.05
CA VAL U 77 -49.08 -28.32 -21.67
C VAL U 77 -50.37 -27.59 -21.20
N PRO U 78 -50.58 -27.43 -19.87
CA PRO U 78 -51.71 -26.70 -19.26
C PRO U 78 -51.77 -25.21 -19.71
N VAL U 79 -52.97 -24.65 -19.71
CA VAL U 79 -53.19 -23.22 -19.93
C VAL U 79 -52.33 -22.35 -18.99
N GLY U 80 -51.74 -21.31 -19.58
CA GLY U 80 -50.91 -20.33 -18.87
C GLY U 80 -49.47 -20.77 -18.70
N THR U 81 -49.08 -21.80 -19.44
CA THR U 81 -47.72 -22.35 -19.38
C THR U 81 -47.19 -22.53 -20.82
N TYR U 82 -45.91 -22.86 -20.90
CA TYR U 82 -45.37 -23.47 -22.10
C TYR U 82 -44.51 -24.61 -21.54
N GLY U 83 -44.13 -25.53 -22.42
CA GLY U 83 -43.25 -26.68 -22.06
C GLY U 83 -41.80 -26.32 -22.32
N ARG U 84 -40.99 -26.24 -21.24
CA ARG U 84 -39.60 -25.98 -21.43
C ARG U 84 -38.74 -27.26 -21.41
N ILE U 85 -38.02 -27.47 -22.52
CA ILE U 85 -37.09 -28.57 -22.56
C ILE U 85 -35.77 -28.07 -21.98
N ALA U 86 -35.43 -28.62 -20.85
CA ALA U 86 -34.41 -28.05 -19.96
C ALA U 86 -33.36 -29.10 -19.73
N PRO U 87 -32.09 -28.68 -19.41
CA PRO U 87 -31.11 -29.67 -19.20
C PRO U 87 -31.22 -30.47 -17.88
N ARG U 88 -30.67 -31.69 -17.96
CA ARG U 88 -30.35 -32.55 -16.84
C ARG U 88 -29.00 -32.08 -16.35
N SER U 89 -28.86 -31.90 -15.05
CA SER U 89 -27.63 -31.31 -14.49
C SER U 89 -26.43 -32.23 -14.62
N GLY U 90 -26.63 -33.53 -14.54
CA GLY U 90 -25.45 -34.45 -14.54
C GLY U 90 -24.82 -34.59 -15.93
N LEU U 91 -25.66 -34.66 -16.96
CA LEU U 91 -25.26 -34.60 -18.39
C LEU U 91 -24.47 -33.36 -18.74
N ALA U 92 -24.93 -32.23 -18.22
CA ALA U 92 -24.15 -31.00 -18.28
C ALA U 92 -22.78 -31.14 -17.62
N VAL U 93 -22.75 -31.54 -16.34
CA VAL U 93 -21.49 -31.54 -15.52
C VAL U 93 -20.52 -32.56 -16.05
N LYS U 94 -21.06 -33.74 -16.34
CA LYS U 94 -20.22 -34.88 -16.68
C LYS U 94 -19.97 -35.05 -18.17
N ASN U 95 -20.91 -34.58 -18.99
CA ASN U 95 -20.82 -34.77 -20.44
C ASN U 95 -20.85 -33.51 -21.31
N GLY U 96 -20.92 -32.34 -20.68
CA GLY U 96 -20.96 -31.07 -21.39
C GLY U 96 -22.18 -30.86 -22.26
N ILE U 97 -23.31 -31.49 -21.91
CA ILE U 97 -24.55 -31.38 -22.75
C ILE U 97 -25.43 -30.21 -22.32
N GLN U 98 -26.02 -29.54 -23.31
CA GLN U 98 -26.89 -28.40 -23.07
C GLN U 98 -28.03 -28.59 -24.02
N THR U 99 -29.21 -28.25 -23.58
CA THR U 99 -30.33 -28.27 -24.49
C THR U 99 -30.35 -27.02 -25.34
N GLY U 100 -30.75 -27.22 -26.61
CA GLY U 100 -31.10 -26.09 -27.50
C GLY U 100 -32.58 -25.96 -27.65
N ALA U 101 -32.96 -24.95 -28.44
CA ALA U 101 -34.35 -24.61 -28.70
C ALA U 101 -35.11 -24.72 -27.37
N GLY U 102 -36.09 -25.61 -27.27
CA GLY U 102 -36.67 -25.95 -25.97
C GLY U 102 -37.95 -25.24 -25.59
N VAL U 103 -38.43 -24.31 -26.42
CA VAL U 103 -39.69 -23.62 -26.08
C VAL U 103 -40.83 -24.35 -26.81
N VAL U 104 -41.59 -25.16 -26.08
CA VAL U 104 -42.69 -25.93 -26.66
C VAL U 104 -44.03 -25.19 -26.38
N ASP U 105 -44.55 -24.62 -27.42
CA ASP U 105 -45.79 -23.87 -27.33
C ASP U 105 -46.93 -24.78 -27.05
N ARG U 106 -47.96 -24.25 -26.39
CA ARG U 106 -49.10 -25.03 -26.02
C ARG U 106 -49.84 -25.69 -27.20
N ASP U 107 -49.81 -25.06 -28.38
CA ASP U 107 -50.53 -25.54 -29.54
C ASP U 107 -49.66 -26.36 -30.50
N TYR U 108 -48.46 -26.73 -30.05
CA TYR U 108 -47.59 -27.57 -30.84
C TYR U 108 -48.03 -29.03 -30.75
N THR U 109 -48.33 -29.62 -31.89
CA THR U 109 -48.75 -31.00 -31.85
C THR U 109 -47.80 -31.98 -32.57
N GLY U 110 -46.67 -31.50 -33.12
CA GLY U 110 -45.64 -32.40 -33.68
C GLY U 110 -44.89 -33.16 -32.59
N GLU U 111 -43.99 -34.05 -33.03
CA GLU U 111 -43.08 -34.74 -32.15
C GLU U 111 -42.19 -33.69 -31.50
N VAL U 112 -42.13 -33.73 -30.18
CA VAL U 112 -41.17 -32.92 -29.41
C VAL U 112 -39.81 -33.61 -29.44
N LYS U 113 -38.89 -33.11 -30.26
CA LYS U 113 -37.53 -33.64 -30.38
C LYS U 113 -36.67 -32.78 -29.48
N VAL U 114 -35.59 -33.33 -28.97
CA VAL U 114 -34.66 -32.57 -28.09
C VAL U 114 -33.36 -32.23 -28.85
N VAL U 115 -33.05 -30.94 -28.93
CA VAL U 115 -31.83 -30.48 -29.53
C VAL U 115 -30.83 -30.51 -28.43
N LEU U 116 -29.73 -31.24 -28.65
CA LEU U 116 -28.62 -31.27 -27.70
C LEU U 116 -27.32 -30.71 -28.25
N PHE U 117 -26.70 -29.80 -27.51
CA PHE U 117 -25.36 -29.32 -27.90
C PHE U 117 -24.40 -30.08 -27.03
N ASN U 118 -23.34 -30.60 -27.64
CA ASN U 118 -22.30 -31.34 -26.92
C ASN U 118 -21.07 -30.44 -26.94
N HIS U 119 -20.80 -29.79 -25.80
CA HIS U 119 -19.71 -28.83 -25.72
C HIS U 119 -18.45 -29.47 -25.26
N SER U 120 -18.45 -30.80 -25.11
CA SER U 120 -17.22 -31.52 -24.75
C SER U 120 -16.43 -32.02 -25.97
N GLN U 121 -15.29 -32.62 -25.73
CA GLN U 121 -14.48 -33.33 -26.73
C GLN U 121 -14.85 -34.84 -26.93
N ARG U 122 -15.91 -35.31 -26.28
CA ARG U 122 -16.28 -36.73 -26.32
C ARG U 122 -17.63 -36.87 -26.99
N ASP U 123 -17.73 -37.80 -27.93
CA ASP U 123 -19.02 -38.19 -28.46
C ASP U 123 -19.88 -38.67 -27.31
N PHE U 124 -21.14 -38.28 -27.33
CA PHE U 124 -22.14 -38.70 -26.33
C PHE U 124 -23.21 -39.68 -26.91
N ALA U 125 -23.14 -40.95 -26.49
CA ALA U 125 -24.05 -42.01 -26.94
C ALA U 125 -25.36 -42.00 -26.17
N ILE U 126 -26.44 -42.11 -26.90
CA ILE U 126 -27.73 -42.18 -26.23
C ILE U 126 -28.35 -43.47 -26.76
N LYS U 127 -28.96 -44.23 -25.86
CA LYS U 127 -29.72 -45.44 -26.21
C LYS U 127 -31.23 -45.17 -26.03
N LYS U 128 -32.08 -45.76 -26.86
CA LYS U 128 -33.54 -45.75 -26.57
C LYS U 128 -33.67 -45.98 -25.05
N GLY U 129 -34.49 -45.18 -24.36
CA GLY U 129 -34.69 -45.38 -22.92
C GLY U 129 -33.83 -44.58 -21.93
N ASP U 130 -32.78 -43.95 -22.42
CA ASP U 130 -32.02 -43.06 -21.61
C ASP U 130 -32.78 -41.72 -21.43
N ARG U 131 -32.62 -41.12 -20.27
CA ARG U 131 -33.22 -39.77 -20.04
C ARG U 131 -32.25 -38.73 -20.59
N VAL U 132 -32.76 -37.75 -21.30
CA VAL U 132 -31.93 -36.85 -22.13
C VAL U 132 -32.11 -35.40 -21.76
N ALA U 133 -33.25 -35.08 -21.12
CA ALA U 133 -33.67 -33.71 -20.74
C ALA U 133 -34.73 -33.84 -19.65
N GLN U 134 -35.40 -32.70 -19.36
CA GLN U 134 -36.49 -32.62 -18.44
C GLN U 134 -37.41 -31.57 -19.01
N LEU U 135 -38.67 -31.79 -18.81
CA LEU U 135 -39.71 -30.91 -19.26
C LEU U 135 -40.28 -30.15 -18.06
N ILE U 136 -40.31 -28.79 -18.11
CA ILE U 136 -40.77 -27.99 -16.98
C ILE U 136 -42.00 -27.25 -17.51
N LEU U 137 -43.10 -27.24 -16.77
CA LEU U 137 -44.30 -26.47 -17.17
C LEU U 137 -44.10 -25.07 -16.63
N GLU U 138 -43.53 -24.21 -17.43
CA GLU U 138 -43.13 -22.88 -16.95
C GLU U 138 -44.38 -21.98 -17.02
N LYS U 139 -44.75 -21.30 -15.92
CA LYS U 139 -45.87 -20.36 -16.00
C LYS U 139 -45.43 -19.04 -16.64
N ILE U 140 -46.35 -18.46 -17.43
CA ILE U 140 -46.13 -17.28 -18.26
C ILE U 140 -47.40 -16.48 -18.26
N VAL U 141 -47.28 -15.21 -18.64
CA VAL U 141 -48.43 -14.35 -18.90
C VAL U 141 -48.72 -14.61 -20.38
N ASP U 142 -49.81 -15.30 -20.64
CA ASP U 142 -50.11 -15.63 -22.01
C ASP U 142 -51.21 -14.71 -22.55
N ASP U 143 -51.64 -13.75 -21.75
CA ASP U 143 -52.69 -12.80 -22.24
C ASP U 143 -52.35 -11.32 -22.04
N ALA U 144 -51.07 -10.98 -22.18
CA ALA U 144 -50.65 -9.59 -22.14
C ALA U 144 -51.29 -8.71 -23.24
N GLN U 145 -51.47 -7.45 -22.94
CA GLN U 145 -51.89 -6.50 -23.91
C GLN U 145 -50.63 -5.76 -24.32
N ILE U 146 -50.34 -5.69 -25.60
CA ILE U 146 -49.21 -4.88 -26.07
C ILE U 146 -49.68 -3.47 -26.24
N VAL U 147 -48.96 -2.55 -25.62
CA VAL U 147 -49.21 -1.14 -25.73
C VAL U 147 -47.91 -0.50 -26.23
N VAL U 148 -47.99 0.31 -27.28
CA VAL U 148 -46.77 0.97 -27.78
C VAL U 148 -46.75 2.39 -27.27
N VAL U 149 -45.65 2.75 -26.62
CA VAL U 149 -45.58 4.05 -25.94
C VAL U 149 -44.39 4.88 -26.45
N ASP U 150 -44.47 6.21 -26.33
CA ASP U 150 -43.37 7.10 -26.71
C ASP U 150 -42.12 6.94 -25.85
N SER U 151 -42.30 6.69 -24.55
CA SER U 151 -41.18 6.25 -23.69
C SER U 151 -41.70 5.46 -22.48
N LEU U 152 -40.78 4.69 -21.92
CA LEU U 152 -41.07 3.82 -20.80
C LEU U 152 -41.03 4.56 -19.46
N GLU U 153 -40.50 5.79 -19.47
CA GLU U 153 -40.19 6.49 -18.22
C GLU U 153 -41.14 7.66 -18.00
N LYS V 27 37.27 34.58 29.98
CA LYS V 27 37.05 34.17 31.41
C LYS V 27 35.98 35.05 32.11
N VAL V 28 35.18 35.73 31.28
CA VAL V 28 34.25 36.81 31.65
C VAL V 28 32.77 36.39 31.55
N LEU V 29 31.92 36.81 32.49
CA LEU V 29 30.43 36.73 32.37
C LEU V 29 29.78 38.09 31.99
N LYS V 30 29.34 38.25 30.75
CA LYS V 30 28.71 39.53 30.38
C LYS V 30 27.22 39.48 30.65
N ILE V 31 26.76 40.50 31.36
CA ILE V 31 25.38 40.60 31.71
C ILE V 31 24.75 41.78 31.00
N GLN V 32 23.61 41.55 30.34
CA GLN V 32 22.85 42.65 29.73
C GLN V 32 21.49 42.83 30.45
N LEU V 33 21.21 44.04 30.91
CA LEU V 33 20.00 44.28 31.67
C LEU V 33 18.95 44.84 30.70
N ARG V 34 17.83 44.12 30.50
CA ARG V 34 16.88 44.47 29.41
C ARG V 34 15.82 45.46 29.84
N SER V 35 15.73 45.67 31.15
CA SER V 35 14.90 46.75 31.70
C SER V 35 15.45 47.08 33.09
N ALA V 36 14.87 48.11 33.71
CA ALA V 36 15.15 48.52 35.10
C ALA V 36 14.50 47.60 36.15
N SER V 37 13.69 46.66 35.71
CA SER V 37 13.12 45.60 36.54
C SER V 37 14.12 44.46 36.78
N ALA V 38 15.18 44.38 35.98
CA ALA V 38 16.21 43.34 36.06
C ALA V 38 17.23 43.63 37.15
N THR V 39 17.85 42.56 37.67
CA THR V 39 18.79 42.63 38.78
C THR V 39 20.07 41.85 38.39
N VAL V 40 21.21 42.49 38.57
CA VAL V 40 22.51 41.92 38.20
C VAL V 40 22.71 40.68 39.05
N PRO V 41 22.93 39.51 38.42
CA PRO V 41 23.20 38.34 39.29
C PRO V 41 24.34 38.58 40.32
N THR V 42 24.15 38.02 41.53
CA THR V 42 24.96 38.31 42.71
C THR V 42 25.44 36.98 43.29
N LYS V 43 26.66 36.93 43.79
CA LYS V 43 27.17 35.70 44.39
C LYS V 43 27.73 35.97 45.82
N GLY V 44 27.54 35.03 46.75
CA GLY V 44 27.76 35.29 48.17
C GLY V 44 28.91 34.54 48.81
N SER V 45 29.64 33.80 48.01
CA SER V 45 30.82 33.04 48.49
C SER V 45 31.80 32.98 47.33
N ALA V 46 33.07 33.21 47.62
CA ALA V 46 34.11 33.04 46.59
C ALA V 46 34.01 31.67 45.90
N THR V 47 33.73 30.62 46.68
CA THR V 47 33.66 29.26 46.13
C THR V 47 32.23 28.75 45.76
N ALA V 48 31.19 29.56 46.04
CA ALA V 48 29.80 29.15 45.80
C ALA V 48 29.65 28.80 44.32
N ALA V 49 28.75 27.86 44.05
CA ALA V 49 28.56 27.37 42.72
C ALA V 49 27.95 28.37 41.80
N GLY V 50 26.93 29.08 42.30
CA GLY V 50 26.09 29.85 41.42
C GLY V 50 25.81 31.31 41.79
N TYR V 51 25.20 32.03 40.84
CA TYR V 51 24.91 33.44 40.94
C TYR V 51 23.40 33.50 41.04
N ASP V 52 22.89 34.38 41.89
CA ASP V 52 21.46 34.47 42.14
C ASP V 52 20.73 35.07 40.96
N ILE V 53 19.63 34.43 40.59
CA ILE V 53 18.80 34.90 39.48
C ILE V 53 17.52 35.43 40.02
N TYR V 54 17.10 36.64 39.58
CA TYR V 54 15.92 37.30 40.14
C TYR V 54 14.79 37.49 39.14
N ALA V 55 13.57 37.27 39.62
CA ALA V 55 12.42 37.63 38.85
C ALA V 55 12.38 39.17 38.58
N SER V 56 11.88 39.54 37.43
CA SER V 56 11.65 40.92 37.06
C SER V 56 10.17 41.18 36.84
N GLN V 57 9.36 40.14 36.98
CA GLN V 57 7.91 40.27 36.78
C GLN V 57 7.23 39.29 37.76
N ASP V 58 6.07 39.73 38.26
CA ASP V 58 5.21 38.95 39.13
C ASP V 58 4.71 37.72 38.35
N ILE V 59 4.66 36.56 39.03
CA ILE V 59 4.11 35.34 38.46
C ILE V 59 3.74 34.32 39.57
N THR V 60 2.66 33.56 39.38
CA THR V 60 2.39 32.38 40.23
C THR V 60 2.66 31.13 39.46
N ILE V 61 3.49 30.25 40.04
CA ILE V 61 3.65 28.84 39.63
C ILE V 61 2.59 27.96 40.33
N PRO V 62 1.55 27.54 39.59
CA PRO V 62 0.43 26.83 40.21
C PRO V 62 0.86 25.49 40.83
N ALA V 63 0.20 25.07 41.92
CA ALA V 63 0.39 23.73 42.50
C ALA V 63 0.36 22.67 41.37
N MET V 64 1.38 21.82 41.33
CA MET V 64 1.46 20.71 40.35
C MET V 64 1.53 21.26 38.92
N GLY V 65 2.18 22.40 38.78
CA GLY V 65 2.11 23.15 37.57
C GLY V 65 3.46 23.64 37.12
N GLN V 66 3.39 24.64 36.26
CA GLN V 66 4.52 25.12 35.51
C GLN V 66 4.50 26.59 35.32
N GLY V 67 5.67 27.22 35.27
CA GLY V 67 5.62 28.65 34.87
C GLY V 67 6.91 29.12 34.27
N MET V 68 6.83 30.14 33.45
CA MET V 68 8.08 30.70 32.86
C MET V 68 8.33 32.09 33.47
N VAL V 69 9.28 32.20 34.42
CA VAL V 69 9.56 33.48 35.12
C VAL V 69 10.45 34.45 34.27
N SER V 70 10.01 35.69 34.11
CA SER V 70 10.75 36.72 33.35
C SER V 70 11.88 37.14 34.25
N THR V 71 13.07 37.36 33.64
CA THR V 71 14.20 37.98 34.36
C THR V 71 14.63 39.35 33.77
N ASP V 72 14.35 39.56 32.48
CA ASP V 72 14.84 40.71 31.72
C ASP V 72 16.37 40.82 31.79
N ILE V 73 17.03 39.66 31.80
CA ILE V 73 18.45 39.65 31.57
C ILE V 73 18.76 38.71 30.42
N SER V 74 19.85 39.06 29.73
CA SER V 74 20.59 38.12 28.89
C SER V 74 22.05 38.05 29.36
N PHE V 75 22.73 36.97 29.03
CA PHE V 75 24.14 36.87 29.39
C PHE V 75 24.94 36.09 28.39
N THR V 76 26.23 36.40 28.29
CA THR V 76 27.17 35.53 27.63
C THR V 76 28.14 34.93 28.66
N VAL V 77 28.09 33.61 28.78
CA VAL V 77 29.02 32.85 29.66
C VAL V 77 30.46 32.71 29.13
N PRO V 78 31.46 32.46 30.01
CA PRO V 78 32.83 32.21 29.58
C PRO V 78 33.00 31.05 28.56
N VAL V 79 34.04 31.16 27.74
CA VAL V 79 34.48 30.10 26.83
C VAL V 79 34.73 28.85 27.66
N GLY V 80 34.29 27.68 27.16
CA GLY V 80 34.46 26.47 27.91
C GLY V 80 33.37 26.16 28.93
N THR V 81 32.30 26.94 28.93
CA THR V 81 31.22 26.68 29.87
C THR V 81 29.89 26.84 29.14
N TYR V 82 28.80 26.50 29.84
CA TYR V 82 27.47 26.96 29.49
C TYR V 82 26.85 27.43 30.82
N GLY V 83 25.80 28.26 30.76
CA GLY V 83 25.14 28.68 31.96
C GLY V 83 24.06 27.69 32.35
N ARG V 84 24.20 27.08 33.50
CA ARG V 84 23.11 26.22 33.99
C ARG V 84 22.19 26.96 34.96
N ILE V 85 20.92 27.08 34.57
CA ILE V 85 19.86 27.55 35.44
C ILE V 85 19.45 26.42 36.36
N ALA V 86 19.91 26.56 37.61
CA ALA V 86 19.88 25.55 38.65
C ALA V 86 18.95 25.92 39.79
N PRO V 87 18.41 24.89 40.47
CA PRO V 87 17.49 25.23 41.53
C PRO V 87 18.11 25.88 42.79
N ARG V 88 17.33 26.77 43.40
N ARG V 88 17.33 26.75 43.42
CA ARG V 88 17.50 27.17 44.81
CA ARG V 88 17.59 27.15 44.80
C ARG V 88 17.10 26.01 45.72
C ARG V 88 17.09 26.07 45.74
N SER V 89 17.96 25.63 46.65
CA SER V 89 17.64 24.55 47.60
C SER V 89 16.45 24.82 48.51
N GLY V 90 16.38 26.05 48.99
CA GLY V 90 15.37 26.45 49.94
C GLY V 90 13.99 26.36 49.32
N LEU V 91 13.84 26.85 48.09
CA LEU V 91 12.54 26.72 47.37
C LEU V 91 12.12 25.28 46.98
N ALA V 92 13.07 24.42 46.66
CA ALA V 92 12.80 22.96 46.53
C ALA V 92 12.14 22.39 47.82
N VAL V 93 12.84 22.56 48.95
CA VAL V 93 12.45 22.00 50.30
C VAL V 93 11.15 22.69 50.79
N LYS V 94 11.07 24.02 50.71
CA LYS V 94 9.92 24.78 51.26
C LYS V 94 8.72 24.91 50.35
N ASN V 95 8.95 24.85 49.04
CA ASN V 95 7.91 25.14 48.04
C ASN V 95 7.71 24.08 46.93
N GLY V 96 8.50 23.01 46.92
CA GLY V 96 8.30 22.02 45.83
C GLY V 96 8.83 22.41 44.44
N ILE V 97 9.69 23.43 44.39
CA ILE V 97 10.20 23.99 43.12
C ILE V 97 11.41 23.34 42.50
N GLN V 98 11.24 23.00 41.23
CA GLN V 98 12.33 22.41 40.42
C GLN V 98 12.51 23.34 39.25
N THR V 99 13.76 23.57 38.84
CA THR V 99 13.97 24.29 37.57
C THR V 99 13.80 23.31 36.37
N GLY V 100 13.20 23.80 35.26
CA GLY V 100 13.18 23.05 34.00
C GLY V 100 14.14 23.69 32.98
N ALA V 101 14.19 23.18 31.73
CA ALA V 101 15.15 23.70 30.74
C ALA V 101 16.55 23.93 31.37
N GLY V 102 17.09 25.14 31.32
CA GLY V 102 18.29 25.40 32.12
C GLY V 102 19.61 25.34 31.45
N VAL V 103 19.62 24.93 30.19
CA VAL V 103 20.92 24.89 29.46
C VAL V 103 20.96 26.14 28.60
N VAL V 104 21.76 27.10 29.05
CA VAL V 104 21.89 28.36 28.35
C VAL V 104 23.23 28.33 27.65
N ASP V 105 23.21 28.25 26.33
CA ASP V 105 24.39 28.20 25.46
C ASP V 105 25.11 29.56 25.44
N ARG V 106 26.43 29.50 25.26
CA ARG V 106 27.25 30.65 25.03
C ARG V 106 26.76 31.56 23.92
N ASP V 107 26.24 31.00 22.82
CA ASP V 107 25.69 31.84 21.73
C ASP V 107 24.25 32.38 21.90
N TYR V 108 23.58 32.05 23.02
CA TYR V 108 22.24 32.62 23.28
C TYR V 108 22.25 34.08 23.78
N THR V 109 21.46 34.93 23.13
CA THR V 109 21.41 36.36 23.44
C THR V 109 19.94 36.82 23.71
N GLY V 110 18.99 35.89 23.79
CA GLY V 110 17.60 36.26 24.08
C GLY V 110 17.49 36.41 25.59
N GLU V 111 16.33 36.86 26.05
CA GLU V 111 16.05 36.97 27.50
C GLU V 111 16.01 35.57 28.05
N VAL V 112 16.72 35.39 29.14
CA VAL V 112 16.74 34.09 29.79
C VAL V 112 15.47 33.95 30.70
N LYS V 113 14.57 33.02 30.36
CA LYS V 113 13.39 32.78 31.17
C LYS V 113 13.65 31.56 32.03
N VAL V 114 13.10 31.52 33.24
CA VAL V 114 13.43 30.43 34.19
C VAL V 114 12.18 29.60 34.18
N VAL V 115 12.32 28.37 33.71
CA VAL V 115 11.18 27.42 33.71
C VAL V 115 11.13 26.85 35.12
N LEU V 116 9.98 27.02 35.75
CA LEU V 116 9.83 26.38 37.08
C LEU V 116 8.65 25.36 37.07
N PHE V 117 8.89 24.25 37.73
CA PHE V 117 7.85 23.20 38.03
C PHE V 117 7.57 23.18 39.50
N ASN V 118 6.29 23.11 39.85
CA ASN V 118 5.81 23.13 41.24
C ASN V 118 5.25 21.74 41.59
N HIS V 119 6.02 21.00 42.39
CA HIS V 119 5.65 19.69 42.84
C HIS V 119 4.70 19.60 44.05
N SER V 120 4.31 20.73 44.63
CA SER V 120 3.58 20.75 45.92
C SER V 120 2.10 21.04 45.67
N GLN V 121 1.33 21.14 46.75
CA GLN V 121 -0.12 21.33 46.66
C GLN V 121 -0.46 22.78 46.79
N ARG V 122 0.58 23.62 46.84
CA ARG V 122 0.45 25.07 47.13
C ARG V 122 0.98 25.89 45.94
N ASP V 123 0.20 26.86 45.48
CA ASP V 123 0.58 27.72 44.36
C ASP V 123 1.75 28.50 44.88
N PHE V 124 2.72 28.76 44.03
CA PHE V 124 3.94 29.51 44.46
C PHE V 124 3.97 30.91 43.86
N ALA V 125 3.82 31.89 44.74
CA ALA V 125 3.73 33.31 44.34
C ALA V 125 5.14 33.88 44.22
N ILE V 126 5.43 34.48 43.06
CA ILE V 126 6.71 35.14 42.81
C ILE V 126 6.45 36.61 42.64
N LYS V 127 7.26 37.41 43.32
CA LYS V 127 7.25 38.84 43.11
C LYS V 127 8.52 39.31 42.37
N LYS V 128 8.36 40.36 41.58
CA LYS V 128 9.51 41.09 41.01
C LYS V 128 10.54 41.29 42.11
N GLY V 129 11.79 40.83 41.90
CA GLY V 129 12.82 41.02 42.91
C GLY V 129 13.21 39.79 43.69
N ASP V 130 12.36 38.75 43.67
CA ASP V 130 12.63 37.50 44.38
C ASP V 130 13.68 36.68 43.68
N ARG V 131 14.62 36.10 44.45
CA ARG V 131 15.51 35.12 43.91
C ARG V 131 14.71 33.85 43.53
N VAL V 132 14.87 33.42 42.28
CA VAL V 132 14.07 32.30 41.76
C VAL V 132 14.86 31.04 41.35
N ALA V 133 16.15 31.23 41.12
CA ALA V 133 17.06 30.15 40.65
C ALA V 133 18.49 30.57 40.90
N GLN V 134 19.44 29.76 40.41
CA GLN V 134 20.81 30.24 40.42
C GLN V 134 21.48 29.91 39.11
N LEU V 135 22.44 30.74 38.69
CA LEU V 135 23.15 30.51 37.42
C LEU V 135 24.44 29.83 37.79
N ILE V 136 24.72 28.69 37.20
CA ILE V 136 26.06 28.07 37.43
C ILE V 136 26.88 28.01 36.13
N LEU V 137 28.17 28.39 36.18
CA LEU V 137 29.07 28.36 34.96
C LEU V 137 29.74 27.02 34.89
N GLU V 138 29.01 26.06 34.29
CA GLU V 138 29.43 24.66 34.27
C GLU V 138 30.50 24.53 33.21
N LYS V 139 31.67 24.05 33.56
CA LYS V 139 32.74 23.79 32.59
C LYS V 139 32.38 22.57 31.77
N ILE V 140 32.59 22.65 30.46
CA ILE V 140 32.30 21.52 29.56
C ILE V 140 33.43 21.32 28.53
N VAL V 141 33.46 20.17 27.90
CA VAL V 141 34.20 20.03 26.63
C VAL V 141 33.28 20.54 25.49
N ASP V 142 33.64 21.69 24.91
CA ASP V 142 32.91 22.23 23.81
C ASP V 142 33.58 22.06 22.40
N ASP V 143 34.72 21.40 22.34
CA ASP V 143 35.38 21.25 21.05
C ASP V 143 35.81 19.82 20.76
N ALA V 144 35.09 18.85 21.35
CA ALA V 144 35.32 17.47 21.05
C ALA V 144 35.17 17.18 19.55
N GLN V 145 35.91 16.17 19.09
CA GLN V 145 35.61 15.52 17.83
C GLN V 145 34.87 14.22 18.10
N ILE V 146 33.99 13.86 17.19
CA ILE V 146 33.32 12.54 17.19
C ILE V 146 34.08 11.54 16.28
N VAL V 147 34.31 10.32 16.76
CA VAL V 147 34.63 9.18 15.91
C VAL V 147 33.48 8.17 16.06
N VAL V 148 32.98 7.66 14.93
CA VAL V 148 31.88 6.69 14.87
C VAL V 148 32.54 5.32 14.77
N VAL V 149 32.22 4.44 15.71
CA VAL V 149 32.97 3.15 15.82
C VAL V 149 31.99 1.97 15.82
N ASP V 150 32.51 0.79 15.52
CA ASP V 150 31.66 -0.37 15.39
C ASP V 150 31.21 -0.84 16.73
N SER V 151 32.10 -0.74 17.71
CA SER V 151 31.77 -1.07 19.07
C SER V 151 32.64 -0.29 20.04
N LEU V 152 32.14 -0.06 21.23
CA LEU V 152 32.86 0.68 22.24
C LEU V 152 33.94 -0.10 23.00
N GLU V 153 34.23 -1.32 22.56
CA GLU V 153 35.39 -2.07 23.12
C GLU V 153 36.75 -1.57 22.66
N SER W 25 43.01 20.80 39.43
CA SER W 25 44.09 20.84 40.46
C SER W 25 43.63 20.20 41.79
N ASP W 26 42.83 20.94 42.60
CA ASP W 26 42.31 20.40 43.89
C ASP W 26 41.42 19.18 43.72
N LYS W 27 41.75 18.15 44.50
CA LYS W 27 41.15 16.85 44.38
C LYS W 27 40.51 16.33 45.67
N VAL W 28 40.64 17.07 46.76
CA VAL W 28 40.27 16.53 48.07
C VAL W 28 38.77 16.73 48.36
N LEU W 29 38.07 15.61 48.62
CA LEU W 29 36.68 15.61 49.02
C LEU W 29 36.68 15.18 50.47
N LYS W 30 36.35 16.10 51.36
CA LYS W 30 36.31 15.78 52.78
C LYS W 30 34.90 15.37 53.20
N ILE W 31 34.86 14.31 53.98
CA ILE W 31 33.60 13.71 54.43
C ILE W 31 33.54 13.76 55.97
N GLN W 32 32.46 14.33 56.46
CA GLN W 32 32.11 14.27 57.90
C GLN W 32 30.88 13.34 58.06
N LEU W 33 31.10 12.31 58.84
CA LEU W 33 30.14 11.26 59.17
C LEU W 33 29.51 11.66 60.46
N ARG W 34 28.25 12.07 60.39
CA ARG W 34 27.60 12.62 61.55
C ARG W 34 26.95 11.57 62.53
N SER W 35 26.79 10.31 62.11
CA SER W 35 26.37 9.21 63.02
C SER W 35 26.90 7.88 62.52
N ALA W 36 26.65 6.80 63.30
CA ALA W 36 26.98 5.43 62.88
C ALA W 36 26.13 4.98 61.70
N SER W 37 25.03 5.68 61.45
CA SER W 37 24.15 5.30 60.36
C SER W 37 24.69 5.78 59.01
N ALA W 38 25.61 6.74 59.03
CA ALA W 38 26.12 7.34 57.82
C ALA W 38 27.05 6.39 57.04
N THR W 39 26.93 6.44 55.71
CA THR W 39 27.94 5.79 54.83
C THR W 39 28.82 6.74 54.02
N VAL W 40 30.15 6.49 54.07
CA VAL W 40 31.12 7.16 53.18
C VAL W 40 30.61 6.97 51.74
N PRO W 41 30.39 8.07 50.98
CA PRO W 41 30.13 7.86 49.51
C PRO W 41 31.20 6.98 48.83
N THR W 42 30.77 6.10 47.93
CA THR W 42 31.62 5.10 47.30
C THR W 42 31.40 5.17 45.78
N LYS W 43 32.46 5.05 44.98
CA LYS W 43 32.26 4.94 43.52
C LYS W 43 31.81 3.52 43.15
N GLY W 44 30.71 3.45 42.37
CA GLY W 44 30.15 2.19 41.86
C GLY W 44 31.11 1.31 41.04
N SER W 45 32.22 1.91 40.58
CA SER W 45 33.31 1.27 39.82
C SER W 45 34.31 2.38 39.63
N ALA W 46 35.61 2.07 39.60
CA ALA W 46 36.69 3.07 39.39
C ALA W 46 36.48 4.16 38.31
N THR W 47 35.66 3.91 37.30
CA THR W 47 35.45 4.88 36.19
C THR W 47 34.08 5.64 36.23
N ALA W 48 33.29 5.40 37.26
CA ALA W 48 32.00 6.08 37.48
C ALA W 48 32.17 7.60 37.62
N ALA W 49 31.14 8.34 37.21
CA ALA W 49 31.11 9.77 37.28
C ALA W 49 30.98 10.26 38.74
N GLY W 50 30.23 9.49 39.55
CA GLY W 50 29.84 9.93 40.88
C GLY W 50 29.90 8.90 41.97
N TYR W 51 29.81 9.39 43.19
CA TYR W 51 29.86 8.61 44.41
C TYR W 51 28.48 8.30 44.88
N ASP W 52 28.26 7.05 45.26
CA ASP W 52 26.93 6.66 45.73
C ASP W 52 26.69 7.34 47.05
N ILE W 53 25.47 7.89 47.19
CA ILE W 53 24.95 8.54 48.41
C ILE W 53 23.92 7.60 49.03
N TYR W 54 24.18 7.18 50.27
CA TYR W 54 23.36 6.24 51.05
C TYR W 54 22.39 6.87 52.05
N ALA W 55 21.16 6.33 52.14
CA ALA W 55 20.20 6.80 53.17
C ALA W 55 20.70 6.40 54.55
N SER W 56 20.56 7.28 55.53
CA SER W 56 20.92 6.96 56.94
C SER W 56 19.69 6.63 57.75
N GLN W 57 18.50 7.00 57.24
CA GLN W 57 17.24 6.61 57.86
C GLN W 57 16.20 6.18 56.80
N ASP W 58 15.26 5.31 57.21
CA ASP W 58 14.17 4.87 56.35
C ASP W 58 13.25 6.08 56.04
N ILE W 59 12.70 6.09 54.83
CA ILE W 59 11.78 7.12 54.40
C ILE W 59 10.91 6.67 53.20
N THR W 60 9.70 7.20 53.07
CA THR W 60 8.91 6.85 51.91
C THR W 60 8.74 8.13 51.08
N ILE W 61 8.99 8.05 49.77
CA ILE W 61 8.73 9.15 48.89
C ILE W 61 7.32 8.93 48.32
N PRO W 62 6.30 9.74 48.72
CA PRO W 62 4.98 9.35 48.24
C PRO W 62 4.81 9.43 46.70
N ALA W 63 4.01 8.54 46.11
CA ALA W 63 3.53 8.64 44.72
C ALA W 63 3.18 10.11 44.38
N MET W 64 3.61 10.52 43.19
CA MET W 64 3.34 11.85 42.63
C MET W 64 3.75 13.01 43.53
N GLY W 65 4.71 12.75 44.43
CA GLY W 65 4.98 13.63 45.58
C GLY W 65 6.45 13.90 45.79
N GLN W 66 6.79 14.36 46.99
CA GLN W 66 8.13 14.72 47.30
C GLN W 66 8.52 14.19 48.68
N GLY W 67 9.77 13.82 48.83
CA GLY W 67 10.31 13.57 50.18
C GLY W 67 11.76 13.97 50.32
N MET W 68 12.29 13.83 51.53
CA MET W 68 13.65 14.20 51.78
C MET W 68 14.34 13.05 52.50
N VAL W 69 15.52 12.68 52.03
CA VAL W 69 16.29 11.59 52.57
C VAL W 69 17.46 12.12 53.45
N SER W 70 17.50 11.75 54.73
CA SER W 70 18.71 11.95 55.55
C SER W 70 19.89 11.10 55.06
N THR W 71 21.09 11.66 55.18
CA THR W 71 22.31 10.95 54.86
C THR W 71 23.20 10.84 56.12
N ASP W 72 23.02 11.76 57.11
CA ASP W 72 23.98 12.03 58.20
C ASP W 72 25.39 12.30 57.73
N ILE W 73 25.53 13.01 56.61
CA ILE W 73 26.89 13.33 56.12
C ILE W 73 26.96 14.78 55.79
N SER W 74 28.14 15.30 55.98
CA SER W 74 28.43 16.63 55.47
C SER W 74 29.68 16.47 54.65
N PHE W 75 29.87 17.34 53.67
CA PHE W 75 31.13 17.28 52.93
C PHE W 75 31.54 18.65 52.44
N THR W 76 32.86 18.77 52.23
CA THR W 76 33.49 19.88 51.50
C THR W 76 34.06 19.38 50.14
N VAL W 77 33.47 19.82 49.02
CA VAL W 77 33.95 19.49 47.65
C VAL W 77 35.29 20.22 47.36
N PRO W 78 36.08 19.73 46.40
CA PRO W 78 37.33 20.39 46.06
C PRO W 78 37.09 21.75 45.43
N VAL W 79 38.10 22.62 45.52
CA VAL W 79 38.07 23.99 44.99
C VAL W 79 37.88 23.90 43.48
N GLY W 80 36.96 24.70 42.91
CA GLY W 80 36.68 24.61 41.47
C GLY W 80 35.54 23.66 41.15
N THR W 81 34.89 23.13 42.19
CA THR W 81 33.74 22.29 41.97
C THR W 81 32.56 22.78 42.82
N TYR W 82 31.39 22.28 42.47
CA TYR W 82 30.33 22.08 43.43
C TYR W 82 29.95 20.56 43.38
N GLY W 83 29.24 20.07 44.39
CA GLY W 83 28.86 18.68 44.43
C GLY W 83 27.43 18.70 43.98
N ARG W 84 27.13 18.02 42.88
CA ARG W 84 25.74 17.94 42.41
C ARG W 84 25.20 16.60 42.94
N ILE W 85 24.03 16.65 43.57
CA ILE W 85 23.26 15.50 43.98
C ILE W 85 22.42 15.09 42.79
N ALA W 86 22.81 14.00 42.14
CA ALA W 86 22.21 13.64 40.82
C ALA W 86 21.50 12.28 40.93
N PRO W 87 20.50 12.03 40.05
CA PRO W 87 19.81 10.75 40.05
C PRO W 87 20.63 9.53 39.68
N ARG W 88 20.33 8.41 40.39
CA ARG W 88 20.68 7.08 39.90
C ARG W 88 19.73 6.74 38.76
N SER W 89 20.28 6.19 37.68
CA SER W 89 19.45 5.97 36.50
C SER W 89 18.37 4.90 36.70
N GLY W 90 18.72 3.88 37.45
CA GLY W 90 17.85 2.71 37.77
C GLY W 90 16.57 3.12 38.46
N LEU W 91 16.73 3.94 39.52
CA LEU W 91 15.60 4.55 40.21
C LEU W 91 14.65 5.43 39.41
N ALA W 92 15.21 6.20 38.47
CA ALA W 92 14.44 7.01 37.56
C ALA W 92 13.58 6.13 36.66
N VAL W 93 14.22 5.14 36.05
CA VAL W 93 13.60 4.24 35.10
C VAL W 93 12.52 3.36 35.74
N LYS W 94 12.88 2.67 36.82
CA LYS W 94 11.97 1.71 37.43
C LYS W 94 10.99 2.33 38.42
N ASN W 95 11.35 3.47 39.04
CA ASN W 95 10.60 3.99 40.18
C ASN W 95 10.06 5.44 40.05
N GLY W 96 10.41 6.12 38.96
CA GLY W 96 9.90 7.47 38.66
C GLY W 96 10.56 8.53 39.55
N ILE W 97 11.74 8.21 40.02
CA ILE W 97 12.51 9.04 40.96
C ILE W 97 13.41 10.05 40.23
N GLN W 98 13.21 11.29 40.61
CA GLN W 98 14.03 12.45 40.21
C GLN W 98 14.61 13.13 41.47
N THR W 99 15.89 13.49 41.46
CA THR W 99 16.41 14.45 42.48
C THR W 99 15.98 15.91 42.25
N GLY W 100 15.83 16.67 43.34
CA GLY W 100 15.42 18.04 43.34
C GLY W 100 16.54 18.76 44.01
N ALA W 101 16.40 20.09 44.24
CA ALA W 101 17.56 20.86 44.85
C ALA W 101 18.90 20.36 44.28
N GLY W 102 19.90 20.02 45.11
CA GLY W 102 21.06 19.31 44.57
C GLY W 102 22.34 20.04 44.25
N VAL W 103 22.36 21.37 44.41
CA VAL W 103 23.57 22.19 44.25
C VAL W 103 24.13 22.35 45.67
N VAL W 104 25.20 21.62 45.95
CA VAL W 104 25.85 21.71 47.28
C VAL W 104 27.12 22.52 47.13
N ASP W 105 27.10 23.71 47.73
CA ASP W 105 28.25 24.61 47.62
C ASP W 105 29.45 24.12 48.42
N ARG W 106 30.65 24.55 48.01
CA ARG W 106 31.88 24.17 48.70
C ARG W 106 31.85 24.63 50.16
N ASP W 107 31.10 25.68 50.45
CA ASP W 107 31.12 26.19 51.85
C ASP W 107 30.00 25.65 52.75
N TYR W 108 29.18 24.74 52.21
CA TYR W 108 28.09 24.19 52.99
C TYR W 108 28.59 23.09 53.92
N THR W 109 28.28 23.24 55.20
CA THR W 109 28.74 22.34 56.26
C THR W 109 27.54 21.64 56.94
N GLY W 110 26.30 22.04 56.63
CA GLY W 110 25.14 21.36 57.19
C GLY W 110 25.03 19.91 56.70
N GLU W 111 24.06 19.16 57.21
CA GLU W 111 23.92 17.79 56.73
C GLU W 111 23.37 17.82 55.30
N VAL W 112 23.91 16.96 54.44
CA VAL W 112 23.37 16.89 53.11
C VAL W 112 22.10 16.05 53.08
N LYS W 113 20.98 16.67 52.72
CA LYS W 113 19.73 15.91 52.54
C LYS W 113 19.51 15.71 51.04
N VAL W 114 18.86 14.60 50.69
CA VAL W 114 18.50 14.31 49.32
C VAL W 114 17.00 14.58 49.15
N VAL W 115 16.68 15.60 48.38
CA VAL W 115 15.29 15.89 47.91
C VAL W 115 14.99 14.95 46.76
N LEU W 116 13.91 14.15 46.90
CA LEU W 116 13.44 13.24 45.83
C LEU W 116 12.01 13.60 45.44
N PHE W 117 11.76 13.60 44.12
CA PHE W 117 10.43 13.67 43.51
C PHE W 117 10.06 12.30 42.92
N ASN W 118 8.80 11.93 43.09
CA ASN W 118 8.35 10.61 42.70
C ASN W 118 7.29 10.88 41.64
N HIS W 119 7.63 10.59 40.39
CA HIS W 119 6.72 10.74 39.26
C HIS W 119 5.83 9.54 39.01
N SER W 120 6.09 8.40 39.66
CA SER W 120 5.14 7.28 39.58
C SER W 120 3.83 7.34 40.43
N GLN W 121 2.94 6.39 40.15
CA GLN W 121 1.74 6.14 40.97
C GLN W 121 2.11 5.28 42.19
N ARG W 122 3.37 4.93 42.35
CA ARG W 122 3.77 4.05 43.42
C ARG W 122 4.70 4.73 44.44
N ASP W 123 4.36 4.59 45.73
CA ASP W 123 5.17 5.08 46.84
C ASP W 123 6.50 4.40 46.76
N PHE W 124 7.59 5.12 47.02
CA PHE W 124 8.93 4.54 46.94
C PHE W 124 9.56 4.39 48.33
N ALA W 125 9.75 3.14 48.73
CA ALA W 125 10.30 2.85 50.05
C ALA W 125 11.83 2.81 50.06
N ILE W 126 12.39 3.50 51.04
CA ILE W 126 13.84 3.60 51.16
C ILE W 126 14.17 3.09 52.51
N LYS W 127 15.23 2.30 52.60
CA LYS W 127 15.70 1.75 53.90
C LYS W 127 17.08 2.33 54.12
N LYS W 128 17.42 2.64 55.37
CA LYS W 128 18.80 2.95 55.78
C LYS W 128 19.74 2.00 55.03
N GLY W 129 20.82 2.57 54.49
CA GLY W 129 21.82 1.87 53.71
C GLY W 129 21.49 1.72 52.22
N ASP W 130 20.28 2.12 51.77
CA ASP W 130 20.00 2.11 50.33
C ASP W 130 20.72 3.29 49.68
N ARG W 131 21.15 3.15 48.44
CA ARG W 131 21.70 4.24 47.67
C ARG W 131 20.49 4.91 47.00
N VAL W 132 20.38 6.22 47.21
CA VAL W 132 19.21 7.01 46.76
C VAL W 132 19.59 8.07 45.71
N ALA W 133 20.88 8.24 45.50
CA ALA W 133 21.45 9.33 44.68
C ALA W 133 22.93 9.12 44.41
N GLN W 134 23.52 10.00 43.57
CA GLN W 134 24.95 10.03 43.33
C GLN W 134 25.45 11.49 43.39
N LEU W 135 26.68 11.63 43.88
CA LEU W 135 27.30 12.91 44.08
C LEU W 135 28.23 13.12 42.91
N ILE W 136 28.03 14.20 42.15
CA ILE W 136 29.00 14.46 41.07
C ILE W 136 29.77 15.72 41.34
N LEU W 137 31.10 15.62 41.37
CA LEU W 137 31.91 16.83 41.57
C LEU W 137 32.01 17.66 40.31
N GLU W 138 31.04 18.58 40.06
CA GLU W 138 31.04 19.28 38.84
C GLU W 138 32.08 20.39 38.87
N LYS W 139 32.94 20.45 37.86
CA LYS W 139 33.88 21.58 37.69
C LYS W 139 33.11 22.79 37.14
N ILE W 140 33.46 23.95 37.67
CA ILE W 140 32.74 25.17 37.30
C ILE W 140 33.77 26.28 37.22
N VAL W 141 33.37 27.41 36.65
CA VAL W 141 34.07 28.68 36.88
C VAL W 141 33.41 29.38 38.04
N ASP W 142 34.11 29.44 39.16
CA ASP W 142 33.55 30.03 40.39
C ASP W 142 34.05 31.49 40.63
N ASP W 143 34.97 31.95 39.77
CA ASP W 143 35.63 33.23 39.98
C ASP W 143 35.62 34.08 38.70
N ALA W 144 34.52 34.03 37.97
CA ALA W 144 34.34 34.85 36.77
C ALA W 144 34.15 36.32 37.14
N GLN W 145 34.63 37.20 36.27
CA GLN W 145 34.37 38.60 36.35
C GLN W 145 33.01 38.88 35.74
N ILE W 146 32.18 39.60 36.47
CA ILE W 146 30.89 40.10 35.94
C ILE W 146 31.07 41.45 35.25
N VAL W 147 30.63 41.52 34.00
CA VAL W 147 30.76 42.76 33.24
C VAL W 147 29.37 43.13 32.74
N VAL W 148 28.87 44.31 33.09
CA VAL W 148 27.52 44.72 32.62
C VAL W 148 27.68 45.49 31.32
N VAL W 149 26.92 45.13 30.28
CA VAL W 149 27.06 45.77 28.95
C VAL W 149 25.71 46.19 28.41
N ASP W 150 25.71 47.14 27.44
CA ASP W 150 24.49 47.57 26.73
C ASP W 150 23.96 46.46 25.84
N SER W 151 24.87 45.82 25.10
CA SER W 151 24.49 44.82 24.11
C SER W 151 25.44 43.63 24.09
N LEU W 152 24.87 42.45 23.86
CA LEU W 152 25.64 41.22 23.88
C LEU W 152 26.37 40.95 22.54
N GLU W 153 25.81 41.41 21.43
CA GLU W 153 26.50 41.29 20.13
C GLU W 153 27.04 42.61 19.58
N GLU W 154 27.89 43.33 20.33
CA GLU W 154 28.31 44.68 19.93
C GLU W 154 29.83 44.88 19.74
N LYS X 27 40.23 14.44 23.84
CA LYS X 27 38.78 14.88 23.58
C LYS X 27 38.16 14.29 22.31
N VAL X 28 38.04 12.97 22.34
CA VAL X 28 37.24 12.22 21.36
C VAL X 28 36.01 11.68 22.10
N LEU X 29 34.84 12.01 21.52
CA LEU X 29 33.57 11.41 21.85
C LEU X 29 33.31 10.23 20.87
N LYS X 30 33.30 8.99 21.38
CA LYS X 30 33.16 7.78 20.56
C LYS X 30 31.71 7.43 20.43
N ILE X 31 31.21 7.38 19.20
CA ILE X 31 29.77 7.10 19.02
C ILE X 31 29.56 5.77 18.34
N GLN X 32 28.66 4.97 18.91
CA GLN X 32 28.34 3.69 18.27
C GLN X 32 26.89 3.70 17.81
N LEU X 33 26.66 3.47 16.51
CA LEU X 33 25.29 3.37 16.03
C LEU X 33 24.85 1.89 16.11
N ARG X 34 23.94 1.61 17.03
CA ARG X 34 23.46 0.25 17.29
C ARG X 34 22.42 -0.13 16.25
N SER X 35 21.88 0.84 15.49
CA SER X 35 21.00 0.46 14.39
C SER X 35 20.93 1.48 13.23
N ALA X 36 20.37 1.05 12.10
CA ALA X 36 19.96 2.01 11.03
C ALA X 36 19.05 3.13 11.46
N SER X 37 18.35 3.00 12.60
CA SER X 37 17.40 4.04 13.04
C SER X 37 18.02 5.19 13.88
N ALA X 38 19.17 4.91 14.46
CA ALA X 38 19.99 5.86 15.16
C ALA X 38 20.53 7.07 14.32
N THR X 39 20.63 8.24 14.97
CA THR X 39 21.21 9.44 14.40
C THR X 39 22.50 9.87 15.17
N VAL X 40 23.61 10.07 14.46
CA VAL X 40 24.84 10.64 15.09
C VAL X 40 24.44 12.01 15.74
N PRO X 41 24.69 12.15 17.05
CA PRO X 41 24.54 13.46 17.71
C PRO X 41 25.43 14.56 17.09
N THR X 42 24.77 15.67 16.82
CA THR X 42 25.45 16.83 16.27
C THR X 42 24.95 18.07 17.02
N LYS X 43 25.83 19.06 17.17
CA LYS X 43 25.39 20.31 17.77
C LYS X 43 24.43 21.11 16.84
N GLY X 44 23.50 21.84 17.46
CA GLY X 44 22.49 22.64 16.72
C GLY X 44 23.12 23.85 16.05
N SER X 45 24.13 24.42 16.71
CA SER X 45 25.08 25.40 16.12
C SER X 45 26.52 24.94 16.40
N ALA X 46 27.52 25.55 15.78
CA ALA X 46 28.94 25.19 16.10
C ALA X 46 29.29 25.56 17.57
N THR X 47 28.60 26.59 18.10
CA THR X 47 28.88 27.12 19.48
C THR X 47 27.92 26.65 20.66
N ALA X 48 27.15 25.59 20.41
CA ALA X 48 26.22 25.06 21.39
C ALA X 48 26.92 24.19 22.46
N ALA X 49 26.34 24.14 23.68
CA ALA X 49 26.79 23.34 24.80
C ALA X 49 26.68 21.84 24.50
N GLY X 50 25.61 21.52 23.80
CA GLY X 50 25.23 20.13 23.61
C GLY X 50 24.87 19.65 22.21
N TYR X 51 25.04 18.34 22.06
CA TYR X 51 24.68 17.56 20.88
C TYR X 51 23.22 17.13 20.89
N ASP X 52 22.56 17.28 19.72
CA ASP X 52 21.19 16.89 19.61
C ASP X 52 21.09 15.40 19.75
N ILE X 53 20.09 14.96 20.52
CA ILE X 53 19.81 13.53 20.67
C ILE X 53 18.45 13.22 20.09
N TYR X 54 18.43 12.23 19.19
CA TYR X 54 17.29 11.87 18.33
C TYR X 54 16.68 10.53 18.77
N ALA X 55 15.36 10.50 18.84
CA ALA X 55 14.61 9.24 18.99
C ALA X 55 14.89 8.34 17.77
N SER X 56 15.07 7.06 18.07
CA SER X 56 15.22 6.05 17.03
C SER X 56 13.91 5.29 16.88
N GLN X 57 13.01 5.46 17.83
CA GLN X 57 11.72 4.74 17.77
C GLN X 57 10.57 5.58 18.28
N ASP X 58 9.39 5.40 17.70
CA ASP X 58 8.19 6.15 18.09
C ASP X 58 7.77 5.78 19.51
N ILE X 59 7.30 6.78 20.23
CA ILE X 59 6.87 6.63 21.64
C ILE X 59 6.06 7.86 21.97
N THR X 60 5.03 7.72 22.79
CA THR X 60 4.29 8.86 23.37
C THR X 60 4.57 8.96 24.90
N ILE X 61 4.93 10.17 25.40
CA ILE X 61 5.08 10.45 26.85
C ILE X 61 3.75 10.96 27.45
N PRO X 62 3.13 10.19 28.37
CA PRO X 62 1.79 10.61 28.83
C PRO X 62 1.80 11.91 29.58
N ALA X 63 0.74 12.70 29.39
CA ALA X 63 0.46 13.92 30.17
C ALA X 63 0.69 13.65 31.62
N MET X 64 1.38 14.55 32.31
CA MET X 64 1.66 14.39 33.74
C MET X 64 2.39 13.13 34.08
N GLY X 65 2.99 12.46 33.11
CA GLY X 65 3.65 11.17 33.39
C GLY X 65 5.06 10.95 32.90
N GLN X 66 5.41 9.72 32.56
CA GLN X 66 6.81 9.42 32.20
C GLN X 66 6.84 8.43 31.06
N GLY X 67 7.86 8.55 30.22
CA GLY X 67 8.16 7.53 29.21
C GLY X 67 9.67 7.45 29.02
N MET X 68 10.11 6.38 28.36
N MET X 68 10.15 6.40 28.35
CA MET X 68 11.50 6.20 27.98
CA MET X 68 11.58 6.24 28.09
C MET X 68 11.62 6.30 26.46
C MET X 68 11.84 6.14 26.57
N VAL X 69 12.58 7.09 26.02
CA VAL X 69 12.81 7.19 24.57
C VAL X 69 13.99 6.32 24.18
N SER X 70 13.82 5.53 23.13
CA SER X 70 14.93 4.79 22.51
C SER X 70 15.73 5.71 21.60
N THR X 71 17.04 5.49 21.55
CA THR X 71 17.97 6.26 20.66
C THR X 71 18.79 5.33 19.78
N ASP X 72 18.86 4.07 20.19
CA ASP X 72 19.80 3.16 19.52
C ASP X 72 21.19 3.77 19.32
N ILE X 73 21.74 4.49 20.31
CA ILE X 73 23.17 4.82 20.35
C ILE X 73 23.80 4.44 21.69
N SER X 74 25.09 4.13 21.62
CA SER X 74 26.01 4.11 22.71
C SER X 74 27.14 5.15 22.42
N PHE X 75 27.73 5.66 23.49
CA PHE X 75 28.91 6.53 23.39
C PHE X 75 29.85 6.37 24.55
N THR X 76 31.12 6.59 24.26
CA THR X 76 32.14 6.80 25.25
C THR X 76 32.54 8.31 25.24
N VAL X 77 32.25 9.01 26.33
CA VAL X 77 32.64 10.41 26.51
C VAL X 77 34.15 10.55 26.75
N PRO X 78 34.73 11.76 26.50
CA PRO X 78 36.17 12.02 26.76
C PRO X 78 36.57 11.82 28.23
N VAL X 79 37.84 11.54 28.46
CA VAL X 79 38.40 11.46 29.82
C VAL X 79 38.20 12.80 30.55
N GLY X 80 37.75 12.75 31.81
CA GLY X 80 37.53 13.93 32.62
C GLY X 80 36.10 14.46 32.54
N THR X 81 35.22 13.72 31.88
CA THR X 81 33.82 14.21 31.69
C THR X 81 32.87 13.06 31.98
N TYR X 82 31.57 13.37 32.05
CA TYR X 82 30.53 12.38 31.87
C TYR X 82 29.59 13.05 30.87
N GLY X 83 28.73 12.25 30.22
CA GLY X 83 27.71 12.79 29.34
C GLY X 83 26.46 12.99 30.16
N ARG X 84 25.96 14.22 30.15
CA ARG X 84 24.76 14.51 30.80
C ARG X 84 23.68 14.66 29.70
N ILE X 85 22.65 13.84 29.86
CA ILE X 85 21.49 13.84 29.01
C ILE X 85 20.60 14.91 29.64
N ALA X 86 20.40 15.98 28.89
CA ALA X 86 19.84 17.24 29.39
C ALA X 86 18.65 17.68 28.54
N PRO X 87 17.79 18.48 29.13
CA PRO X 87 16.58 18.94 28.35
C PRO X 87 16.82 19.93 27.19
N ARG X 88 16.03 19.75 26.12
N ARG X 88 16.01 19.78 26.14
CA ARG X 88 15.76 20.80 25.13
CA ARG X 88 15.89 20.79 25.09
C ARG X 88 14.93 21.83 25.81
C ARG X 88 14.88 21.83 25.53
N SER X 89 15.35 23.07 25.65
CA SER X 89 14.60 24.18 26.23
C SER X 89 13.23 24.38 25.63
N GLY X 90 13.19 24.20 24.32
CA GLY X 90 11.93 24.38 23.55
C GLY X 90 10.85 23.41 24.06
N LEU X 91 11.21 22.15 24.21
CA LEU X 91 10.30 21.10 24.69
C LEU X 91 9.83 21.34 26.12
N ALA X 92 10.68 21.94 26.96
CA ALA X 92 10.28 22.35 28.34
C ALA X 92 9.23 23.45 28.32
N VAL X 93 9.53 24.55 27.61
CA VAL X 93 8.67 25.74 27.59
C VAL X 93 7.33 25.37 26.93
N LYS X 94 7.42 24.59 25.86
CA LYS X 94 6.26 24.35 24.98
C LYS X 94 5.50 23.07 25.30
N ASN X 95 6.18 22.05 25.81
CA ASN X 95 5.50 20.79 26.02
C ASN X 95 5.62 20.19 27.41
N GLY X 96 6.19 20.95 28.35
CA GLY X 96 6.26 20.58 29.77
C GLY X 96 7.32 19.53 29.97
N ILE X 97 8.25 19.42 29.02
CA ILE X 97 9.17 18.25 29.01
C ILE X 97 10.43 18.46 29.84
N GLN X 98 10.81 17.41 30.61
CA GLN X 98 11.91 17.43 31.52
C GLN X 98 12.57 16.07 31.40
N THR X 99 13.91 16.10 31.38
CA THR X 99 14.68 14.86 31.32
C THR X 99 14.83 14.27 32.71
N GLY X 100 14.87 12.92 32.77
CA GLY X 100 15.13 12.25 34.01
C GLY X 100 16.50 11.60 33.90
N ALA X 101 16.91 10.92 34.97
CA ALA X 101 18.20 10.18 35.01
C ALA X 101 19.26 11.11 34.43
N GLY X 102 20.01 10.68 33.40
CA GLY X 102 20.90 11.62 32.68
C GLY X 102 22.41 11.53 32.91
N VAL X 103 22.86 10.78 33.92
CA VAL X 103 24.29 10.63 34.17
C VAL X 103 24.77 9.42 33.43
N VAL X 104 25.36 9.65 32.26
CA VAL X 104 26.07 8.56 31.53
C VAL X 104 27.55 8.52 31.85
N ASP X 105 27.99 7.41 32.42
CA ASP X 105 29.33 7.23 32.90
C ASP X 105 30.18 6.90 31.69
N ARG X 106 31.43 7.31 31.75
CA ARG X 106 32.35 7.06 30.66
C ARG X 106 32.49 5.55 30.36
N ASP X 107 32.18 4.71 31.35
CA ASP X 107 32.29 3.24 31.18
C ASP X 107 30.99 2.58 30.74
N TYR X 108 29.94 3.35 30.46
CA TYR X 108 28.67 2.78 30.03
C TYR X 108 28.68 2.39 28.54
N THR X 109 28.37 1.15 28.25
CA THR X 109 28.29 0.75 26.84
C THR X 109 26.90 0.27 26.38
N GLY X 110 25.87 0.36 27.21
CA GLY X 110 24.56 -0.11 26.80
C GLY X 110 23.92 0.98 25.97
N GLU X 111 22.69 0.78 25.51
CA GLU X 111 22.02 1.83 24.77
C GLU X 111 21.70 2.97 25.71
N VAL X 112 21.88 4.22 25.25
CA VAL X 112 21.53 5.33 26.07
C VAL X 112 20.07 5.73 25.84
N LYS X 113 19.17 5.33 26.74
CA LYS X 113 17.73 5.73 26.60
C LYS X 113 17.49 7.03 27.31
N VAL X 114 16.50 7.79 26.85
CA VAL X 114 16.16 9.05 27.47
C VAL X 114 14.90 8.91 28.33
N VAL X 115 15.04 9.22 29.63
CA VAL X 115 13.90 9.32 30.51
C VAL X 115 13.28 10.71 30.34
N LEU X 116 11.98 10.77 30.11
CA LEU X 116 11.28 12.05 29.95
C LEU X 116 10.13 12.12 30.89
N PHE X 117 9.98 13.24 31.62
CA PHE X 117 8.70 13.53 32.34
C PHE X 117 7.92 14.57 31.59
N ASN X 118 6.58 14.43 31.55
CA ASN X 118 5.69 15.45 30.89
C ASN X 118 4.93 16.15 32.02
N HIS X 119 5.20 17.44 32.22
CA HIS X 119 4.53 18.24 33.24
C HIS X 119 3.26 18.88 32.66
N SER X 120 3.02 18.72 31.38
CA SER X 120 1.86 19.33 30.81
C SER X 120 0.61 18.45 30.94
N GLN X 121 -0.52 19.03 30.54
CA GLN X 121 -1.76 18.31 30.41
C GLN X 121 -1.99 17.66 29.03
N ARG X 122 -0.94 17.57 28.22
CA ARG X 122 -1.01 17.04 26.83
C ARG X 122 0.03 15.90 26.72
N ASP X 123 -0.36 14.81 26.04
CA ASP X 123 0.55 13.71 25.77
C ASP X 123 1.55 14.24 24.78
N PHE X 124 2.78 13.80 24.94
CA PHE X 124 3.80 14.23 24.03
C PHE X 124 4.23 13.14 23.00
N ALA X 125 3.81 13.29 21.74
CA ALA X 125 4.22 12.42 20.61
C ALA X 125 5.63 12.60 20.05
N ILE X 126 6.43 11.56 20.20
CA ILE X 126 7.74 11.48 19.60
C ILE X 126 7.70 10.44 18.41
N LYS X 127 8.19 10.86 17.25
CA LYS X 127 8.50 9.91 16.13
C LYS X 127 9.99 9.70 15.96
N LYS X 128 10.36 8.54 15.42
CA LYS X 128 11.75 8.24 14.98
C LYS X 128 12.30 9.48 14.33
N GLY X 129 13.46 9.95 14.76
CA GLY X 129 14.01 11.15 14.10
C GLY X 129 13.84 12.50 14.76
N ASP X 130 12.92 12.58 15.75
CA ASP X 130 12.69 13.81 16.53
C ASP X 130 13.79 14.02 17.56
N ARG X 131 14.18 15.28 17.76
CA ARG X 131 15.18 15.63 18.81
C ARG X 131 14.46 15.64 20.17
N VAL X 132 14.97 14.92 21.15
CA VAL X 132 14.24 14.69 22.39
C VAL X 132 15.02 15.13 23.64
N ALA X 133 16.28 15.48 23.43
CA ALA X 133 17.16 15.78 24.56
C ALA X 133 18.47 16.35 23.99
N GLN X 134 19.49 16.64 24.82
CA GLN X 134 20.81 17.00 24.29
C GLN X 134 21.86 16.41 25.19
N LEU X 135 23.01 16.10 24.61
CA LEU X 135 24.13 15.47 25.36
C LEU X 135 25.17 16.56 25.65
N ILE X 136 25.51 16.77 26.92
CA ILE X 136 26.51 17.78 27.26
C ILE X 136 27.70 17.02 27.86
N LEU X 137 28.89 17.37 27.41
CA LEU X 137 30.11 16.74 28.00
C LEU X 137 30.58 17.52 29.20
N GLU X 138 30.04 17.18 30.37
CA GLU X 138 30.24 17.94 31.62
C GLU X 138 31.59 17.57 32.13
N LYS X 139 32.51 18.53 32.33
CA LYS X 139 33.73 18.21 33.08
C LYS X 139 33.52 18.08 34.58
N ILE X 140 34.27 17.17 35.20
CA ILE X 140 34.05 16.74 36.55
C ILE X 140 35.44 16.36 37.11
N VAL X 141 35.59 16.30 38.42
CA VAL X 141 36.69 15.60 39.03
C VAL X 141 36.23 14.16 39.27
N ASP X 142 36.87 13.20 38.59
CA ASP X 142 36.48 11.80 38.75
C ASP X 142 37.58 10.97 39.40
N ASP X 143 38.65 11.61 39.83
CA ASP X 143 39.63 10.97 40.68
C ASP X 143 39.85 11.69 42.02
N ALA X 144 38.79 12.24 42.63
CA ALA X 144 38.84 12.79 44.00
C ALA X 144 39.55 11.94 45.05
N GLN X 145 40.16 12.62 46.03
CA GLN X 145 40.72 11.95 47.21
C GLN X 145 39.84 12.17 48.45
N ILE X 146 38.96 11.20 48.73
CA ILE X 146 38.08 11.18 49.92
C ILE X 146 38.84 11.08 51.22
N VAL X 147 38.58 12.03 52.12
CA VAL X 147 39.16 12.01 53.46
C VAL X 147 38.02 12.12 54.42
N VAL X 148 38.02 11.23 55.39
CA VAL X 148 37.10 11.34 56.50
C VAL X 148 37.73 12.23 57.59
N VAL X 149 36.99 13.25 58.01
CA VAL X 149 37.45 14.14 59.09
C VAL X 149 36.36 14.30 60.18
N ASP X 150 36.73 14.77 61.36
N ASP X 150 36.78 14.78 61.35
CA ASP X 150 35.77 15.02 62.45
CA ASP X 150 35.92 15.05 62.49
C ASP X 150 34.84 16.18 62.16
C ASP X 150 34.93 16.19 62.27
N SER X 151 35.38 17.26 61.61
CA SER X 151 34.51 18.42 61.26
C SER X 151 35.01 19.20 60.06
N LEU X 152 34.10 19.84 59.36
CA LEU X 152 34.52 20.60 58.21
C LEU X 152 34.94 22.04 58.61
#